data_2GZO
#
_entry.id   2GZO
#
_cell.length_a   1.000
_cell.length_b   1.000
_cell.length_c   1.000
_cell.angle_alpha   90.00
_cell.angle_beta   90.00
_cell.angle_gamma   90.00
#
_symmetry.space_group_name_H-M   'P 1'
#
_entity_poly.entity_id   1
_entity_poly.type   'polypeptide(L)'
_entity_poly.pdbx_seq_one_letter_code
;MESLQNHFLIAMPSLDDTFFERTVIYLCEHDEKGAMGLVINKPLGIEVNSLLEQMDLPTEQVSADLAMGSQVLMGGPVSQ
DRGFVLHTSQPYWANSTELGSGLMLTTSRDVLTAIGSKRSPDKFLVALGYAGWSKNQLEQELADNSWLTIPADHALLFDI
NHEDRWQQASRSLGFEAWQLSTQAGHALEHHHHHH
;
_entity_poly.pdbx_strand_id   A
#
# COMPACT_ATOMS: atom_id res chain seq x y z
N MET A 1 -18.25 7.35 -10.29
CA MET A 1 -17.09 6.86 -9.49
C MET A 1 -16.58 5.54 -10.03
N GLU A 2 -16.97 5.19 -11.26
CA GLU A 2 -16.64 3.89 -11.82
C GLU A 2 -15.26 3.91 -12.44
N SER A 3 -14.27 4.18 -11.60
CA SER A 3 -12.87 4.19 -12.02
C SER A 3 -11.99 3.91 -10.81
N LEU A 4 -11.30 2.78 -10.84
CA LEU A 4 -10.46 2.39 -9.72
C LEU A 4 -9.10 3.07 -9.80
N GLN A 5 -8.26 2.83 -8.78
CA GLN A 5 -6.93 3.45 -8.63
C GLN A 5 -7.03 4.82 -7.97
N ASN A 6 -6.03 5.12 -7.12
CA ASN A 6 -5.88 6.42 -6.46
C ASN A 6 -7.02 6.68 -5.48
N HIS A 7 -7.49 5.63 -4.82
CA HIS A 7 -8.53 5.79 -3.82
C HIS A 7 -8.72 4.50 -3.04
N PHE A 8 -9.52 4.57 -1.97
CA PHE A 8 -9.72 3.43 -1.09
C PHE A 8 -10.98 2.66 -1.46
N LEU A 9 -11.00 1.39 -1.09
CA LEU A 9 -12.20 0.58 -1.14
C LEU A 9 -12.73 0.35 0.27
N ILE A 10 -13.94 0.80 0.52
CA ILE A 10 -14.57 0.57 1.81
C ILE A 10 -15.59 -0.54 1.69
N ALA A 11 -15.36 -1.63 2.40
CA ALA A 11 -16.24 -2.77 2.34
C ALA A 11 -16.81 -3.09 3.71
N MET A 12 -18.13 -3.01 3.81
CA MET A 12 -18.84 -3.30 5.05
C MET A 12 -18.61 -4.76 5.45
N PRO A 13 -18.64 -5.05 6.76
CA PRO A 13 -18.38 -6.38 7.30
C PRO A 13 -19.49 -7.40 7.02
N SER A 14 -19.99 -7.41 5.79
CA SER A 14 -20.94 -8.43 5.37
C SER A 14 -20.20 -9.71 5.04
N LEU A 15 -18.93 -9.56 4.66
CA LEU A 15 -18.08 -10.69 4.34
C LEU A 15 -17.19 -11.01 5.54
N ASP A 16 -17.70 -11.84 6.42
CA ASP A 16 -16.99 -12.20 7.63
C ASP A 16 -16.50 -13.65 7.53
N ASP A 17 -15.84 -14.12 8.59
CA ASP A 17 -15.29 -15.48 8.63
C ASP A 17 -14.26 -15.69 7.52
N THR A 18 -13.61 -14.61 7.12
CA THR A 18 -12.54 -14.68 6.15
C THR A 18 -11.67 -13.43 6.27
N PHE A 19 -10.36 -13.61 6.17
CA PHE A 19 -9.44 -12.49 6.26
C PHE A 19 -8.72 -12.30 4.93
N PHE A 20 -9.42 -11.62 4.04
CA PHE A 20 -8.91 -11.31 2.71
C PHE A 20 -9.93 -10.43 1.99
N GLU A 21 -11.20 -10.68 2.28
CA GLU A 21 -12.28 -9.87 1.78
C GLU A 21 -12.46 -8.63 2.68
N ARG A 22 -13.46 -7.81 2.35
CA ARG A 22 -13.85 -6.63 3.14
C ARG A 22 -12.66 -5.72 3.46
N THR A 23 -12.83 -4.88 4.49
CA THR A 23 -11.80 -3.98 5.02
C THR A 23 -11.39 -2.92 3.99
N VAL A 24 -10.38 -2.13 4.35
CA VAL A 24 -9.93 -1.03 3.52
C VAL A 24 -8.74 -1.45 2.67
N ILE A 25 -8.91 -1.36 1.36
CA ILE A 25 -7.84 -1.67 0.43
C ILE A 25 -7.54 -0.43 -0.42
N TYR A 26 -6.25 -0.14 -0.61
CA TYR A 26 -5.85 1.02 -1.40
C TYR A 26 -5.32 0.57 -2.75
N LEU A 27 -5.96 1.05 -3.82
CA LEU A 27 -5.56 0.70 -5.17
C LEU A 27 -4.62 1.77 -5.73
N CYS A 28 -3.46 1.35 -6.19
CA CYS A 28 -2.45 2.30 -6.67
C CYS A 28 -2.30 2.23 -8.19
N GLU A 29 -2.41 1.04 -8.75
CA GLU A 29 -2.22 0.86 -10.19
C GLU A 29 -3.56 0.99 -10.90
N HIS A 30 -3.49 1.15 -12.21
CA HIS A 30 -4.69 1.28 -13.03
C HIS A 30 -4.57 0.38 -14.24
N ASP A 31 -5.23 -0.77 -14.20
CA ASP A 31 -5.12 -1.78 -15.24
C ASP A 31 -6.35 -1.75 -16.13
N GLU A 32 -6.82 -0.53 -16.43
CA GLU A 32 -7.96 -0.30 -17.31
C GLU A 32 -9.26 -0.89 -16.74
N LYS A 33 -9.48 -2.17 -17.02
CA LYS A 33 -10.67 -2.86 -16.57
C LYS A 33 -10.53 -3.23 -15.08
N GLY A 34 -9.29 -3.28 -14.62
CA GLY A 34 -9.04 -3.57 -13.23
C GLY A 34 -8.07 -2.57 -12.61
N ALA A 35 -7.55 -2.91 -11.44
CA ALA A 35 -6.60 -2.05 -10.74
C ALA A 35 -5.92 -2.80 -9.61
N MET A 36 -4.61 -2.65 -9.52
CA MET A 36 -3.82 -3.33 -8.50
C MET A 36 -3.77 -2.49 -7.23
N GLY A 37 -3.87 -3.16 -6.09
CA GLY A 37 -3.88 -2.45 -4.83
C GLY A 37 -3.34 -3.27 -3.67
N LEU A 38 -3.21 -2.63 -2.52
CA LEU A 38 -2.64 -3.27 -1.34
C LEU A 38 -3.63 -3.20 -0.18
N VAL A 39 -3.80 -4.31 0.51
CA VAL A 39 -4.75 -4.40 1.62
C VAL A 39 -4.11 -3.91 2.91
N ILE A 40 -4.68 -2.85 3.49
CA ILE A 40 -4.18 -2.29 4.73
C ILE A 40 -5.11 -2.62 5.89
N ASN A 41 -5.48 -3.90 5.99
CA ASN A 41 -6.43 -4.37 6.99
C ASN A 41 -5.94 -4.09 8.41
N LYS A 42 -4.83 -4.73 8.78
CA LYS A 42 -4.33 -4.62 10.15
C LYS A 42 -2.82 -4.84 10.16
N PRO A 43 -2.09 -4.12 11.03
CA PRO A 43 -0.64 -4.30 11.18
C PRO A 43 -0.26 -5.71 11.63
N LEU A 44 0.33 -6.46 10.71
CA LEU A 44 0.80 -7.80 11.00
C LEU A 44 2.31 -7.87 10.79
N GLY A 45 2.92 -8.96 11.24
CA GLY A 45 4.37 -9.04 11.18
C GLY A 45 4.86 -10.22 10.36
N ILE A 46 5.37 -9.95 9.18
CA ILE A 46 6.08 -10.94 8.40
C ILE A 46 7.55 -10.90 8.76
N GLU A 47 8.04 -11.99 9.35
CA GLU A 47 9.39 -12.05 9.90
C GLU A 47 10.46 -11.77 8.86
N VAL A 48 11.59 -11.28 9.35
CA VAL A 48 12.71 -10.91 8.49
C VAL A 48 13.30 -12.13 7.80
N ASN A 49 13.09 -13.31 8.40
CA ASN A 49 13.58 -14.56 7.84
C ASN A 49 13.10 -14.74 6.41
N SER A 50 11.84 -14.40 6.16
CA SER A 50 11.25 -14.58 4.84
C SER A 50 11.88 -13.63 3.83
N LEU A 51 12.25 -12.44 4.28
CA LEU A 51 12.93 -11.46 3.44
C LEU A 51 14.33 -11.94 3.13
N LEU A 52 14.98 -12.54 4.14
CA LEU A 52 16.32 -13.09 3.98
C LEU A 52 16.31 -14.20 2.93
N GLU A 53 15.28 -15.04 2.96
CA GLU A 53 15.13 -16.10 1.97
C GLU A 53 15.04 -15.52 0.56
N GLN A 54 14.32 -14.41 0.44
CA GLN A 54 14.09 -13.77 -0.86
C GLN A 54 15.37 -13.08 -1.36
N MET A 55 15.94 -12.23 -0.52
CA MET A 55 17.13 -11.45 -0.88
C MET A 55 18.37 -12.33 -1.04
N ASP A 56 18.31 -13.52 -0.46
CA ASP A 56 19.40 -14.49 -0.55
C ASP A 56 19.70 -14.85 -2.01
N LEU A 57 18.66 -14.87 -2.84
CA LEU A 57 18.82 -15.23 -4.24
C LEU A 57 19.14 -14.00 -5.09
N PRO A 58 20.38 -13.90 -5.59
CA PRO A 58 20.83 -12.76 -6.37
C PRO A 58 20.50 -12.91 -7.86
N THR A 59 19.24 -12.73 -8.19
CA THR A 59 18.80 -12.73 -9.57
C THR A 59 18.27 -11.36 -9.97
N GLU A 60 17.13 -10.99 -9.39
CA GLU A 60 16.54 -9.69 -9.63
C GLU A 60 16.11 -9.08 -8.31
N GLN A 61 17.08 -8.65 -7.51
CA GLN A 61 16.82 -8.06 -6.20
C GLN A 61 18.12 -7.53 -5.62
N VAL A 62 18.89 -8.44 -4.98
CA VAL A 62 20.22 -8.14 -4.45
C VAL A 62 20.12 -7.18 -3.24
N SER A 63 21.18 -7.16 -2.44
CA SER A 63 21.32 -6.24 -1.30
C SER A 63 20.48 -6.69 -0.10
N ALA A 64 21.05 -7.59 0.69
CA ALA A 64 20.43 -8.02 1.93
C ALA A 64 21.10 -7.31 3.11
N ASP A 65 21.31 -6.02 2.93
CA ASP A 65 22.08 -5.21 3.87
C ASP A 65 21.23 -4.72 5.05
N LEU A 66 20.01 -5.22 5.14
CA LEU A 66 19.11 -4.80 6.22
C LEU A 66 19.57 -5.37 7.57
N ALA A 67 19.23 -4.67 8.64
CA ALA A 67 19.63 -5.09 9.98
C ALA A 67 18.61 -6.06 10.58
N MET A 68 17.40 -5.57 10.81
CA MET A 68 16.33 -6.40 11.37
C MET A 68 15.01 -6.06 10.71
N GLY A 69 13.96 -6.80 11.09
CA GLY A 69 12.65 -6.56 10.53
C GLY A 69 11.56 -7.09 11.44
N SER A 70 11.34 -8.40 11.39
CA SER A 70 10.35 -9.10 12.20
C SER A 70 8.92 -8.71 11.85
N GLN A 71 8.57 -7.44 12.01
CA GLN A 71 7.21 -7.01 11.72
C GLN A 71 7.17 -6.22 10.41
N VAL A 72 7.15 -6.96 9.31
CA VAL A 72 6.97 -6.36 8.00
C VAL A 72 5.54 -6.58 7.54
N LEU A 73 4.95 -5.58 6.90
CA LEU A 73 3.56 -5.65 6.49
C LEU A 73 3.44 -6.36 5.15
N MET A 74 2.38 -7.11 4.96
CA MET A 74 2.12 -7.73 3.68
C MET A 74 0.82 -7.19 3.12
N GLY A 75 0.84 -6.80 1.86
CA GLY A 75 -0.35 -6.30 1.22
C GLY A 75 -1.04 -7.37 0.40
N GLY A 76 -0.51 -8.58 0.48
CA GLY A 76 -1.03 -9.67 -0.32
C GLY A 76 0.03 -10.74 -0.55
N PRO A 77 -0.36 -11.90 -1.11
CA PRO A 77 0.55 -13.03 -1.30
C PRO A 77 1.40 -12.93 -2.56
N VAL A 78 0.93 -12.16 -3.55
CA VAL A 78 1.64 -12.06 -4.82
C VAL A 78 2.61 -10.88 -4.82
N SER A 79 3.74 -11.06 -5.51
CA SER A 79 4.79 -10.05 -5.59
C SER A 79 5.30 -9.67 -4.20
N GLN A 80 5.33 -10.68 -3.32
CA GLN A 80 5.85 -10.54 -1.96
C GLN A 80 7.33 -10.19 -1.96
N ASP A 81 7.95 -10.41 -3.11
CA ASP A 81 9.37 -10.12 -3.30
C ASP A 81 9.61 -8.63 -3.47
N ARG A 82 8.53 -7.89 -3.73
CA ARG A 82 8.63 -6.46 -3.94
C ARG A 82 7.55 -5.70 -3.17
N GLY A 83 6.45 -5.39 -3.84
CA GLY A 83 5.45 -4.53 -3.24
C GLY A 83 5.86 -3.07 -3.31
N PHE A 84 5.40 -2.26 -2.37
CA PHE A 84 5.74 -0.84 -2.36
C PHE A 84 5.71 -0.28 -0.94
N VAL A 85 6.74 0.49 -0.62
CA VAL A 85 6.89 1.07 0.71
C VAL A 85 6.49 2.55 0.71
N LEU A 86 5.86 2.98 1.79
CA LEU A 86 5.37 4.35 1.87
C LEU A 86 6.06 5.13 2.98
N HIS A 87 6.39 6.37 2.69
CA HIS A 87 6.92 7.32 3.66
C HIS A 87 6.38 8.70 3.32
N THR A 88 6.60 9.67 4.20
CA THR A 88 6.13 11.02 3.94
C THR A 88 6.84 11.62 2.73
N SER A 89 6.35 12.78 2.28
CA SER A 89 6.90 13.39 1.09
C SER A 89 8.26 14.01 1.33
N GLN A 90 9.18 13.60 0.49
CA GLN A 90 10.53 14.09 0.47
C GLN A 90 11.03 14.09 -0.96
N PRO A 91 11.44 15.24 -1.49
CA PRO A 91 11.97 15.35 -2.86
C PRO A 91 13.39 14.78 -2.99
N TYR A 92 13.85 14.09 -1.95
CA TYR A 92 15.17 13.49 -1.94
C TYR A 92 15.03 11.96 -1.95
N TRP A 93 16.16 11.28 -1.72
CA TRP A 93 16.21 9.82 -1.68
C TRP A 93 16.12 9.23 -3.08
N ALA A 94 16.84 8.15 -3.31
CA ALA A 94 16.94 7.53 -4.63
C ALA A 94 15.57 7.15 -5.20
N ASN A 95 14.74 6.53 -4.37
CA ASN A 95 13.45 6.04 -4.85
C ASN A 95 12.29 6.77 -4.19
N SER A 96 11.80 7.79 -4.86
CA SER A 96 10.65 8.54 -4.37
C SER A 96 9.70 8.89 -5.52
N THR A 97 8.40 8.87 -5.24
CA THR A 97 7.39 9.18 -6.25
C THR A 97 6.10 9.66 -5.57
N GLU A 98 5.54 10.76 -6.07
CA GLU A 98 4.33 11.35 -5.51
C GLU A 98 3.48 11.97 -6.62
N LEU A 99 2.17 11.80 -6.51
CA LEU A 99 1.23 12.32 -7.48
C LEU A 99 0.90 13.78 -7.15
N GLY A 100 0.72 14.05 -5.86
CA GLY A 100 0.41 15.39 -5.41
C GLY A 100 1.45 15.92 -4.46
N SER A 101 1.11 16.02 -3.18
CA SER A 101 2.08 16.39 -2.16
C SER A 101 1.63 15.86 -0.79
N GLY A 102 2.31 14.84 -0.30
CA GLY A 102 2.02 14.33 1.02
C GLY A 102 2.93 13.17 1.41
N LEU A 103 3.16 12.26 0.48
CA LEU A 103 3.97 11.08 0.76
C LEU A 103 4.87 10.75 -0.44
N MET A 104 5.63 9.68 -0.31
CA MET A 104 6.46 9.19 -1.39
C MET A 104 6.46 7.67 -1.40
N LEU A 105 6.55 7.11 -2.60
CA LEU A 105 6.61 5.67 -2.78
C LEU A 105 8.05 5.22 -2.97
N THR A 106 8.39 4.06 -2.42
CA THR A 106 9.73 3.51 -2.53
C THR A 106 9.68 1.99 -2.74
N THR A 107 10.59 1.46 -3.55
CA THR A 107 10.66 0.03 -3.80
C THR A 107 11.24 -0.71 -2.59
N SER A 108 10.74 -1.92 -2.35
CA SER A 108 11.15 -2.69 -1.20
C SER A 108 12.50 -3.38 -1.40
N ARG A 109 13.57 -2.61 -1.27
CA ARG A 109 14.92 -3.16 -1.27
C ARG A 109 15.88 -2.13 -0.71
N ASP A 110 16.00 -1.01 -1.41
CA ASP A 110 16.90 0.07 -1.00
C ASP A 110 16.43 0.69 0.30
N VAL A 111 15.14 0.58 0.57
CA VAL A 111 14.58 1.07 1.82
C VAL A 111 14.95 0.13 2.98
N LEU A 112 15.12 -1.15 2.68
CA LEU A 112 15.47 -2.13 3.72
C LEU A 112 16.86 -1.83 4.29
N THR A 113 17.82 -1.54 3.42
CA THR A 113 19.16 -1.22 3.87
C THR A 113 19.16 0.13 4.59
N ALA A 114 18.20 0.99 4.25
CA ALA A 114 18.03 2.26 4.93
C ALA A 114 17.56 2.04 6.36
N ILE A 115 16.80 0.96 6.57
CA ILE A 115 16.33 0.59 7.90
C ILE A 115 17.52 0.19 8.78
N GLY A 116 18.59 -0.26 8.14
CA GLY A 116 19.80 -0.63 8.86
C GLY A 116 20.37 0.54 9.64
N SER A 117 20.18 1.73 9.12
CA SER A 117 20.61 2.95 9.81
C SER A 117 19.38 3.78 10.15
N LYS A 118 18.90 3.65 11.39
CA LYS A 118 17.63 4.26 11.77
C LYS A 118 17.69 5.79 11.72
N ARG A 119 17.12 6.33 10.66
CA ARG A 119 16.99 7.78 10.50
C ARG A 119 15.73 8.06 9.69
N SER A 120 14.63 8.25 10.41
CA SER A 120 13.33 8.34 9.79
C SER A 120 12.92 9.80 9.55
N PRO A 121 12.12 10.06 8.51
CA PRO A 121 11.52 11.37 8.28
C PRO A 121 10.62 11.76 9.45
N ASP A 122 9.54 11.02 9.62
CA ASP A 122 8.67 11.15 10.78
C ASP A 122 7.90 9.86 10.99
N LYS A 123 7.14 9.45 9.98
CA LYS A 123 6.53 8.14 9.98
C LYS A 123 6.52 7.51 8.59
N PHE A 124 6.50 6.18 8.56
CA PHE A 124 6.49 5.43 7.30
C PHE A 124 6.14 3.97 7.60
N LEU A 125 5.81 3.22 6.56
CA LEU A 125 5.50 1.81 6.72
C LEU A 125 6.08 1.00 5.56
N VAL A 126 6.42 -0.24 5.84
CA VAL A 126 7.01 -1.13 4.85
C VAL A 126 6.07 -2.29 4.57
N ALA A 127 5.56 -2.37 3.35
CA ALA A 127 4.63 -3.42 2.98
C ALA A 127 5.12 -4.16 1.75
N LEU A 128 5.04 -5.48 1.78
CA LEU A 128 5.46 -6.31 0.67
C LEU A 128 4.27 -7.01 0.03
N GLY A 129 4.33 -7.19 -1.28
CA GLY A 129 3.26 -7.84 -1.99
C GLY A 129 2.02 -6.99 -2.10
N TYR A 130 1.05 -7.46 -2.86
CA TYR A 130 -0.22 -6.75 -3.00
C TYR A 130 -1.35 -7.74 -3.31
N ALA A 131 -2.55 -7.21 -3.54
CA ALA A 131 -3.73 -8.03 -3.77
C ALA A 131 -3.63 -8.78 -5.07
N GLY A 132 -4.23 -9.96 -5.11
CA GLY A 132 -4.18 -10.80 -6.31
C GLY A 132 -5.16 -10.38 -7.38
N TRP A 133 -5.33 -9.07 -7.53
CA TRP A 133 -6.24 -8.51 -8.51
C TRP A 133 -5.76 -8.79 -9.93
N SER A 134 -4.47 -9.01 -10.08
CA SER A 134 -3.89 -9.39 -11.37
C SER A 134 -4.68 -10.55 -12.00
N LYS A 135 -5.04 -11.51 -11.17
CA LYS A 135 -5.85 -12.65 -11.60
C LYS A 135 -7.28 -12.25 -11.89
N ASN A 136 -7.74 -11.20 -11.22
CA ASN A 136 -9.13 -10.76 -11.35
C ASN A 136 -9.29 -9.85 -12.57
N GLN A 137 -8.88 -8.60 -12.43
CA GLN A 137 -9.06 -7.58 -13.47
C GLN A 137 -10.55 -7.40 -13.73
N LEU A 138 -11.33 -7.41 -12.66
CA LEU A 138 -12.78 -7.31 -12.74
C LEU A 138 -13.27 -6.26 -11.75
N GLU A 139 -12.36 -5.45 -11.26
CA GLU A 139 -12.62 -4.52 -10.18
C GLU A 139 -13.77 -3.56 -10.50
N GLN A 140 -13.97 -3.27 -11.78
CA GLN A 140 -15.05 -2.38 -12.22
C GLN A 140 -16.40 -2.83 -11.64
N GLU A 141 -16.73 -4.11 -11.82
CA GLU A 141 -18.03 -4.63 -11.38
C GLU A 141 -18.11 -4.66 -9.85
N LEU A 142 -16.96 -4.80 -9.22
CA LEU A 142 -16.87 -4.86 -7.77
C LEU A 142 -17.31 -3.54 -7.15
N ALA A 143 -17.05 -2.44 -7.86
CA ALA A 143 -17.35 -1.12 -7.34
C ALA A 143 -18.87 -0.89 -7.28
N ASP A 144 -19.55 -1.19 -8.39
CA ASP A 144 -20.98 -0.95 -8.48
C ASP A 144 -21.78 -1.99 -7.69
N ASN A 145 -21.16 -3.12 -7.39
CA ASN A 145 -21.87 -4.21 -6.71
C ASN A 145 -22.21 -3.87 -5.26
N SER A 146 -21.22 -3.50 -4.46
CA SER A 146 -21.44 -3.30 -3.02
C SER A 146 -20.39 -2.38 -2.40
N TRP A 147 -19.15 -2.53 -2.85
CA TRP A 147 -18.03 -1.83 -2.22
C TRP A 147 -18.12 -0.34 -2.47
N LEU A 148 -17.69 0.45 -1.50
CA LEU A 148 -17.74 1.89 -1.61
C LEU A 148 -16.39 2.42 -2.03
N THR A 149 -16.40 3.47 -2.84
CA THR A 149 -15.17 4.08 -3.32
C THR A 149 -15.09 5.54 -2.94
N ILE A 150 -14.02 5.91 -2.27
CA ILE A 150 -13.79 7.30 -1.89
C ILE A 150 -12.35 7.69 -2.22
N PRO A 151 -12.13 8.95 -2.64
CA PRO A 151 -10.81 9.45 -3.05
C PRO A 151 -9.76 9.27 -1.95
N ALA A 152 -8.51 9.11 -2.37
CA ALA A 152 -7.43 8.92 -1.43
C ALA A 152 -6.86 10.25 -0.97
N ASP A 153 -6.47 10.30 0.29
CA ASP A 153 -5.81 11.47 0.86
C ASP A 153 -4.52 11.04 1.53
N HIS A 154 -3.53 11.92 1.51
CA HIS A 154 -2.21 11.59 2.00
C HIS A 154 -2.19 11.43 3.53
N ALA A 155 -3.04 12.18 4.21
CA ALA A 155 -3.12 12.10 5.66
C ALA A 155 -4.05 10.95 6.07
N LEU A 156 -5.13 10.77 5.29
CA LEU A 156 -6.07 9.70 5.54
C LEU A 156 -5.40 8.35 5.35
N LEU A 157 -4.43 8.29 4.45
CA LEU A 157 -3.66 7.08 4.20
C LEU A 157 -2.75 6.83 5.39
N PHE A 158 -1.94 7.82 5.65
CA PHE A 158 -0.85 7.69 6.61
C PHE A 158 -1.22 8.09 8.03
N ASP A 159 -1.46 9.37 8.22
CA ASP A 159 -1.34 10.00 9.53
C ASP A 159 -2.54 9.76 10.44
N ILE A 160 -3.69 9.38 9.89
CA ILE A 160 -4.89 9.19 10.70
C ILE A 160 -4.87 7.83 11.43
N ASN A 161 -3.97 7.75 12.40
CA ASN A 161 -3.84 6.63 13.34
C ASN A 161 -4.13 5.26 12.74
N HIS A 162 -5.27 4.67 13.08
CA HIS A 162 -5.58 3.29 12.67
C HIS A 162 -7.06 3.12 12.37
N GLU A 163 -7.87 3.34 13.38
CA GLU A 163 -9.28 3.01 13.35
C GLU A 163 -10.13 4.19 12.90
N ASP A 164 -9.78 5.38 13.38
CA ASP A 164 -10.53 6.60 13.05
C ASP A 164 -10.38 6.91 11.56
N ARG A 165 -9.39 6.29 10.95
CA ARG A 165 -9.20 6.36 9.50
C ARG A 165 -10.45 5.89 8.77
N TRP A 166 -11.05 4.81 9.26
CA TRP A 166 -12.27 4.26 8.67
C TRP A 166 -13.42 5.24 8.84
N GLN A 167 -13.53 5.76 10.07
CA GLN A 167 -14.58 6.71 10.42
C GLN A 167 -14.56 7.92 9.50
N GLN A 168 -13.43 8.60 9.48
CA GLN A 168 -13.28 9.81 8.67
C GLN A 168 -13.48 9.52 7.18
N ALA A 169 -12.88 8.44 6.71
CA ALA A 169 -13.04 8.02 5.31
C ALA A 169 -14.51 7.74 4.97
N SER A 170 -15.25 7.18 5.92
CA SER A 170 -16.66 6.89 5.72
C SER A 170 -17.48 8.18 5.65
N ARG A 171 -17.01 9.21 6.35
CA ARG A 171 -17.65 10.52 6.30
C ARG A 171 -17.34 11.17 4.94
N SER A 172 -16.05 11.38 4.69
CA SER A 172 -15.55 11.87 3.40
C SER A 172 -16.23 13.17 2.96
N LEU A 173 -16.07 13.50 1.68
CA LEU A 173 -16.66 14.68 1.09
C LEU A 173 -16.78 14.51 -0.41
N GLY A 174 -15.65 14.61 -1.10
CA GLY A 174 -15.65 14.46 -2.54
C GLY A 174 -14.39 15.03 -3.16
N PHE A 175 -14.10 14.59 -4.37
CA PHE A 175 -12.93 15.06 -5.11
C PHE A 175 -12.97 14.52 -6.52
N GLU A 176 -12.72 15.38 -7.50
CA GLU A 176 -12.77 14.98 -8.90
C GLU A 176 -11.76 15.78 -9.72
N ALA A 177 -10.59 15.18 -9.92
CA ALA A 177 -9.53 15.81 -10.68
C ALA A 177 -8.48 14.78 -11.10
N TRP A 178 -8.23 14.69 -12.40
CA TRP A 178 -7.23 13.77 -12.92
C TRP A 178 -6.24 14.51 -13.82
N GLN A 179 -5.21 15.07 -13.20
CA GLN A 179 -4.19 15.82 -13.93
C GLN A 179 -2.90 15.01 -14.07
N LEU A 180 -2.95 13.95 -14.86
CA LEU A 180 -1.79 13.10 -15.09
C LEU A 180 -2.05 12.14 -16.24
N SER A 181 -1.25 12.27 -17.30
CA SER A 181 -1.34 11.36 -18.44
C SER A 181 -0.07 11.44 -19.28
N THR A 182 0.96 10.72 -18.85
CA THR A 182 2.23 10.73 -19.56
C THR A 182 2.98 9.41 -19.36
N GLN A 183 3.64 8.98 -20.42
CA GLN A 183 4.43 7.75 -20.40
C GLN A 183 5.47 7.81 -21.51
N ALA A 184 6.71 8.05 -21.12
CA ALA A 184 7.79 8.22 -22.09
C ALA A 184 8.97 7.33 -21.74
N GLY A 185 9.86 7.14 -22.71
CA GLY A 185 11.04 6.31 -22.50
C GLY A 185 10.76 4.85 -22.74
N HIS A 186 11.75 4.12 -23.21
CA HIS A 186 11.61 2.69 -23.44
C HIS A 186 12.58 1.91 -22.56
N ALA A 187 12.11 1.50 -21.40
CA ALA A 187 12.92 0.75 -20.45
C ALA A 187 12.02 -0.07 -19.54
N MET A 1 -12.63 5.93 -15.26
CA MET A 1 -11.28 6.55 -15.35
C MET A 1 -11.01 7.42 -14.13
N GLU A 2 -9.73 7.51 -13.74
CA GLU A 2 -9.27 8.32 -12.61
C GLU A 2 -9.74 7.77 -11.25
N SER A 3 -11.04 7.69 -11.07
CA SER A 3 -11.64 7.37 -9.77
C SER A 3 -11.13 6.06 -9.16
N LEU A 4 -10.97 5.02 -9.99
CA LEU A 4 -10.68 3.69 -9.46
C LEU A 4 -9.21 3.30 -9.67
N GLN A 5 -8.36 4.25 -10.02
CA GLN A 5 -6.96 3.90 -10.33
C GLN A 5 -6.01 4.23 -9.18
N ASN A 6 -6.43 5.13 -8.28
CA ASN A 6 -5.58 5.50 -7.13
C ASN A 6 -6.41 6.20 -6.07
N HIS A 7 -6.96 5.40 -5.15
CA HIS A 7 -7.79 5.89 -4.04
C HIS A 7 -7.90 4.79 -2.99
N PHE A 8 -8.79 4.95 -2.01
CA PHE A 8 -9.04 3.89 -1.05
C PHE A 8 -10.22 3.02 -1.48
N LEU A 9 -10.17 1.76 -1.08
CA LEU A 9 -11.29 0.86 -1.25
C LEU A 9 -11.93 0.57 0.10
N ILE A 10 -13.22 0.85 0.20
CA ILE A 10 -13.95 0.62 1.44
C ILE A 10 -14.77 -0.66 1.34
N ALA A 11 -14.73 -1.45 2.40
CA ALA A 11 -15.48 -2.70 2.45
C ALA A 11 -16.01 -2.92 3.87
N MET A 12 -17.28 -2.59 4.06
CA MET A 12 -17.88 -2.67 5.38
C MET A 12 -18.32 -4.09 5.72
N PRO A 13 -19.18 -4.73 4.89
CA PRO A 13 -19.60 -6.10 5.13
C PRO A 13 -18.58 -7.11 4.64
N SER A 14 -18.30 -8.11 5.48
CA SER A 14 -17.38 -9.17 5.09
C SER A 14 -18.08 -10.12 4.14
N LEU A 15 -17.43 -10.44 3.02
CA LEU A 15 -18.00 -11.32 2.01
C LEU A 15 -18.37 -12.67 2.63
N ASP A 16 -17.35 -13.48 2.91
CA ASP A 16 -17.57 -14.74 3.59
C ASP A 16 -16.31 -15.19 4.32
N ASP A 17 -15.38 -15.77 3.59
CA ASP A 17 -14.19 -16.37 4.17
C ASP A 17 -12.99 -15.45 3.99
N THR A 18 -13.28 -14.18 3.75
CA THR A 18 -12.26 -13.18 3.52
C THR A 18 -11.42 -12.92 4.78
N PHE A 19 -11.94 -12.05 5.66
CA PHE A 19 -11.29 -11.72 6.94
C PHE A 19 -9.95 -10.99 6.76
N PHE A 20 -9.37 -11.06 5.57
CA PHE A 20 -8.10 -10.40 5.29
C PHE A 20 -8.30 -9.15 4.45
N GLU A 21 -8.67 -9.34 3.20
CA GLU A 21 -8.86 -8.22 2.28
C GLU A 21 -10.23 -7.59 2.48
N ARG A 22 -10.28 -6.61 3.36
CA ARG A 22 -11.52 -5.90 3.67
C ARG A 22 -11.18 -4.56 4.30
N THR A 23 -12.20 -3.83 4.74
CA THR A 23 -12.01 -2.59 5.51
C THR A 23 -11.45 -1.46 4.64
N VAL A 24 -10.13 -1.38 4.55
CA VAL A 24 -9.47 -0.28 3.84
C VAL A 24 -8.26 -0.77 3.05
N ILE A 25 -8.36 -0.66 1.73
CA ILE A 25 -7.26 -1.03 0.84
C ILE A 25 -6.86 0.18 -0.02
N TYR A 26 -5.57 0.49 -0.05
CA TYR A 26 -5.10 1.63 -0.82
C TYR A 26 -4.66 1.20 -2.21
N LEU A 27 -5.23 1.82 -3.23
CA LEU A 27 -4.86 1.55 -4.61
C LEU A 27 -3.76 2.50 -5.04
N CYS A 28 -2.65 1.96 -5.51
CA CYS A 28 -1.51 2.79 -5.91
C CYS A 28 -1.29 2.73 -7.42
N GLU A 29 -0.88 1.56 -7.92
CA GLU A 29 -0.59 1.42 -9.34
C GLU A 29 -1.86 1.18 -10.13
N HIS A 30 -1.72 1.27 -11.44
CA HIS A 30 -2.84 1.14 -12.36
C HIS A 30 -2.44 0.24 -13.52
N ASP A 31 -3.15 -0.86 -13.67
CA ASP A 31 -2.89 -1.81 -14.74
C ASP A 31 -4.07 -1.82 -15.71
N GLU A 32 -3.88 -2.45 -16.86
CA GLU A 32 -4.94 -2.58 -17.84
C GLU A 32 -6.14 -3.33 -17.25
N LYS A 33 -5.85 -4.28 -16.36
CA LYS A 33 -6.91 -5.05 -15.71
C LYS A 33 -7.63 -4.23 -14.65
N GLY A 34 -6.91 -3.31 -14.02
CA GLY A 34 -7.50 -2.54 -12.93
C GLY A 34 -6.47 -1.76 -12.15
N ALA A 35 -6.42 -1.95 -10.84
CA ALA A 35 -5.50 -1.22 -9.99
C ALA A 35 -4.81 -2.16 -9.02
N MET A 36 -3.65 -1.75 -8.52
CA MET A 36 -2.90 -2.56 -7.56
C MET A 36 -3.05 -1.97 -6.17
N GLY A 37 -3.68 -2.73 -5.29
CA GLY A 37 -3.98 -2.24 -3.96
C GLY A 37 -3.19 -2.95 -2.89
N LEU A 38 -3.09 -2.29 -1.73
CA LEU A 38 -2.39 -2.87 -0.58
C LEU A 38 -3.30 -2.79 0.65
N VAL A 39 -3.47 -3.91 1.32
CA VAL A 39 -4.31 -3.97 2.53
C VAL A 39 -3.60 -3.31 3.71
N ILE A 40 -4.14 -2.17 4.15
CA ILE A 40 -3.48 -1.39 5.19
C ILE A 40 -4.25 -1.42 6.51
N ASN A 41 -4.92 -2.54 6.78
CA ASN A 41 -5.70 -2.66 8.01
C ASN A 41 -5.55 -4.04 8.64
N LYS A 42 -4.64 -4.85 8.12
CA LYS A 42 -4.44 -6.18 8.65
C LYS A 42 -3.08 -6.27 9.33
N PRO A 43 -3.07 -6.60 10.63
CA PRO A 43 -1.84 -6.67 11.41
C PRO A 43 -1.09 -8.00 11.24
N LEU A 44 -0.10 -8.00 10.37
CA LEU A 44 0.79 -9.14 10.23
C LEU A 44 1.97 -9.00 11.18
N GLY A 45 2.87 -9.99 11.16
CA GLY A 45 4.01 -9.94 12.03
C GLY A 45 5.21 -10.67 11.46
N ILE A 46 5.92 -10.02 10.56
CA ILE A 46 7.14 -10.58 9.99
C ILE A 46 8.36 -9.88 10.58
N GLU A 47 9.04 -10.56 11.49
CA GLU A 47 10.19 -9.99 12.16
C GLU A 47 11.46 -10.32 11.40
N VAL A 48 12.59 -9.84 11.94
CA VAL A 48 13.89 -9.99 11.30
C VAL A 48 14.22 -11.46 11.00
N ASN A 49 13.60 -12.37 11.76
CA ASN A 49 13.84 -13.80 11.60
C ASN A 49 13.57 -14.24 10.17
N SER A 50 12.40 -13.91 9.65
CA SER A 50 12.02 -14.34 8.30
C SER A 50 12.97 -13.73 7.26
N LEU A 51 13.42 -12.52 7.53
CA LEU A 51 14.32 -11.82 6.64
C LEU A 51 15.70 -12.47 6.63
N LEU A 52 16.22 -12.79 7.81
CA LEU A 52 17.56 -13.37 7.91
C LEU A 52 17.57 -14.80 7.40
N GLU A 53 16.43 -15.50 7.51
CA GLU A 53 16.31 -16.86 7.00
C GLU A 53 16.50 -16.88 5.48
N GLN A 54 15.82 -15.98 4.79
CA GLN A 54 15.93 -15.90 3.34
C GLN A 54 17.23 -15.19 2.92
N MET A 55 17.76 -14.36 3.81
CA MET A 55 18.99 -13.61 3.54
C MET A 55 20.21 -14.54 3.53
N ASP A 56 20.12 -15.64 4.27
CA ASP A 56 21.21 -16.59 4.33
C ASP A 56 21.32 -17.35 3.02
N LEU A 57 22.12 -16.83 2.12
CA LEU A 57 22.31 -17.42 0.81
C LEU A 57 23.80 -17.55 0.51
N PRO A 58 24.23 -18.73 0.01
CA PRO A 58 25.65 -19.04 -0.24
C PRO A 58 26.37 -17.96 -1.04
N THR A 59 25.65 -17.25 -1.90
CA THR A 59 26.26 -16.19 -2.68
C THR A 59 25.22 -15.17 -3.13
N GLU A 60 25.65 -13.91 -3.15
CA GLU A 60 24.81 -12.78 -3.56
C GLU A 60 25.71 -11.55 -3.70
N GLN A 61 25.96 -10.91 -2.56
CA GLN A 61 26.91 -9.81 -2.45
C GLN A 61 27.33 -9.69 -1.00
N VAL A 62 26.35 -9.45 -0.14
CA VAL A 62 26.60 -9.38 1.29
C VAL A 62 26.21 -10.69 1.98
N SER A 63 25.01 -11.18 1.65
CA SER A 63 24.50 -12.45 2.19
C SER A 63 24.40 -12.44 3.73
N ALA A 64 24.59 -11.27 4.34
CA ALA A 64 24.55 -11.16 5.79
C ALA A 64 23.25 -10.54 6.26
N ASP A 65 23.06 -9.27 5.95
CA ASP A 65 21.83 -8.57 6.29
C ASP A 65 21.51 -7.54 5.23
N LEU A 66 20.23 -7.29 5.03
CA LEU A 66 19.78 -6.28 4.09
C LEU A 66 18.96 -5.20 4.82
N ALA A 67 18.51 -5.53 6.03
CA ALA A 67 17.72 -4.62 6.85
C ALA A 67 17.50 -5.21 8.23
N MET A 68 17.32 -4.35 9.22
CA MET A 68 17.08 -4.78 10.59
C MET A 68 15.72 -4.29 11.07
N GLY A 69 14.83 -4.04 10.11
CA GLY A 69 13.52 -3.48 10.42
C GLY A 69 12.71 -4.34 11.38
N SER A 70 12.54 -5.62 11.04
CA SER A 70 11.78 -6.55 11.86
C SER A 70 10.35 -6.04 12.09
N GLN A 71 9.85 -5.27 11.14
CA GLN A 71 8.51 -4.69 11.21
C GLN A 71 7.84 -4.86 9.86
N VAL A 72 7.97 -6.05 9.28
CA VAL A 72 7.49 -6.31 7.95
C VAL A 72 6.10 -6.96 7.98
N LEU A 73 5.24 -6.51 7.08
CA LEU A 73 3.93 -7.10 6.92
C LEU A 73 3.77 -7.55 5.47
N MET A 74 2.57 -7.94 5.10
CA MET A 74 2.28 -8.29 3.72
C MET A 74 1.18 -7.39 3.20
N GLY A 75 1.24 -7.04 1.92
CA GLY A 75 0.25 -6.16 1.34
C GLY A 75 -0.99 -6.90 0.93
N GLY A 76 -0.96 -8.21 1.09
CA GLY A 76 -2.05 -9.06 0.68
C GLY A 76 -1.62 -10.49 0.53
N PRO A 77 -2.51 -11.37 0.05
CA PRO A 77 -2.24 -12.81 -0.06
C PRO A 77 -1.04 -13.13 -0.95
N VAL A 78 -0.80 -12.30 -1.97
CA VAL A 78 0.28 -12.59 -2.91
C VAL A 78 1.61 -12.01 -2.42
N SER A 79 2.19 -12.67 -1.42
CA SER A 79 3.49 -12.29 -0.90
C SER A 79 4.58 -13.01 -1.69
N GLN A 80 4.18 -13.55 -2.83
CA GLN A 80 5.09 -14.29 -3.71
C GLN A 80 5.72 -13.34 -4.73
N ASP A 81 5.42 -12.06 -4.58
CA ASP A 81 5.85 -11.06 -5.55
C ASP A 81 6.57 -9.92 -4.84
N ARG A 82 6.94 -8.90 -5.60
CA ARG A 82 7.70 -7.77 -5.06
C ARG A 82 6.85 -6.91 -4.12
N GLY A 83 7.52 -6.28 -3.16
CA GLY A 83 6.84 -5.40 -2.23
C GLY A 83 7.29 -3.97 -2.37
N PHE A 84 6.39 -3.04 -2.12
CA PHE A 84 6.71 -1.62 -2.23
C PHE A 84 6.42 -0.91 -0.91
N VAL A 85 7.38 -0.11 -0.47
CA VAL A 85 7.28 0.58 0.80
C VAL A 85 6.62 1.94 0.62
N LEU A 86 5.46 2.11 1.25
CA LEU A 86 4.74 3.36 1.20
C LEU A 86 5.24 4.25 2.32
N HIS A 87 5.79 5.40 1.98
CA HIS A 87 6.35 6.30 2.97
C HIS A 87 5.99 7.74 2.68
N THR A 88 6.35 8.61 3.60
CA THR A 88 6.03 10.02 3.51
C THR A 88 6.77 10.70 2.36
N SER A 89 6.33 11.90 2.01
CA SER A 89 6.93 12.66 0.95
C SER A 89 8.29 13.19 1.37
N GLN A 90 9.29 12.92 0.54
CA GLN A 90 10.64 13.42 0.74
C GLN A 90 10.93 14.52 -0.29
N PRO A 91 12.02 15.29 -0.13
CA PRO A 91 12.43 16.32 -1.10
C PRO A 91 12.89 15.68 -2.42
N TYR A 92 11.91 15.21 -3.18
CA TYR A 92 12.16 14.48 -4.43
C TYR A 92 12.81 13.13 -4.18
N TRP A 93 12.57 12.21 -5.10
CA TRP A 93 13.05 10.84 -4.97
C TRP A 93 12.89 10.14 -6.30
N ALA A 94 13.70 9.12 -6.55
CA ALA A 94 13.68 8.38 -7.81
C ALA A 94 12.29 7.80 -8.11
N ASN A 95 11.61 7.31 -7.08
CA ASN A 95 10.29 6.72 -7.24
C ASN A 95 9.29 7.51 -6.40
N SER A 96 8.12 7.78 -6.96
CA SER A 96 7.12 8.60 -6.28
C SER A 96 5.70 8.22 -6.75
N THR A 97 4.70 8.69 -6.03
CA THR A 97 3.31 8.47 -6.42
C THR A 97 2.53 9.79 -6.31
N GLU A 98 1.36 9.84 -6.93
CA GLU A 98 0.56 11.05 -6.96
C GLU A 98 -0.91 10.68 -7.20
N LEU A 99 -1.74 11.70 -7.39
CA LEU A 99 -3.18 11.54 -7.62
C LEU A 99 -3.91 11.18 -6.33
N GLY A 100 -3.53 10.07 -5.73
CA GLY A 100 -4.11 9.68 -4.45
C GLY A 100 -3.55 10.50 -3.31
N SER A 101 -2.48 10.02 -2.71
CA SER A 101 -1.82 10.74 -1.64
C SER A 101 -0.48 11.28 -2.12
N GLY A 102 -0.20 12.54 -1.82
CA GLY A 102 1.05 13.15 -2.20
C GLY A 102 2.21 12.68 -1.33
N LEU A 103 2.62 11.44 -1.52
CA LEU A 103 3.76 10.88 -0.81
C LEU A 103 4.58 10.01 -1.77
N MET A 104 5.53 9.25 -1.24
CA MET A 104 6.42 8.52 -2.11
C MET A 104 6.44 7.02 -1.84
N LEU A 105 6.38 6.27 -2.92
CA LEU A 105 6.50 4.82 -2.90
C LEU A 105 7.90 4.44 -3.34
N THR A 106 8.46 3.36 -2.79
CA THR A 106 9.76 2.88 -3.23
C THR A 106 9.85 1.37 -3.12
N THR A 107 10.54 0.75 -4.08
CA THR A 107 10.68 -0.71 -4.10
C THR A 107 11.57 -1.17 -2.95
N SER A 108 11.39 -2.41 -2.54
CA SER A 108 12.11 -2.95 -1.39
C SER A 108 13.54 -3.35 -1.74
N ARG A 109 14.40 -2.34 -1.88
CA ARG A 109 15.83 -2.57 -2.00
C ARG A 109 16.59 -1.31 -1.62
N ASP A 110 16.49 -0.28 -2.47
CA ASP A 110 17.17 0.99 -2.24
C ASP A 110 16.80 1.57 -0.89
N VAL A 111 15.51 1.73 -0.66
CA VAL A 111 15.02 2.28 0.59
C VAL A 111 15.10 1.24 1.71
N LEU A 112 14.96 -0.04 1.35
CA LEU A 112 14.94 -1.12 2.33
C LEU A 112 16.27 -1.21 3.08
N THR A 113 17.38 -1.23 2.35
CA THR A 113 18.69 -1.33 2.97
C THR A 113 18.98 -0.07 3.79
N ALA A 114 18.35 1.04 3.41
CA ALA A 114 18.48 2.28 4.16
C ALA A 114 17.75 2.17 5.49
N ILE A 115 16.61 1.48 5.47
CA ILE A 115 15.83 1.26 6.69
C ILE A 115 16.66 0.47 7.70
N GLY A 116 17.41 -0.50 7.19
CA GLY A 116 18.28 -1.28 8.04
C GLY A 116 19.66 -0.68 8.16
N SER A 117 19.73 0.65 8.07
CA SER A 117 20.97 1.37 8.18
C SER A 117 20.79 2.67 8.96
N LYS A 118 20.12 3.65 8.35
CA LYS A 118 20.00 4.96 8.96
C LYS A 118 18.59 5.54 8.75
N ARG A 119 17.72 4.73 8.17
CA ARG A 119 16.35 5.14 7.86
C ARG A 119 16.35 6.19 6.75
N SER A 120 15.17 6.71 6.42
CA SER A 120 15.02 7.77 5.44
C SER A 120 13.74 8.59 5.72
N PRO A 121 12.56 7.93 5.79
CA PRO A 121 11.32 8.62 6.11
C PRO A 121 11.01 8.60 7.61
N ASP A 122 10.12 9.48 8.04
CA ASP A 122 9.71 9.54 9.44
C ASP A 122 8.85 8.34 9.78
N LYS A 123 7.80 8.14 9.00
CA LYS A 123 6.90 7.01 9.21
C LYS A 123 6.53 6.38 7.88
N PHE A 124 6.27 5.09 7.92
CA PHE A 124 6.06 4.28 6.72
C PHE A 124 5.68 2.87 7.12
N LEU A 125 5.32 2.04 6.15
CA LEU A 125 5.07 0.64 6.41
C LEU A 125 5.78 -0.22 5.38
N VAL A 126 6.26 -1.38 5.81
CA VAL A 126 6.92 -2.32 4.93
C VAL A 126 6.01 -3.52 4.70
N ALA A 127 5.57 -3.69 3.47
CA ALA A 127 4.65 -4.77 3.14
C ALA A 127 5.15 -5.56 1.93
N LEU A 128 5.09 -6.88 2.05
CA LEU A 128 5.47 -7.76 0.96
C LEU A 128 4.27 -8.09 0.11
N GLY A 129 4.38 -7.87 -1.19
CA GLY A 129 3.30 -8.19 -2.10
C GLY A 129 2.19 -7.16 -2.03
N TYR A 130 0.99 -7.58 -2.43
CA TYR A 130 -0.16 -6.69 -2.51
C TYR A 130 -1.45 -7.50 -2.55
N ALA A 131 -2.55 -6.85 -2.88
CA ALA A 131 -3.87 -7.48 -2.94
C ALA A 131 -3.84 -8.75 -3.81
N GLY A 132 -4.65 -9.73 -3.43
CA GLY A 132 -4.59 -11.03 -4.06
C GLY A 132 -5.48 -11.16 -5.28
N TRP A 133 -6.05 -10.04 -5.72
CA TRP A 133 -6.90 -10.03 -6.91
C TRP A 133 -6.11 -10.53 -8.11
N SER A 134 -4.85 -10.10 -8.18
CA SER A 134 -3.95 -10.47 -9.26
C SER A 134 -3.91 -11.98 -9.48
N LYS A 135 -3.83 -12.72 -8.39
CA LYS A 135 -3.78 -14.17 -8.42
C LYS A 135 -5.09 -14.75 -8.96
N ASN A 136 -6.18 -14.07 -8.67
CA ASN A 136 -7.49 -14.50 -9.14
C ASN A 136 -7.62 -14.26 -10.64
N GLN A 137 -7.06 -13.14 -11.10
CA GLN A 137 -7.06 -12.77 -12.51
C GLN A 137 -8.49 -12.64 -13.02
N LEU A 138 -9.28 -11.91 -12.26
CA LEU A 138 -10.69 -11.70 -12.56
C LEU A 138 -11.12 -10.35 -12.01
N GLU A 139 -10.20 -9.40 -12.09
CA GLU A 139 -10.37 -8.04 -11.55
C GLU A 139 -11.69 -7.40 -12.01
N GLN A 140 -12.18 -7.84 -13.16
CA GLN A 140 -13.45 -7.36 -13.71
C GLN A 140 -14.59 -7.50 -12.69
N GLU A 141 -14.48 -8.47 -11.80
CA GLU A 141 -15.48 -8.70 -10.77
C GLU A 141 -15.67 -7.45 -9.92
N LEU A 142 -14.58 -6.69 -9.74
CA LEU A 142 -14.60 -5.49 -8.89
C LEU A 142 -15.73 -4.55 -9.30
N ALA A 143 -15.98 -4.46 -10.60
CA ALA A 143 -17.00 -3.56 -11.12
C ALA A 143 -18.38 -3.92 -10.59
N ASP A 144 -18.78 -5.17 -10.78
CA ASP A 144 -20.09 -5.64 -10.32
C ASP A 144 -20.08 -5.91 -8.82
N ASN A 145 -18.90 -6.14 -8.25
CA ASN A 145 -18.75 -6.41 -6.82
C ASN A 145 -19.13 -5.16 -6.02
N SER A 146 -18.89 -3.99 -6.61
CA SER A 146 -19.42 -2.72 -6.10
C SER A 146 -18.65 -2.18 -4.88
N TRP A 147 -17.37 -2.54 -4.76
CA TRP A 147 -16.53 -1.97 -3.70
C TRP A 147 -16.54 -0.45 -3.76
N LEU A 148 -16.40 0.19 -2.61
CA LEU A 148 -16.52 1.64 -2.52
C LEU A 148 -15.16 2.32 -2.59
N THR A 149 -15.14 3.56 -3.06
CA THR A 149 -13.90 4.31 -3.19
C THR A 149 -14.02 5.69 -2.58
N ILE A 150 -12.94 6.18 -1.99
CA ILE A 150 -12.89 7.53 -1.43
C ILE A 150 -11.55 8.20 -1.74
N PRO A 151 -11.50 9.54 -1.71
CA PRO A 151 -10.26 10.30 -1.92
C PRO A 151 -9.20 9.96 -0.88
N ALA A 152 -7.97 9.81 -1.34
CA ALA A 152 -6.88 9.47 -0.45
C ALA A 152 -6.28 10.72 0.20
N ASP A 153 -5.86 10.56 1.46
CA ASP A 153 -5.26 11.67 2.21
C ASP A 153 -4.07 11.16 3.03
N HIS A 154 -3.11 12.05 3.25
CA HIS A 154 -1.88 11.69 3.95
C HIS A 154 -2.15 11.40 5.43
N ALA A 155 -3.08 12.12 6.03
CA ALA A 155 -3.37 11.97 7.44
C ALA A 155 -4.35 10.83 7.67
N LEU A 156 -5.40 10.80 6.85
CA LEU A 156 -6.42 9.77 6.91
C LEU A 156 -5.78 8.39 6.71
N LEU A 157 -4.75 8.35 5.87
CA LEU A 157 -4.06 7.11 5.53
C LEU A 157 -3.63 6.33 6.77
N PHE A 158 -2.95 7.00 7.71
CA PHE A 158 -2.43 6.32 8.89
C PHE A 158 -2.59 7.16 10.16
N ASP A 159 -2.31 8.45 10.06
CA ASP A 159 -2.16 9.32 11.23
C ASP A 159 -3.46 9.48 12.02
N ILE A 160 -4.58 9.65 11.31
CA ILE A 160 -5.87 9.85 11.96
C ILE A 160 -6.32 8.59 12.71
N ASN A 161 -7.04 8.79 13.82
CA ASN A 161 -7.56 7.69 14.64
C ASN A 161 -8.18 6.62 13.77
N HIS A 162 -7.78 5.38 14.00
CA HIS A 162 -8.12 4.28 13.12
C HIS A 162 -9.61 3.95 13.19
N GLU A 163 -10.23 4.23 14.33
CA GLU A 163 -11.65 3.96 14.52
C GLU A 163 -12.49 5.09 13.93
N ASP A 164 -12.09 6.32 14.23
CA ASP A 164 -12.82 7.51 13.79
C ASP A 164 -12.71 7.66 12.28
N ARG A 165 -11.62 7.14 11.72
CA ARG A 165 -11.37 7.15 10.30
C ARG A 165 -12.57 6.71 9.48
N TRP A 166 -13.28 5.69 9.97
CA TRP A 166 -14.39 5.13 9.21
C TRP A 166 -15.53 6.14 9.12
N GLN A 167 -15.74 6.91 10.18
CA GLN A 167 -16.75 7.96 10.20
C GLN A 167 -16.43 8.99 9.11
N GLN A 168 -15.20 9.50 9.14
CA GLN A 168 -14.74 10.45 8.13
C GLN A 168 -14.92 9.88 6.73
N ALA A 169 -14.43 8.66 6.54
CA ALA A 169 -14.52 7.96 5.25
C ALA A 169 -15.97 7.78 4.80
N SER A 170 -16.86 7.51 5.75
CA SER A 170 -18.26 7.28 5.45
C SER A 170 -18.93 8.56 4.94
N ARG A 171 -18.43 9.70 5.40
CA ARG A 171 -18.93 10.99 4.93
C ARG A 171 -18.26 11.34 3.60
N SER A 172 -16.94 11.18 3.57
CA SER A 172 -16.13 11.41 2.36
C SER A 172 -16.03 12.91 2.04
N LEU A 173 -15.27 13.23 0.99
CA LEU A 173 -15.06 14.61 0.58
C LEU A 173 -15.32 14.75 -0.92
N GLY A 174 -16.40 15.44 -1.27
CA GLY A 174 -16.77 15.58 -2.65
C GLY A 174 -17.99 14.75 -3.00
N PHE A 175 -18.96 15.37 -3.67
CA PHE A 175 -20.19 14.69 -4.02
C PHE A 175 -20.77 15.24 -5.33
N GLU A 176 -19.95 15.97 -6.07
CA GLU A 176 -20.39 16.58 -7.32
C GLU A 176 -19.25 16.63 -8.32
N ALA A 177 -19.42 15.92 -9.43
CA ALA A 177 -18.40 15.87 -10.47
C ALA A 177 -19.06 15.77 -11.84
N TRP A 178 -18.36 16.24 -12.86
CA TRP A 178 -18.87 16.19 -14.22
C TRP A 178 -18.76 14.77 -14.77
N GLN A 179 -19.91 14.14 -14.93
CA GLN A 179 -19.95 12.77 -15.43
C GLN A 179 -20.19 12.74 -16.93
N LEU A 180 -19.11 12.93 -17.69
CA LEU A 180 -19.19 12.91 -19.14
C LEU A 180 -19.06 11.49 -19.65
N SER A 181 -20.20 10.88 -19.93
CA SER A 181 -20.25 9.50 -20.41
C SER A 181 -21.69 9.15 -20.78
N THR A 182 -21.88 8.60 -21.97
CA THR A 182 -23.20 8.24 -22.44
C THR A 182 -23.17 7.02 -23.35
N GLN A 183 -23.70 5.91 -22.83
CA GLN A 183 -23.82 4.69 -23.61
C GLN A 183 -25.12 4.00 -23.22
N ALA A 184 -25.92 3.63 -24.22
CA ALA A 184 -27.25 3.09 -23.96
C ALA A 184 -27.19 1.58 -23.73
N GLY A 185 -26.53 0.86 -24.63
CA GLY A 185 -26.48 -0.58 -24.53
C GLY A 185 -27.81 -1.21 -24.93
N HIS A 186 -28.00 -1.43 -26.21
CA HIS A 186 -29.26 -1.95 -26.71
C HIS A 186 -29.06 -2.62 -28.07
N ALA A 187 -28.54 -1.85 -29.02
CA ALA A 187 -28.44 -2.28 -30.41
C ALA A 187 -29.84 -2.60 -30.94
N MET A 1 -13.59 8.41 -13.50
CA MET A 1 -14.45 7.27 -13.87
C MET A 1 -13.63 5.99 -13.93
N GLU A 2 -14.08 4.97 -13.18
CA GLU A 2 -13.49 3.63 -13.22
C GLU A 2 -11.96 3.66 -13.02
N SER A 3 -11.48 4.61 -12.25
CA SER A 3 -10.04 4.78 -12.10
C SER A 3 -9.55 4.23 -10.75
N LEU A 4 -8.50 3.44 -10.79
CA LEU A 4 -7.87 2.92 -9.58
C LEU A 4 -6.41 3.37 -9.51
N GLN A 5 -6.18 4.47 -8.81
CA GLN A 5 -4.82 4.96 -8.56
C GLN A 5 -4.81 5.90 -7.36
N ASN A 6 -3.99 5.55 -6.38
CA ASN A 6 -3.82 6.35 -5.15
C ASN A 6 -5.16 6.73 -4.53
N HIS A 7 -5.82 5.75 -3.91
CA HIS A 7 -7.04 6.00 -3.16
C HIS A 7 -7.51 4.71 -2.48
N PHE A 8 -8.56 4.81 -1.68
CA PHE A 8 -9.03 3.68 -0.91
C PHE A 8 -10.17 2.95 -1.61
N LEU A 9 -10.46 1.75 -1.14
CA LEU A 9 -11.61 0.97 -1.57
C LEU A 9 -12.35 0.47 -0.33
N ILE A 10 -13.65 0.76 -0.26
CA ILE A 10 -14.48 0.23 0.79
C ILE A 10 -15.55 -0.68 0.19
N ALA A 11 -16.16 -1.52 1.00
CA ALA A 11 -17.14 -2.48 0.51
C ALA A 11 -18.44 -2.41 1.31
N MET A 12 -19.29 -3.40 1.11
CA MET A 12 -20.58 -3.47 1.79
C MET A 12 -20.54 -4.52 2.90
N PRO A 13 -21.33 -4.33 3.97
CA PRO A 13 -21.40 -5.30 5.07
C PRO A 13 -22.14 -6.58 4.69
N SER A 14 -22.66 -6.60 3.47
CA SER A 14 -23.42 -7.73 2.96
C SER A 14 -22.51 -8.92 2.65
N LEU A 15 -21.22 -8.65 2.49
CA LEU A 15 -20.26 -9.70 2.21
C LEU A 15 -19.32 -9.89 3.39
N ASP A 16 -19.66 -10.85 4.24
CA ASP A 16 -18.86 -11.15 5.43
C ASP A 16 -18.28 -12.56 5.31
N ASP A 17 -17.48 -12.97 6.29
CA ASP A 17 -16.84 -14.29 6.34
C ASP A 17 -15.68 -14.39 5.34
N THR A 18 -15.56 -13.39 4.49
CA THR A 18 -14.52 -13.34 3.49
C THR A 18 -13.20 -12.90 4.10
N PHE A 19 -12.10 -13.22 3.43
CA PHE A 19 -10.76 -12.93 3.95
C PHE A 19 -10.35 -11.49 3.65
N PHE A 20 -10.29 -11.13 2.37
CA PHE A 20 -9.82 -9.81 1.98
C PHE A 20 -10.97 -8.82 1.81
N GLU A 21 -12.14 -9.34 1.47
CA GLU A 21 -13.30 -8.50 1.19
C GLU A 21 -13.82 -7.83 2.45
N ARG A 22 -14.49 -6.68 2.25
CA ARG A 22 -15.17 -5.95 3.33
C ARG A 22 -14.16 -5.22 4.23
N THR A 23 -12.92 -5.09 3.76
CA THR A 23 -11.91 -4.36 4.51
C THR A 23 -11.65 -3.01 3.86
N VAL A 24 -10.74 -2.24 4.45
CA VAL A 24 -10.32 -0.97 3.86
C VAL A 24 -9.02 -1.19 3.11
N ILE A 25 -9.05 -1.04 1.80
CA ILE A 25 -7.89 -1.31 0.97
C ILE A 25 -7.40 -0.04 0.29
N TYR A 26 -6.12 0.26 0.46
CA TYR A 26 -5.50 1.39 -0.21
C TYR A 26 -4.66 0.90 -1.38
N LEU A 27 -4.98 1.34 -2.58
CA LEU A 27 -4.18 1.01 -3.75
C LEU A 27 -3.31 2.20 -4.14
N CYS A 28 -2.06 1.92 -4.47
CA CYS A 28 -1.10 2.97 -4.75
C CYS A 28 -0.95 3.22 -6.25
N GLU A 29 -0.16 2.39 -6.92
CA GLU A 29 0.19 2.64 -8.31
C GLU A 29 -0.44 1.61 -9.23
N HIS A 30 -0.15 1.75 -10.51
CA HIS A 30 -0.76 0.92 -11.54
C HIS A 30 0.26 -0.05 -12.14
N ASP A 31 -0.16 -1.29 -12.31
CA ASP A 31 0.68 -2.31 -12.89
C ASP A 31 -0.09 -3.08 -13.95
N GLU A 32 -0.15 -2.48 -15.15
CA GLU A 32 -0.82 -3.05 -16.34
C GLU A 32 -2.24 -3.54 -16.06
N LYS A 33 -2.35 -4.73 -15.47
CA LYS A 33 -3.62 -5.36 -15.17
C LYS A 33 -4.51 -4.45 -14.31
N GLY A 34 -3.92 -3.84 -13.30
CA GLY A 34 -4.68 -3.00 -12.40
C GLY A 34 -3.81 -2.19 -11.46
N ALA A 35 -4.15 -2.22 -10.18
CA ALA A 35 -3.41 -1.46 -9.18
C ALA A 35 -3.10 -2.34 -7.97
N MET A 36 -2.06 -1.98 -7.23
CA MET A 36 -1.68 -2.76 -6.06
C MET A 36 -2.31 -2.19 -4.80
N GLY A 37 -3.15 -3.00 -4.18
CA GLY A 37 -3.89 -2.56 -3.00
C GLY A 37 -3.40 -3.22 -1.73
N LEU A 38 -3.55 -2.52 -0.61
CA LEU A 38 -3.11 -3.00 0.69
C LEU A 38 -4.23 -2.83 1.72
N VAL A 39 -4.49 -3.86 2.51
CA VAL A 39 -5.48 -3.77 3.59
C VAL A 39 -4.89 -3.03 4.78
N ILE A 40 -5.41 -1.84 5.06
CA ILE A 40 -4.86 -0.99 6.11
C ILE A 40 -5.72 -1.03 7.37
N ASN A 41 -6.05 -2.24 7.80
CA ASN A 41 -6.84 -2.42 9.02
C ASN A 41 -6.05 -1.99 10.25
N LYS A 42 -5.05 -2.80 10.62
CA LYS A 42 -4.20 -2.52 11.77
C LYS A 42 -2.79 -3.01 11.53
N PRO A 43 -1.77 -2.32 12.07
CA PRO A 43 -0.37 -2.73 11.94
C PRO A 43 -0.07 -3.96 12.80
N LEU A 44 -0.01 -5.13 12.16
CA LEU A 44 0.27 -6.37 12.86
C LEU A 44 1.72 -6.43 13.34
N GLY A 45 2.64 -5.95 12.51
CA GLY A 45 4.03 -5.94 12.88
C GLY A 45 4.72 -7.26 12.55
N ILE A 46 5.22 -7.37 11.34
CA ILE A 46 5.98 -8.53 10.91
C ILE A 46 7.45 -8.31 11.22
N GLU A 47 8.07 -9.34 11.79
CA GLU A 47 9.44 -9.24 12.23
C GLU A 47 10.41 -9.75 11.17
N VAL A 48 11.71 -9.66 11.49
CA VAL A 48 12.79 -10.03 10.57
C VAL A 48 12.71 -11.51 10.19
N ASN A 49 12.13 -12.31 11.06
CA ASN A 49 12.03 -13.75 10.84
C ASN A 49 11.31 -14.07 9.53
N SER A 50 10.27 -13.32 9.20
CA SER A 50 9.54 -13.55 7.98
C SER A 50 10.34 -13.06 6.77
N LEU A 51 11.13 -12.02 6.99
CA LEU A 51 11.97 -11.43 5.95
C LEU A 51 13.07 -12.40 5.53
N LEU A 52 13.69 -13.06 6.50
CA LEU A 52 14.73 -14.04 6.20
C LEU A 52 14.14 -15.28 5.55
N GLU A 53 12.88 -15.58 5.88
CA GLU A 53 12.18 -16.70 5.26
C GLU A 53 12.08 -16.52 3.75
N GLN A 54 11.68 -15.33 3.31
CA GLN A 54 11.54 -15.07 1.88
C GLN A 54 12.91 -14.96 1.21
N MET A 55 13.92 -14.56 1.98
CA MET A 55 15.29 -14.45 1.47
C MET A 55 15.91 -15.82 1.26
N ASP A 56 15.36 -16.83 1.94
CA ASP A 56 15.85 -18.20 1.79
C ASP A 56 15.47 -18.74 0.43
N LEU A 57 14.48 -18.11 -0.21
CA LEU A 57 14.10 -18.44 -1.57
C LEU A 57 14.87 -17.54 -2.54
N PRO A 58 15.61 -18.15 -3.48
CA PRO A 58 16.45 -17.41 -4.43
C PRO A 58 15.68 -16.38 -5.24
N THR A 59 15.70 -15.14 -4.78
CA THR A 59 15.09 -14.04 -5.48
C THR A 59 16.15 -13.22 -6.22
N GLU A 60 17.16 -12.78 -5.46
CA GLU A 60 18.26 -12.01 -6.01
C GLU A 60 19.38 -11.95 -5.00
N GLN A 61 19.05 -11.41 -3.83
CA GLN A 61 19.98 -11.39 -2.72
C GLN A 61 20.13 -12.80 -2.16
N VAL A 62 21.30 -13.08 -1.59
CA VAL A 62 21.57 -14.39 -1.03
C VAL A 62 21.02 -14.48 0.39
N SER A 63 20.50 -15.65 0.75
CA SER A 63 20.05 -15.91 2.10
C SER A 63 21.24 -15.89 3.06
N ALA A 64 21.43 -14.77 3.73
CA ALA A 64 22.58 -14.59 4.60
C ALA A 64 22.23 -13.79 5.84
N ASP A 65 23.23 -13.47 6.63
CA ASP A 65 23.04 -12.75 7.88
C ASP A 65 22.84 -11.26 7.61
N LEU A 66 21.60 -10.80 7.74
CA LEU A 66 21.27 -9.40 7.51
C LEU A 66 20.80 -8.73 8.80
N ALA A 67 20.50 -7.43 8.72
CA ALA A 67 20.14 -6.65 9.90
C ALA A 67 18.64 -6.75 10.21
N MET A 68 18.23 -6.07 11.28
CA MET A 68 16.86 -6.13 11.74
C MET A 68 16.10 -4.86 11.31
N GLY A 69 14.95 -5.06 10.69
CA GLY A 69 14.10 -3.96 10.31
C GLY A 69 12.78 -4.00 11.04
N SER A 70 12.02 -5.07 10.81
CA SER A 70 10.75 -5.31 11.47
C SER A 70 9.72 -4.23 11.12
N GLN A 71 8.58 -4.24 11.84
CA GLN A 71 7.48 -3.29 11.61
C GLN A 71 6.89 -3.48 10.21
N VAL A 72 7.03 -4.69 9.68
CA VAL A 72 6.56 -5.00 8.34
C VAL A 72 5.05 -5.27 8.35
N LEU A 73 4.39 -4.98 7.23
CA LEU A 73 2.97 -5.25 7.09
C LEU A 73 2.75 -6.34 6.03
N MET A 74 1.62 -7.02 6.13
CA MET A 74 1.29 -8.07 5.18
C MET A 74 0.07 -7.67 4.37
N GLY A 75 0.29 -7.37 3.10
CA GLY A 75 -0.80 -6.99 2.23
C GLY A 75 -1.46 -8.20 1.61
N GLY A 76 -0.70 -9.27 1.50
CA GLY A 76 -1.19 -10.50 0.92
C GLY A 76 -0.10 -11.52 0.78
N PRO A 77 -0.42 -12.73 0.31
CA PRO A 77 0.56 -13.79 0.15
C PRO A 77 1.18 -13.80 -1.25
N VAL A 78 0.80 -12.84 -2.07
CA VAL A 78 1.26 -12.79 -3.46
C VAL A 78 2.21 -11.61 -3.70
N SER A 79 3.50 -11.92 -3.72
CA SER A 79 4.53 -10.94 -4.04
C SER A 79 5.90 -11.59 -3.87
N GLN A 80 6.94 -10.86 -4.23
CA GLN A 80 8.31 -11.32 -4.05
C GLN A 80 9.21 -10.10 -3.85
N ASP A 81 9.33 -9.29 -4.88
CA ASP A 81 9.99 -8.00 -4.76
C ASP A 81 9.07 -6.90 -5.29
N ARG A 82 8.08 -6.56 -4.49
CA ARG A 82 7.14 -5.49 -4.83
C ARG A 82 6.78 -4.70 -3.58
N GLY A 83 7.66 -4.71 -2.61
CA GLY A 83 7.40 -4.01 -1.36
C GLY A 83 7.34 -2.50 -1.56
N PHE A 84 6.14 -1.96 -1.54
CA PHE A 84 5.96 -0.53 -1.68
C PHE A 84 5.95 0.15 -0.31
N VAL A 85 6.88 1.06 -0.13
CA VAL A 85 7.07 1.75 1.14
C VAL A 85 6.47 3.14 1.10
N LEU A 86 5.37 3.32 1.79
CA LEU A 86 4.77 4.64 1.95
C LEU A 86 5.45 5.34 3.13
N HIS A 87 5.84 6.58 2.93
CA HIS A 87 6.56 7.32 3.95
C HIS A 87 6.36 8.82 3.80
N THR A 88 6.87 9.54 4.77
CA THR A 88 6.82 11.00 4.75
C THR A 88 7.66 11.54 3.60
N SER A 89 7.23 12.65 3.03
CA SER A 89 7.95 13.23 1.92
C SER A 89 9.12 14.06 2.42
N GLN A 90 10.22 13.94 1.70
CA GLN A 90 11.44 14.67 1.99
C GLN A 90 12.14 14.99 0.68
N PRO A 91 12.72 16.19 0.57
CA PRO A 91 13.44 16.61 -0.64
C PRO A 91 14.83 15.98 -0.76
N TYR A 92 15.06 14.92 0.01
CA TYR A 92 16.36 14.27 0.04
C TYR A 92 16.22 12.80 -0.37
N TRP A 93 17.35 12.09 -0.34
CA TRP A 93 17.42 10.67 -0.71
C TRP A 93 17.30 10.49 -2.22
N ALA A 94 17.66 9.31 -2.72
CA ALA A 94 17.71 9.05 -4.15
C ALA A 94 16.39 8.49 -4.66
N ASN A 95 15.62 7.86 -3.80
CA ASN A 95 14.34 7.29 -4.20
C ASN A 95 13.20 8.25 -3.91
N SER A 96 12.83 9.03 -4.90
CA SER A 96 11.74 9.97 -4.77
C SER A 96 10.66 9.67 -5.80
N THR A 97 9.42 9.63 -5.35
CA THR A 97 8.29 9.36 -6.24
C THR A 97 7.16 10.34 -5.97
N GLU A 98 6.63 10.92 -7.04
CA GLU A 98 5.60 11.94 -6.94
C GLU A 98 4.20 11.34 -6.85
N LEU A 99 3.21 12.22 -6.91
CA LEU A 99 1.78 11.85 -6.89
C LEU A 99 1.33 11.50 -5.47
N GLY A 100 2.17 11.79 -4.48
CA GLY A 100 1.82 11.50 -3.10
C GLY A 100 0.82 12.49 -2.54
N SER A 101 0.89 13.75 -2.99
CA SER A 101 -0.03 14.80 -2.56
C SER A 101 0.09 15.05 -1.04
N GLY A 102 1.26 14.77 -0.49
CA GLY A 102 1.48 14.97 0.92
C GLY A 102 2.61 14.10 1.44
N LEU A 103 2.57 12.83 1.09
CA LEU A 103 3.62 11.90 1.45
C LEU A 103 4.36 11.46 0.20
N MET A 104 5.28 10.51 0.34
CA MET A 104 6.06 10.05 -0.78
C MET A 104 5.99 8.53 -0.90
N LEU A 105 6.28 8.04 -2.08
CA LEU A 105 6.17 6.63 -2.40
C LEU A 105 7.54 6.08 -2.80
N THR A 106 7.79 4.83 -2.44
CA THR A 106 8.98 4.12 -2.88
C THR A 106 8.65 2.64 -2.99
N THR A 107 9.44 1.88 -3.74
CA THR A 107 9.15 0.46 -3.96
C THR A 107 10.44 -0.35 -4.12
N SER A 108 10.30 -1.67 -4.02
CA SER A 108 11.35 -2.66 -4.28
C SER A 108 12.44 -2.66 -3.22
N ARG A 109 13.23 -3.74 -3.21
CA ARG A 109 14.32 -3.93 -2.26
C ARG A 109 15.37 -2.82 -2.32
N ASP A 110 15.30 -1.99 -3.36
CA ASP A 110 16.28 -0.92 -3.56
C ASP A 110 16.32 0.02 -2.37
N VAL A 111 15.16 0.31 -1.80
CA VAL A 111 15.08 1.16 -0.62
C VAL A 111 15.28 0.35 0.66
N LEU A 112 14.87 -0.91 0.64
CA LEU A 112 14.95 -1.77 1.83
C LEU A 112 16.39 -1.97 2.29
N THR A 113 17.30 -2.18 1.34
CA THR A 113 18.70 -2.41 1.67
C THR A 113 19.32 -1.20 2.37
N ALA A 114 18.72 -0.03 2.17
CA ALA A 114 19.17 1.20 2.80
C ALA A 114 18.62 1.31 4.22
N ILE A 115 17.40 0.82 4.40
CA ILE A 115 16.75 0.83 5.71
C ILE A 115 17.45 -0.14 6.65
N GLY A 116 17.81 -1.30 6.11
CA GLY A 116 18.54 -2.28 6.88
C GLY A 116 20.03 -2.01 6.88
N SER A 117 20.42 -0.88 6.33
CA SER A 117 21.81 -0.48 6.31
C SER A 117 22.13 0.34 7.55
N LYS A 118 21.35 1.39 7.80
CA LYS A 118 21.60 2.27 8.94
C LYS A 118 20.49 3.30 9.11
N ARG A 119 20.26 4.11 8.09
CA ARG A 119 19.40 5.28 8.23
C ARG A 119 17.92 4.98 7.97
N SER A 120 17.07 5.95 8.27
CA SER A 120 15.63 5.83 8.11
C SER A 120 14.97 7.21 8.28
N PRO A 121 13.90 7.50 7.52
CA PRO A 121 13.21 8.80 7.58
C PRO A 121 12.34 8.96 8.84
N ASP A 122 11.43 9.94 8.79
CA ASP A 122 10.51 10.21 9.91
C ASP A 122 9.79 8.93 10.33
N LYS A 123 8.92 8.48 9.44
CA LYS A 123 8.18 7.25 9.64
C LYS A 123 7.81 6.66 8.28
N PHE A 124 7.42 5.41 8.29
CA PHE A 124 7.12 4.68 7.06
C PHE A 124 6.58 3.31 7.38
N LEU A 125 6.07 2.62 6.38
CA LEU A 125 5.70 1.23 6.53
C LEU A 125 6.26 0.42 5.37
N VAL A 126 6.47 -0.85 5.63
CA VAL A 126 6.99 -1.77 4.64
C VAL A 126 6.06 -2.96 4.53
N ALA A 127 5.51 -3.18 3.35
CA ALA A 127 4.52 -4.23 3.19
C ALA A 127 4.99 -5.29 2.21
N LEU A 128 4.73 -6.54 2.55
CA LEU A 128 4.99 -7.64 1.65
C LEU A 128 3.67 -8.21 1.18
N GLY A 129 3.57 -8.42 -0.13
CA GLY A 129 2.34 -8.92 -0.71
C GLY A 129 1.30 -7.84 -0.86
N TYR A 130 0.31 -8.08 -1.71
CA TYR A 130 -0.79 -7.14 -1.88
C TYR A 130 -2.10 -7.89 -1.99
N ALA A 131 -3.19 -7.14 -2.12
CA ALA A 131 -4.52 -7.71 -2.28
C ALA A 131 -4.57 -8.60 -3.51
N GLY A 132 -4.61 -9.90 -3.29
CA GLY A 132 -4.48 -10.86 -4.37
C GLY A 132 -5.76 -11.13 -5.11
N TRP A 133 -6.33 -10.09 -5.71
CA TRP A 133 -7.50 -10.24 -6.59
C TRP A 133 -7.12 -11.09 -7.79
N SER A 134 -5.85 -10.99 -8.16
CA SER A 134 -5.29 -11.70 -9.30
C SER A 134 -5.62 -13.19 -9.26
N LYS A 135 -5.43 -13.79 -8.10
CA LYS A 135 -5.65 -15.22 -7.94
C LYS A 135 -7.13 -15.59 -7.96
N ASN A 136 -7.99 -14.64 -7.62
CA ASN A 136 -9.41 -14.91 -7.53
C ASN A 136 -10.06 -14.82 -8.91
N GLN A 137 -10.27 -13.60 -9.39
CA GLN A 137 -10.88 -13.39 -10.69
C GLN A 137 -10.15 -12.26 -11.42
N LEU A 138 -8.89 -12.07 -11.03
CA LEU A 138 -8.04 -11.00 -11.57
C LEU A 138 -8.56 -9.63 -11.16
N GLU A 139 -7.83 -8.60 -11.57
CA GLU A 139 -8.12 -7.22 -11.18
C GLU A 139 -9.51 -6.80 -11.64
N GLN A 140 -9.98 -7.40 -12.71
CA GLN A 140 -11.27 -7.07 -13.29
C GLN A 140 -12.42 -7.34 -12.33
N GLU A 141 -12.23 -8.31 -11.43
CA GLU A 141 -13.27 -8.71 -10.49
C GLU A 141 -13.78 -7.52 -9.68
N LEU A 142 -12.90 -6.55 -9.44
CA LEU A 142 -13.23 -5.38 -8.63
C LEU A 142 -14.49 -4.70 -9.15
N ALA A 143 -14.65 -4.68 -10.47
CA ALA A 143 -15.79 -4.02 -11.10
C ALA A 143 -17.10 -4.73 -10.74
N ASP A 144 -17.16 -6.03 -10.99
CA ASP A 144 -18.37 -6.80 -10.69
C ASP A 144 -18.49 -7.13 -9.20
N ASN A 145 -17.43 -6.86 -8.46
CA ASN A 145 -17.42 -7.04 -7.02
C ASN A 145 -18.20 -5.91 -6.35
N SER A 146 -18.19 -4.73 -6.99
CA SER A 146 -18.99 -3.58 -6.58
C SER A 146 -18.39 -2.84 -5.39
N TRP A 147 -17.07 -2.92 -5.24
CA TRP A 147 -16.37 -2.10 -4.23
C TRP A 147 -16.55 -0.62 -4.55
N LEU A 148 -16.52 0.20 -3.53
CA LEU A 148 -16.73 1.63 -3.68
C LEU A 148 -15.40 2.37 -3.68
N THR A 149 -15.33 3.42 -4.48
CA THR A 149 -14.09 4.17 -4.64
C THR A 149 -14.14 5.52 -3.94
N ILE A 150 -13.17 5.76 -3.08
CA ILE A 150 -13.03 7.06 -2.41
C ILE A 150 -11.56 7.49 -2.43
N PRO A 151 -11.29 8.80 -2.51
CA PRO A 151 -9.93 9.33 -2.54
C PRO A 151 -9.16 9.09 -1.24
N ALA A 152 -7.85 9.26 -1.28
CA ALA A 152 -7.02 9.03 -0.10
C ALA A 152 -6.40 10.34 0.37
N ASP A 153 -6.28 10.49 1.68
CA ASP A 153 -5.62 11.65 2.25
C ASP A 153 -4.31 11.25 2.88
N HIS A 154 -3.30 12.10 2.71
CA HIS A 154 -1.96 11.86 3.23
C HIS A 154 -1.95 11.52 4.72
N ALA A 155 -2.83 12.15 5.51
CA ALA A 155 -2.86 11.90 6.95
C ALA A 155 -3.72 10.68 7.27
N LEU A 156 -4.86 10.58 6.62
CA LEU A 156 -5.78 9.47 6.83
C LEU A 156 -5.12 8.15 6.46
N LEU A 157 -4.22 8.21 5.49
CA LEU A 157 -3.53 7.03 4.98
C LEU A 157 -2.87 6.23 6.10
N PHE A 158 -2.02 6.88 6.89
CA PHE A 158 -1.25 6.16 7.90
C PHE A 158 -1.45 6.72 9.31
N ASP A 159 -2.10 7.87 9.46
CA ASP A 159 -2.24 8.47 10.78
C ASP A 159 -3.70 8.55 11.23
N ILE A 160 -4.46 7.50 10.94
CA ILE A 160 -5.77 7.32 11.57
C ILE A 160 -5.68 7.51 13.08
N ASN A 161 -6.46 8.44 13.61
CA ASN A 161 -6.37 8.83 15.01
C ASN A 161 -7.28 7.99 15.91
N HIS A 162 -8.59 8.09 15.70
CA HIS A 162 -9.57 7.50 16.62
C HIS A 162 -9.98 6.10 16.16
N GLU A 163 -9.17 5.49 15.28
CA GLU A 163 -9.48 4.18 14.69
C GLU A 163 -10.83 4.21 13.98
N ASP A 164 -11.26 5.39 13.57
CA ASP A 164 -12.59 5.57 13.00
C ASP A 164 -12.60 5.23 11.50
N ARG A 165 -11.40 5.02 10.95
CA ARG A 165 -11.16 4.40 9.64
C ARG A 165 -12.34 4.46 8.66
N TRP A 166 -13.28 3.52 8.80
CA TRP A 166 -14.40 3.38 7.88
C TRP A 166 -15.24 4.65 7.83
N GLN A 167 -15.47 5.23 9.00
CA GLN A 167 -16.21 6.48 9.13
C GLN A 167 -15.44 7.58 8.43
N GLN A 168 -14.16 7.69 8.74
CA GLN A 168 -13.28 8.67 8.09
C GLN A 168 -13.36 8.55 6.57
N ALA A 169 -13.21 7.33 6.07
CA ALA A 169 -13.26 7.07 4.64
C ALA A 169 -14.63 7.39 4.04
N SER A 170 -15.69 7.12 4.81
CA SER A 170 -17.05 7.34 4.34
C SER A 170 -17.31 8.82 4.06
N ARG A 171 -16.76 9.69 4.90
CA ARG A 171 -16.94 11.13 4.73
C ARG A 171 -15.99 11.70 3.68
N SER A 172 -14.96 10.95 3.34
CA SER A 172 -13.96 11.43 2.39
C SER A 172 -14.30 10.98 0.97
N LEU A 173 -14.75 11.91 0.14
CA LEU A 173 -15.15 11.59 -1.23
C LEU A 173 -14.65 12.65 -2.20
N GLY A 174 -14.87 12.41 -3.48
CA GLY A 174 -14.43 13.33 -4.51
C GLY A 174 -14.53 12.72 -5.89
N PHE A 175 -13.61 13.10 -6.76
CA PHE A 175 -13.59 12.58 -8.13
C PHE A 175 -12.17 12.65 -8.68
N GLU A 176 -11.81 11.76 -9.59
CA GLU A 176 -10.46 11.69 -10.12
C GLU A 176 -10.38 12.38 -11.49
N ALA A 177 -9.30 12.15 -12.21
CA ALA A 177 -9.09 12.78 -13.50
C ALA A 177 -9.36 11.83 -14.66
N TRP A 178 -10.43 12.11 -15.40
CA TRP A 178 -10.80 11.35 -16.60
C TRP A 178 -10.99 9.86 -16.29
N GLN A 179 -10.61 9.03 -17.26
CA GLN A 179 -10.69 7.58 -17.13
C GLN A 179 -9.49 6.95 -17.83
N LEU A 180 -9.54 6.95 -19.15
CA LEU A 180 -8.45 6.45 -19.97
C LEU A 180 -8.42 7.19 -21.29
N SER A 181 -7.34 7.05 -22.02
CA SER A 181 -7.22 7.65 -23.34
C SER A 181 -6.65 6.65 -24.34
N THR A 182 -7.53 5.97 -25.05
CA THR A 182 -7.13 4.98 -26.01
C THR A 182 -6.99 5.58 -27.40
N GLN A 183 -5.78 6.01 -27.72
CA GLN A 183 -5.47 6.59 -29.02
C GLN A 183 -4.11 6.12 -29.49
N ALA A 184 -4.06 5.49 -30.66
CA ALA A 184 -2.81 5.03 -31.23
C ALA A 184 -2.34 6.01 -32.30
N GLY A 185 -3.26 6.42 -33.16
CA GLY A 185 -2.93 7.38 -34.20
C GLY A 185 -2.34 6.71 -35.43
N HIS A 186 -1.80 7.51 -36.34
CA HIS A 186 -1.17 7.00 -37.55
C HIS A 186 -0.37 8.12 -38.21
N ALA A 187 0.78 7.78 -38.78
CA ALA A 187 1.60 8.74 -39.48
C ALA A 187 1.19 8.82 -40.95
N MET A 1 -19.53 6.38 -11.27
CA MET A 1 -18.37 7.10 -10.71
C MET A 1 -17.28 6.11 -10.31
N GLU A 2 -16.36 5.87 -11.24
CA GLU A 2 -15.32 4.86 -11.02
C GLU A 2 -13.93 5.49 -11.18
N SER A 3 -13.04 4.77 -11.87
CA SER A 3 -11.64 5.19 -12.08
C SER A 3 -10.85 5.06 -10.78
N LEU A 4 -10.06 4.01 -10.69
CA LEU A 4 -9.35 3.69 -9.46
C LEU A 4 -7.85 3.82 -9.62
N GLN A 5 -7.29 4.88 -9.05
CA GLN A 5 -5.85 5.00 -8.89
C GLN A 5 -5.55 5.52 -7.49
N ASN A 6 -5.58 6.84 -7.33
CA ASN A 6 -5.42 7.43 -6.01
C ASN A 6 -6.76 7.39 -5.27
N HIS A 7 -7.12 6.22 -4.79
CA HIS A 7 -8.39 5.99 -4.12
C HIS A 7 -8.19 5.03 -2.97
N PHE A 8 -9.06 5.12 -1.98
CA PHE A 8 -9.16 4.08 -0.97
C PHE A 8 -10.29 3.14 -1.32
N LEU A 9 -10.14 1.89 -0.94
CA LEU A 9 -11.17 0.89 -1.12
C LEU A 9 -11.84 0.61 0.20
N ILE A 10 -13.12 0.94 0.28
CA ILE A 10 -13.89 0.77 1.50
C ILE A 10 -14.77 -0.47 1.39
N ALA A 11 -14.67 -1.34 2.39
CA ALA A 11 -15.49 -2.54 2.44
C ALA A 11 -16.86 -2.21 3.03
N MET A 12 -17.69 -3.23 3.21
CA MET A 12 -19.05 -3.02 3.67
C MET A 12 -19.64 -4.35 4.14
N PRO A 13 -20.30 -4.35 5.32
CA PRO A 13 -20.86 -5.57 5.93
C PRO A 13 -21.93 -6.25 5.06
N SER A 14 -22.24 -5.62 3.93
CA SER A 14 -23.20 -6.17 3.00
C SER A 14 -22.55 -7.20 2.08
N LEU A 15 -21.23 -7.35 2.18
CA LEU A 15 -20.51 -8.35 1.42
C LEU A 15 -19.79 -9.29 2.38
N ASP A 16 -20.34 -10.49 2.49
CA ASP A 16 -19.77 -11.52 3.35
C ASP A 16 -18.38 -11.92 2.85
N ASP A 17 -18.37 -12.51 1.64
CA ASP A 17 -17.15 -12.85 0.89
C ASP A 17 -15.99 -13.28 1.76
N THR A 18 -15.96 -14.59 2.03
CA THR A 18 -14.95 -15.26 2.85
C THR A 18 -14.59 -14.47 4.13
N PHE A 19 -13.58 -13.61 4.07
CA PHE A 19 -13.18 -12.85 5.25
C PHE A 19 -12.36 -11.63 4.84
N PHE A 20 -12.61 -11.15 3.63
CA PHE A 20 -11.89 -9.98 3.12
C PHE A 20 -12.58 -8.67 3.50
N GLU A 21 -13.72 -8.79 4.15
CA GLU A 21 -14.46 -7.63 4.61
C GLU A 21 -13.75 -7.00 5.84
N ARG A 22 -14.13 -5.76 6.15
CA ARG A 22 -13.52 -4.96 7.24
C ARG A 22 -12.14 -4.47 6.85
N THR A 23 -11.89 -4.34 5.55
CA THR A 23 -10.59 -3.91 5.08
C THR A 23 -10.64 -2.55 4.38
N VAL A 24 -9.53 -1.84 4.45
CA VAL A 24 -9.33 -0.62 3.70
C VAL A 24 -8.09 -0.78 2.84
N ILE A 25 -8.23 -0.66 1.54
CA ILE A 25 -7.12 -0.86 0.62
C ILE A 25 -6.75 0.45 -0.07
N TYR A 26 -5.46 0.73 -0.17
CA TYR A 26 -5.00 1.89 -0.91
C TYR A 26 -4.40 1.48 -2.24
N LEU A 27 -4.90 2.07 -3.31
CA LEU A 27 -4.40 1.80 -4.63
C LEU A 27 -3.30 2.81 -4.98
N CYS A 28 -2.22 2.33 -5.58
CA CYS A 28 -1.08 3.18 -5.89
C CYS A 28 -1.15 3.69 -7.33
N GLU A 29 -1.49 2.79 -8.24
CA GLU A 29 -1.60 3.12 -9.65
C GLU A 29 -2.78 2.39 -10.26
N HIS A 30 -3.06 2.66 -11.52
CA HIS A 30 -4.17 2.02 -12.20
C HIS A 30 -3.65 1.05 -13.26
N ASP A 31 -4.28 -0.10 -13.37
CA ASP A 31 -3.87 -1.11 -14.32
C ASP A 31 -5.05 -1.52 -15.20
N GLU A 32 -5.76 -0.52 -15.72
CA GLU A 32 -6.86 -0.69 -16.66
C GLU A 32 -8.01 -1.50 -16.09
N LYS A 33 -7.90 -2.82 -16.15
CA LYS A 33 -8.94 -3.72 -15.66
C LYS A 33 -9.12 -3.51 -14.17
N GLY A 34 -8.01 -3.26 -13.50
CA GLY A 34 -8.01 -3.02 -12.08
C GLY A 34 -6.95 -2.03 -11.68
N ALA A 35 -6.19 -2.38 -10.67
CA ALA A 35 -5.14 -1.50 -10.16
C ALA A 35 -4.24 -2.26 -9.20
N MET A 36 -3.17 -1.61 -8.76
CA MET A 36 -2.28 -2.20 -7.78
C MET A 36 -2.53 -1.57 -6.41
N GLY A 37 -2.94 -2.38 -5.44
CA GLY A 37 -3.32 -1.85 -4.15
C GLY A 37 -2.76 -2.64 -2.99
N LEU A 38 -2.68 -2.00 -1.84
CA LEU A 38 -2.17 -2.61 -0.63
C LEU A 38 -3.17 -2.40 0.51
N VAL A 39 -3.42 -3.45 1.29
CA VAL A 39 -4.35 -3.37 2.42
C VAL A 39 -3.74 -2.56 3.56
N ILE A 40 -4.22 -1.34 3.72
CA ILE A 40 -3.61 -0.40 4.67
C ILE A 40 -4.37 -0.34 5.99
N ASN A 41 -5.36 -1.20 6.16
CA ASN A 41 -6.14 -1.18 7.40
C ASN A 41 -5.38 -1.86 8.52
N LYS A 42 -5.55 -3.17 8.65
CA LYS A 42 -4.84 -3.94 9.66
C LYS A 42 -5.28 -5.40 9.63
N PRO A 43 -4.46 -6.29 9.07
CA PRO A 43 -4.69 -7.72 9.12
C PRO A 43 -4.10 -8.32 10.39
N LEU A 44 -2.80 -8.61 10.36
CA LEU A 44 -2.09 -9.07 11.53
C LEU A 44 -0.76 -8.33 11.62
N GLY A 45 -0.12 -8.39 12.78
CA GLY A 45 1.16 -7.76 12.96
C GLY A 45 2.30 -8.74 12.77
N ILE A 46 3.06 -8.56 11.70
CA ILE A 46 4.15 -9.46 11.39
C ILE A 46 5.45 -8.96 12.02
N GLU A 47 5.95 -9.73 12.98
CA GLU A 47 7.19 -9.41 13.67
C GLU A 47 8.42 -9.73 12.84
N VAL A 48 9.56 -9.23 13.32
CA VAL A 48 10.85 -9.41 12.67
C VAL A 48 11.19 -10.89 12.49
N ASN A 49 10.61 -11.72 13.36
CA ASN A 49 10.84 -13.17 13.34
C ASN A 49 10.59 -13.74 11.95
N SER A 50 9.47 -13.36 11.35
CA SER A 50 9.09 -13.87 10.05
C SER A 50 9.92 -13.24 8.93
N LEU A 51 10.36 -11.99 9.15
CA LEU A 51 11.15 -11.29 8.15
C LEU A 51 12.50 -11.97 7.92
N LEU A 52 13.18 -12.30 9.01
CA LEU A 52 14.47 -12.98 8.91
C LEU A 52 14.27 -14.42 8.45
N GLU A 53 13.11 -14.98 8.79
CA GLU A 53 12.75 -16.33 8.36
C GLU A 53 12.48 -16.36 6.86
N GLN A 54 11.86 -15.29 6.36
CA GLN A 54 11.58 -15.13 4.94
C GLN A 54 12.87 -15.00 4.15
N MET A 55 13.84 -14.30 4.74
CA MET A 55 15.16 -14.17 4.13
C MET A 55 15.89 -15.51 4.17
N ASP A 56 15.83 -16.16 5.34
CA ASP A 56 16.45 -17.46 5.56
C ASP A 56 17.97 -17.34 5.38
N LEU A 57 18.66 -18.46 5.22
CA LEU A 57 20.10 -18.43 5.01
C LEU A 57 20.44 -18.93 3.61
N PRO A 58 20.69 -18.00 2.68
CA PRO A 58 21.10 -18.34 1.31
C PRO A 58 22.50 -18.92 1.28
N THR A 59 22.63 -20.04 0.59
CA THR A 59 23.92 -20.70 0.43
C THR A 59 24.81 -19.89 -0.49
N GLU A 60 24.27 -19.54 -1.65
CA GLU A 60 24.95 -18.65 -2.57
C GLU A 60 24.68 -17.21 -2.19
N GLN A 61 25.74 -16.51 -1.76
CA GLN A 61 25.65 -15.14 -1.28
C GLN A 61 24.90 -15.10 0.05
N VAL A 62 25.65 -15.27 1.13
CA VAL A 62 25.09 -15.34 2.48
C VAL A 62 24.41 -14.03 2.89
N SER A 63 23.49 -14.12 3.82
CA SER A 63 22.74 -12.95 4.27
C SER A 63 23.21 -12.51 5.65
N ALA A 64 23.26 -11.19 5.85
CA ALA A 64 23.60 -10.62 7.14
C ALA A 64 22.34 -10.09 7.79
N ASP A 65 22.32 -10.03 9.11
CA ASP A 65 21.13 -9.60 9.82
C ASP A 65 20.96 -8.07 9.75
N LEU A 66 19.87 -7.65 9.14
CA LEU A 66 19.50 -6.24 9.10
C LEU A 66 18.02 -6.10 9.44
N ALA A 67 17.43 -7.23 9.80
CA ALA A 67 15.98 -7.30 9.99
C ALA A 67 15.56 -6.65 11.31
N MET A 68 14.75 -5.61 11.20
CA MET A 68 14.12 -4.99 12.34
C MET A 68 12.65 -4.71 12.01
N GLY A 69 12.13 -5.50 11.06
CA GLY A 69 10.78 -5.30 10.59
C GLY A 69 9.73 -5.89 11.52
N SER A 70 9.59 -5.28 12.69
CA SER A 70 8.60 -5.68 13.66
C SER A 70 7.29 -4.92 13.44
N GLN A 71 7.13 -4.35 12.27
CA GLN A 71 5.98 -3.53 11.97
C GLN A 71 5.45 -3.85 10.57
N VAL A 72 5.67 -5.09 10.14
CA VAL A 72 5.31 -5.49 8.80
C VAL A 72 3.86 -5.98 8.74
N LEU A 73 3.15 -5.59 7.69
CA LEU A 73 1.77 -6.00 7.51
C LEU A 73 1.62 -7.00 6.38
N MET A 74 0.42 -7.52 6.22
CA MET A 74 0.11 -8.47 5.18
C MET A 74 -0.70 -7.80 4.08
N GLY A 75 -0.13 -7.71 2.88
CA GLY A 75 -0.85 -7.13 1.76
C GLY A 75 -1.63 -8.18 1.01
N GLY A 76 -1.08 -9.37 0.93
CA GLY A 76 -1.72 -10.46 0.24
C GLY A 76 -0.77 -11.62 0.02
N PRO A 77 -1.19 -12.86 0.30
CA PRO A 77 -0.33 -14.04 0.23
C PRO A 77 -0.18 -14.56 -1.21
N VAL A 78 0.02 -13.65 -2.13
CA VAL A 78 0.20 -14.03 -3.53
C VAL A 78 1.68 -14.21 -3.86
N SER A 79 1.96 -14.95 -4.92
CA SER A 79 3.32 -15.15 -5.39
C SER A 79 3.83 -13.90 -6.08
N GLN A 80 5.15 -13.80 -6.22
CA GLN A 80 5.79 -12.61 -6.76
C GLN A 80 5.46 -11.39 -5.91
N ASP A 81 5.37 -11.63 -4.60
CA ASP A 81 5.07 -10.59 -3.62
C ASP A 81 5.94 -9.36 -3.83
N ARG A 82 5.29 -8.19 -3.79
CA ARG A 82 5.95 -6.94 -4.08
C ARG A 82 6.38 -6.25 -2.80
N GLY A 83 7.68 -6.16 -2.58
CA GLY A 83 8.19 -5.49 -1.40
C GLY A 83 8.39 -4.00 -1.65
N PHE A 84 7.29 -3.26 -1.69
CA PHE A 84 7.37 -1.82 -1.91
C PHE A 84 6.97 -1.09 -0.63
N VAL A 85 7.70 -0.02 -0.33
CA VAL A 85 7.47 0.73 0.89
C VAL A 85 6.97 2.13 0.58
N LEU A 86 5.88 2.52 1.21
CA LEU A 86 5.32 3.83 1.00
C LEU A 86 5.47 4.67 2.26
N HIS A 87 5.60 5.98 2.09
CA HIS A 87 5.77 6.90 3.19
C HIS A 87 5.08 8.22 2.90
N THR A 88 5.04 9.09 3.88
CA THR A 88 4.42 10.39 3.74
C THR A 88 5.26 11.31 2.88
N SER A 89 4.63 12.34 2.34
CA SER A 89 5.34 13.34 1.54
C SER A 89 6.38 14.05 2.39
N GLN A 90 7.64 13.81 2.08
CA GLN A 90 8.73 14.32 2.88
C GLN A 90 9.75 15.01 1.97
N PRO A 91 10.30 16.17 2.40
CA PRO A 91 11.34 16.87 1.65
C PRO A 91 12.70 16.17 1.74
N TYR A 92 12.68 14.93 2.20
CA TYR A 92 13.89 14.13 2.36
C TYR A 92 13.64 12.72 1.84
N TRP A 93 14.62 11.83 2.07
CA TRP A 93 14.56 10.43 1.62
C TRP A 93 14.86 10.36 0.12
N ALA A 94 16.02 9.78 -0.20
CA ALA A 94 16.57 9.79 -1.56
C ALA A 94 15.57 9.30 -2.62
N ASN A 95 15.20 8.03 -2.54
CA ASN A 95 14.36 7.44 -3.59
C ASN A 95 12.89 7.53 -3.24
N SER A 96 12.21 8.47 -3.88
CA SER A 96 10.79 8.66 -3.68
C SER A 96 10.10 8.99 -5.01
N THR A 97 8.88 8.50 -5.17
CA THR A 97 8.11 8.74 -6.37
C THR A 97 6.73 9.32 -6.02
N GLU A 98 6.36 10.39 -6.71
CA GLU A 98 5.08 11.05 -6.50
C GLU A 98 4.18 10.83 -7.71
N LEU A 99 2.87 10.76 -7.48
CA LEU A 99 1.91 10.54 -8.55
C LEU A 99 1.28 11.87 -8.97
N GLY A 100 1.18 12.78 -8.01
CA GLY A 100 0.60 14.09 -8.28
C GLY A 100 1.02 15.09 -7.22
N SER A 101 0.34 15.05 -6.09
CA SER A 101 0.68 15.87 -4.93
C SER A 101 0.01 15.30 -3.68
N GLY A 102 0.69 14.37 -3.03
CA GLY A 102 0.10 13.77 -1.84
C GLY A 102 1.05 12.86 -1.09
N LEU A 103 1.50 11.78 -1.74
CA LEU A 103 2.29 10.77 -1.05
C LEU A 103 3.54 10.43 -1.81
N MET A 104 4.40 9.62 -1.21
CA MET A 104 5.66 9.25 -1.82
C MET A 104 5.94 7.75 -1.67
N LEU A 105 6.21 7.11 -2.80
CA LEU A 105 6.49 5.68 -2.83
C LEU A 105 7.97 5.41 -3.06
N THR A 106 8.48 4.36 -2.43
CA THR A 106 9.85 3.93 -2.64
C THR A 106 9.87 2.50 -3.18
N THR A 107 10.63 2.28 -4.25
CA THR A 107 10.67 0.99 -4.91
C THR A 107 11.52 -0.02 -4.14
N SER A 108 11.49 -1.26 -4.59
CA SER A 108 12.11 -2.38 -3.89
C SER A 108 13.64 -2.34 -4.00
N ARG A 109 14.28 -3.26 -3.28
CA ARG A 109 15.73 -3.40 -3.23
C ARG A 109 16.37 -2.25 -2.44
N ASP A 110 16.32 -1.05 -3.01
CA ASP A 110 16.96 0.11 -2.41
C ASP A 110 16.43 0.39 -1.02
N VAL A 111 15.12 0.39 -0.89
CA VAL A 111 14.49 0.72 0.39
C VAL A 111 14.92 -0.24 1.50
N LEU A 112 15.22 -1.49 1.15
CA LEU A 112 15.62 -2.48 2.16
C LEU A 112 16.95 -2.09 2.77
N THR A 113 17.94 -1.82 1.93
CA THR A 113 19.26 -1.45 2.40
C THR A 113 19.25 -0.02 2.96
N ALA A 114 18.27 0.77 2.51
CA ALA A 114 18.09 2.12 3.02
C ALA A 114 17.61 2.09 4.48
N ILE A 115 16.97 1.00 4.88
CA ILE A 115 16.55 0.83 6.26
C ILE A 115 17.77 0.74 7.17
N GLY A 116 18.87 0.26 6.62
CA GLY A 116 20.11 0.17 7.36
C GLY A 116 20.88 1.47 7.35
N SER A 117 20.27 2.52 6.81
CA SER A 117 20.89 3.83 6.77
C SER A 117 20.17 4.75 7.76
N LYS A 118 20.73 4.88 8.96
CA LYS A 118 20.20 5.73 10.01
C LYS A 118 18.89 5.15 10.58
N ARG A 119 17.77 5.43 9.92
CA ARG A 119 16.48 4.91 10.36
C ARG A 119 15.36 5.29 9.41
N SER A 120 14.80 6.48 9.59
CA SER A 120 13.65 6.91 8.80
C SER A 120 13.49 8.43 8.85
N PRO A 121 12.91 9.02 7.78
CA PRO A 121 12.62 10.46 7.74
C PRO A 121 11.49 10.84 8.70
N ASP A 122 10.46 10.01 8.75
CA ASP A 122 9.34 10.20 9.66
C ASP A 122 8.67 8.86 9.93
N LYS A 123 7.79 8.45 9.04
CA LYS A 123 7.15 7.15 9.15
C LYS A 123 7.02 6.52 7.77
N PHE A 124 6.73 5.23 7.77
CA PHE A 124 6.61 4.46 6.54
C PHE A 124 5.88 3.16 6.85
N LEU A 125 5.47 2.44 5.83
CA LEU A 125 4.83 1.16 6.05
C LEU A 125 5.46 0.09 5.18
N VAL A 126 5.58 -1.11 5.74
CA VAL A 126 6.14 -2.25 5.02
C VAL A 126 5.17 -3.41 5.09
N ALA A 127 4.81 -3.95 3.93
CA ALA A 127 3.91 -5.08 3.88
C ALA A 127 4.37 -6.06 2.80
N LEU A 128 4.11 -7.34 3.03
CA LEU A 128 4.46 -8.36 2.06
C LEU A 128 3.26 -8.71 1.17
N GLY A 129 3.52 -8.79 -0.12
CA GLY A 129 2.46 -9.08 -1.06
C GLY A 129 1.60 -7.87 -1.35
N TYR A 130 0.48 -8.11 -2.02
CA TYR A 130 -0.45 -7.04 -2.34
C TYR A 130 -1.84 -7.62 -2.57
N ALA A 131 -2.79 -6.75 -2.88
CA ALA A 131 -4.16 -7.17 -3.13
C ALA A 131 -4.23 -7.96 -4.43
N GLY A 132 -4.21 -9.27 -4.31
CA GLY A 132 -4.16 -10.12 -5.47
C GLY A 132 -5.52 -10.47 -6.04
N TRP A 133 -6.17 -9.49 -6.65
CA TRP A 133 -7.45 -9.70 -7.34
C TRP A 133 -7.30 -10.77 -8.42
N SER A 134 -6.08 -10.89 -8.94
CA SER A 134 -5.76 -11.87 -9.97
C SER A 134 -6.23 -13.28 -9.60
N LYS A 135 -6.00 -13.66 -8.35
CA LYS A 135 -6.42 -14.97 -7.85
C LYS A 135 -7.94 -15.06 -7.75
N ASN A 136 -8.59 -13.95 -7.45
CA ASN A 136 -10.04 -13.90 -7.34
C ASN A 136 -10.70 -14.12 -8.70
N GLN A 137 -10.56 -13.12 -9.55
CA GLN A 137 -11.19 -13.12 -10.87
C GLN A 137 -10.48 -12.05 -11.70
N LEU A 138 -9.15 -12.04 -11.56
CA LEU A 138 -8.29 -11.02 -12.16
C LEU A 138 -8.59 -9.64 -11.58
N GLU A 139 -7.74 -8.68 -11.91
CA GLU A 139 -7.93 -7.29 -11.50
C GLU A 139 -9.30 -6.78 -11.93
N GLN A 140 -9.82 -7.37 -13.01
CA GLN A 140 -11.10 -7.00 -13.58
C GLN A 140 -12.24 -7.11 -12.56
N GLU A 141 -12.12 -8.06 -11.64
CA GLU A 141 -13.17 -8.30 -10.64
C GLU A 141 -13.45 -7.04 -9.83
N LEU A 142 -12.42 -6.25 -9.63
CA LEU A 142 -12.50 -5.04 -8.81
C LEU A 142 -13.52 -4.07 -9.40
N ALA A 143 -13.71 -4.12 -10.70
CA ALA A 143 -14.67 -3.25 -11.37
C ALA A 143 -16.10 -3.68 -11.06
N ASP A 144 -16.39 -4.96 -11.29
CA ASP A 144 -17.75 -5.46 -11.11
C ASP A 144 -18.08 -5.69 -9.64
N ASN A 145 -17.06 -5.90 -8.82
CA ASN A 145 -17.27 -6.16 -7.39
C ASN A 145 -17.88 -4.93 -6.71
N SER A 146 -17.55 -3.76 -7.25
CA SER A 146 -18.21 -2.51 -6.87
C SER A 146 -17.75 -2.00 -5.50
N TRP A 147 -16.52 -2.33 -5.09
CA TRP A 147 -15.95 -1.79 -3.85
C TRP A 147 -16.08 -0.26 -3.81
N LEU A 148 -16.25 0.29 -2.61
CA LEU A 148 -16.43 1.73 -2.48
C LEU A 148 -15.08 2.43 -2.58
N THR A 149 -15.08 3.62 -3.19
CA THR A 149 -13.84 4.33 -3.43
C THR A 149 -13.95 5.81 -3.06
N ILE A 150 -12.93 6.32 -2.39
CA ILE A 150 -12.84 7.74 -2.06
C ILE A 150 -11.43 8.23 -2.36
N PRO A 151 -11.21 9.56 -2.38
CA PRO A 151 -9.88 10.14 -2.56
C PRO A 151 -8.96 9.79 -1.38
N ALA A 152 -7.67 9.68 -1.66
CA ALA A 152 -6.71 9.35 -0.62
C ALA A 152 -6.29 10.57 0.20
N ASP A 153 -6.05 10.36 1.49
CA ASP A 153 -5.61 11.41 2.38
C ASP A 153 -4.33 10.99 3.09
N HIS A 154 -3.35 11.89 3.13
CA HIS A 154 -2.04 11.62 3.72
C HIS A 154 -2.11 11.16 5.17
N ALA A 155 -3.01 11.77 5.95
CA ALA A 155 -3.07 11.50 7.38
C ALA A 155 -3.94 10.29 7.66
N LEU A 156 -5.03 10.18 6.90
CA LEU A 156 -6.00 9.12 7.08
C LEU A 156 -5.37 7.75 6.81
N LEU A 157 -4.40 7.72 5.91
CA LEU A 157 -3.75 6.49 5.51
C LEU A 157 -2.83 5.97 6.61
N PHE A 158 -1.86 6.79 6.98
CA PHE A 158 -0.78 6.35 7.86
C PHE A 158 -1.05 6.62 9.34
N ASP A 159 -1.48 7.82 9.66
CA ASP A 159 -1.45 8.29 11.05
C ASP A 159 -2.77 8.04 11.78
N ILE A 160 -3.87 8.44 11.16
CA ILE A 160 -5.17 8.32 11.81
C ILE A 160 -5.56 6.86 12.00
N ASN A 161 -5.78 6.48 13.24
CA ASN A 161 -6.12 5.10 13.60
C ASN A 161 -7.26 5.07 14.60
N HIS A 162 -7.32 4.02 15.40
CA HIS A 162 -8.32 3.90 16.47
C HIS A 162 -9.73 3.75 15.90
N GLU A 163 -9.83 3.02 14.78
CA GLU A 163 -11.12 2.62 14.19
C GLU A 163 -11.89 3.79 13.55
N ASP A 164 -11.86 4.94 14.20
CA ASP A 164 -12.69 6.09 13.81
C ASP A 164 -12.41 6.57 12.39
N ARG A 165 -11.24 6.20 11.85
CA ARG A 165 -10.89 6.61 10.49
C ARG A 165 -11.82 5.96 9.47
N TRP A 166 -12.47 4.86 9.83
CA TRP A 166 -13.45 4.22 8.98
C TRP A 166 -14.66 5.15 8.86
N GLN A 167 -15.00 5.78 9.99
CA GLN A 167 -16.11 6.71 10.04
C GLN A 167 -15.82 7.90 9.11
N GLN A 168 -14.63 8.48 9.23
CA GLN A 168 -14.20 9.57 8.35
C GLN A 168 -14.37 9.17 6.90
N ALA A 169 -13.79 8.03 6.55
CA ALA A 169 -13.79 7.55 5.17
C ALA A 169 -15.21 7.33 4.65
N SER A 170 -16.02 6.58 5.39
CA SER A 170 -17.35 6.22 4.95
C SER A 170 -18.28 7.44 4.91
N ARG A 171 -18.01 8.41 5.77
CA ARG A 171 -18.85 9.61 5.85
C ARG A 171 -18.45 10.62 4.75
N SER A 172 -17.16 10.70 4.46
CA SER A 172 -16.67 11.67 3.48
C SER A 172 -16.75 11.11 2.07
N LEU A 173 -17.97 10.90 1.59
CA LEU A 173 -18.18 10.43 0.23
C LEU A 173 -18.21 11.62 -0.73
N GLY A 174 -17.07 11.91 -1.32
CA GLY A 174 -16.98 13.01 -2.26
C GLY A 174 -15.84 12.86 -3.22
N PHE A 175 -16.15 12.44 -4.44
CA PHE A 175 -15.15 12.32 -5.50
C PHE A 175 -14.70 13.69 -5.96
N GLU A 176 -13.50 14.08 -5.58
CA GLU A 176 -13.00 15.41 -5.92
C GLU A 176 -11.57 15.33 -6.44
N ALA A 177 -11.45 15.17 -7.75
CA ALA A 177 -10.16 15.11 -8.42
C ALA A 177 -10.37 15.18 -9.93
N TRP A 178 -10.25 16.38 -10.48
CA TRP A 178 -10.57 16.60 -11.88
C TRP A 178 -9.33 17.05 -12.65
N GLN A 179 -9.32 16.75 -13.94
CA GLN A 179 -8.25 17.19 -14.83
C GLN A 179 -8.79 18.19 -15.83
N LEU A 180 -8.24 19.39 -15.83
CA LEU A 180 -8.71 20.46 -16.70
C LEU A 180 -7.89 20.52 -17.98
N SER A 181 -8.38 21.29 -18.94
CA SER A 181 -7.70 21.44 -20.21
C SER A 181 -6.75 22.63 -20.17
N THR A 182 -5.45 22.35 -20.17
CA THR A 182 -4.43 23.38 -20.19
C THR A 182 -4.54 24.22 -21.46
N GLN A 183 -4.87 23.56 -22.56
CA GLN A 183 -5.15 24.21 -23.82
C GLN A 183 -6.39 23.59 -24.43
N ALA A 184 -7.44 24.39 -24.59
CA ALA A 184 -8.70 23.92 -25.16
C ALA A 184 -8.74 24.17 -26.66
N GLY A 185 -7.68 24.75 -27.19
CA GLY A 185 -7.60 25.02 -28.60
C GLY A 185 -7.80 26.49 -28.90
N HIS A 186 -7.91 26.84 -30.16
CA HIS A 186 -8.08 28.22 -30.57
C HIS A 186 -9.20 28.33 -31.59
N ALA A 187 -10.25 29.07 -31.24
CA ALA A 187 -11.37 29.25 -32.14
C ALA A 187 -11.27 30.59 -32.86
N MET A 1 -12.33 -0.98 -19.14
CA MET A 1 -12.24 -0.22 -17.88
C MET A 1 -11.31 -0.93 -16.92
N GLU A 2 -10.13 -0.36 -16.74
CA GLU A 2 -9.10 -0.96 -15.91
C GLU A 2 -8.16 0.12 -15.39
N SER A 3 -7.28 -0.25 -14.47
CA SER A 3 -6.35 0.68 -13.84
C SER A 3 -7.11 1.70 -12.99
N LEU A 4 -7.47 1.28 -11.78
CA LEU A 4 -8.19 2.14 -10.86
C LEU A 4 -7.32 3.33 -10.46
N GLN A 5 -6.02 3.08 -10.31
CA GLN A 5 -5.01 4.12 -10.14
C GLN A 5 -5.15 4.86 -8.79
N ASN A 6 -4.29 4.48 -7.84
CA ASN A 6 -4.15 5.19 -6.55
C ASN A 6 -5.43 5.11 -5.70
N HIS A 7 -5.49 5.96 -4.67
CA HIS A 7 -6.63 6.10 -3.73
C HIS A 7 -7.00 4.78 -3.02
N PHE A 8 -7.94 4.89 -2.09
CA PHE A 8 -8.31 3.77 -1.22
C PHE A 8 -9.56 3.05 -1.73
N LEU A 9 -9.84 1.93 -1.07
CA LEU A 9 -11.07 1.17 -1.29
C LEU A 9 -11.67 0.74 0.03
N ILE A 10 -12.96 1.03 0.22
CA ILE A 10 -13.69 0.55 1.37
C ILE A 10 -14.73 -0.45 0.91
N ALA A 11 -15.31 -1.20 1.86
CA ALA A 11 -16.24 -2.26 1.50
C ALA A 11 -17.26 -2.51 2.59
N MET A 12 -18.28 -3.28 2.27
CA MET A 12 -19.32 -3.63 3.22
C MET A 12 -18.95 -4.94 3.91
N PRO A 13 -19.45 -5.17 5.14
CA PRO A 13 -19.19 -6.40 5.89
C PRO A 13 -20.04 -7.57 5.38
N SER A 14 -20.14 -7.68 4.07
CA SER A 14 -20.92 -8.73 3.44
C SER A 14 -20.01 -9.63 2.60
N LEU A 15 -18.82 -9.11 2.29
CA LEU A 15 -17.89 -9.80 1.42
C LEU A 15 -16.86 -10.60 2.22
N ASP A 16 -16.64 -10.19 3.46
CA ASP A 16 -15.55 -10.75 4.24
C ASP A 16 -15.92 -12.10 4.83
N ASP A 17 -15.47 -13.16 4.19
CA ASP A 17 -15.73 -14.52 4.65
C ASP A 17 -14.44 -15.22 5.07
N THR A 18 -13.32 -14.64 4.67
CA THR A 18 -12.02 -15.27 4.91
C THR A 18 -11.09 -14.32 5.65
N PHE A 19 -11.66 -13.24 6.19
CA PHE A 19 -10.90 -12.19 6.87
C PHE A 19 -9.85 -11.58 5.94
N PHE A 20 -10.34 -10.78 5.01
CA PHE A 20 -9.50 -10.07 4.06
C PHE A 20 -10.22 -8.85 3.53
N GLU A 21 -11.50 -9.03 3.21
CA GLU A 21 -12.34 -7.96 2.68
C GLU A 21 -12.82 -7.04 3.79
N ARG A 22 -13.77 -6.16 3.44
CA ARG A 22 -14.49 -5.33 4.41
C ARG A 22 -13.64 -4.18 4.95
N THR A 23 -12.38 -4.16 4.59
CA THR A 23 -11.47 -3.17 5.14
C THR A 23 -10.95 -2.22 4.06
N VAL A 24 -9.73 -1.71 4.22
CA VAL A 24 -9.22 -0.67 3.30
C VAL A 24 -7.99 -1.14 2.55
N ILE A 25 -8.05 -1.02 1.23
CA ILE A 25 -6.94 -1.34 0.35
C ILE A 25 -6.48 -0.06 -0.36
N TYR A 26 -5.16 0.11 -0.50
CA TYR A 26 -4.61 1.29 -1.15
C TYR A 26 -3.86 0.90 -2.42
N LEU A 27 -4.24 1.49 -3.55
CA LEU A 27 -3.60 1.20 -4.83
C LEU A 27 -2.49 2.19 -5.11
N CYS A 28 -1.51 1.77 -5.92
CA CYS A 28 -0.38 2.63 -6.22
C CYS A 28 0.08 2.46 -7.67
N GLU A 29 0.38 1.24 -8.07
CA GLU A 29 0.98 1.01 -9.38
C GLU A 29 -0.02 0.42 -10.35
N HIS A 30 0.46 0.14 -11.56
CA HIS A 30 -0.40 -0.31 -12.65
C HIS A 30 0.40 -1.12 -13.67
N ASP A 31 -0.19 -2.22 -14.15
CA ASP A 31 0.43 -3.03 -15.19
C ASP A 31 -0.56 -4.01 -15.82
N GLU A 32 -0.41 -5.31 -15.54
CA GLU A 32 -1.10 -6.35 -16.29
C GLU A 32 -2.60 -6.34 -16.03
N LYS A 33 -2.98 -6.43 -14.77
CA LYS A 33 -4.38 -6.50 -14.41
C LYS A 33 -5.01 -5.11 -14.33
N GLY A 34 -4.24 -4.10 -14.71
CA GLY A 34 -4.69 -2.74 -14.57
C GLY A 34 -3.91 -2.03 -13.50
N ALA A 35 -4.50 -1.85 -12.33
CA ALA A 35 -3.79 -1.26 -11.21
C ALA A 35 -3.66 -2.26 -10.07
N MET A 36 -2.67 -2.07 -9.22
CA MET A 36 -2.47 -2.96 -8.08
C MET A 36 -2.46 -2.19 -6.78
N GLY A 37 -2.92 -2.84 -5.72
CA GLY A 37 -3.00 -2.20 -4.43
C GLY A 37 -2.66 -3.15 -3.30
N LEU A 38 -2.40 -2.59 -2.13
CA LEU A 38 -1.99 -3.37 -0.97
C LEU A 38 -2.98 -3.14 0.17
N VAL A 39 -3.34 -4.21 0.86
CA VAL A 39 -4.25 -4.12 1.99
C VAL A 39 -3.52 -3.56 3.20
N ILE A 40 -3.84 -2.33 3.57
CA ILE A 40 -3.07 -1.62 4.60
C ILE A 40 -3.40 -2.12 6.00
N ASN A 41 -4.63 -2.57 6.20
CA ASN A 41 -5.07 -3.02 7.51
C ASN A 41 -5.96 -4.25 7.39
N LYS A 42 -5.44 -5.40 7.82
CA LYS A 42 -6.21 -6.65 7.90
C LYS A 42 -5.30 -7.82 8.30
N PRO A 43 -4.23 -8.11 7.53
CA PRO A 43 -3.33 -9.23 7.83
C PRO A 43 -2.45 -8.96 9.05
N LEU A 44 -1.45 -9.81 9.24
CA LEU A 44 -0.61 -9.73 10.44
C LEU A 44 0.70 -9.00 10.16
N GLY A 45 1.50 -8.83 11.20
CA GLY A 45 2.75 -8.13 11.06
C GLY A 45 3.94 -9.07 11.08
N ILE A 46 5.05 -8.60 10.53
CA ILE A 46 6.27 -9.38 10.46
C ILE A 46 7.36 -8.72 11.28
N GLU A 47 7.97 -9.50 12.16
CA GLU A 47 9.03 -9.01 13.03
C GLU A 47 10.38 -9.11 12.34
N VAL A 48 11.35 -8.36 12.82
CA VAL A 48 12.69 -8.35 12.21
C VAL A 48 13.32 -9.75 12.25
N ASN A 49 12.98 -10.52 13.27
CA ASN A 49 13.51 -11.86 13.42
C ASN A 49 13.04 -12.76 12.28
N SER A 50 11.79 -12.57 11.87
CA SER A 50 11.23 -13.35 10.78
C SER A 50 11.96 -13.01 9.48
N LEU A 51 12.31 -11.74 9.34
CA LEU A 51 12.99 -11.26 8.14
C LEU A 51 14.40 -11.82 8.02
N LEU A 52 15.18 -11.71 9.08
CA LEU A 52 16.57 -12.14 9.05
C LEU A 52 16.70 -13.65 8.83
N GLU A 53 15.72 -14.42 9.32
CA GLU A 53 15.75 -15.87 9.13
C GLU A 53 15.50 -16.23 7.67
N GLN A 54 14.51 -15.59 7.05
CA GLN A 54 14.20 -15.89 5.65
C GLN A 54 15.23 -15.24 4.72
N MET A 55 15.87 -14.17 5.19
CA MET A 55 16.96 -13.54 4.46
C MET A 55 18.19 -14.44 4.49
N ASP A 56 18.26 -15.24 5.56
CA ASP A 56 19.29 -16.26 5.74
C ASP A 56 20.62 -15.67 6.21
N LEU A 57 21.13 -14.68 5.48
CA LEU A 57 22.37 -14.03 5.87
C LEU A 57 22.53 -12.69 5.17
N PRO A 58 23.26 -11.74 5.80
CA PRO A 58 23.62 -10.48 5.16
C PRO A 58 24.70 -10.68 4.11
N THR A 59 24.45 -10.19 2.91
CA THR A 59 25.36 -10.40 1.78
C THR A 59 26.42 -9.30 1.74
N GLU A 60 27.57 -9.63 1.14
CA GLU A 60 28.68 -8.69 0.96
C GLU A 60 29.30 -8.27 2.29
N GLN A 61 30.26 -7.36 2.23
CA GLN A 61 31.04 -6.97 3.40
C GLN A 61 30.38 -5.80 4.13
N VAL A 62 30.54 -5.78 5.45
CA VAL A 62 30.01 -4.72 6.30
C VAL A 62 28.50 -4.58 6.12
N SER A 63 27.75 -5.43 6.79
CA SER A 63 26.30 -5.43 6.67
C SER A 63 25.65 -5.98 7.93
N ALA A 64 24.90 -5.13 8.62
CA ALA A 64 24.15 -5.55 9.79
C ALA A 64 22.67 -5.58 9.46
N ASP A 65 22.23 -6.72 8.93
CA ASP A 65 20.88 -6.86 8.40
C ASP A 65 20.65 -5.90 7.24
N LEU A 66 19.41 -5.81 6.79
CA LEU A 66 19.05 -4.85 5.75
C LEU A 66 17.75 -4.15 6.11
N ALA A 67 16.80 -4.90 6.62
CA ALA A 67 15.53 -4.34 7.07
C ALA A 67 15.41 -4.44 8.57
N MET A 68 16.00 -3.49 9.27
CA MET A 68 16.00 -3.49 10.72
C MET A 68 14.71 -2.87 11.25
N GLY A 69 13.73 -3.71 11.49
CA GLY A 69 12.47 -3.25 12.04
C GLY A 69 11.45 -4.36 12.12
N SER A 70 10.66 -4.37 13.17
CA SER A 70 9.62 -5.36 13.36
C SER A 70 8.26 -4.76 13.01
N GLN A 71 8.28 -3.69 12.22
CA GLN A 71 7.06 -3.00 11.84
C GLN A 71 6.75 -3.29 10.37
N VAL A 72 6.87 -4.55 10.01
CA VAL A 72 6.57 -4.99 8.65
C VAL A 72 5.17 -5.56 8.59
N LEU A 73 4.49 -5.39 7.46
CA LEU A 73 3.17 -5.95 7.26
C LEU A 73 3.15 -6.82 6.03
N MET A 74 2.34 -7.86 6.07
CA MET A 74 2.21 -8.78 4.94
C MET A 74 0.99 -8.41 4.11
N GLY A 75 1.23 -7.84 2.93
CA GLY A 75 0.14 -7.47 2.06
C GLY A 75 -0.45 -8.68 1.35
N GLY A 76 0.41 -9.54 0.85
CA GLY A 76 -0.06 -10.77 0.23
C GLY A 76 0.75 -11.15 -1.00
N PRO A 77 1.88 -11.86 -0.83
CA PRO A 77 2.65 -12.36 -1.96
C PRO A 77 1.95 -13.53 -2.65
N VAL A 78 1.04 -13.20 -3.55
CA VAL A 78 0.30 -14.21 -4.30
C VAL A 78 1.06 -14.61 -5.56
N SER A 79 1.83 -15.70 -5.46
CA SER A 79 2.67 -16.19 -6.55
C SER A 79 3.90 -15.29 -6.73
N GLN A 80 3.67 -13.99 -6.80
CA GLN A 80 4.76 -13.02 -6.83
C GLN A 80 4.67 -12.14 -5.59
N ASP A 81 5.79 -11.61 -5.14
CA ASP A 81 5.80 -10.77 -3.96
C ASP A 81 5.54 -9.32 -4.34
N ARG A 82 6.61 -8.59 -4.66
CA ARG A 82 6.50 -7.20 -5.10
C ARG A 82 5.88 -6.35 -3.97
N GLY A 83 5.38 -5.16 -4.30
CA GLY A 83 4.73 -4.35 -3.30
C GLY A 83 5.31 -2.95 -3.25
N PHE A 84 4.97 -2.22 -2.21
CA PHE A 84 5.43 -0.85 -2.04
C PHE A 84 5.41 -0.47 -0.57
N VAL A 85 6.53 0.07 -0.10
CA VAL A 85 6.66 0.53 1.26
C VAL A 85 6.14 1.95 1.38
N LEU A 86 5.25 2.17 2.33
CA LEU A 86 4.53 3.42 2.43
C LEU A 86 5.19 4.35 3.45
N HIS A 87 5.40 5.59 3.03
CA HIS A 87 5.92 6.62 3.92
C HIS A 87 5.39 7.97 3.50
N THR A 88 5.67 8.98 4.31
CA THR A 88 5.24 10.32 4.03
C THR A 88 6.15 10.97 2.99
N SER A 89 5.75 12.14 2.50
CA SER A 89 6.51 12.87 1.50
C SER A 89 7.89 13.25 2.06
N GLN A 90 8.93 12.98 1.28
CA GLN A 90 10.30 13.22 1.72
C GLN A 90 11.02 14.20 0.81
N PRO A 91 11.96 14.96 1.37
CA PRO A 91 12.84 15.83 0.60
C PRO A 91 13.93 15.02 -0.11
N TYR A 92 13.56 14.47 -1.27
CA TYR A 92 14.46 13.64 -2.08
C TYR A 92 14.71 12.26 -1.45
N TRP A 93 15.18 11.34 -2.30
CA TRP A 93 15.36 9.95 -1.94
C TRP A 93 15.97 9.23 -3.15
N ALA A 94 16.16 7.92 -3.05
CA ALA A 94 16.66 7.15 -4.19
C ALA A 94 15.53 6.89 -5.17
N ASN A 95 14.58 6.06 -4.78
CA ASN A 95 13.41 5.79 -5.60
C ASN A 95 12.13 6.12 -4.84
N SER A 96 11.35 7.04 -5.38
CA SER A 96 10.07 7.40 -4.80
C SER A 96 9.11 7.80 -5.89
N THR A 97 7.88 7.33 -5.77
CA THR A 97 6.86 7.58 -6.77
C THR A 97 5.50 7.75 -6.11
N GLU A 98 4.87 8.87 -6.40
CA GLU A 98 3.52 9.12 -5.94
C GLU A 98 2.77 9.89 -7.01
N LEU A 99 1.46 9.79 -7.02
CA LEU A 99 0.64 10.38 -8.07
C LEU A 99 0.07 11.71 -7.60
N GLY A 100 -0.35 11.76 -6.35
CA GLY A 100 -0.90 12.99 -5.80
C GLY A 100 0.16 13.85 -5.15
N SER A 101 1.31 13.24 -4.89
CA SER A 101 2.44 13.92 -4.26
C SER A 101 2.08 14.35 -2.83
N GLY A 102 1.18 13.60 -2.22
CA GLY A 102 0.82 13.87 -0.83
C GLY A 102 1.64 13.02 0.11
N LEU A 103 1.87 11.78 -0.29
CA LEU A 103 2.76 10.88 0.40
C LEU A 103 3.83 10.43 -0.58
N MET A 104 4.48 9.30 -0.32
CA MET A 104 5.40 8.72 -1.29
C MET A 104 5.60 7.24 -1.03
N LEU A 105 5.52 6.46 -2.11
CA LEU A 105 5.71 5.04 -2.04
C LEU A 105 7.08 4.67 -2.60
N THR A 106 7.70 3.67 -2.00
CA THR A 106 8.97 3.16 -2.48
C THR A 106 8.89 1.65 -2.66
N THR A 107 9.21 1.19 -3.85
CA THR A 107 9.07 -0.22 -4.20
C THR A 107 10.10 -1.10 -3.50
N SER A 108 9.95 -2.40 -3.67
CA SER A 108 10.82 -3.40 -3.06
C SER A 108 12.29 -3.18 -3.45
N ARG A 109 13.19 -3.79 -2.66
CA ARG A 109 14.64 -3.71 -2.89
C ARG A 109 15.21 -2.35 -2.49
N ASP A 110 14.80 -1.29 -3.18
CA ASP A 110 15.37 0.04 -2.95
C ASP A 110 15.23 0.47 -1.50
N VAL A 111 13.99 0.49 -1.01
CA VAL A 111 13.72 0.91 0.35
C VAL A 111 14.26 -0.11 1.37
N LEU A 112 14.31 -1.38 0.97
CA LEU A 112 14.76 -2.43 1.88
C LEU A 112 16.19 -2.20 2.33
N THR A 113 17.10 -1.99 1.39
CA THR A 113 18.48 -1.69 1.73
C THR A 113 18.59 -0.29 2.31
N ALA A 114 17.62 0.54 1.99
CA ALA A 114 17.58 1.91 2.47
C ALA A 114 17.14 1.99 3.93
N ILE A 115 16.60 0.90 4.46
CA ILE A 115 16.25 0.85 5.87
C ILE A 115 17.51 0.93 6.74
N GLY A 116 18.60 0.37 6.22
CA GLY A 116 19.88 0.48 6.89
C GLY A 116 20.51 1.84 6.66
N SER A 117 19.87 2.64 5.82
CA SER A 117 20.31 3.99 5.53
C SER A 117 19.15 4.95 5.78
N LYS A 118 18.37 4.63 6.81
CA LYS A 118 17.11 5.33 7.11
C LYS A 118 17.31 6.84 7.21
N ARG A 119 16.49 7.58 6.46
CA ARG A 119 16.55 9.03 6.50
C ARG A 119 15.50 9.59 7.47
N SER A 120 14.57 8.72 7.88
CA SER A 120 13.47 9.07 8.81
C SER A 120 12.63 10.26 8.31
N PRO A 121 11.42 9.98 7.80
CA PRO A 121 10.49 11.01 7.34
C PRO A 121 9.47 11.43 8.42
N ASP A 122 8.40 10.64 8.54
CA ASP A 122 7.32 10.92 9.47
C ASP A 122 6.62 9.62 9.81
N LYS A 123 5.83 9.13 8.87
CA LYS A 123 5.27 7.80 8.96
C LYS A 123 6.11 6.86 8.10
N PHE A 124 5.99 5.58 8.37
CA PHE A 124 6.78 4.57 7.69
C PHE A 124 6.42 3.18 8.15
N LEU A 125 6.16 2.28 7.21
CA LEU A 125 5.94 0.89 7.49
C LEU A 125 6.37 0.06 6.30
N VAL A 126 6.92 -1.11 6.55
CA VAL A 126 7.39 -1.98 5.48
C VAL A 126 6.30 -2.97 5.12
N ALA A 127 6.02 -3.11 3.83
CA ALA A 127 4.97 -4.01 3.38
C ALA A 127 5.40 -4.76 2.14
N LEU A 128 5.11 -6.05 2.10
CA LEU A 128 5.44 -6.89 0.97
C LEU A 128 4.20 -7.58 0.42
N GLY A 129 4.18 -7.83 -0.88
CA GLY A 129 3.01 -8.42 -1.51
C GLY A 129 1.94 -7.40 -1.80
N TYR A 130 0.77 -7.87 -2.24
CA TYR A 130 -0.34 -6.98 -2.54
C TYR A 130 -1.66 -7.75 -2.59
N ALA A 131 -2.73 -7.07 -2.96
CA ALA A 131 -4.06 -7.67 -3.03
C ALA A 131 -4.10 -8.79 -4.07
N GLY A 132 -4.81 -9.85 -3.74
CA GLY A 132 -4.80 -11.05 -4.56
C GLY A 132 -5.69 -10.98 -5.79
N TRP A 133 -5.92 -9.77 -6.31
CA TRP A 133 -6.72 -9.60 -7.52
C TRP A 133 -5.99 -10.24 -8.71
N SER A 134 -4.67 -10.19 -8.65
CA SER A 134 -3.82 -10.80 -9.67
C SER A 134 -4.13 -12.28 -9.82
N LYS A 135 -4.36 -12.91 -8.68
CA LYS A 135 -4.68 -14.34 -8.63
C LYS A 135 -6.02 -14.63 -9.32
N ASN A 136 -6.89 -13.64 -9.39
CA ASN A 136 -8.19 -13.81 -10.00
C ASN A 136 -8.14 -13.52 -11.49
N GLN A 137 -8.16 -12.25 -11.86
CA GLN A 137 -8.13 -11.89 -13.27
C GLN A 137 -7.69 -10.44 -13.50
N LEU A 138 -8.61 -9.50 -13.30
CA LEU A 138 -8.35 -8.10 -13.63
C LEU A 138 -9.40 -7.17 -13.01
N GLU A 139 -9.28 -5.87 -13.29
CA GLU A 139 -10.04 -4.82 -12.60
C GLU A 139 -11.55 -5.07 -12.53
N GLN A 140 -12.09 -5.78 -13.53
CA GLN A 140 -13.52 -6.06 -13.59
C GLN A 140 -14.04 -6.71 -12.31
N GLU A 141 -13.23 -7.61 -11.74
CA GLU A 141 -13.62 -8.36 -10.53
C GLU A 141 -13.91 -7.40 -9.39
N LEU A 142 -13.20 -6.28 -9.37
CA LEU A 142 -13.35 -5.28 -8.32
C LEU A 142 -14.67 -4.56 -8.47
N ALA A 143 -15.07 -4.32 -9.73
CA ALA A 143 -16.29 -3.59 -10.03
C ALA A 143 -17.52 -4.36 -9.56
N ASP A 144 -17.59 -5.65 -9.90
CA ASP A 144 -18.74 -6.46 -9.51
C ASP A 144 -18.68 -6.85 -8.03
N ASN A 145 -17.48 -6.77 -7.46
CA ASN A 145 -17.29 -7.05 -6.04
C ASN A 145 -17.92 -5.92 -5.20
N SER A 146 -17.95 -4.71 -5.79
CA SER A 146 -18.67 -3.57 -5.23
C SER A 146 -17.90 -2.82 -4.16
N TRP A 147 -16.58 -2.88 -4.18
CA TRP A 147 -15.76 -2.02 -3.32
C TRP A 147 -15.96 -0.56 -3.72
N LEU A 148 -15.87 0.34 -2.77
CA LEU A 148 -16.11 1.75 -3.03
C LEU A 148 -14.79 2.52 -3.11
N THR A 149 -14.75 3.50 -3.99
CA THR A 149 -13.54 4.25 -4.25
C THR A 149 -13.51 5.56 -3.47
N ILE A 150 -12.44 5.77 -2.73
CA ILE A 150 -12.25 7.01 -1.97
C ILE A 150 -10.83 7.53 -2.12
N PRO A 151 -10.67 8.86 -2.30
CA PRO A 151 -9.35 9.50 -2.43
C PRO A 151 -8.43 9.23 -1.23
N ALA A 152 -7.13 9.41 -1.43
CA ALA A 152 -6.14 9.08 -0.42
C ALA A 152 -5.64 10.31 0.32
N ASP A 153 -5.19 10.10 1.57
CA ASP A 153 -4.58 11.15 2.37
C ASP A 153 -3.66 10.53 3.42
N HIS A 154 -2.59 11.24 3.76
CA HIS A 154 -1.57 10.73 4.68
C HIS A 154 -2.12 10.64 6.11
N ALA A 155 -3.06 11.52 6.45
CA ALA A 155 -3.62 11.56 7.80
C ALA A 155 -4.55 10.38 8.01
N LEU A 156 -5.34 10.08 6.99
CA LEU A 156 -6.28 8.98 7.03
C LEU A 156 -5.55 7.65 7.04
N LEU A 157 -4.38 7.62 6.42
CA LEU A 157 -3.62 6.41 6.27
C LEU A 157 -3.22 5.79 7.61
N PHE A 158 -2.47 6.54 8.42
CA PHE A 158 -1.90 5.98 9.65
C PHE A 158 -1.83 6.99 10.78
N ASP A 159 -2.19 8.24 10.51
CA ASP A 159 -2.08 9.29 11.53
C ASP A 159 -3.29 9.25 12.46
N ILE A 160 -4.48 9.27 11.87
CA ILE A 160 -5.72 9.20 12.63
C ILE A 160 -5.93 7.77 13.18
N ASN A 161 -6.60 7.65 14.31
CA ASN A 161 -6.86 6.35 14.92
C ASN A 161 -7.60 5.44 13.93
N HIS A 162 -7.54 4.14 14.18
CA HIS A 162 -7.94 3.16 13.17
C HIS A 162 -9.45 3.10 12.97
N GLU A 163 -10.22 3.59 13.95
CA GLU A 163 -11.66 3.39 13.93
C GLU A 163 -12.42 4.62 13.41
N ASP A 164 -11.98 5.81 13.80
CA ASP A 164 -12.68 7.05 13.41
C ASP A 164 -12.42 7.35 11.94
N ARG A 165 -11.39 6.74 11.39
CA ARG A 165 -11.04 6.84 9.97
C ARG A 165 -12.22 6.51 9.08
N TRP A 166 -13.01 5.52 9.47
CA TRP A 166 -14.14 5.10 8.67
C TRP A 166 -15.21 6.20 8.65
N GLN A 167 -15.32 6.92 9.75
CA GLN A 167 -16.20 8.07 9.85
C GLN A 167 -15.81 9.14 8.84
N GLN A 168 -14.52 9.51 8.86
CA GLN A 168 -13.99 10.46 7.88
C GLN A 168 -14.33 10.01 6.47
N ALA A 169 -14.02 8.76 6.18
CA ALA A 169 -14.27 8.18 4.86
C ALA A 169 -15.76 8.23 4.49
N SER A 170 -16.62 7.85 5.44
CA SER A 170 -18.05 7.78 5.20
C SER A 170 -18.66 9.17 4.99
N ARG A 171 -18.12 10.17 5.69
CA ARG A 171 -18.61 11.54 5.57
C ARG A 171 -18.46 12.05 4.15
N SER A 172 -17.21 12.19 3.71
CA SER A 172 -16.91 12.69 2.37
C SER A 172 -15.48 12.32 2.01
N LEU A 173 -14.56 12.63 2.92
CA LEU A 173 -13.14 12.36 2.74
C LEU A 173 -12.55 13.16 1.57
N GLY A 174 -12.78 12.68 0.36
CA GLY A 174 -12.20 13.31 -0.81
C GLY A 174 -13.21 14.05 -1.64
N PHE A 175 -13.61 15.22 -1.16
CA PHE A 175 -14.51 16.08 -1.91
C PHE A 175 -13.69 17.10 -2.69
N GLU A 176 -13.72 17.00 -4.01
CA GLU A 176 -12.98 17.94 -4.84
C GLU A 176 -13.83 19.17 -5.14
N ALA A 177 -13.33 20.32 -4.71
CA ALA A 177 -14.03 21.57 -4.91
C ALA A 177 -13.34 22.39 -6.00
N TRP A 178 -13.80 23.62 -6.20
CA TRP A 178 -13.18 24.51 -7.17
C TRP A 178 -12.53 25.68 -6.45
N GLN A 179 -11.21 25.63 -6.32
CA GLN A 179 -10.47 26.71 -5.71
C GLN A 179 -9.75 27.51 -6.79
N LEU A 180 -10.26 28.71 -7.05
CA LEU A 180 -9.68 29.58 -8.05
C LEU A 180 -8.36 30.17 -7.55
N SER A 181 -7.36 30.15 -8.40
CA SER A 181 -6.04 30.67 -8.05
C SER A 181 -5.64 31.76 -9.03
N THR A 182 -5.10 32.85 -8.51
CA THR A 182 -4.68 33.97 -9.34
C THR A 182 -3.53 34.73 -8.67
N GLN A 183 -2.45 34.92 -9.41
CA GLN A 183 -1.29 35.62 -8.90
C GLN A 183 -0.84 36.70 -9.87
N ALA A 184 -1.46 37.87 -9.75
CA ALA A 184 -1.10 39.03 -10.55
C ALA A 184 -1.54 40.32 -9.85
N GLY A 185 -0.64 40.91 -9.10
CA GLY A 185 -0.97 42.12 -8.35
C GLY A 185 -0.49 43.37 -9.05
N HIS A 186 0.20 43.19 -10.16
CA HIS A 186 0.71 44.32 -10.94
C HIS A 186 0.42 44.11 -12.42
N ALA A 187 1.09 43.12 -13.00
CA ALA A 187 0.94 42.78 -14.40
C ALA A 187 1.74 41.53 -14.70
N MET A 1 -20.71 3.79 -10.63
CA MET A 1 -19.53 4.42 -11.25
C MET A 1 -18.24 4.00 -10.53
N GLU A 2 -18.42 3.42 -9.35
CA GLU A 2 -17.31 2.97 -8.52
C GLU A 2 -16.33 2.11 -9.30
N SER A 3 -15.15 2.64 -9.56
CA SER A 3 -14.13 1.92 -10.30
C SER A 3 -12.80 1.96 -9.56
N LEU A 4 -11.84 1.14 -9.97
CA LEU A 4 -10.54 1.11 -9.34
C LEU A 4 -9.61 2.15 -9.97
N GLN A 5 -9.51 3.32 -9.34
CA GLN A 5 -8.70 4.39 -9.87
C GLN A 5 -8.13 5.23 -8.74
N ASN A 6 -6.97 4.80 -8.23
CA ASN A 6 -6.17 5.56 -7.25
C ASN A 6 -7.01 6.19 -6.13
N HIS A 7 -7.38 5.37 -5.15
CA HIS A 7 -8.13 5.83 -3.97
C HIS A 7 -8.33 4.66 -3.01
N PHE A 8 -9.11 4.85 -1.97
CA PHE A 8 -9.37 3.79 -1.01
C PHE A 8 -10.50 2.89 -1.47
N LEU A 9 -10.45 1.64 -1.02
CA LEU A 9 -11.53 0.69 -1.21
C LEU A 9 -11.96 0.17 0.15
N ILE A 10 -13.24 0.35 0.47
CA ILE A 10 -13.76 -0.06 1.76
C ILE A 10 -15.02 -0.89 1.61
N ALA A 11 -15.14 -1.94 2.41
CA ALA A 11 -16.32 -2.79 2.39
C ALA A 11 -16.61 -3.31 3.78
N MET A 12 -17.84 -3.10 4.24
CA MET A 12 -18.26 -3.59 5.55
C MET A 12 -19.16 -4.82 5.39
N PRO A 13 -20.22 -4.76 4.54
CA PRO A 13 -21.03 -5.93 4.25
C PRO A 13 -20.29 -6.92 3.34
N SER A 14 -20.58 -8.21 3.51
CA SER A 14 -19.91 -9.24 2.75
C SER A 14 -20.43 -9.28 1.31
N LEU A 15 -19.52 -9.55 0.37
CA LEU A 15 -19.90 -9.75 -1.02
C LEU A 15 -20.81 -10.97 -1.14
N ASP A 16 -20.36 -12.06 -0.53
CA ASP A 16 -21.09 -13.31 -0.49
C ASP A 16 -20.69 -14.11 0.74
N ASP A 17 -19.43 -14.50 0.76
CA ASP A 17 -18.83 -15.24 1.86
C ASP A 17 -17.34 -15.01 1.84
N THR A 18 -16.89 -14.13 2.69
CA THR A 18 -15.47 -13.79 2.75
C THR A 18 -15.15 -13.13 4.09
N PHE A 19 -14.03 -13.53 4.69
CA PHE A 19 -13.60 -12.98 5.95
C PHE A 19 -12.45 -11.98 5.75
N PHE A 20 -11.77 -12.10 4.63
CA PHE A 20 -10.60 -11.26 4.35
C PHE A 20 -11.01 -9.94 3.70
N GLU A 21 -12.01 -10.01 2.84
CA GLU A 21 -12.45 -8.86 2.06
C GLU A 21 -13.36 -7.95 2.89
N ARG A 22 -12.81 -7.42 3.97
CA ARG A 22 -13.52 -6.47 4.83
C ARG A 22 -12.53 -5.44 5.38
N THR A 23 -11.47 -5.20 4.63
CA THR A 23 -10.41 -4.31 5.08
C THR A 23 -10.33 -3.07 4.19
N VAL A 24 -9.49 -2.12 4.58
CA VAL A 24 -9.29 -0.90 3.82
C VAL A 24 -8.09 -1.04 2.89
N ILE A 25 -8.35 -0.99 1.59
CA ILE A 25 -7.30 -1.12 0.59
C ILE A 25 -6.99 0.24 -0.03
N TYR A 26 -5.71 0.50 -0.25
CA TYR A 26 -5.26 1.75 -0.87
C TYR A 26 -4.64 1.47 -2.23
N LEU A 27 -5.22 2.06 -3.26
CA LEU A 27 -4.75 1.89 -4.62
C LEU A 27 -3.63 2.88 -4.93
N CYS A 28 -2.48 2.36 -5.31
CA CYS A 28 -1.29 3.18 -5.52
C CYS A 28 -1.08 3.52 -6.99
N GLU A 29 -1.08 2.51 -7.84
CA GLU A 29 -0.84 2.71 -9.27
C GLU A 29 -1.96 2.11 -10.11
N HIS A 30 -1.86 2.30 -11.42
CA HIS A 30 -2.88 1.85 -12.36
C HIS A 30 -2.22 1.42 -13.67
N ASP A 31 -2.49 0.20 -14.13
CA ASP A 31 -1.94 -0.23 -15.40
C ASP A 31 -2.95 -1.02 -16.25
N GLU A 32 -2.70 -2.32 -16.44
CA GLU A 32 -3.27 -3.09 -17.56
C GLU A 32 -4.70 -2.69 -17.90
N LYS A 33 -5.64 -3.05 -17.04
CA LYS A 33 -7.01 -2.68 -17.23
C LYS A 33 -7.55 -2.01 -15.98
N GLY A 34 -6.66 -1.78 -15.03
CA GLY A 34 -7.12 -1.40 -13.70
C GLY A 34 -5.99 -0.96 -12.80
N ALA A 35 -6.23 -1.02 -11.50
CA ALA A 35 -5.30 -0.46 -10.54
C ALA A 35 -4.71 -1.52 -9.62
N MET A 36 -3.64 -1.14 -8.94
CA MET A 36 -2.97 -2.01 -7.98
C MET A 36 -2.97 -1.35 -6.60
N GLY A 37 -3.11 -2.14 -5.56
CA GLY A 37 -3.16 -1.56 -4.23
C GLY A 37 -2.78 -2.55 -3.14
N LEU A 38 -2.73 -2.06 -1.91
CA LEU A 38 -2.38 -2.87 -0.75
C LEU A 38 -3.33 -2.58 0.42
N VAL A 39 -3.33 -3.45 1.41
CA VAL A 39 -4.15 -3.25 2.60
C VAL A 39 -3.41 -2.36 3.61
N ILE A 40 -3.98 -1.19 3.89
CA ILE A 40 -3.32 -0.22 4.77
C ILE A 40 -3.86 -0.28 6.19
N ASN A 41 -4.64 -1.30 6.51
CA ASN A 41 -5.19 -1.40 7.85
C ASN A 41 -4.23 -2.20 8.74
N LYS A 42 -4.33 -3.53 8.68
CA LYS A 42 -3.46 -4.41 9.44
C LYS A 42 -3.90 -5.87 9.25
N PRO A 43 -3.34 -6.56 8.24
CA PRO A 43 -3.64 -7.97 7.99
C PRO A 43 -2.97 -8.88 9.02
N LEU A 44 -1.66 -9.03 8.91
CA LEU A 44 -0.91 -9.88 9.83
C LEU A 44 0.37 -9.20 10.29
N GLY A 45 1.18 -9.93 11.05
CA GLY A 45 2.43 -9.39 11.54
C GLY A 45 3.62 -10.29 11.24
N ILE A 46 4.58 -9.77 10.50
CA ILE A 46 5.77 -10.51 10.14
C ILE A 46 6.95 -10.02 10.97
N GLU A 47 7.49 -10.91 11.79
CA GLU A 47 8.58 -10.58 12.69
C GLU A 47 9.90 -10.37 11.97
N VAL A 48 10.80 -9.64 12.63
CA VAL A 48 12.11 -9.34 12.09
C VAL A 48 12.93 -10.61 11.87
N ASN A 49 12.67 -11.62 12.70
CA ASN A 49 13.35 -12.91 12.59
C ASN A 49 13.08 -13.55 11.23
N SER A 50 11.84 -13.42 10.77
CA SER A 50 11.43 -14.02 9.52
C SER A 50 12.02 -13.24 8.34
N LEU A 51 12.08 -11.93 8.49
CA LEU A 51 12.63 -11.06 7.46
C LEU A 51 14.08 -11.44 7.15
N LEU A 52 14.89 -11.52 8.20
CA LEU A 52 16.30 -11.85 8.07
C LEU A 52 16.48 -13.27 7.54
N GLU A 53 15.63 -14.18 8.01
CA GLU A 53 15.69 -15.59 7.63
C GLU A 53 15.38 -15.77 6.13
N GLN A 54 14.42 -15.00 5.65
CA GLN A 54 14.07 -15.01 4.23
C GLN A 54 15.15 -14.33 3.41
N MET A 55 15.64 -13.21 3.94
CA MET A 55 16.71 -12.44 3.31
C MET A 55 17.92 -13.31 3.00
N ASP A 56 18.50 -13.92 4.02
CA ASP A 56 19.70 -14.73 3.86
C ASP A 56 19.83 -15.65 5.07
N LEU A 57 20.83 -16.51 5.06
CA LEU A 57 21.10 -17.38 6.20
C LEU A 57 22.34 -16.88 6.93
N PRO A 58 22.13 -16.07 7.98
CA PRO A 58 23.22 -15.42 8.72
C PRO A 58 24.07 -16.41 9.50
N THR A 59 25.33 -16.53 9.11
CA THR A 59 26.27 -17.37 9.83
C THR A 59 26.76 -16.63 11.07
N GLU A 60 27.86 -15.90 10.93
CA GLU A 60 28.42 -15.06 11.99
C GLU A 60 29.15 -13.89 11.38
N GLN A 61 29.31 -12.82 12.16
CA GLN A 61 29.89 -11.57 11.67
C GLN A 61 29.01 -10.97 10.58
N VAL A 62 29.60 -10.14 9.72
CA VAL A 62 28.89 -9.50 8.61
C VAL A 62 27.86 -8.50 9.16
N SER A 63 27.12 -7.84 8.29
CA SER A 63 26.10 -6.90 8.71
C SER A 63 24.89 -7.63 9.29
N ALA A 64 24.97 -7.96 10.57
CA ALA A 64 23.86 -8.55 11.27
C ALA A 64 22.83 -7.47 11.62
N ASP A 65 21.55 -7.81 11.47
CA ASP A 65 20.45 -6.87 11.72
C ASP A 65 20.45 -5.75 10.69
N LEU A 66 19.53 -5.83 9.73
CA LEU A 66 19.43 -4.82 8.69
C LEU A 66 17.97 -4.57 8.30
N ALA A 67 17.22 -5.66 8.14
CA ALA A 67 15.79 -5.54 7.85
C ALA A 67 14.98 -5.64 9.14
N MET A 68 14.74 -4.50 9.77
CA MET A 68 14.02 -4.47 11.02
C MET A 68 12.56 -4.11 10.77
N GLY A 69 11.65 -4.95 11.26
CA GLY A 69 10.24 -4.71 11.06
C GLY A 69 9.42 -5.16 12.25
N SER A 70 9.44 -6.47 12.51
CA SER A 70 8.70 -7.09 13.62
C SER A 70 7.18 -7.02 13.42
N GLN A 71 6.66 -5.86 13.08
CA GLN A 71 5.23 -5.67 12.89
C GLN A 71 4.91 -5.51 11.41
N VAL A 72 5.72 -6.13 10.56
CA VAL A 72 5.56 -6.02 9.11
C VAL A 72 4.27 -6.69 8.64
N LEU A 73 3.81 -6.35 7.46
CA LEU A 73 2.61 -6.98 6.90
C LEU A 73 2.73 -7.14 5.40
N MET A 74 1.84 -7.94 4.84
CA MET A 74 1.83 -8.18 3.41
C MET A 74 0.71 -7.38 2.76
N GLY A 75 0.92 -6.95 1.53
CA GLY A 75 -0.06 -6.13 0.84
C GLY A 75 -1.11 -6.96 0.14
N GLY A 76 -0.86 -8.26 0.06
CA GLY A 76 -1.79 -9.15 -0.60
C GLY A 76 -1.22 -10.54 -0.75
N PRO A 77 -1.95 -11.46 -1.40
CA PRO A 77 -1.54 -12.86 -1.55
C PRO A 77 -0.43 -13.07 -2.58
N VAL A 78 -0.19 -12.07 -3.42
CA VAL A 78 0.81 -12.20 -4.48
C VAL A 78 2.10 -11.47 -4.11
N SER A 79 3.21 -12.00 -4.59
CA SER A 79 4.53 -11.48 -4.22
C SER A 79 5.23 -10.91 -5.46
N GLN A 80 6.54 -11.19 -5.57
CA GLN A 80 7.40 -10.74 -6.67
C GLN A 80 7.88 -9.31 -6.44
N ASP A 81 9.14 -9.07 -6.82
CA ASP A 81 9.80 -7.76 -6.67
C ASP A 81 9.92 -7.37 -5.20
N ARG A 82 9.83 -8.35 -4.32
CA ARG A 82 9.98 -8.16 -2.87
C ARG A 82 8.80 -7.41 -2.26
N GLY A 83 8.56 -6.20 -2.74
CA GLY A 83 7.50 -5.36 -2.22
C GLY A 83 7.82 -3.90 -2.37
N PHE A 84 7.13 -3.06 -1.63
CA PHE A 84 7.36 -1.62 -1.68
C PHE A 84 7.11 -0.98 -0.33
N VAL A 85 7.94 0.00 0.01
CA VAL A 85 7.84 0.69 1.28
C VAL A 85 7.21 2.06 1.08
N LEU A 86 6.23 2.38 1.91
CA LEU A 86 5.50 3.63 1.79
C LEU A 86 6.25 4.75 2.50
N HIS A 87 6.27 5.92 1.88
CA HIS A 87 6.93 7.09 2.45
C HIS A 87 6.01 8.29 2.36
N THR A 88 6.24 9.27 3.23
CA THR A 88 5.53 10.53 3.19
C THR A 88 5.91 11.30 1.91
N SER A 89 5.10 12.29 1.56
CA SER A 89 5.39 13.15 0.42
C SER A 89 6.64 13.98 0.68
N GLN A 90 7.73 13.58 0.05
CA GLN A 90 9.04 14.15 0.32
C GLN A 90 9.86 14.23 -0.96
N PRO A 91 10.42 15.40 -1.28
CA PRO A 91 11.30 15.58 -2.43
C PRO A 91 12.61 14.80 -2.27
N TYR A 92 13.42 14.76 -3.33
CA TYR A 92 14.69 14.03 -3.35
C TYR A 92 14.43 12.52 -3.32
N TRP A 93 15.48 11.76 -2.99
CA TRP A 93 15.39 10.30 -2.80
C TRP A 93 15.49 9.55 -4.14
N ALA A 94 15.85 8.28 -4.07
CA ALA A 94 16.11 7.45 -5.25
C ALA A 94 14.91 7.39 -6.19
N ASN A 95 13.89 6.61 -5.83
CA ASN A 95 12.69 6.50 -6.63
C ASN A 95 11.49 7.04 -5.85
N SER A 96 10.78 7.99 -6.46
CA SER A 96 9.67 8.64 -5.80
C SER A 96 8.48 8.75 -6.75
N THR A 97 7.32 8.34 -6.28
CA THR A 97 6.08 8.50 -7.03
C THR A 97 4.95 8.86 -6.07
N GLU A 98 4.16 9.86 -6.40
CA GLU A 98 3.13 10.35 -5.51
C GLU A 98 1.79 10.46 -6.22
N LEU A 99 0.73 10.61 -5.44
CA LEU A 99 -0.60 10.86 -5.96
C LEU A 99 -1.10 12.22 -5.48
N GLY A 100 -0.18 13.02 -4.94
CA GLY A 100 -0.55 14.32 -4.42
C GLY A 100 -1.18 14.24 -3.04
N SER A 101 -2.49 13.97 -3.00
CA SER A 101 -3.21 13.82 -1.75
C SER A 101 -2.71 12.57 -1.00
N GLY A 102 -2.14 11.64 -1.74
CA GLY A 102 -1.60 10.44 -1.14
C GLY A 102 -0.14 10.60 -0.77
N LEU A 103 0.53 9.47 -0.54
CA LEU A 103 1.93 9.48 -0.14
C LEU A 103 2.84 9.10 -1.31
N MET A 104 4.07 8.69 -1.02
CA MET A 104 5.02 8.30 -2.05
C MET A 104 5.49 6.88 -1.84
N LEU A 105 5.52 6.11 -2.91
CA LEU A 105 5.94 4.73 -2.85
C LEU A 105 7.42 4.59 -3.23
N THR A 106 8.10 3.67 -2.57
CA THR A 106 9.47 3.36 -2.92
C THR A 106 9.66 1.86 -3.09
N THR A 107 10.18 1.46 -4.23
CA THR A 107 10.45 0.07 -4.53
C THR A 107 11.94 -0.20 -4.55
N SER A 108 12.32 -1.45 -4.82
CA SER A 108 13.71 -1.86 -4.98
C SER A 108 14.35 -2.16 -3.62
N ARG A 109 15.62 -2.58 -3.66
CA ARG A 109 16.32 -3.04 -2.47
C ARG A 109 17.02 -1.88 -1.78
N ASP A 110 17.05 -0.74 -2.46
CA ASP A 110 17.65 0.46 -1.94
C ASP A 110 16.93 0.94 -0.70
N VAL A 111 15.61 0.78 -0.69
CA VAL A 111 14.79 1.21 0.45
C VAL A 111 14.96 0.26 1.63
N LEU A 112 15.06 -1.03 1.36
CA LEU A 112 15.33 -2.01 2.43
C LEU A 112 16.68 -1.72 3.05
N THR A 113 17.62 -1.34 2.22
CA THR A 113 18.95 -0.98 2.66
C THR A 113 18.93 0.32 3.47
N ALA A 114 17.93 1.15 3.23
CA ALA A 114 17.77 2.40 3.96
C ALA A 114 17.13 2.16 5.31
N ILE A 115 16.45 1.02 5.46
CA ILE A 115 15.84 0.66 6.73
C ILE A 115 16.91 0.25 7.74
N GLY A 116 18.01 -0.28 7.23
CA GLY A 116 19.14 -0.62 8.09
C GLY A 116 19.98 0.60 8.41
N SER A 117 19.51 1.76 7.98
CA SER A 117 20.19 3.02 8.23
C SER A 117 19.32 3.90 9.13
N LYS A 118 19.93 4.85 9.80
CA LYS A 118 19.19 5.77 10.67
C LYS A 118 18.80 7.02 9.90
N ARG A 119 19.07 7.00 8.60
CA ARG A 119 18.73 8.10 7.71
C ARG A 119 17.27 8.00 7.28
N SER A 120 16.37 8.12 8.25
CA SER A 120 14.94 8.09 7.98
C SER A 120 14.46 9.44 7.46
N PRO A 121 13.95 9.48 6.22
CA PRO A 121 13.48 10.72 5.59
C PRO A 121 12.32 11.36 6.35
N ASP A 122 11.40 10.54 6.84
CA ASP A 122 10.24 11.00 7.57
C ASP A 122 9.59 9.85 8.31
N LYS A 123 8.88 9.02 7.57
CA LYS A 123 8.34 7.78 8.10
C LYS A 123 8.26 6.75 6.98
N PHE A 124 8.04 5.50 7.34
CA PHE A 124 7.92 4.45 6.35
C PHE A 124 7.23 3.22 6.93
N LEU A 125 6.43 2.57 6.09
CA LEU A 125 5.83 1.30 6.45
C LEU A 125 6.22 0.27 5.41
N VAL A 126 6.45 -0.95 5.86
CA VAL A 126 6.92 -2.02 4.96
C VAL A 126 5.77 -2.95 4.61
N ALA A 127 5.45 -3.02 3.33
CA ALA A 127 4.43 -3.93 2.86
C ALA A 127 5.02 -4.91 1.86
N LEU A 128 4.71 -6.19 2.04
CA LEU A 128 5.24 -7.22 1.17
C LEU A 128 4.16 -7.70 0.20
N GLY A 129 4.37 -7.45 -1.08
CA GLY A 129 3.41 -7.86 -2.08
C GLY A 129 2.26 -6.87 -2.21
N TYR A 130 1.23 -7.28 -2.94
CA TYR A 130 0.09 -6.40 -3.22
C TYR A 130 -1.17 -7.21 -3.43
N ALA A 131 -2.29 -6.52 -3.60
CA ALA A 131 -3.58 -7.16 -3.79
C ALA A 131 -3.59 -8.04 -5.04
N GLY A 132 -4.00 -9.29 -4.87
CA GLY A 132 -3.99 -10.24 -5.96
C GLY A 132 -5.23 -10.17 -6.82
N TRP A 133 -5.51 -8.99 -7.35
CA TRP A 133 -6.64 -8.81 -8.25
C TRP A 133 -6.38 -9.46 -9.59
N SER A 134 -5.10 -9.54 -9.94
CA SER A 134 -4.66 -10.08 -11.24
C SER A 134 -5.29 -11.43 -11.54
N LYS A 135 -5.30 -12.28 -10.52
CA LYS A 135 -5.84 -13.63 -10.64
C LYS A 135 -7.30 -13.66 -11.08
N ASN A 136 -8.08 -12.65 -10.68
CA ASN A 136 -9.45 -12.55 -11.14
C ASN A 136 -9.49 -11.71 -12.43
N GLN A 137 -8.54 -10.79 -12.53
CA GLN A 137 -8.32 -9.94 -13.70
C GLN A 137 -9.39 -8.85 -13.82
N LEU A 138 -10.65 -9.23 -13.73
CA LEU A 138 -11.72 -8.26 -13.78
C LEU A 138 -11.97 -7.68 -12.40
N GLU A 139 -11.01 -6.90 -11.92
CA GLU A 139 -11.07 -6.31 -10.59
C GLU A 139 -12.29 -5.40 -10.41
N GLN A 140 -12.76 -4.83 -11.52
CA GLN A 140 -13.92 -3.95 -11.51
C GLN A 140 -15.12 -4.57 -10.80
N GLU A 141 -15.39 -5.84 -11.08
CA GLU A 141 -16.58 -6.51 -10.52
C GLU A 141 -16.59 -6.46 -9.00
N LEU A 142 -15.40 -6.46 -8.41
CA LEU A 142 -15.24 -6.35 -6.97
C LEU A 142 -15.86 -5.05 -6.44
N ALA A 143 -15.47 -3.93 -7.03
CA ALA A 143 -15.96 -2.63 -6.57
C ALA A 143 -17.42 -2.47 -6.97
N ASP A 144 -17.78 -3.14 -8.04
CA ASP A 144 -19.14 -3.11 -8.56
C ASP A 144 -20.11 -3.84 -7.64
N ASN A 145 -19.64 -4.91 -6.99
CA ASN A 145 -20.54 -5.77 -6.22
C ASN A 145 -21.00 -5.11 -4.93
N SER A 146 -20.07 -4.69 -4.07
CA SER A 146 -20.45 -4.14 -2.75
C SER A 146 -19.35 -3.27 -2.14
N TRP A 147 -18.33 -2.91 -2.91
CA TRP A 147 -17.25 -2.10 -2.36
C TRP A 147 -17.51 -0.62 -2.57
N LEU A 148 -16.99 0.17 -1.65
CA LEU A 148 -17.15 1.61 -1.70
C LEU A 148 -15.86 2.27 -2.14
N THR A 149 -15.98 3.37 -2.86
CA THR A 149 -14.81 4.09 -3.34
C THR A 149 -14.77 5.49 -2.76
N ILE A 150 -13.65 5.82 -2.12
CA ILE A 150 -13.48 7.11 -1.48
C ILE A 150 -12.07 7.64 -1.72
N PRO A 151 -11.92 8.98 -1.83
CA PRO A 151 -10.63 9.63 -2.12
C PRO A 151 -9.59 9.39 -1.02
N ALA A 152 -8.32 9.49 -1.39
CA ALA A 152 -7.24 9.26 -0.45
C ALA A 152 -6.72 10.57 0.13
N ASP A 153 -6.32 10.55 1.39
CA ASP A 153 -5.80 11.74 2.06
C ASP A 153 -4.65 11.36 2.98
N HIS A 154 -3.78 12.33 3.29
CA HIS A 154 -2.60 12.09 4.11
C HIS A 154 -2.98 11.64 5.52
N ALA A 155 -3.93 12.34 6.13
CA ALA A 155 -4.35 12.04 7.49
C ALA A 155 -5.02 10.67 7.56
N LEU A 156 -5.86 10.40 6.57
CA LEU A 156 -6.61 9.14 6.52
C LEU A 156 -5.66 7.96 6.38
N LEU A 157 -4.54 8.18 5.71
CA LEU A 157 -3.60 7.12 5.40
C LEU A 157 -2.85 6.67 6.64
N PHE A 158 -2.12 7.59 7.24
CA PHE A 158 -1.17 7.20 8.29
C PHE A 158 -1.26 8.05 9.56
N ASP A 159 -2.11 9.07 9.57
CA ASP A 159 -2.13 10.00 10.70
C ASP A 159 -3.21 9.64 11.71
N ILE A 160 -4.45 9.51 11.25
CA ILE A 160 -5.59 9.27 12.15
C ILE A 160 -5.64 7.81 12.61
N ASN A 161 -4.61 7.05 12.24
CA ASN A 161 -4.45 5.66 12.70
C ASN A 161 -5.54 4.77 12.08
N HIS A 162 -5.77 3.62 12.68
CA HIS A 162 -6.74 2.67 12.18
C HIS A 162 -8.11 2.92 12.80
N GLU A 163 -9.11 2.17 12.33
CA GLU A 163 -10.47 2.20 12.87
C GLU A 163 -11.21 3.49 12.50
N ASP A 164 -10.80 4.60 13.12
CA ASP A 164 -11.50 5.89 12.96
C ASP A 164 -11.52 6.31 11.49
N ARG A 165 -10.45 5.98 10.78
CA ARG A 165 -10.34 6.28 9.34
C ARG A 165 -11.57 5.79 8.56
N TRP A 166 -12.20 4.72 9.05
CA TRP A 166 -13.37 4.14 8.40
C TRP A 166 -14.49 5.18 8.36
N GLN A 167 -14.62 5.93 9.47
CA GLN A 167 -15.66 6.94 9.60
C GLN A 167 -15.35 8.13 8.71
N GLN A 168 -14.12 8.64 8.82
CA GLN A 168 -13.68 9.78 8.04
C GLN A 168 -13.88 9.54 6.54
N ALA A 169 -13.38 8.41 6.07
CA ALA A 169 -13.53 8.03 4.67
C ALA A 169 -14.99 7.94 4.26
N SER A 170 -15.82 7.39 5.14
CA SER A 170 -17.25 7.26 4.89
C SER A 170 -17.90 8.63 4.68
N ARG A 171 -17.36 9.63 5.34
CA ARG A 171 -17.84 11.01 5.20
C ARG A 171 -17.56 11.52 3.80
N SER A 172 -16.32 11.31 3.34
CA SER A 172 -15.88 11.71 2.00
C SER A 172 -15.89 13.23 1.83
N LEU A 173 -14.71 13.83 1.88
CA LEU A 173 -14.60 15.28 1.79
C LEU A 173 -14.03 15.72 0.44
N GLY A 174 -14.92 15.90 -0.53
CA GLY A 174 -14.51 16.40 -1.83
C GLY A 174 -14.02 15.31 -2.76
N PHE A 175 -13.60 15.71 -3.96
CA PHE A 175 -13.10 14.78 -4.97
C PHE A 175 -12.49 15.56 -6.13
N GLU A 176 -11.81 14.86 -7.03
CA GLU A 176 -11.18 15.49 -8.18
C GLU A 176 -11.94 15.17 -9.46
N ALA A 177 -11.87 16.06 -10.43
CA ALA A 177 -12.52 15.86 -11.72
C ALA A 177 -11.48 15.77 -12.83
N TRP A 178 -11.91 15.47 -14.05
CA TRP A 178 -11.00 15.33 -15.17
C TRP A 178 -10.61 16.70 -15.73
N GLN A 179 -9.39 17.12 -15.42
CA GLN A 179 -8.87 18.40 -15.89
C GLN A 179 -7.56 18.18 -16.65
N LEU A 180 -7.63 18.28 -17.96
CA LEU A 180 -6.43 18.17 -18.79
C LEU A 180 -6.06 19.55 -19.31
N SER A 181 -4.80 19.92 -19.13
CA SER A 181 -4.32 21.27 -19.45
C SER A 181 -4.64 21.66 -20.90
N THR A 182 -4.26 20.80 -21.84
CA THR A 182 -4.49 21.05 -23.27
C THR A 182 -3.74 22.31 -23.72
N GLN A 183 -2.70 22.66 -22.98
CA GLN A 183 -1.94 23.87 -23.21
C GLN A 183 -0.63 23.55 -23.92
N ALA A 184 -0.37 24.22 -25.03
CA ALA A 184 0.82 23.98 -25.82
C ALA A 184 1.10 25.14 -26.77
N GLY A 185 2.04 25.98 -26.41
CA GLY A 185 2.47 27.06 -27.28
C GLY A 185 3.43 26.57 -28.34
N HIS A 186 3.28 27.07 -29.56
CA HIS A 186 4.12 26.61 -30.66
C HIS A 186 5.11 27.69 -31.05
N ALA A 187 4.62 28.81 -31.51
CA ALA A 187 5.45 29.93 -31.91
C ALA A 187 4.59 31.17 -32.03
N MET A 1 -15.53 13.06 -12.11
CA MET A 1 -14.70 12.50 -13.20
C MET A 1 -13.31 12.17 -12.68
N GLU A 2 -13.04 10.89 -12.48
CA GLU A 2 -11.75 10.45 -11.97
C GLU A 2 -11.46 9.02 -12.41
N SER A 3 -10.24 8.58 -12.14
CA SER A 3 -9.82 7.23 -12.47
C SER A 3 -9.20 6.59 -11.24
N LEU A 4 -9.31 5.28 -11.12
CA LEU A 4 -8.77 4.59 -9.96
C LEU A 4 -7.26 4.45 -10.06
N GLN A 5 -6.58 5.42 -9.47
CA GLN A 5 -5.13 5.36 -9.32
C GLN A 5 -4.78 5.31 -7.84
N ASN A 6 -4.90 6.45 -7.15
CA ASN A 6 -4.66 6.52 -5.72
C ASN A 6 -5.96 6.82 -4.97
N HIS A 7 -6.64 5.78 -4.53
CA HIS A 7 -7.90 5.91 -3.81
C HIS A 7 -8.04 4.81 -2.78
N PHE A 8 -8.95 4.98 -1.83
CA PHE A 8 -9.24 3.94 -0.86
C PHE A 8 -10.48 3.16 -1.28
N LEU A 9 -10.53 1.91 -0.88
CA LEU A 9 -11.69 1.06 -1.09
C LEU A 9 -12.28 0.64 0.25
N ILE A 10 -13.46 1.14 0.57
CA ILE A 10 -14.17 0.72 1.76
C ILE A 10 -15.12 -0.41 1.42
N ALA A 11 -14.81 -1.60 1.93
CA ALA A 11 -15.61 -2.77 1.62
C ALA A 11 -16.63 -3.04 2.71
N MET A 12 -17.73 -3.67 2.32
CA MET A 12 -18.75 -4.07 3.26
C MET A 12 -18.25 -5.28 4.07
N PRO A 13 -18.81 -5.52 5.27
CA PRO A 13 -18.39 -6.64 6.12
C PRO A 13 -18.69 -7.99 5.48
N SER A 14 -17.71 -8.51 4.75
CA SER A 14 -17.83 -9.79 4.04
C SER A 14 -18.77 -9.65 2.84
N LEU A 15 -18.23 -9.78 1.65
CA LEU A 15 -19.00 -9.55 0.44
C LEU A 15 -19.61 -10.84 -0.08
N ASP A 16 -18.90 -11.94 0.10
CA ASP A 16 -19.36 -13.22 -0.43
C ASP A 16 -19.77 -14.15 0.71
N ASP A 17 -19.95 -13.56 1.89
CA ASP A 17 -20.43 -14.28 3.08
C ASP A 17 -19.45 -15.36 3.54
N THR A 18 -18.24 -15.35 3.01
CA THR A 18 -17.24 -16.31 3.42
C THR A 18 -16.32 -15.70 4.47
N PHE A 19 -16.62 -14.45 4.85
CA PHE A 19 -15.91 -13.73 5.90
C PHE A 19 -14.42 -13.65 5.63
N PHE A 20 -14.06 -12.80 4.68
CA PHE A 20 -12.66 -12.53 4.38
C PHE A 20 -12.54 -11.22 3.61
N GLU A 21 -13.17 -11.17 2.45
CA GLU A 21 -13.13 -10.01 1.58
C GLU A 21 -13.84 -8.80 2.22
N ARG A 22 -13.04 -7.88 2.73
CA ARG A 22 -13.51 -6.65 3.34
C ARG A 22 -12.31 -5.80 3.75
N THR A 23 -12.54 -4.81 4.61
CA THR A 23 -11.47 -3.94 5.11
C THR A 23 -11.13 -2.86 4.05
N VAL A 24 -10.31 -1.86 4.43
CA VAL A 24 -9.99 -0.76 3.54
C VAL A 24 -8.72 -1.05 2.74
N ILE A 25 -8.82 -0.91 1.44
CA ILE A 25 -7.70 -1.14 0.53
C ILE A 25 -7.24 0.18 -0.08
N TYR A 26 -5.93 0.39 -0.14
CA TYR A 26 -5.39 1.58 -0.78
C TYR A 26 -4.80 1.21 -2.14
N LEU A 27 -5.28 1.89 -3.17
CA LEU A 27 -4.77 1.68 -4.52
C LEU A 27 -3.64 2.64 -4.81
N CYS A 28 -2.64 2.18 -5.55
CA CYS A 28 -1.49 3.02 -5.87
C CYS A 28 -1.39 3.29 -7.36
N GLU A 29 -1.65 2.27 -8.18
CA GLU A 29 -1.56 2.40 -9.62
C GLU A 29 -2.70 1.68 -10.33
N HIS A 30 -2.84 1.95 -11.62
CA HIS A 30 -3.87 1.33 -12.44
C HIS A 30 -3.21 0.36 -13.43
N ASP A 31 -3.23 -0.93 -13.09
CA ASP A 31 -2.50 -1.95 -13.87
C ASP A 31 -2.69 -3.31 -13.20
N GLU A 32 -1.78 -4.26 -13.46
CA GLU A 32 -1.88 -5.64 -12.96
C GLU A 32 -3.06 -6.35 -13.65
N LYS A 33 -4.24 -6.26 -13.06
CA LYS A 33 -5.45 -6.75 -13.72
C LYS A 33 -6.40 -5.60 -13.97
N GLY A 34 -5.98 -4.40 -13.61
CA GLY A 34 -6.79 -3.22 -13.75
C GLY A 34 -6.42 -2.18 -12.73
N ALA A 35 -6.47 -2.57 -11.46
CA ALA A 35 -6.06 -1.70 -10.37
C ALA A 35 -5.15 -2.47 -9.41
N MET A 36 -4.19 -1.78 -8.82
CA MET A 36 -3.28 -2.41 -7.88
C MET A 36 -3.30 -1.68 -6.54
N GLY A 37 -3.57 -2.44 -5.48
CA GLY A 37 -3.67 -1.85 -4.16
C GLY A 37 -3.47 -2.87 -3.07
N LEU A 38 -3.45 -2.41 -1.81
CA LEU A 38 -3.19 -3.30 -0.69
C LEU A 38 -3.99 -2.84 0.55
N VAL A 39 -4.36 -3.81 1.40
CA VAL A 39 -5.11 -3.52 2.62
C VAL A 39 -4.23 -2.83 3.64
N ILE A 40 -4.55 -1.57 3.95
CA ILE A 40 -3.65 -0.73 4.74
C ILE A 40 -4.08 -0.59 6.21
N ASN A 41 -5.08 -1.35 6.64
CA ASN A 41 -5.54 -1.24 8.01
C ASN A 41 -4.58 -1.90 8.98
N LYS A 42 -4.95 -3.08 9.50
CA LYS A 42 -4.08 -3.87 10.39
C LYS A 42 -4.80 -5.12 10.86
N PRO A 43 -4.77 -6.19 10.07
CA PRO A 43 -5.32 -7.49 10.47
C PRO A 43 -4.37 -8.20 11.43
N LEU A 44 -3.22 -8.62 10.89
CA LEU A 44 -2.18 -9.24 11.69
C LEU A 44 -0.91 -8.41 11.60
N GLY A 45 0.07 -8.72 12.44
CA GLY A 45 1.30 -7.96 12.44
C GLY A 45 2.50 -8.83 12.18
N ILE A 46 3.17 -8.57 11.07
CA ILE A 46 4.40 -9.29 10.73
C ILE A 46 5.59 -8.46 11.18
N GLU A 47 6.38 -9.02 12.08
CA GLU A 47 7.52 -8.31 12.63
C GLU A 47 8.82 -8.82 12.05
N VAL A 48 9.92 -8.24 12.51
CA VAL A 48 11.24 -8.51 11.97
C VAL A 48 11.61 -10.00 12.04
N ASN A 49 11.06 -10.72 13.00
CA ASN A 49 11.39 -12.14 13.17
C ASN A 49 10.99 -12.95 11.94
N SER A 50 9.82 -12.66 11.39
CA SER A 50 9.36 -13.36 10.20
C SER A 50 10.14 -12.88 8.97
N LEU A 51 10.51 -11.60 8.97
CA LEU A 51 11.33 -11.05 7.90
C LEU A 51 12.70 -11.72 7.87
N LEU A 52 13.28 -11.91 9.04
CA LEU A 52 14.58 -12.57 9.15
C LEU A 52 14.49 -14.02 8.67
N GLU A 53 13.36 -14.66 8.92
CA GLU A 53 13.14 -16.03 8.45
C GLU A 53 13.28 -16.13 6.94
N GLN A 54 12.56 -15.30 6.21
CA GLN A 54 12.55 -15.37 4.76
C GLN A 54 13.80 -14.74 4.14
N MET A 55 14.35 -13.73 4.80
CA MET A 55 15.52 -13.02 4.28
C MET A 55 16.79 -13.85 4.43
N ASP A 56 16.87 -14.62 5.51
CA ASP A 56 18.07 -15.39 5.82
C ASP A 56 18.40 -16.36 4.69
N LEU A 57 19.66 -16.32 4.26
CA LEU A 57 20.14 -17.10 3.12
C LEU A 57 19.43 -16.67 1.83
N PRO A 58 19.81 -15.49 1.29
CA PRO A 58 19.19 -14.93 0.10
C PRO A 58 19.78 -15.46 -1.20
N THR A 59 20.62 -16.50 -1.07
CA THR A 59 21.28 -17.15 -2.22
C THR A 59 22.37 -16.28 -2.86
N GLU A 60 22.12 -14.98 -2.94
CA GLU A 60 23.04 -14.04 -3.58
C GLU A 60 24.23 -13.71 -2.69
N GLN A 61 24.50 -14.57 -1.71
CA GLN A 61 25.67 -14.49 -0.85
C GLN A 61 25.63 -13.25 0.05
N VAL A 62 24.42 -12.83 0.42
CA VAL A 62 24.21 -11.76 1.40
C VAL A 62 24.52 -10.37 0.83
N SER A 63 23.69 -9.40 1.19
CA SER A 63 23.89 -8.02 0.81
C SER A 63 23.27 -7.12 1.87
N ALA A 64 23.53 -5.82 1.79
CA ALA A 64 22.96 -4.87 2.74
C ALA A 64 21.46 -4.72 2.51
N ASP A 65 20.67 -5.38 3.35
CA ASP A 65 19.22 -5.36 3.23
C ASP A 65 18.61 -4.71 4.47
N LEU A 66 17.30 -4.83 4.63
CA LEU A 66 16.59 -4.22 5.76
C LEU A 66 17.12 -4.72 7.10
N ALA A 67 17.17 -3.83 8.07
CA ALA A 67 17.61 -4.17 9.42
C ALA A 67 16.40 -4.45 10.30
N MET A 68 15.40 -3.60 10.22
CA MET A 68 14.16 -3.78 10.97
C MET A 68 13.00 -3.96 10.00
N GLY A 69 12.10 -4.86 10.33
CA GLY A 69 10.96 -5.12 9.47
C GLY A 69 9.72 -5.48 10.25
N SER A 70 9.43 -4.71 11.27
CA SER A 70 8.26 -4.91 12.08
C SER A 70 7.10 -4.07 11.57
N GLN A 71 5.88 -4.47 11.91
CA GLN A 71 4.66 -3.74 11.55
C GLN A 71 4.41 -3.84 10.03
N VAL A 72 4.92 -4.91 9.44
CA VAL A 72 4.79 -5.12 8.00
C VAL A 72 3.51 -5.89 7.69
N LEU A 73 2.84 -5.48 6.61
CA LEU A 73 1.63 -6.15 6.16
C LEU A 73 1.95 -7.09 5.00
N MET A 74 1.32 -8.25 4.98
CA MET A 74 1.59 -9.25 3.96
C MET A 74 0.45 -9.35 2.94
N GLY A 75 -0.06 -8.20 2.53
CA GLY A 75 -1.12 -8.11 1.53
C GLY A 75 -2.44 -8.70 1.96
N GLY A 76 -2.38 -9.59 2.92
CA GLY A 76 -3.54 -10.37 3.29
C GLY A 76 -3.37 -11.83 2.92
N PRO A 77 -3.68 -12.22 1.68
CA PRO A 77 -3.54 -13.59 1.20
C PRO A 77 -2.20 -13.86 0.48
N VAL A 78 -1.69 -12.88 -0.28
CA VAL A 78 -0.52 -13.10 -1.11
C VAL A 78 0.69 -12.33 -0.61
N SER A 79 1.87 -12.94 -0.73
CA SER A 79 3.11 -12.31 -0.32
C SER A 79 4.29 -12.86 -1.12
N GLN A 80 5.46 -12.23 -0.96
CA GLN A 80 6.72 -12.70 -1.54
C GLN A 80 6.76 -12.58 -3.06
N ASP A 81 5.66 -12.13 -3.65
CA ASP A 81 5.60 -11.91 -5.09
C ASP A 81 6.01 -10.50 -5.43
N ARG A 82 5.47 -9.54 -4.69
CA ARG A 82 5.85 -8.15 -4.84
C ARG A 82 5.85 -7.46 -3.47
N GLY A 83 6.65 -6.43 -3.33
CA GLY A 83 6.68 -5.63 -2.13
C GLY A 83 6.98 -4.19 -2.44
N PHE A 84 6.45 -3.27 -1.64
CA PHE A 84 6.65 -1.85 -1.89
C PHE A 84 6.62 -1.05 -0.60
N VAL A 85 7.43 0.01 -0.58
CA VAL A 85 7.47 0.92 0.56
C VAL A 85 6.95 2.29 0.16
N LEU A 86 5.92 2.75 0.84
CA LEU A 86 5.32 4.04 0.53
C LEU A 86 5.82 5.08 1.51
N HIS A 87 6.31 6.20 1.00
CA HIS A 87 6.76 7.28 1.86
C HIS A 87 6.11 8.60 1.42
N THR A 88 5.99 9.53 2.35
CA THR A 88 5.35 10.82 2.09
C THR A 88 6.10 11.61 1.02
N SER A 89 5.53 12.74 0.61
CA SER A 89 6.12 13.57 -0.41
C SER A 89 7.54 13.98 -0.02
N GLN A 90 8.50 13.49 -0.78
CA GLN A 90 9.91 13.71 -0.51
C GLN A 90 10.72 13.14 -1.67
N PRO A 91 11.42 14.01 -2.42
CA PRO A 91 12.14 13.62 -3.63
C PRO A 91 13.45 12.89 -3.34
N TYR A 92 14.33 12.87 -4.35
CA TYR A 92 15.62 12.19 -4.28
C TYR A 92 15.43 10.67 -4.42
N TRP A 93 16.56 9.95 -4.52
CA TRP A 93 16.57 8.50 -4.68
C TRP A 93 16.20 8.12 -6.11
N ALA A 94 16.39 6.85 -6.45
CA ALA A 94 16.07 6.36 -7.78
C ALA A 94 14.57 6.15 -7.94
N ASN A 95 13.89 5.95 -6.82
CA ASN A 95 12.46 5.65 -6.83
C ASN A 95 11.65 6.91 -6.55
N SER A 96 10.97 7.40 -7.56
CA SER A 96 10.10 8.57 -7.42
C SER A 96 8.85 8.39 -8.26
N THR A 97 7.74 8.90 -7.78
CA THR A 97 6.47 8.79 -8.49
C THR A 97 6.27 9.96 -9.46
N GLU A 98 5.93 9.64 -10.70
CA GLU A 98 5.56 10.65 -11.69
C GLU A 98 4.26 11.35 -11.28
N LEU A 99 3.90 12.40 -12.03
CA LEU A 99 2.73 13.22 -11.76
C LEU A 99 2.84 13.97 -10.42
N GLY A 100 2.77 13.22 -9.33
CA GLY A 100 2.79 13.82 -8.00
C GLY A 100 1.56 13.42 -7.22
N SER A 101 1.35 12.11 -7.09
CA SER A 101 0.15 11.57 -6.46
C SER A 101 0.21 11.66 -4.92
N GLY A 102 0.57 12.83 -4.40
CA GLY A 102 0.61 13.04 -2.97
C GLY A 102 1.84 12.46 -2.33
N LEU A 103 1.97 11.15 -2.38
CA LEU A 103 3.13 10.47 -1.79
C LEU A 103 4.00 9.87 -2.88
N MET A 104 5.13 9.32 -2.49
CA MET A 104 6.06 8.76 -3.45
C MET A 104 6.40 7.31 -3.12
N LEU A 105 6.54 6.50 -4.16
CA LEU A 105 6.79 5.08 -4.00
C LEU A 105 8.28 4.79 -4.10
N THR A 106 8.74 3.86 -3.27
CA THR A 106 10.16 3.49 -3.27
C THR A 106 10.34 2.03 -2.89
N THR A 107 11.01 1.26 -3.74
CA THR A 107 11.39 -0.10 -3.42
C THR A 107 12.54 -0.55 -4.30
N SER A 108 13.52 -1.17 -3.67
CA SER A 108 14.73 -1.64 -4.34
C SER A 108 15.48 -2.57 -3.38
N ARG A 109 16.30 -1.95 -2.52
CA ARG A 109 17.02 -2.65 -1.46
C ARG A 109 17.84 -1.64 -0.67
N ASP A 110 18.43 -0.70 -1.39
CA ASP A 110 19.21 0.37 -0.77
C ASP A 110 18.35 1.18 0.20
N VAL A 111 17.09 1.37 -0.16
CA VAL A 111 16.13 2.03 0.72
C VAL A 111 15.76 1.11 1.90
N LEU A 112 15.72 -0.19 1.65
CA LEU A 112 15.36 -1.16 2.68
C LEU A 112 16.40 -1.16 3.80
N THR A 113 17.67 -1.17 3.43
CA THR A 113 18.73 -1.17 4.41
C THR A 113 18.82 0.18 5.12
N ALA A 114 18.30 1.22 4.47
CA ALA A 114 18.25 2.54 5.07
C ALA A 114 17.15 2.63 6.12
N ILE A 115 16.12 1.78 5.96
CA ILE A 115 14.98 1.77 6.88
C ILE A 115 15.44 1.56 8.33
N GLY A 116 16.43 0.70 8.51
CA GLY A 116 16.90 0.38 9.84
C GLY A 116 18.24 1.01 10.15
N SER A 117 18.65 2.00 9.37
CA SER A 117 19.94 2.63 9.57
C SER A 117 19.88 4.12 9.22
N LYS A 118 19.94 4.43 7.93
CA LYS A 118 19.95 5.82 7.46
C LYS A 118 18.53 6.25 7.10
N ARG A 119 17.70 6.41 8.13
CA ARG A 119 16.29 6.73 7.94
C ARG A 119 16.12 8.22 7.62
N SER A 120 15.77 8.51 6.39
CA SER A 120 15.59 9.88 5.93
C SER A 120 14.10 10.30 5.84
N PRO A 121 13.19 9.45 5.29
CA PRO A 121 11.76 9.81 5.15
C PRO A 121 11.08 10.10 6.49
N ASP A 122 10.12 11.01 6.45
CA ASP A 122 9.33 11.37 7.64
C ASP A 122 8.63 10.15 8.22
N LYS A 123 7.73 9.59 7.45
CA LYS A 123 7.03 8.39 7.84
C LYS A 123 6.72 7.55 6.61
N PHE A 124 6.52 6.26 6.82
CA PHE A 124 6.41 5.32 5.72
C PHE A 124 5.85 4.00 6.23
N LEU A 125 5.55 3.10 5.31
CA LEU A 125 5.08 1.77 5.67
C LEU A 125 5.57 0.75 4.63
N VAL A 126 5.91 -0.44 5.09
CA VAL A 126 6.39 -1.51 4.21
C VAL A 126 5.31 -2.56 4.03
N ALA A 127 4.92 -2.81 2.80
CA ALA A 127 3.86 -3.76 2.52
C ALA A 127 4.29 -4.80 1.50
N LEU A 128 3.90 -6.05 1.74
CA LEU A 128 4.17 -7.14 0.84
C LEU A 128 2.86 -7.62 0.21
N GLY A 129 2.94 -8.17 -0.99
CA GLY A 129 1.75 -8.71 -1.64
C GLY A 129 0.81 -7.62 -2.10
N TYR A 130 -0.48 -7.93 -2.15
CA TYR A 130 -1.50 -6.95 -2.52
C TYR A 130 -2.90 -7.51 -2.32
N ALA A 131 -3.89 -6.71 -2.70
CA ALA A 131 -5.30 -7.06 -2.52
C ALA A 131 -5.68 -8.28 -3.35
N GLY A 132 -6.57 -9.10 -2.80
CA GLY A 132 -6.89 -10.37 -3.43
C GLY A 132 -8.05 -10.29 -4.41
N TRP A 133 -7.99 -9.33 -5.32
CA TRP A 133 -8.98 -9.23 -6.40
C TRP A 133 -8.94 -10.48 -7.27
N SER A 134 -7.76 -11.10 -7.31
CA SER A 134 -7.53 -12.32 -8.06
C SER A 134 -8.58 -13.39 -7.75
N LYS A 135 -9.02 -13.40 -6.51
CA LYS A 135 -10.07 -14.31 -6.04
C LYS A 135 -11.29 -14.29 -6.95
N ASN A 136 -11.72 -13.08 -7.32
CA ASN A 136 -12.92 -12.92 -8.15
C ASN A 136 -12.54 -12.73 -9.62
N GLN A 137 -11.31 -12.26 -9.83
CA GLN A 137 -10.70 -12.14 -11.17
C GLN A 137 -11.20 -10.91 -11.94
N LEU A 138 -10.23 -10.22 -12.57
CA LEU A 138 -10.50 -9.08 -13.46
C LEU A 138 -10.99 -7.85 -12.70
N GLU A 139 -10.78 -6.68 -13.29
CA GLU A 139 -11.23 -5.42 -12.69
C GLU A 139 -12.74 -5.34 -12.62
N GLN A 140 -13.39 -6.05 -13.53
CA GLN A 140 -14.85 -6.14 -13.57
C GLN A 140 -15.43 -6.52 -12.21
N GLU A 141 -14.71 -7.35 -11.46
CA GLU A 141 -15.20 -7.83 -10.17
C GLU A 141 -15.47 -6.66 -9.23
N LEU A 142 -14.63 -5.62 -9.35
CA LEU A 142 -14.73 -4.48 -8.45
C LEU A 142 -16.04 -3.73 -8.69
N ALA A 143 -16.45 -3.65 -9.94
CA ALA A 143 -17.66 -2.93 -10.29
C ALA A 143 -18.88 -3.72 -9.85
N ASP A 144 -18.80 -5.03 -9.97
CA ASP A 144 -19.90 -5.91 -9.57
C ASP A 144 -20.00 -6.04 -8.05
N ASN A 145 -18.84 -6.12 -7.40
CA ASN A 145 -18.79 -6.26 -5.95
C ASN A 145 -19.15 -4.96 -5.25
N SER A 146 -18.87 -3.84 -5.93
CA SER A 146 -19.33 -2.53 -5.49
C SER A 146 -18.44 -1.94 -4.38
N TRP A 147 -17.16 -2.30 -4.36
CA TRP A 147 -16.22 -1.67 -3.43
C TRP A 147 -16.37 -0.16 -3.54
N LEU A 148 -16.55 0.50 -2.42
CA LEU A 148 -16.79 1.95 -2.44
C LEU A 148 -15.46 2.69 -2.52
N THR A 149 -15.46 3.79 -3.26
CA THR A 149 -14.24 4.54 -3.52
C THR A 149 -14.30 5.94 -2.91
N ILE A 150 -13.26 6.31 -2.19
CA ILE A 150 -13.12 7.65 -1.66
C ILE A 150 -11.70 8.16 -1.90
N PRO A 151 -11.51 9.49 -1.91
CA PRO A 151 -10.19 10.09 -2.07
C PRO A 151 -9.22 9.65 -0.97
N ALA A 152 -7.98 9.42 -1.34
CA ALA A 152 -6.97 8.98 -0.38
C ALA A 152 -6.33 10.17 0.31
N ASP A 153 -6.01 9.99 1.59
CA ASP A 153 -5.39 11.07 2.35
C ASP A 153 -4.17 10.56 3.12
N HIS A 154 -3.19 11.45 3.25
CA HIS A 154 -1.93 11.16 3.94
C HIS A 154 -2.15 10.70 5.39
N ALA A 155 -3.13 11.29 6.06
CA ALA A 155 -3.34 11.00 7.48
C ALA A 155 -4.03 9.65 7.65
N LEU A 156 -5.07 9.43 6.86
CA LEU A 156 -5.84 8.18 6.93
C LEU A 156 -4.95 6.97 6.62
N LEU A 157 -3.93 7.20 5.78
CA LEU A 157 -3.07 6.13 5.32
C LEU A 157 -2.03 5.74 6.37
N PHE A 158 -1.21 6.70 6.80
CA PHE A 158 -0.04 6.37 7.63
C PHE A 158 -0.13 6.97 9.04
N ASP A 159 -0.86 8.06 9.18
CA ASP A 159 -0.79 8.84 10.42
C ASP A 159 -1.74 8.30 11.48
N ILE A 160 -2.89 7.80 11.05
CA ILE A 160 -3.90 7.29 11.96
C ILE A 160 -3.74 5.80 12.16
N ASN A 161 -3.40 5.41 13.39
CA ASN A 161 -3.29 4.00 13.76
C ASN A 161 -4.70 3.44 13.99
N HIS A 162 -4.85 2.49 14.92
CA HIS A 162 -6.19 2.04 15.29
C HIS A 162 -6.93 3.16 16.00
N GLU A 163 -7.81 3.80 15.26
CA GLU A 163 -8.51 4.99 15.73
C GLU A 163 -9.79 5.15 14.90
N ASP A 164 -10.36 6.34 14.89
CA ASP A 164 -11.59 6.61 14.14
C ASP A 164 -11.43 6.23 12.67
N ARG A 165 -10.26 6.54 12.11
CA ARG A 165 -9.79 6.07 10.79
C ARG A 165 -10.89 5.63 9.82
N TRP A 166 -11.39 4.40 9.99
CA TRP A 166 -12.42 3.83 9.10
C TRP A 166 -13.64 4.74 9.06
N GLN A 167 -14.11 5.11 10.25
CA GLN A 167 -15.25 6.01 10.40
C GLN A 167 -14.96 7.30 9.64
N GLN A 168 -13.77 7.85 9.87
CA GLN A 168 -13.34 9.06 9.17
C GLN A 168 -13.39 8.88 7.66
N ALA A 169 -12.78 7.81 7.18
CA ALA A 169 -12.76 7.48 5.76
C ALA A 169 -14.16 7.20 5.20
N SER A 170 -15.05 6.71 6.05
CA SER A 170 -16.43 6.44 5.64
C SER A 170 -17.20 7.75 5.50
N ARG A 171 -16.95 8.67 6.43
CA ARG A 171 -17.51 10.01 6.37
C ARG A 171 -16.92 10.74 5.16
N SER A 172 -15.60 10.90 5.18
CA SER A 172 -14.82 11.42 4.05
C SER A 172 -15.40 12.72 3.46
N LEU A 173 -15.08 12.96 2.20
CA LEU A 173 -15.61 14.09 1.46
C LEU A 173 -15.81 13.67 0.00
N GLY A 174 -16.98 13.96 -0.54
CA GLY A 174 -17.30 13.50 -1.88
C GLY A 174 -16.80 14.44 -2.96
N PHE A 175 -16.39 13.85 -4.07
CA PHE A 175 -15.94 14.60 -5.23
C PHE A 175 -16.78 14.18 -6.43
N GLU A 176 -16.62 14.87 -7.55
CA GLU A 176 -17.32 14.51 -8.79
C GLU A 176 -17.09 13.03 -9.11
N ALA A 177 -18.20 12.30 -9.26
CA ALA A 177 -18.19 10.84 -9.31
C ALA A 177 -17.30 10.26 -10.41
N TRP A 178 -16.94 9.00 -10.24
CA TRP A 178 -16.10 8.27 -11.18
C TRP A 178 -16.96 7.64 -12.27
N GLN A 179 -16.43 7.60 -13.50
CA GLN A 179 -17.15 7.02 -14.63
C GLN A 179 -16.20 6.26 -15.55
N LEU A 180 -15.27 6.98 -16.15
CA LEU A 180 -14.38 6.39 -17.14
C LEU A 180 -13.06 5.98 -16.50
N SER A 181 -12.94 4.68 -16.24
CA SER A 181 -11.74 4.13 -15.63
C SER A 181 -11.76 2.59 -15.69
N THR A 182 -12.96 2.05 -15.87
CA THR A 182 -13.16 0.61 -15.94
C THR A 182 -12.74 0.05 -17.29
N GLN A 183 -11.52 -0.48 -17.33
CA GLN A 183 -10.98 -1.16 -18.50
C GLN A 183 -9.67 -1.84 -18.15
N ALA A 184 -9.55 -3.12 -18.46
CA ALA A 184 -8.36 -3.88 -18.15
C ALA A 184 -7.27 -3.64 -19.19
N GLY A 185 -7.62 -3.87 -20.45
CA GLY A 185 -6.68 -3.69 -21.53
C GLY A 185 -5.52 -4.67 -21.45
N HIS A 186 -4.31 -4.17 -21.64
CA HIS A 186 -3.08 -4.97 -21.53
C HIS A 186 -2.96 -5.95 -22.69
N ALA A 187 -1.85 -6.67 -22.71
CA ALA A 187 -1.60 -7.65 -23.75
C ALA A 187 -1.19 -8.97 -23.13
N MET A 1 -10.67 4.79 -18.83
CA MET A 1 -9.43 4.02 -18.55
C MET A 1 -8.89 4.41 -17.19
N GLU A 2 -7.98 3.60 -16.65
CA GLU A 2 -7.53 3.75 -15.27
C GLU A 2 -8.75 3.81 -14.34
N SER A 3 -9.51 2.71 -14.31
CA SER A 3 -10.78 2.67 -13.59
C SER A 3 -10.64 3.19 -12.16
N LEU A 4 -9.54 2.82 -11.52
CA LEU A 4 -9.20 3.36 -10.22
C LEU A 4 -7.85 4.06 -10.30
N GLN A 5 -7.87 5.38 -10.39
CA GLN A 5 -6.64 6.14 -10.51
C GLN A 5 -5.87 6.14 -9.20
N ASN A 6 -6.47 6.68 -8.15
CA ASN A 6 -5.87 6.67 -6.82
C ASN A 6 -6.94 6.94 -5.76
N HIS A 7 -7.33 5.91 -5.03
CA HIS A 7 -8.41 6.02 -4.04
C HIS A 7 -8.26 4.96 -2.95
N PHE A 8 -9.02 5.12 -1.87
CA PHE A 8 -9.14 4.09 -0.85
C PHE A 8 -10.33 3.20 -1.18
N LEU A 9 -10.30 1.97 -0.71
CA LEU A 9 -11.37 1.01 -0.95
C LEU A 9 -11.94 0.54 0.38
N ILE A 10 -13.18 0.91 0.66
CA ILE A 10 -13.86 0.44 1.83
C ILE A 10 -14.86 -0.65 1.46
N ALA A 11 -14.92 -1.70 2.26
CA ALA A 11 -15.73 -2.86 1.95
C ALA A 11 -16.90 -2.99 2.92
N MET A 12 -17.81 -3.90 2.61
CA MET A 12 -18.96 -4.14 3.45
C MET A 12 -18.91 -5.54 4.05
N PRO A 13 -18.97 -5.63 5.39
CA PRO A 13 -18.94 -6.92 6.09
C PRO A 13 -20.25 -7.69 5.94
N SER A 14 -20.44 -8.26 4.76
CA SER A 14 -21.67 -8.99 4.45
C SER A 14 -21.43 -9.98 3.31
N LEU A 15 -20.39 -9.74 2.52
CA LEU A 15 -20.08 -10.57 1.37
C LEU A 15 -19.27 -11.81 1.77
N ASP A 16 -19.84 -12.57 2.72
CA ASP A 16 -19.15 -13.70 3.35
C ASP A 16 -17.75 -13.30 3.79
N ASP A 17 -17.65 -12.94 5.07
CA ASP A 17 -16.45 -12.32 5.63
C ASP A 17 -15.36 -13.35 5.87
N THR A 18 -14.83 -13.88 4.78
CA THR A 18 -13.70 -14.80 4.83
C THR A 18 -12.39 -14.03 5.05
N PHE A 19 -12.52 -12.74 5.37
CA PHE A 19 -11.39 -11.87 5.67
C PHE A 19 -10.54 -11.59 4.43
N PHE A 20 -9.46 -10.83 4.64
CA PHE A 20 -8.54 -10.39 3.58
C PHE A 20 -9.22 -9.36 2.68
N GLU A 21 -10.33 -9.74 2.09
CA GLU A 21 -11.13 -8.82 1.28
C GLU A 21 -11.83 -7.84 2.21
N ARG A 22 -12.08 -8.31 3.43
CA ARG A 22 -12.72 -7.52 4.46
C ARG A 22 -11.69 -6.63 5.16
N THR A 23 -11.19 -5.68 4.39
CA THR A 23 -10.18 -4.73 4.86
C THR A 23 -10.34 -3.38 4.16
N VAL A 24 -9.38 -2.50 4.36
CA VAL A 24 -9.31 -1.25 3.64
C VAL A 24 -8.08 -1.23 2.75
N ILE A 25 -8.29 -1.19 1.46
CA ILE A 25 -7.20 -1.26 0.50
C ILE A 25 -6.92 0.12 -0.11
N TYR A 26 -5.66 0.43 -0.31
CA TYR A 26 -5.28 1.67 -0.97
C TYR A 26 -4.51 1.35 -2.24
N LEU A 27 -5.03 1.77 -3.38
CA LEU A 27 -4.38 1.54 -4.65
C LEU A 27 -3.62 2.78 -5.11
N CYS A 28 -2.35 2.59 -5.41
CA CYS A 28 -1.48 3.69 -5.78
C CYS A 28 -1.05 3.58 -7.23
N GLU A 29 -0.85 2.36 -7.71
CA GLU A 29 -0.44 2.15 -9.09
C GLU A 29 -1.63 1.70 -9.92
N HIS A 30 -1.44 1.67 -11.23
CA HIS A 30 -2.50 1.29 -12.14
C HIS A 30 -1.95 1.06 -13.54
N ASP A 31 -2.54 0.10 -14.26
CA ASP A 31 -2.13 -0.18 -15.62
C ASP A 31 -3.31 -0.73 -16.42
N GLU A 32 -3.26 -2.04 -16.72
CA GLU A 32 -4.10 -2.71 -17.74
C GLU A 32 -5.36 -1.90 -18.07
N LYS A 33 -6.37 -2.03 -17.22
CA LYS A 33 -7.52 -1.15 -17.29
C LYS A 33 -7.87 -0.72 -15.87
N GLY A 34 -6.98 -1.07 -14.95
CA GLY A 34 -7.30 -0.98 -13.54
C GLY A 34 -6.11 -0.62 -12.69
N ALA A 35 -6.22 -0.86 -11.38
CA ALA A 35 -5.21 -0.40 -10.43
C ALA A 35 -4.65 -1.54 -9.59
N MET A 36 -3.63 -1.23 -8.79
CA MET A 36 -3.06 -2.16 -7.83
C MET A 36 -2.75 -1.44 -6.54
N GLY A 37 -2.99 -2.10 -5.42
CA GLY A 37 -2.84 -1.45 -4.13
C GLY A 37 -2.40 -2.38 -3.03
N LEU A 38 -2.27 -1.84 -1.84
CA LEU A 38 -1.88 -2.61 -0.66
C LEU A 38 -2.98 -2.58 0.39
N VAL A 39 -3.00 -3.60 1.23
CA VAL A 39 -3.91 -3.65 2.36
C VAL A 39 -3.32 -2.85 3.52
N ILE A 40 -3.92 -1.70 3.81
CA ILE A 40 -3.43 -0.83 4.87
C ILE A 40 -4.21 -1.09 6.16
N ASN A 41 -4.77 -2.28 6.27
CA ASN A 41 -5.61 -2.64 7.39
C ASN A 41 -5.28 -4.06 7.85
N LYS A 42 -5.74 -4.41 9.04
CA LYS A 42 -5.50 -5.72 9.66
C LYS A 42 -4.03 -5.84 10.07
N PRO A 43 -3.75 -5.61 11.36
CA PRO A 43 -2.38 -5.67 11.90
C PRO A 43 -1.75 -7.05 11.70
N LEU A 44 -0.55 -7.05 11.12
CA LEU A 44 0.20 -8.27 10.92
C LEU A 44 1.56 -8.14 11.57
N GLY A 45 2.10 -9.25 12.03
CA GLY A 45 3.38 -9.23 12.69
C GLY A 45 4.41 -10.04 11.95
N ILE A 46 4.65 -9.69 10.69
CA ILE A 46 5.69 -10.33 9.91
C ILE A 46 7.04 -9.84 10.40
N GLU A 47 7.81 -10.78 10.93
CA GLU A 47 9.01 -10.44 11.68
C GLU A 47 10.23 -10.32 10.78
N VAL A 48 11.29 -9.73 11.36
CA VAL A 48 12.53 -9.44 10.65
C VAL A 48 13.15 -10.69 10.03
N ASN A 49 12.88 -11.85 10.62
CA ASN A 49 13.42 -13.11 10.11
C ASN A 49 13.00 -13.32 8.65
N SER A 50 11.71 -13.18 8.40
CA SER A 50 11.18 -13.34 7.05
C SER A 50 11.63 -12.18 6.17
N LEU A 51 11.80 -11.02 6.79
CA LEU A 51 12.26 -9.82 6.08
C LEU A 51 13.65 -10.04 5.49
N LEU A 52 14.53 -10.68 6.24
CA LEU A 52 15.85 -11.02 5.74
C LEU A 52 15.75 -12.00 4.58
N GLU A 53 14.88 -13.00 4.73
CA GLU A 53 14.70 -14.02 3.71
C GLU A 53 14.15 -13.43 2.42
N GLN A 54 13.19 -12.52 2.53
CA GLN A 54 12.60 -11.87 1.36
C GLN A 54 13.52 -10.79 0.81
N MET A 55 14.38 -10.24 1.66
CA MET A 55 15.32 -9.21 1.24
C MET A 55 16.35 -9.81 0.31
N ASP A 56 16.97 -10.91 0.75
CA ASP A 56 17.92 -11.63 -0.07
C ASP A 56 18.15 -13.02 0.52
N LEU A 57 19.02 -13.10 1.53
CA LEU A 57 19.34 -14.35 2.19
C LEU A 57 20.34 -14.15 3.33
N PRO A 58 21.56 -13.65 3.04
CA PRO A 58 22.63 -13.56 4.05
C PRO A 58 22.67 -12.23 4.80
N THR A 59 23.12 -12.30 6.05
CA THR A 59 23.37 -11.11 6.85
C THR A 59 24.78 -10.59 6.53
N GLU A 60 24.93 -9.27 6.40
CA GLU A 60 26.20 -8.68 5.98
C GLU A 60 27.36 -9.09 6.87
N GLN A 61 27.36 -8.65 8.12
CA GLN A 61 28.41 -8.99 9.07
C GLN A 61 27.90 -8.86 10.50
N VAL A 62 28.28 -9.83 11.34
CA VAL A 62 27.90 -9.87 12.75
C VAL A 62 26.38 -9.95 12.89
N SER A 63 25.73 -8.81 12.88
CA SER A 63 24.29 -8.75 13.01
C SER A 63 23.78 -7.46 12.36
N ALA A 64 24.46 -7.04 11.31
CA ALA A 64 24.07 -5.85 10.56
C ALA A 64 22.72 -6.06 9.88
N ASP A 65 21.67 -5.56 10.51
CA ASP A 65 20.32 -5.72 10.02
C ASP A 65 19.80 -4.41 9.43
N LEU A 66 18.79 -4.51 8.58
CA LEU A 66 18.21 -3.35 7.92
C LEU A 66 16.69 -3.47 7.85
N ALA A 67 16.14 -4.43 8.57
CA ALA A 67 14.70 -4.66 8.57
C ALA A 67 14.14 -4.63 9.98
N MET A 68 14.88 -3.98 10.87
CA MET A 68 14.49 -3.84 12.27
C MET A 68 13.14 -3.15 12.39
N GLY A 69 12.15 -3.91 12.83
CA GLY A 69 10.81 -3.38 13.00
C GLY A 69 9.83 -4.47 13.34
N SER A 70 9.80 -5.51 12.52
CA SER A 70 8.98 -6.69 12.77
C SER A 70 7.48 -6.35 12.83
N GLN A 71 7.08 -5.37 12.03
CA GLN A 71 5.68 -4.96 11.98
C GLN A 71 5.18 -5.00 10.53
N VAL A 72 5.78 -5.87 9.72
CA VAL A 72 5.51 -5.87 8.29
C VAL A 72 4.16 -6.51 7.96
N LEU A 73 3.49 -5.96 6.94
CA LEU A 73 2.18 -6.42 6.53
C LEU A 73 2.29 -7.28 5.26
N MET A 74 1.14 -7.75 4.78
CA MET A 74 1.08 -8.57 3.58
C MET A 74 0.04 -8.02 2.63
N GLY A 75 0.45 -7.73 1.40
CA GLY A 75 -0.47 -7.20 0.42
C GLY A 75 -1.14 -8.32 -0.37
N GLY A 76 -0.38 -9.36 -0.67
CA GLY A 76 -0.93 -10.47 -1.41
C GLY A 76 0.11 -11.13 -2.31
N PRO A 77 0.36 -12.43 -2.12
CA PRO A 77 1.33 -13.19 -2.93
C PRO A 77 0.77 -13.59 -4.29
N VAL A 78 0.14 -12.63 -4.97
CA VAL A 78 -0.50 -12.89 -6.25
C VAL A 78 0.54 -13.16 -7.34
N SER A 79 1.69 -12.53 -7.23
CA SER A 79 2.78 -12.75 -8.16
C SER A 79 3.69 -13.85 -7.64
N GLN A 80 4.22 -13.63 -6.45
CA GLN A 80 5.02 -14.62 -5.75
C GLN A 80 5.13 -14.23 -4.28
N ASP A 81 5.90 -13.18 -4.04
CA ASP A 81 6.06 -12.58 -2.71
C ASP A 81 6.93 -11.36 -2.86
N ARG A 82 7.05 -10.56 -1.78
CA ARG A 82 7.79 -9.29 -1.80
C ARG A 82 7.02 -8.25 -2.62
N GLY A 83 6.80 -7.09 -2.02
CA GLY A 83 6.02 -6.06 -2.69
C GLY A 83 6.75 -4.74 -2.75
N PHE A 84 6.12 -3.70 -2.22
CA PHE A 84 6.72 -2.38 -2.23
C PHE A 84 6.37 -1.63 -0.95
N VAL A 85 7.03 -0.50 -0.76
CA VAL A 85 6.90 0.30 0.45
C VAL A 85 6.29 1.67 0.13
N LEU A 86 5.24 2.03 0.84
CA LEU A 86 4.64 3.34 0.69
C LEU A 86 5.41 4.34 1.53
N HIS A 87 5.64 5.51 0.96
CA HIS A 87 6.63 6.44 1.50
C HIS A 87 6.08 7.86 1.52
N THR A 88 6.47 8.64 2.51
CA THR A 88 6.20 10.06 2.50
C THR A 88 6.82 10.71 1.27
N SER A 89 6.19 11.75 0.77
CA SER A 89 6.66 12.47 -0.40
C SER A 89 8.11 12.92 -0.21
N GLN A 90 8.95 12.56 -1.17
CA GLN A 90 10.37 12.85 -1.10
C GLN A 90 10.76 13.84 -2.19
N PRO A 91 11.79 14.66 -1.96
CA PRO A 91 12.35 15.55 -2.98
C PRO A 91 12.97 14.75 -4.12
N TYR A 92 13.56 13.62 -3.77
CA TYR A 92 14.13 12.69 -4.76
C TYR A 92 14.54 11.38 -4.09
N TRP A 93 14.76 10.37 -4.90
CA TRP A 93 15.20 9.05 -4.43
C TRP A 93 15.65 8.23 -5.64
N ALA A 94 16.10 7.00 -5.41
CA ALA A 94 16.47 6.11 -6.50
C ALA A 94 15.28 5.82 -7.42
N ASN A 95 14.08 5.92 -6.85
CA ASN A 95 12.85 5.77 -7.60
C ASN A 95 11.80 6.74 -7.07
N SER A 96 10.86 7.12 -7.92
CA SER A 96 9.81 8.06 -7.55
C SER A 96 8.52 7.77 -8.31
N THR A 97 7.40 8.26 -7.79
CA THR A 97 6.10 7.98 -8.38
C THR A 97 5.62 9.14 -9.26
N GLU A 98 5.18 8.82 -10.47
CA GLU A 98 4.58 9.81 -11.35
C GLU A 98 3.08 9.90 -11.10
N LEU A 99 2.48 11.00 -11.55
CA LEU A 99 1.04 11.25 -11.39
C LEU A 99 0.63 11.26 -9.91
N GLY A 100 1.59 11.44 -9.03
CA GLY A 100 1.30 11.43 -7.61
C GLY A 100 0.99 12.82 -7.07
N SER A 101 2.04 13.60 -6.81
CA SER A 101 1.91 14.96 -6.28
C SER A 101 1.33 14.96 -4.86
N GLY A 102 1.21 13.76 -4.28
CA GLY A 102 0.69 13.65 -2.93
C GLY A 102 1.66 12.95 -2.02
N LEU A 103 1.86 11.66 -2.25
CA LEU A 103 2.81 10.87 -1.48
C LEU A 103 3.81 10.22 -2.43
N MET A 104 4.66 9.35 -1.90
CA MET A 104 5.69 8.72 -2.72
C MET A 104 5.63 7.21 -2.57
N LEU A 105 6.22 6.51 -3.52
CA LEU A 105 6.32 5.07 -3.46
C LEU A 105 7.78 4.64 -3.61
N THR A 106 8.17 3.61 -2.90
CA THR A 106 9.51 3.06 -3.01
C THR A 106 9.44 1.54 -3.09
N THR A 107 10.17 0.95 -4.01
CA THR A 107 10.15 -0.49 -4.19
C THR A 107 10.83 -1.20 -3.02
N SER A 108 10.66 -2.52 -2.94
CA SER A 108 11.32 -3.31 -1.92
C SER A 108 12.83 -3.30 -2.13
N ARG A 109 13.59 -3.45 -1.04
CA ARG A 109 15.05 -3.37 -1.09
C ARG A 109 15.47 -1.91 -1.36
N ASP A 110 16.77 -1.63 -1.29
CA ASP A 110 17.32 -0.28 -1.52
C ASP A 110 17.04 0.63 -0.34
N VAL A 111 15.77 0.81 -0.05
CA VAL A 111 15.35 1.74 1.00
C VAL A 111 15.57 1.13 2.38
N LEU A 112 15.48 -0.19 2.46
CA LEU A 112 15.62 -0.91 3.73
C LEU A 112 16.94 -0.59 4.42
N THR A 113 18.04 -0.66 3.69
CA THR A 113 19.36 -0.43 4.28
C THR A 113 19.45 0.97 4.86
N ALA A 114 18.79 1.93 4.23
CA ALA A 114 18.78 3.30 4.72
C ALA A 114 18.01 3.37 6.04
N ILE A 115 16.92 2.61 6.11
CA ILE A 115 16.12 2.54 7.33
C ILE A 115 16.94 1.91 8.44
N GLY A 116 17.64 0.83 8.11
CA GLY A 116 18.47 0.15 9.08
C GLY A 116 19.71 0.93 9.46
N SER A 117 20.03 1.97 8.70
CA SER A 117 21.18 2.80 9.00
C SER A 117 20.86 3.79 10.12
N LYS A 118 19.83 4.60 9.93
CA LYS A 118 19.48 5.62 10.92
C LYS A 118 18.02 6.03 10.80
N ARG A 119 17.25 5.28 10.01
CA ARG A 119 15.87 5.64 9.70
C ARG A 119 15.80 7.04 9.11
N SER A 120 16.22 7.16 7.86
CA SER A 120 16.21 8.43 7.16
C SER A 120 14.80 8.93 6.84
N PRO A 121 13.87 8.07 6.32
CA PRO A 121 12.50 8.47 6.03
C PRO A 121 11.72 8.83 7.30
N ASP A 122 10.69 9.65 7.13
CA ASP A 122 9.84 10.06 8.25
C ASP A 122 8.96 8.90 8.67
N LYS A 123 8.05 8.54 7.79
CA LYS A 123 7.17 7.41 8.01
C LYS A 123 6.99 6.64 6.72
N PHE A 124 6.58 5.39 6.83
CA PHE A 124 6.43 4.51 5.69
C PHE A 124 5.63 3.28 6.08
N LEU A 125 5.21 2.50 5.10
CA LEU A 125 4.51 1.25 5.37
C LEU A 125 5.11 0.17 4.49
N VAL A 126 5.24 -1.03 5.04
CA VAL A 126 5.88 -2.14 4.35
C VAL A 126 4.96 -3.35 4.29
N ALA A 127 4.68 -3.80 3.08
CA ALA A 127 3.85 -4.98 2.88
C ALA A 127 4.42 -5.82 1.76
N LEU A 128 4.50 -7.13 1.97
CA LEU A 128 5.01 -8.03 0.94
C LEU A 128 3.88 -8.47 0.04
N GLY A 129 4.12 -8.40 -1.26
CA GLY A 129 3.08 -8.67 -2.22
C GLY A 129 2.18 -7.47 -2.40
N TYR A 130 1.06 -7.65 -3.09
CA TYR A 130 0.11 -6.57 -3.30
C TYR A 130 -1.25 -7.14 -3.65
N ALA A 131 -2.27 -6.30 -3.55
CA ALA A 131 -3.63 -6.72 -3.80
C ALA A 131 -3.86 -6.85 -5.30
N GLY A 132 -3.69 -8.06 -5.80
CA GLY A 132 -3.89 -8.31 -7.21
C GLY A 132 -5.28 -8.81 -7.50
N TRP A 133 -6.09 -7.97 -8.14
CA TRP A 133 -7.45 -8.31 -8.54
C TRP A 133 -7.49 -9.57 -9.40
N SER A 134 -6.39 -9.84 -10.09
CA SER A 134 -6.25 -11.07 -10.86
C SER A 134 -6.62 -12.31 -10.04
N LYS A 135 -6.22 -12.30 -8.76
CA LYS A 135 -6.53 -13.41 -7.85
C LYS A 135 -8.05 -13.50 -7.59
N ASN A 136 -8.73 -12.38 -7.72
CA ASN A 136 -10.19 -12.36 -7.69
C ASN A 136 -10.71 -12.88 -9.03
N GLN A 137 -10.43 -12.10 -10.07
CA GLN A 137 -10.74 -12.44 -11.45
C GLN A 137 -10.34 -11.29 -12.35
N LEU A 138 -11.04 -10.17 -12.19
CA LEU A 138 -10.72 -8.93 -12.87
C LEU A 138 -10.80 -7.78 -11.87
N GLU A 139 -10.15 -6.68 -12.18
CA GLU A 139 -10.21 -5.48 -11.34
C GLU A 139 -11.61 -4.87 -11.41
N GLN A 140 -12.25 -5.08 -12.55
CA GLN A 140 -13.61 -4.62 -12.81
C GLN A 140 -14.60 -5.16 -11.80
N GLU A 141 -14.29 -6.33 -11.23
CA GLU A 141 -15.21 -7.01 -10.31
C GLU A 141 -15.60 -6.10 -9.15
N LEU A 142 -14.68 -5.22 -8.75
CA LEU A 142 -14.90 -4.31 -7.63
C LEU A 142 -16.14 -3.44 -7.87
N ALA A 143 -16.41 -3.14 -9.14
CA ALA A 143 -17.52 -2.28 -9.50
C ALA A 143 -18.85 -2.98 -9.22
N ASP A 144 -19.02 -4.18 -9.75
CA ASP A 144 -20.26 -4.94 -9.56
C ASP A 144 -20.32 -5.54 -8.15
N ASN A 145 -19.15 -5.65 -7.52
CA ASN A 145 -19.05 -6.11 -6.14
C ASN A 145 -19.66 -5.06 -5.21
N SER A 146 -19.61 -3.79 -5.66
CA SER A 146 -20.25 -2.66 -4.96
C SER A 146 -19.35 -2.08 -3.87
N TRP A 147 -18.04 -2.23 -4.01
CA TRP A 147 -17.08 -1.58 -3.11
C TRP A 147 -17.19 -0.06 -3.26
N LEU A 148 -16.89 0.66 -2.19
CA LEU A 148 -16.98 2.11 -2.23
C LEU A 148 -15.58 2.71 -2.30
N THR A 149 -15.46 3.81 -3.02
CA THR A 149 -14.18 4.46 -3.21
C THR A 149 -14.18 5.87 -2.66
N ILE A 150 -13.13 6.22 -1.93
CA ILE A 150 -12.98 7.57 -1.40
C ILE A 150 -11.60 8.12 -1.76
N PRO A 151 -11.47 9.45 -1.87
CA PRO A 151 -10.17 10.10 -2.16
C PRO A 151 -9.13 9.84 -1.09
N ALA A 152 -7.86 9.88 -1.47
CA ALA A 152 -6.77 9.62 -0.54
C ALA A 152 -6.32 10.89 0.16
N ASP A 153 -5.89 10.74 1.42
CA ASP A 153 -5.38 11.87 2.19
C ASP A 153 -4.06 11.51 2.88
N HIS A 154 -3.27 12.54 3.18
CA HIS A 154 -1.94 12.36 3.77
C HIS A 154 -2.04 11.82 5.19
N ALA A 155 -3.00 12.35 5.95
CA ALA A 155 -3.15 11.97 7.35
C ALA A 155 -3.99 10.71 7.48
N LEU A 156 -5.06 10.65 6.69
CA LEU A 156 -5.97 9.52 6.72
C LEU A 156 -5.25 8.21 6.39
N LEU A 157 -4.22 8.30 5.56
CA LEU A 157 -3.49 7.12 5.13
C LEU A 157 -2.53 6.62 6.20
N PHE A 158 -1.61 7.47 6.62
CA PHE A 158 -0.50 7.02 7.47
C PHE A 158 -0.63 7.46 8.93
N ASP A 159 -1.52 8.40 9.22
CA ASP A 159 -1.56 8.98 10.56
C ASP A 159 -2.79 8.53 11.33
N ILE A 160 -3.83 8.13 10.62
CA ILE A 160 -5.04 7.65 11.26
C ILE A 160 -4.89 6.18 11.64
N ASN A 161 -4.74 5.92 12.94
CA ASN A 161 -4.52 4.57 13.46
C ASN A 161 -5.76 3.69 13.24
N HIS A 162 -6.77 3.84 14.08
CA HIS A 162 -8.01 3.08 13.92
C HIS A 162 -9.19 3.73 14.65
N GLU A 163 -8.90 4.68 15.53
CA GLU A 163 -9.92 5.31 16.36
C GLU A 163 -11.04 5.90 15.51
N ASP A 164 -10.68 6.82 14.63
CA ASP A 164 -11.66 7.51 13.79
C ASP A 164 -11.59 6.99 12.36
N ARG A 165 -10.76 5.96 12.14
CA ARG A 165 -10.45 5.50 10.78
C ARG A 165 -11.69 5.22 9.93
N TRP A 166 -12.60 4.39 10.42
CA TRP A 166 -13.71 3.96 9.60
C TRP A 166 -14.73 5.10 9.45
N GLN A 167 -14.90 5.88 10.51
CA GLN A 167 -15.77 7.05 10.47
C GLN A 167 -15.24 8.06 9.46
N GLN A 168 -13.93 8.30 9.52
CA GLN A 168 -13.25 9.14 8.53
C GLN A 168 -13.53 8.64 7.13
N ALA A 169 -13.28 7.35 6.93
CA ALA A 169 -13.53 6.71 5.65
C ALA A 169 -14.99 6.92 5.18
N SER A 170 -15.92 6.85 6.12
CA SER A 170 -17.34 7.00 5.80
C SER A 170 -17.66 8.45 5.40
N ARG A 171 -16.99 9.41 6.02
CA ARG A 171 -17.19 10.81 5.68
C ARG A 171 -16.38 11.18 4.44
N SER A 172 -15.45 10.28 4.09
CA SER A 172 -14.61 10.39 2.89
C SER A 172 -13.40 11.29 3.14
N LEU A 173 -13.65 12.49 3.67
CA LEU A 173 -12.60 13.44 4.04
C LEU A 173 -11.91 14.02 2.80
N GLY A 174 -12.38 13.62 1.63
CA GLY A 174 -11.81 14.09 0.38
C GLY A 174 -12.27 15.50 0.04
N PHE A 175 -11.42 16.48 0.34
CA PHE A 175 -11.74 17.88 0.13
C PHE A 175 -12.04 18.17 -1.35
N GLU A 176 -11.13 17.77 -2.23
CA GLU A 176 -11.29 18.05 -3.66
C GLU A 176 -12.07 16.93 -4.34
N ALA A 177 -11.86 15.70 -3.86
CA ALA A 177 -12.55 14.51 -4.39
C ALA A 177 -12.32 14.34 -5.88
N TRP A 178 -11.16 14.77 -6.35
CA TRP A 178 -10.85 14.72 -7.77
C TRP A 178 -10.09 13.44 -8.11
N GLN A 179 -9.69 13.30 -9.38
CA GLN A 179 -8.93 12.15 -9.85
C GLN A 179 -9.72 10.85 -9.70
N LEU A 180 -10.58 10.58 -10.67
CA LEU A 180 -11.39 9.36 -10.66
C LEU A 180 -10.82 8.35 -11.64
N SER A 181 -11.02 8.63 -12.92
CA SER A 181 -10.51 7.79 -13.99
C SER A 181 -10.35 8.65 -15.25
N THR A 182 -9.43 8.28 -16.13
CA THR A 182 -9.21 9.04 -17.33
C THR A 182 -10.12 8.56 -18.46
N GLN A 183 -11.26 9.27 -18.58
CA GLN A 183 -12.26 9.11 -19.64
C GLN A 183 -12.20 7.75 -20.34
N ALA A 184 -11.44 7.68 -21.44
CA ALA A 184 -11.33 6.48 -22.24
C ALA A 184 -10.17 6.62 -23.22
N GLY A 185 -9.98 5.62 -24.05
CA GLY A 185 -8.91 5.65 -25.03
C GLY A 185 -9.33 5.03 -26.34
N HIS A 186 -8.47 5.10 -27.33
CA HIS A 186 -8.77 4.53 -28.63
C HIS A 186 -7.93 3.29 -28.87
N ALA A 187 -8.40 2.44 -29.78
CA ALA A 187 -7.71 1.20 -30.08
C ALA A 187 -6.92 1.34 -31.38
N MET A 1 -14.45 5.72 -17.31
CA MET A 1 -15.43 6.34 -16.39
C MET A 1 -14.77 6.60 -15.04
N GLU A 2 -14.62 5.55 -14.25
CA GLU A 2 -13.97 5.67 -12.95
C GLU A 2 -12.56 5.10 -13.02
N SER A 3 -11.57 5.96 -12.87
CA SER A 3 -10.18 5.55 -12.97
C SER A 3 -9.64 5.15 -11.61
N LEU A 4 -9.21 3.90 -11.48
CA LEU A 4 -8.58 3.43 -10.26
C LEU A 4 -7.19 4.02 -10.11
N GLN A 5 -7.06 5.02 -9.26
CA GLN A 5 -5.77 5.64 -8.98
C GLN A 5 -5.79 6.37 -7.65
N ASN A 6 -4.74 6.16 -6.84
CA ASN A 6 -4.57 6.81 -5.53
C ASN A 6 -5.90 6.96 -4.78
N HIS A 7 -6.41 5.86 -4.26
CA HIS A 7 -7.73 5.87 -3.63
C HIS A 7 -7.92 4.65 -2.75
N PHE A 8 -8.85 4.76 -1.82
CA PHE A 8 -9.22 3.64 -0.97
C PHE A 8 -10.40 2.89 -1.58
N LEU A 9 -10.50 1.62 -1.26
CA LEU A 9 -11.68 0.83 -1.58
C LEU A 9 -12.35 0.40 -0.29
N ILE A 10 -13.54 0.95 -0.04
CA ILE A 10 -14.28 0.66 1.17
C ILE A 10 -15.34 -0.40 0.91
N ALA A 11 -15.41 -1.41 1.75
CA ALA A 11 -16.40 -2.45 1.63
C ALA A 11 -17.43 -2.35 2.75
N MET A 12 -18.69 -2.36 2.38
CA MET A 12 -19.76 -2.26 3.36
C MET A 12 -20.68 -3.50 3.35
N PRO A 13 -21.20 -3.94 2.18
CA PRO A 13 -22.10 -5.09 2.10
C PRO A 13 -21.37 -6.42 2.35
N SER A 14 -20.04 -6.38 2.33
CA SER A 14 -19.20 -7.57 2.54
C SER A 14 -19.27 -8.54 1.35
N LEU A 15 -18.13 -9.16 1.04
CA LEU A 15 -18.04 -10.12 -0.04
C LEU A 15 -18.58 -11.48 0.40
N ASP A 16 -18.96 -11.57 1.68
CA ASP A 16 -19.46 -12.78 2.33
C ASP A 16 -18.59 -14.01 2.03
N ASP A 17 -17.75 -14.34 3.01
CA ASP A 17 -16.80 -15.44 2.91
C ASP A 17 -15.78 -15.20 1.81
N THR A 18 -15.01 -14.15 2.02
CA THR A 18 -13.84 -13.90 1.19
C THR A 18 -12.76 -14.93 1.51
N PHE A 19 -11.85 -15.14 0.56
CA PHE A 19 -10.78 -16.12 0.75
C PHE A 19 -9.67 -15.54 1.63
N PHE A 20 -9.67 -14.21 1.77
CA PHE A 20 -8.65 -13.54 2.57
C PHE A 20 -9.24 -12.31 3.26
N GLU A 21 -9.07 -11.13 2.66
CA GLU A 21 -9.54 -9.90 3.26
C GLU A 21 -10.85 -9.41 2.63
N ARG A 22 -11.52 -8.55 3.37
CA ARG A 22 -12.79 -7.98 2.98
C ARG A 22 -12.90 -6.57 3.55
N THR A 23 -11.74 -6.03 3.89
CA THR A 23 -11.66 -4.74 4.55
C THR A 23 -11.30 -3.64 3.54
N VAL A 24 -10.58 -2.62 3.99
CA VAL A 24 -10.25 -1.48 3.13
C VAL A 24 -8.91 -1.70 2.43
N ILE A 25 -8.90 -1.48 1.13
CA ILE A 25 -7.71 -1.66 0.33
C ILE A 25 -7.26 -0.32 -0.27
N TYR A 26 -5.95 -0.07 -0.27
CA TYR A 26 -5.42 1.14 -0.86
C TYR A 26 -4.69 0.84 -2.16
N LEU A 27 -5.10 1.52 -3.23
CA LEU A 27 -4.47 1.39 -4.52
C LEU A 27 -3.70 2.66 -4.85
N CYS A 28 -2.41 2.53 -5.14
CA CYS A 28 -1.57 3.68 -5.37
C CYS A 28 -1.18 3.78 -6.84
N GLU A 29 -0.53 2.74 -7.35
CA GLU A 29 -0.07 2.72 -8.73
C GLU A 29 -1.26 2.73 -9.69
N HIS A 30 -0.98 3.03 -10.95
CA HIS A 30 -2.03 3.11 -11.95
C HIS A 30 -1.44 2.99 -13.35
N ASP A 31 -2.08 2.21 -14.21
CA ASP A 31 -1.72 2.23 -15.62
C ASP A 31 -2.96 1.97 -16.49
N GLU A 32 -2.95 0.84 -17.21
CA GLU A 32 -3.87 0.60 -18.35
C GLU A 32 -5.22 1.28 -18.17
N LYS A 33 -6.04 0.73 -17.29
CA LYS A 33 -7.30 1.33 -16.94
C LYS A 33 -7.46 1.28 -15.44
N GLY A 34 -6.42 0.85 -14.78
CA GLY A 34 -6.56 0.38 -13.41
C GLY A 34 -5.40 0.71 -12.51
N ALA A 35 -5.35 0.02 -11.38
CA ALA A 35 -4.40 0.33 -10.32
C ALA A 35 -3.94 -0.93 -9.61
N MET A 36 -3.00 -0.75 -8.67
CA MET A 36 -2.52 -1.85 -7.85
C MET A 36 -2.50 -1.40 -6.39
N GLY A 37 -2.69 -2.33 -5.47
CA GLY A 37 -2.68 -1.98 -4.06
C GLY A 37 -2.83 -3.18 -3.16
N LEU A 38 -2.89 -2.94 -1.86
CA LEU A 38 -3.02 -3.99 -0.88
C LEU A 38 -3.90 -3.55 0.29
N VAL A 39 -4.14 -4.48 1.21
CA VAL A 39 -5.00 -4.23 2.36
C VAL A 39 -4.27 -3.40 3.41
N ILE A 40 -4.95 -2.42 3.98
CA ILE A 40 -4.34 -1.48 4.91
C ILE A 40 -5.02 -1.51 6.28
N ASN A 41 -5.48 -2.67 6.72
CA ASN A 41 -6.16 -2.77 8.01
C ASN A 41 -5.27 -3.44 9.06
N LYS A 42 -5.43 -4.75 9.25
CA LYS A 42 -4.69 -5.47 10.28
C LYS A 42 -4.73 -6.98 10.05
N PRO A 43 -3.70 -7.53 9.40
CA PRO A 43 -3.55 -8.97 9.24
C PRO A 43 -2.74 -9.60 10.38
N LEU A 44 -1.42 -9.59 10.22
CA LEU A 44 -0.52 -10.09 11.24
C LEU A 44 0.66 -9.13 11.41
N GLY A 45 1.66 -9.55 12.17
CA GLY A 45 2.84 -8.73 12.35
C GLY A 45 4.12 -9.52 12.13
N ILE A 46 4.90 -9.11 11.13
CA ILE A 46 6.15 -9.79 10.83
C ILE A 46 7.29 -9.11 11.58
N GLU A 47 7.93 -9.87 12.44
CA GLU A 47 8.96 -9.33 13.32
C GLU A 47 10.36 -9.53 12.75
N VAL A 48 11.32 -8.86 13.37
CA VAL A 48 12.72 -8.90 12.98
C VAL A 48 13.23 -10.33 12.74
N ASN A 49 12.73 -11.26 13.55
CA ASN A 49 13.13 -12.67 13.49
C ASN A 49 13.07 -13.21 12.07
N SER A 50 11.91 -13.05 11.44
CA SER A 50 11.70 -13.58 10.09
C SER A 50 12.59 -12.87 9.08
N LEU A 51 12.79 -11.57 9.29
CA LEU A 51 13.63 -10.77 8.41
C LEU A 51 15.07 -11.28 8.44
N LEU A 52 15.58 -11.51 9.65
CA LEU A 52 16.95 -11.96 9.82
C LEU A 52 17.19 -13.30 9.14
N GLU A 53 16.21 -14.19 9.22
CA GLU A 53 16.37 -15.54 8.69
C GLU A 53 16.32 -15.56 7.16
N GLN A 54 15.46 -14.74 6.58
CA GLN A 54 15.37 -14.67 5.12
C GLN A 54 16.52 -13.84 4.53
N MET A 55 16.92 -12.80 5.26
CA MET A 55 18.01 -11.92 4.82
C MET A 55 19.37 -12.59 4.97
N ASP A 56 19.42 -13.63 5.81
CA ASP A 56 20.65 -14.37 6.08
C ASP A 56 21.33 -14.83 4.79
N LEU A 57 22.26 -14.00 4.32
CA LEU A 57 22.99 -14.25 3.08
C LEU A 57 24.41 -13.69 3.20
N PRO A 58 25.39 -14.31 2.53
CA PRO A 58 26.76 -13.82 2.49
C PRO A 58 26.93 -12.69 1.48
N THR A 59 27.04 -11.46 1.99
CA THR A 59 27.22 -10.30 1.14
C THR A 59 28.47 -9.53 1.56
N GLU A 60 28.69 -9.43 2.87
CA GLU A 60 29.87 -8.78 3.43
C GLU A 60 29.80 -8.76 4.95
N GLN A 61 28.64 -8.34 5.47
CA GLN A 61 28.40 -8.32 6.90
C GLN A 61 26.91 -8.10 7.16
N VAL A 62 26.44 -8.66 8.26
CA VAL A 62 25.05 -8.46 8.67
C VAL A 62 24.98 -7.35 9.73
N SER A 63 26.16 -7.01 10.27
CA SER A 63 26.28 -6.01 11.32
C SER A 63 25.63 -6.48 12.62
N ALA A 64 24.31 -6.41 12.66
CA ALA A 64 23.53 -6.79 13.83
C ALA A 64 22.05 -6.69 13.49
N ASP A 65 21.66 -5.54 12.97
CA ASP A 65 20.32 -5.32 12.47
C ASP A 65 20.37 -4.41 11.25
N LEU A 66 20.20 -5.01 10.07
CA LEU A 66 20.22 -4.25 8.82
C LEU A 66 18.98 -3.37 8.71
N ALA A 67 17.90 -3.84 9.32
CA ALA A 67 16.65 -3.09 9.34
C ALA A 67 15.81 -3.56 10.53
N MET A 68 15.98 -2.90 11.66
CA MET A 68 15.22 -3.22 12.86
C MET A 68 13.81 -2.69 12.73
N GLY A 69 12.94 -3.50 12.14
CA GLY A 69 11.58 -3.07 11.89
C GLY A 69 10.58 -3.72 12.81
N SER A 70 10.41 -5.04 12.66
CA SER A 70 9.38 -5.79 13.34
C SER A 70 8.01 -5.14 13.18
N GLN A 71 7.84 -4.41 12.10
CA GLN A 71 6.60 -3.71 11.80
C GLN A 71 6.21 -4.01 10.36
N VAL A 72 6.56 -5.20 9.91
CA VAL A 72 6.34 -5.60 8.54
C VAL A 72 4.99 -6.31 8.40
N LEU A 73 4.25 -5.97 7.35
CA LEU A 73 2.97 -6.62 7.08
C LEU A 73 3.00 -7.22 5.69
N MET A 74 1.94 -7.91 5.33
CA MET A 74 1.79 -8.43 3.98
C MET A 74 0.51 -7.86 3.38
N GLY A 75 0.54 -7.59 2.08
CA GLY A 75 -0.62 -7.04 1.42
C GLY A 75 -1.43 -8.09 0.70
N GLY A 76 -1.00 -9.35 0.84
CA GLY A 76 -1.66 -10.44 0.13
C GLY A 76 -0.66 -11.43 -0.42
N PRO A 77 -0.81 -12.72 -0.10
CA PRO A 77 0.07 -13.77 -0.59
C PRO A 77 -0.24 -14.17 -2.03
N VAL A 78 0.20 -13.36 -2.98
CA VAL A 78 0.00 -13.65 -4.38
C VAL A 78 1.10 -14.56 -4.94
N SER A 79 1.16 -15.77 -4.38
CA SER A 79 2.15 -16.77 -4.76
C SER A 79 3.58 -16.29 -4.47
N GLN A 80 4.19 -15.63 -5.45
CA GLN A 80 5.54 -15.12 -5.30
C GLN A 80 5.72 -13.88 -6.16
N ASP A 81 5.82 -12.73 -5.51
CA ASP A 81 6.02 -11.48 -6.21
C ASP A 81 6.79 -10.52 -5.32
N ARG A 82 6.92 -9.27 -5.75
CA ARG A 82 7.70 -8.29 -5.03
C ARG A 82 6.82 -7.41 -4.16
N GLY A 83 7.37 -6.95 -3.05
CA GLY A 83 6.64 -6.03 -2.19
C GLY A 83 7.15 -4.61 -2.34
N PHE A 84 6.51 -3.68 -1.66
CA PHE A 84 6.91 -2.27 -1.76
C PHE A 84 6.76 -1.56 -0.42
N VAL A 85 7.39 -0.39 -0.32
CA VAL A 85 7.43 0.35 0.93
C VAL A 85 6.67 1.68 0.80
N LEU A 86 5.90 2.00 1.82
CA LEU A 86 5.15 3.24 1.85
C LEU A 86 5.89 4.27 2.70
N HIS A 87 5.98 5.49 2.20
CA HIS A 87 6.82 6.51 2.79
C HIS A 87 6.21 7.89 2.56
N THR A 88 6.39 8.79 3.51
CA THR A 88 5.94 10.16 3.31
C THR A 88 6.80 10.85 2.26
N SER A 89 6.18 11.71 1.46
CA SER A 89 6.83 12.32 0.33
C SER A 89 7.74 13.47 0.76
N GLN A 90 9.04 13.22 0.73
CA GLN A 90 10.06 14.22 1.00
C GLN A 90 11.46 13.63 0.73
N PRO A 91 11.88 12.59 1.46
CA PRO A 91 13.15 11.92 1.18
C PRO A 91 13.02 10.93 0.03
N TYR A 92 13.56 11.31 -1.12
CA TYR A 92 13.46 10.52 -2.33
C TYR A 92 14.36 9.29 -2.29
N TRP A 93 14.05 8.32 -3.13
CA TRP A 93 14.81 7.08 -3.24
C TRP A 93 14.94 6.67 -4.71
N ALA A 94 15.35 5.43 -4.93
CA ALA A 94 15.46 4.88 -6.28
C ALA A 94 14.14 5.01 -7.06
N ASN A 95 13.10 4.36 -6.56
CA ASN A 95 11.80 4.39 -7.22
C ASN A 95 10.83 5.24 -6.41
N SER A 96 10.17 6.17 -7.08
CA SER A 96 9.16 6.99 -6.45
C SER A 96 7.95 7.13 -7.36
N THR A 97 6.80 6.80 -6.83
CA THR A 97 5.55 6.84 -7.59
C THR A 97 5.07 8.28 -7.77
N GLU A 98 4.75 8.64 -9.00
CA GLU A 98 4.24 9.96 -9.31
C GLU A 98 2.72 9.95 -9.24
N LEU A 99 2.11 11.14 -9.27
CA LEU A 99 0.67 11.30 -9.21
C LEU A 99 0.11 10.87 -7.86
N GLY A 100 0.98 10.77 -6.87
CA GLY A 100 0.56 10.43 -5.52
C GLY A 100 0.29 11.66 -4.70
N SER A 101 -0.98 11.97 -4.50
CA SER A 101 -1.37 13.15 -3.74
C SER A 101 -1.30 12.91 -2.24
N GLY A 102 -1.25 11.64 -1.84
CA GLY A 102 -1.27 11.30 -0.43
C GLY A 102 0.13 11.16 0.15
N LEU A 103 0.88 10.20 -0.36
CA LEU A 103 2.22 9.94 0.10
C LEU A 103 3.09 9.49 -1.07
N MET A 104 4.21 8.85 -0.77
CA MET A 104 5.09 8.36 -1.81
C MET A 104 5.31 6.86 -1.63
N LEU A 105 5.68 6.22 -2.71
CA LEU A 105 5.87 4.79 -2.73
C LEU A 105 7.27 4.46 -3.25
N THR A 106 7.91 3.47 -2.64
CA THR A 106 9.24 3.08 -3.06
C THR A 106 9.31 1.56 -3.24
N THR A 107 10.13 1.11 -4.17
CA THR A 107 10.23 -0.31 -4.49
C THR A 107 11.66 -0.68 -4.87
N SER A 108 11.98 -1.97 -4.81
CA SER A 108 13.28 -2.51 -5.22
C SER A 108 14.36 -2.16 -4.19
N ARG A 109 15.61 -2.22 -4.63
CA ARG A 109 16.78 -1.93 -3.79
C ARG A 109 16.87 -0.44 -3.46
N ASP A 110 18.02 -0.04 -2.89
CA ASP A 110 18.30 1.34 -2.51
C ASP A 110 17.55 1.74 -1.25
N VAL A 111 16.26 1.45 -1.22
CA VAL A 111 15.43 1.77 -0.06
C VAL A 111 15.77 0.85 1.13
N LEU A 112 16.05 -0.41 0.84
CA LEU A 112 16.34 -1.40 1.89
C LEU A 112 17.49 -0.96 2.78
N THR A 113 18.60 -0.55 2.18
CA THR A 113 19.77 -0.15 2.95
C THR A 113 19.52 1.16 3.69
N ALA A 114 18.55 1.94 3.22
CA ALA A 114 18.22 3.21 3.84
C ALA A 114 17.26 3.04 5.00
N ILE A 115 16.58 1.88 5.05
CA ILE A 115 15.67 1.58 6.15
C ILE A 115 16.45 1.44 7.44
N GLY A 116 17.66 0.89 7.34
CA GLY A 116 18.53 0.77 8.49
C GLY A 116 19.30 2.04 8.76
N SER A 117 19.02 3.07 7.97
CA SER A 117 19.66 4.36 8.14
C SER A 117 18.62 5.38 8.60
N LYS A 118 18.97 6.66 8.53
CA LYS A 118 18.06 7.72 8.94
C LYS A 118 17.38 8.31 7.72
N ARG A 119 16.13 7.91 7.50
CA ARG A 119 15.36 8.37 6.35
C ARG A 119 13.87 8.37 6.69
N SER A 120 13.58 8.40 7.98
CA SER A 120 12.20 8.34 8.47
C SER A 120 11.72 9.73 8.93
N PRO A 121 10.84 10.36 8.14
CA PRO A 121 10.29 11.69 8.46
C PRO A 121 9.13 11.61 9.44
N ASP A 122 8.06 10.93 9.05
CA ASP A 122 6.87 10.83 9.90
C ASP A 122 6.36 9.39 9.93
N LYS A 123 5.73 8.98 8.85
CA LYS A 123 5.20 7.63 8.76
C LYS A 123 6.14 6.74 7.95
N PHE A 124 5.87 5.44 7.99
CA PHE A 124 6.67 4.45 7.29
C PHE A 124 5.99 3.09 7.42
N LEU A 125 5.84 2.40 6.31
CA LEU A 125 5.18 1.10 6.31
C LEU A 125 5.83 0.19 5.28
N VAL A 126 5.95 -1.09 5.63
CA VAL A 126 6.53 -2.09 4.73
C VAL A 126 5.56 -3.25 4.57
N ALA A 127 5.16 -3.53 3.33
CA ALA A 127 4.21 -4.59 3.07
C ALA A 127 4.74 -5.54 1.99
N LEU A 128 4.60 -6.83 2.25
CA LEU A 128 5.06 -7.85 1.32
C LEU A 128 3.93 -8.27 0.39
N GLY A 129 4.18 -8.20 -0.91
CA GLY A 129 3.19 -8.59 -1.88
C GLY A 129 2.12 -7.55 -2.08
N TYR A 130 1.02 -7.93 -2.71
CA TYR A 130 -0.10 -7.04 -2.96
C TYR A 130 -1.38 -7.84 -3.10
N ALA A 131 -2.48 -7.16 -3.41
CA ALA A 131 -3.76 -7.84 -3.56
C ALA A 131 -3.86 -8.49 -4.93
N GLY A 132 -4.79 -9.43 -5.07
CA GLY A 132 -4.84 -10.24 -6.27
C GLY A 132 -5.43 -9.54 -7.49
N TRP A 133 -5.00 -8.32 -7.77
CA TRP A 133 -5.44 -7.61 -8.97
C TRP A 133 -4.81 -8.22 -10.21
N SER A 134 -3.59 -8.71 -10.06
CA SER A 134 -2.92 -9.43 -11.14
C SER A 134 -3.72 -10.64 -11.58
N LYS A 135 -4.26 -11.36 -10.61
CA LYS A 135 -5.05 -12.56 -10.86
C LYS A 135 -6.45 -12.18 -11.35
N ASN A 136 -6.99 -11.09 -10.83
CA ASN A 136 -8.34 -10.64 -11.17
C ASN A 136 -8.37 -10.01 -12.57
N GLN A 137 -7.69 -8.88 -12.73
CA GLN A 137 -7.58 -8.18 -14.02
C GLN A 137 -8.97 -7.77 -14.56
N LEU A 138 -9.89 -7.52 -13.64
CA LEU A 138 -11.23 -7.06 -14.00
C LEU A 138 -11.62 -5.89 -13.10
N GLU A 139 -10.69 -4.95 -12.97
CA GLU A 139 -10.76 -3.88 -11.98
C GLU A 139 -12.11 -3.18 -12.00
N GLN A 140 -12.56 -2.78 -13.18
CA GLN A 140 -13.77 -1.97 -13.34
C GLN A 140 -14.95 -2.59 -12.59
N GLU A 141 -15.20 -3.87 -12.82
CA GLU A 141 -16.42 -4.49 -12.35
C GLU A 141 -16.44 -4.65 -10.84
N LEU A 142 -15.26 -4.82 -10.25
CA LEU A 142 -15.18 -5.05 -8.82
C LEU A 142 -15.53 -3.77 -8.07
N ALA A 143 -15.28 -2.63 -8.70
CA ALA A 143 -15.48 -1.35 -8.07
C ALA A 143 -16.96 -1.09 -7.81
N ASP A 144 -17.76 -1.19 -8.86
CA ASP A 144 -19.19 -0.92 -8.76
C ASP A 144 -19.92 -2.08 -8.09
N ASN A 145 -19.26 -3.24 -8.04
CA ASN A 145 -19.85 -4.45 -7.44
C ASN A 145 -20.36 -4.20 -6.02
N SER A 146 -19.48 -3.72 -5.14
CA SER A 146 -19.87 -3.47 -3.75
C SER A 146 -18.83 -2.62 -3.02
N TRP A 147 -17.98 -1.92 -3.76
CA TRP A 147 -16.91 -1.15 -3.16
C TRP A 147 -17.13 0.35 -3.36
N LEU A 148 -16.64 1.14 -2.41
CA LEU A 148 -16.73 2.58 -2.50
C LEU A 148 -15.35 3.17 -2.74
N THR A 149 -15.30 4.25 -3.51
CA THR A 149 -14.04 4.86 -3.88
C THR A 149 -13.92 6.28 -3.35
N ILE A 150 -12.82 6.55 -2.65
CA ILE A 150 -12.52 7.89 -2.14
C ILE A 150 -11.02 8.18 -2.27
N PRO A 151 -10.64 9.46 -2.38
CA PRO A 151 -9.23 9.86 -2.44
C PRO A 151 -8.45 9.44 -1.20
N ALA A 152 -7.15 9.24 -1.36
CA ALA A 152 -6.31 8.76 -0.28
C ALA A 152 -5.38 9.85 0.25
N ASP A 153 -5.16 9.83 1.56
CA ASP A 153 -4.26 10.78 2.22
C ASP A 153 -3.32 10.05 3.18
N HIS A 154 -2.12 10.60 3.37
CA HIS A 154 -1.09 9.98 4.21
C HIS A 154 -1.51 9.92 5.68
N ALA A 155 -2.20 10.95 6.13
CA ALA A 155 -2.58 11.04 7.53
C ALA A 155 -3.81 10.18 7.80
N LEU A 156 -4.81 10.31 6.95
CA LEU A 156 -6.04 9.55 7.09
C LEU A 156 -5.79 8.05 7.01
N LEU A 157 -4.76 7.66 6.25
CA LEU A 157 -4.46 6.25 6.04
C LEU A 157 -3.71 5.67 7.24
N PHE A 158 -2.57 6.26 7.55
CA PHE A 158 -1.65 5.68 8.52
C PHE A 158 -1.70 6.40 9.87
N ASP A 159 -1.67 7.73 9.84
CA ASP A 159 -1.48 8.52 11.04
C ASP A 159 -2.73 8.51 11.93
N ILE A 160 -3.88 8.64 11.30
CA ILE A 160 -5.15 8.60 12.03
C ILE A 160 -5.58 7.15 12.22
N ASN A 161 -5.04 6.51 13.25
CA ASN A 161 -5.35 5.12 13.52
C ASN A 161 -6.34 5.02 14.68
N HIS A 162 -7.62 4.99 14.35
CA HIS A 162 -8.68 4.92 15.35
C HIS A 162 -10.01 4.65 14.65
N GLU A 163 -11.07 4.53 15.45
CA GLU A 163 -12.41 4.28 14.91
C GLU A 163 -12.82 5.41 13.96
N ASP A 164 -12.43 6.62 14.32
CA ASP A 164 -12.82 7.82 13.57
C ASP A 164 -12.26 7.80 12.14
N ARG A 165 -11.25 6.95 11.89
CA ARG A 165 -10.67 6.84 10.55
C ARG A 165 -11.73 6.41 9.55
N TRP A 166 -12.53 5.42 9.92
CA TRP A 166 -13.57 4.91 9.04
C TRP A 166 -14.70 5.94 8.94
N GLN A 167 -14.97 6.61 10.05
CA GLN A 167 -16.00 7.63 10.12
C GLN A 167 -15.66 8.79 9.17
N GLN A 168 -14.42 9.25 9.25
CA GLN A 168 -13.93 10.29 8.35
C GLN A 168 -14.01 9.84 6.90
N ALA A 169 -13.43 8.68 6.62
CA ALA A 169 -13.43 8.10 5.29
C ALA A 169 -14.85 7.99 4.72
N SER A 170 -15.80 7.61 5.56
CA SER A 170 -17.18 7.44 5.14
C SER A 170 -17.79 8.79 4.72
N ARG A 171 -17.39 9.86 5.40
CA ARG A 171 -17.92 11.18 5.06
C ARG A 171 -17.18 11.78 3.86
N SER A 172 -16.01 11.22 3.56
CA SER A 172 -15.17 11.64 2.44
C SER A 172 -14.94 13.16 2.40
N LEU A 173 -13.95 13.62 3.16
CA LEU A 173 -13.63 15.04 3.19
C LEU A 173 -12.15 15.24 3.57
N GLY A 174 -11.85 15.05 4.85
CA GLY A 174 -10.50 15.24 5.33
C GLY A 174 -10.38 16.45 6.22
N PHE A 175 -9.15 16.91 6.44
CA PHE A 175 -8.90 18.08 7.29
C PHE A 175 -7.84 18.97 6.67
N GLU A 176 -8.17 20.24 6.50
CA GLU A 176 -7.23 21.22 5.99
C GLU A 176 -6.97 22.30 7.03
N ALA A 177 -5.72 22.76 7.12
CA ALA A 177 -5.36 23.80 8.08
C ALA A 177 -4.07 24.50 7.66
N TRP A 178 -2.94 23.95 8.09
CA TRP A 178 -1.61 24.49 7.78
C TRP A 178 -1.48 25.97 8.13
N GLN A 179 -1.76 26.30 9.39
CA GLN A 179 -1.46 27.62 9.89
C GLN A 179 -0.04 27.63 10.44
N LEU A 180 0.89 28.09 9.62
CA LEU A 180 2.30 28.09 9.96
C LEU A 180 2.58 29.05 11.10
N SER A 181 3.32 28.57 12.10
CA SER A 181 3.72 29.41 13.22
C SER A 181 4.74 30.43 12.75
N THR A 182 4.60 31.66 13.20
CA THR A 182 5.44 32.74 12.73
C THR A 182 6.14 33.44 13.89
N GLN A 183 7.46 33.52 13.80
CA GLN A 183 8.25 34.20 14.80
C GLN A 183 8.37 35.68 14.46
N ALA A 184 7.54 36.50 15.11
CA ALA A 184 7.50 37.92 14.83
C ALA A 184 8.66 38.66 15.50
N GLY A 185 8.60 38.76 16.82
CA GLY A 185 9.66 39.43 17.56
C GLY A 185 10.62 38.43 18.18
N HIS A 186 11.38 38.88 19.15
CA HIS A 186 12.35 38.02 19.81
C HIS A 186 12.20 38.08 21.32
N ALA A 187 11.91 36.95 21.93
CA ALA A 187 11.84 36.86 23.38
C ALA A 187 12.98 36.01 23.89
N MET A 1 -14.06 2.07 -18.58
CA MET A 1 -15.14 2.05 -17.56
C MET A 1 -14.55 2.08 -16.15
N GLU A 2 -14.50 3.28 -15.57
CA GLU A 2 -14.02 3.48 -14.20
C GLU A 2 -12.64 2.84 -13.97
N SER A 3 -11.60 3.52 -14.43
CA SER A 3 -10.25 3.02 -14.26
C SER A 3 -9.70 3.42 -12.89
N LEU A 4 -9.45 2.43 -12.04
CA LEU A 4 -8.93 2.69 -10.71
C LEU A 4 -7.42 2.87 -10.73
N GLN A 5 -6.91 3.60 -9.75
CA GLN A 5 -5.47 3.85 -9.64
C GLN A 5 -5.12 4.25 -8.21
N ASN A 6 -5.96 5.07 -7.62
CA ASN A 6 -5.76 5.53 -6.25
C ASN A 6 -7.08 5.43 -5.49
N HIS A 7 -7.20 6.16 -4.38
CA HIS A 7 -8.41 6.16 -3.53
C HIS A 7 -8.43 4.94 -2.62
N PHE A 8 -9.35 4.97 -1.64
CA PHE A 8 -9.49 3.85 -0.72
C PHE A 8 -10.66 2.98 -1.12
N LEU A 9 -10.60 1.72 -0.73
CA LEU A 9 -11.66 0.77 -1.02
C LEU A 9 -12.35 0.32 0.27
N ILE A 10 -13.66 0.49 0.31
CA ILE A 10 -14.46 0.02 1.42
C ILE A 10 -15.04 -1.34 1.10
N ALA A 11 -14.64 -2.34 1.87
CA ALA A 11 -15.03 -3.71 1.59
C ALA A 11 -16.20 -4.14 2.46
N MET A 12 -17.41 -3.92 1.95
CA MET A 12 -18.62 -4.32 2.66
C MET A 12 -19.11 -5.71 2.23
N PRO A 13 -19.32 -5.95 0.91
CA PRO A 13 -19.82 -7.25 0.43
C PRO A 13 -18.79 -8.37 0.60
N SER A 14 -17.50 -8.00 0.59
CA SER A 14 -16.40 -8.96 0.66
C SER A 14 -16.42 -9.87 -0.56
N LEU A 15 -15.47 -10.81 -0.63
CA LEU A 15 -15.42 -11.77 -1.70
C LEU A 15 -16.52 -12.81 -1.50
N ASP A 16 -16.77 -13.12 -0.24
CA ASP A 16 -17.78 -14.10 0.14
C ASP A 16 -18.21 -13.83 1.58
N ASP A 17 -17.60 -14.55 2.52
CA ASP A 17 -17.80 -14.29 3.95
C ASP A 17 -16.46 -14.20 4.64
N THR A 18 -15.39 -14.25 3.85
CA THR A 18 -14.04 -14.19 4.36
C THR A 18 -13.75 -12.82 4.99
N PHE A 19 -12.78 -12.78 5.89
CA PHE A 19 -12.47 -11.58 6.63
C PHE A 19 -11.03 -11.14 6.35
N PHE A 20 -10.42 -11.75 5.33
CA PHE A 20 -9.04 -11.43 4.99
C PHE A 20 -8.99 -10.16 4.12
N GLU A 21 -9.35 -10.29 2.85
CA GLU A 21 -9.42 -9.13 1.96
C GLU A 21 -10.68 -8.33 2.30
N ARG A 22 -10.56 -7.41 3.24
CA ARG A 22 -11.72 -6.68 3.72
C ARG A 22 -11.31 -5.41 4.44
N THR A 23 -12.29 -4.70 4.98
CA THR A 23 -12.06 -3.47 5.73
C THR A 23 -11.70 -2.31 4.80
N VAL A 24 -10.40 -2.02 4.64
CA VAL A 24 -9.97 -0.88 3.85
C VAL A 24 -8.72 -1.22 3.03
N ILE A 25 -8.78 -0.95 1.75
CA ILE A 25 -7.65 -1.15 0.86
C ILE A 25 -7.24 0.17 0.23
N TYR A 26 -5.94 0.37 0.00
CA TYR A 26 -5.45 1.59 -0.63
C TYR A 26 -4.79 1.27 -1.96
N LEU A 27 -5.26 1.93 -3.02
CA LEU A 27 -4.67 1.77 -4.34
C LEU A 27 -3.60 2.84 -4.56
N CYS A 28 -2.49 2.45 -5.16
CA CYS A 28 -1.39 3.38 -5.37
C CYS A 28 -0.90 3.37 -6.81
N GLU A 29 -0.58 2.19 -7.33
CA GLU A 29 -0.07 2.08 -8.69
C GLU A 29 -1.20 1.66 -9.64
N HIS A 30 -0.90 1.64 -10.93
CA HIS A 30 -1.90 1.33 -11.94
C HIS A 30 -1.32 0.36 -12.97
N ASP A 31 -2.02 -0.73 -13.22
CA ASP A 31 -1.59 -1.69 -14.22
C ASP A 31 -2.55 -1.69 -15.40
N GLU A 32 -2.30 -2.58 -16.36
CA GLU A 32 -2.99 -2.61 -17.63
C GLU A 32 -4.51 -2.44 -17.49
N LYS A 33 -5.15 -3.29 -16.69
CA LYS A 33 -6.59 -3.27 -16.56
C LYS A 33 -7.02 -2.72 -15.21
N GLY A 34 -6.09 -2.52 -14.30
CA GLY A 34 -6.48 -2.21 -12.94
C GLY A 34 -5.49 -1.36 -12.20
N ALA A 35 -5.36 -1.63 -10.91
CA ALA A 35 -4.50 -0.84 -10.05
C ALA A 35 -3.86 -1.71 -8.98
N MET A 36 -2.63 -1.36 -8.62
CA MET A 36 -1.94 -2.07 -7.57
C MET A 36 -2.19 -1.40 -6.23
N GLY A 37 -2.74 -2.17 -5.32
CA GLY A 37 -3.05 -1.66 -4.02
C GLY A 37 -3.02 -2.74 -2.97
N LEU A 38 -2.85 -2.36 -1.73
CA LEU A 38 -2.73 -3.32 -0.65
C LEU A 38 -3.72 -3.03 0.47
N VAL A 39 -4.02 -4.04 1.26
CA VAL A 39 -4.88 -3.88 2.42
C VAL A 39 -4.08 -3.22 3.55
N ILE A 40 -4.63 -2.16 4.13
CA ILE A 40 -3.97 -1.46 5.22
C ILE A 40 -4.50 -1.95 6.56
N ASN A 41 -4.73 -3.24 6.63
CA ASN A 41 -5.29 -3.89 7.81
C ASN A 41 -4.71 -5.31 7.89
N LYS A 42 -5.12 -6.04 8.93
CA LYS A 42 -4.68 -7.43 9.15
C LYS A 42 -3.23 -7.46 9.63
N PRO A 43 -3.01 -7.31 10.94
CA PRO A 43 -1.68 -7.35 11.54
C PRO A 43 -1.15 -8.76 11.67
N LEU A 44 -0.17 -9.09 10.85
CA LEU A 44 0.49 -10.39 10.93
C LEU A 44 1.63 -10.35 11.93
N GLY A 45 2.09 -9.14 12.25
CA GLY A 45 3.20 -8.98 13.18
C GLY A 45 4.49 -9.54 12.64
N ILE A 46 4.85 -9.12 11.43
CA ILE A 46 6.04 -9.63 10.78
C ILE A 46 7.29 -8.92 11.29
N GLU A 47 8.06 -9.64 12.09
CA GLU A 47 9.33 -9.16 12.60
C GLU A 47 10.44 -9.34 11.58
N VAL A 48 11.59 -8.74 11.87
CA VAL A 48 12.76 -8.81 10.99
C VAL A 48 13.19 -10.25 10.74
N ASN A 49 12.92 -11.13 11.71
CA ASN A 49 13.26 -12.54 11.59
C ASN A 49 12.61 -13.16 10.36
N SER A 50 11.33 -12.86 10.17
CA SER A 50 10.57 -13.42 9.07
C SER A 50 11.10 -12.92 7.72
N LEU A 51 11.61 -11.69 7.71
CA LEU A 51 12.20 -11.13 6.49
C LEU A 51 13.39 -11.95 6.03
N LEU A 52 14.26 -12.28 6.97
CA LEU A 52 15.44 -13.09 6.67
C LEU A 52 15.04 -14.49 6.23
N GLU A 53 14.04 -15.06 6.90
CA GLU A 53 13.56 -16.40 6.58
C GLU A 53 12.95 -16.45 5.17
N GLN A 54 12.21 -15.41 4.82
CA GLN A 54 11.54 -15.35 3.52
C GLN A 54 12.51 -15.00 2.39
N MET A 55 13.33 -13.98 2.62
CA MET A 55 14.26 -13.50 1.61
C MET A 55 15.42 -14.48 1.42
N ASP A 56 15.97 -14.94 2.54
CA ASP A 56 17.10 -15.87 2.56
C ASP A 56 18.37 -15.19 2.05
N LEU A 57 18.50 -15.06 0.74
CA LEU A 57 19.66 -14.45 0.13
C LEU A 57 19.25 -13.20 -0.67
N PRO A 58 19.45 -12.01 -0.08
CA PRO A 58 19.14 -10.75 -0.74
C PRO A 58 20.25 -10.25 -1.66
N THR A 59 21.49 -10.58 -1.32
CA THR A 59 22.63 -10.10 -2.09
C THR A 59 23.46 -11.27 -2.60
N GLU A 60 23.46 -11.42 -3.92
CA GLU A 60 24.18 -12.48 -4.62
C GLU A 60 23.71 -13.87 -4.17
N GLN A 61 24.36 -14.43 -3.16
CA GLN A 61 23.97 -15.73 -2.64
C GLN A 61 24.15 -15.81 -1.13
N VAL A 62 24.56 -14.70 -0.53
CA VAL A 62 24.84 -14.71 0.91
C VAL A 62 23.70 -14.07 1.69
N SER A 63 23.51 -14.53 2.91
CA SER A 63 22.46 -14.03 3.77
C SER A 63 23.00 -12.90 4.65
N ALA A 64 22.63 -11.69 4.30
CA ALA A 64 23.04 -10.51 5.05
C ALA A 64 21.85 -9.58 5.24
N ASP A 65 21.55 -9.25 6.49
CA ASP A 65 20.41 -8.40 6.81
C ASP A 65 20.62 -7.01 6.23
N LEU A 66 19.54 -6.39 5.77
CA LEU A 66 19.62 -5.05 5.22
C LEU A 66 18.63 -4.10 5.89
N ALA A 67 17.79 -4.66 6.74
CA ALA A 67 16.76 -3.89 7.40
C ALA A 67 16.45 -4.47 8.77
N MET A 68 15.89 -3.64 9.65
CA MET A 68 15.47 -4.08 10.97
C MET A 68 14.15 -3.43 11.33
N GLY A 69 13.07 -4.17 11.18
CA GLY A 69 11.76 -3.63 11.45
C GLY A 69 10.88 -4.64 12.15
N SER A 70 10.14 -4.18 13.15
CA SER A 70 9.25 -5.03 13.90
C SER A 70 7.80 -4.69 13.56
N GLN A 71 7.62 -3.98 12.46
CA GLN A 71 6.30 -3.58 12.01
C GLN A 71 6.19 -3.78 10.50
N VAL A 72 6.27 -5.04 10.09
CA VAL A 72 6.14 -5.39 8.69
C VAL A 72 4.80 -6.09 8.45
N LEU A 73 4.21 -5.86 7.28
CA LEU A 73 2.91 -6.42 6.96
C LEU A 73 2.94 -7.05 5.56
N MET A 74 1.81 -7.59 5.17
CA MET A 74 1.65 -8.16 3.84
C MET A 74 0.39 -7.57 3.22
N GLY A 75 0.52 -7.01 2.02
CA GLY A 75 -0.59 -6.28 1.42
C GLY A 75 -1.69 -7.19 0.92
N GLY A 76 -1.38 -8.46 0.86
CA GLY A 76 -2.33 -9.46 0.40
C GLY A 76 -1.65 -10.80 0.25
N PRO A 77 -2.39 -11.89 0.06
CA PRO A 77 -1.80 -13.23 -0.02
C PRO A 77 -1.15 -13.52 -1.37
N VAL A 78 -0.46 -12.53 -1.91
CA VAL A 78 0.30 -12.68 -3.14
C VAL A 78 1.54 -11.80 -3.10
N SER A 79 2.67 -12.39 -2.77
CA SER A 79 3.94 -11.66 -2.80
C SER A 79 4.42 -11.59 -4.25
N GLN A 80 3.88 -10.64 -4.99
CA GLN A 80 4.15 -10.53 -6.41
C GLN A 80 5.41 -9.72 -6.68
N ASP A 81 6.52 -10.44 -6.82
CA ASP A 81 7.82 -9.87 -7.21
C ASP A 81 8.47 -9.07 -6.08
N ARG A 82 7.87 -7.95 -5.70
CA ARG A 82 8.48 -7.07 -4.72
C ARG A 82 7.43 -6.48 -3.79
N GLY A 83 7.89 -6.02 -2.63
CA GLY A 83 7.03 -5.34 -1.70
C GLY A 83 7.36 -3.87 -1.63
N PHE A 84 6.49 -3.03 -2.18
CA PHE A 84 6.73 -1.60 -2.22
C PHE A 84 6.43 -0.95 -0.87
N VAL A 85 7.31 -0.06 -0.45
CA VAL A 85 7.20 0.56 0.86
C VAL A 85 6.52 1.91 0.76
N LEU A 86 5.46 2.10 1.53
CA LEU A 86 4.76 3.37 1.56
C LEU A 86 5.30 4.25 2.68
N HIS A 87 5.59 5.50 2.37
CA HIS A 87 6.12 6.42 3.37
C HIS A 87 5.55 7.82 3.17
N THR A 88 5.64 8.64 4.21
CA THR A 88 5.16 10.01 4.17
C THR A 88 5.92 10.82 3.13
N SER A 89 5.26 11.83 2.55
CA SER A 89 5.88 12.62 1.50
C SER A 89 7.01 13.49 2.05
N GLN A 90 8.22 13.04 1.77
CA GLN A 90 9.43 13.68 2.23
C GLN A 90 10.52 13.42 1.19
N PRO A 91 11.14 14.49 0.67
CA PRO A 91 12.17 14.37 -0.37
C PRO A 91 13.46 13.73 0.14
N TYR A 92 13.49 12.40 0.12
CA TYR A 92 14.67 11.64 0.54
C TYR A 92 14.77 10.35 -0.27
N TRP A 93 15.90 9.66 -0.16
CA TRP A 93 16.16 8.40 -0.88
C TRP A 93 16.21 8.60 -2.39
N ALA A 94 16.47 7.53 -3.12
CA ALA A 94 16.62 7.60 -4.56
C ALA A 94 15.38 7.09 -5.28
N ASN A 95 14.80 6.00 -4.77
CA ASN A 95 13.58 5.45 -5.37
C ASN A 95 12.35 6.16 -4.84
N SER A 96 11.89 7.13 -5.60
CA SER A 96 10.75 7.93 -5.20
C SER A 96 9.59 7.73 -6.17
N THR A 97 8.39 7.94 -5.67
CA THR A 97 7.19 7.92 -6.49
C THR A 97 6.18 8.91 -5.91
N GLU A 98 6.05 10.05 -6.58
CA GLU A 98 5.17 11.11 -6.13
C GLU A 98 3.83 11.03 -6.83
N LEU A 99 2.75 11.19 -6.06
CA LEU A 99 1.40 11.17 -6.61
C LEU A 99 0.84 12.58 -6.73
N GLY A 100 1.44 13.52 -6.01
CA GLY A 100 0.97 14.89 -6.03
C GLY A 100 0.11 15.23 -4.83
N SER A 101 0.70 15.94 -3.86
CA SER A 101 -0.01 16.39 -2.66
C SER A 101 -0.41 15.23 -1.76
N GLY A 102 0.04 14.03 -2.10
CA GLY A 102 -0.26 12.87 -1.29
C GLY A 102 0.96 12.41 -0.52
N LEU A 103 1.31 11.15 -0.69
CA LEU A 103 2.49 10.60 -0.04
C LEU A 103 3.42 10.02 -1.10
N MET A 104 4.48 9.35 -0.67
CA MET A 104 5.50 8.88 -1.60
C MET A 104 5.77 7.40 -1.43
N LEU A 105 5.84 6.70 -2.55
CA LEU A 105 6.12 5.28 -2.55
C LEU A 105 7.60 5.01 -2.83
N THR A 106 8.13 4.00 -2.18
CA THR A 106 9.49 3.54 -2.43
C THR A 106 9.45 2.20 -3.16
N THR A 107 10.09 2.14 -4.33
CA THR A 107 9.93 1.01 -5.23
C THR A 107 11.11 0.04 -5.22
N SER A 108 10.78 -1.24 -5.10
CA SER A 108 11.73 -2.35 -5.27
C SER A 108 12.79 -2.40 -4.16
N ARG A 109 13.75 -1.49 -4.23
CA ARG A 109 14.92 -1.55 -3.37
C ARG A 109 15.41 -0.14 -3.04
N ASP A 110 16.70 -0.01 -2.70
CA ASP A 110 17.33 1.26 -2.32
C ASP A 110 16.91 1.65 -0.90
N VAL A 111 15.61 1.58 -0.64
CA VAL A 111 15.08 1.91 0.67
C VAL A 111 15.32 0.77 1.66
N LEU A 112 15.13 -0.46 1.22
CA LEU A 112 15.24 -1.64 2.09
C LEU A 112 16.58 -1.69 2.82
N THR A 113 17.67 -1.58 2.06
CA THR A 113 19.00 -1.70 2.61
C THR A 113 19.34 -0.52 3.53
N ALA A 114 18.63 0.58 3.35
CA ALA A 114 18.86 1.77 4.16
C ALA A 114 18.13 1.67 5.49
N ILE A 115 17.06 0.90 5.53
CA ILE A 115 16.24 0.78 6.74
C ILE A 115 17.06 0.22 7.91
N GLY A 116 17.94 -0.73 7.62
CA GLY A 116 18.70 -1.36 8.68
C GLY A 116 20.17 -1.02 8.63
N SER A 117 20.52 0.09 7.99
CA SER A 117 21.92 0.49 7.89
C SER A 117 22.09 2.00 7.83
N LYS A 118 21.06 2.71 7.40
CA LYS A 118 21.19 4.15 7.22
C LYS A 118 20.34 4.91 8.23
N ARG A 119 19.04 5.03 7.95
CA ARG A 119 18.12 5.74 8.83
C ARG A 119 16.71 5.70 8.23
N SER A 120 15.79 6.45 8.82
CA SER A 120 14.43 6.53 8.33
C SER A 120 14.02 8.00 8.18
N PRO A 121 13.25 8.33 7.13
CA PRO A 121 12.77 9.70 6.91
C PRO A 121 11.87 10.18 8.04
N ASP A 122 11.01 9.28 8.50
CA ASP A 122 10.11 9.54 9.63
C ASP A 122 9.35 8.27 9.99
N LYS A 123 8.34 7.98 9.19
CA LYS A 123 7.54 6.78 9.38
C LYS A 123 7.24 6.14 8.04
N PHE A 124 6.91 4.86 8.07
CA PHE A 124 6.63 4.06 6.89
C PHE A 124 6.28 2.65 7.29
N LEU A 125 5.69 1.89 6.38
CA LEU A 125 5.42 0.49 6.63
C LEU A 125 5.86 -0.34 5.43
N VAL A 126 6.35 -1.54 5.71
CA VAL A 126 6.78 -2.45 4.65
C VAL A 126 5.71 -3.51 4.45
N ALA A 127 5.16 -3.58 3.25
CA ALA A 127 4.15 -4.57 2.94
C ALA A 127 4.61 -5.46 1.79
N LEU A 128 4.43 -6.76 1.96
CA LEU A 128 4.81 -7.71 0.93
C LEU A 128 3.66 -7.92 -0.04
N GLY A 129 3.93 -7.72 -1.33
CA GLY A 129 2.92 -7.94 -2.34
C GLY A 129 1.81 -6.91 -2.29
N TYR A 130 0.60 -7.35 -2.63
CA TYR A 130 -0.56 -6.47 -2.62
C TYR A 130 -1.84 -7.30 -2.58
N ALA A 131 -2.98 -6.63 -2.75
CA ALA A 131 -4.29 -7.27 -2.61
C ALA A 131 -4.40 -8.52 -3.46
N GLY A 132 -5.09 -9.53 -2.93
CA GLY A 132 -5.09 -10.84 -3.54
C GLY A 132 -6.07 -11.02 -4.67
N TRP A 133 -6.34 -9.97 -5.42
CA TRP A 133 -7.21 -10.07 -6.59
C TRP A 133 -6.55 -10.94 -7.65
N SER A 134 -5.24 -10.75 -7.80
CA SER A 134 -4.42 -11.55 -8.71
C SER A 134 -4.61 -13.04 -8.45
N LYS A 135 -4.83 -13.38 -7.20
CA LYS A 135 -5.06 -14.75 -6.78
C LYS A 135 -6.47 -15.24 -7.18
N ASN A 136 -7.45 -14.36 -7.07
CA ASN A 136 -8.85 -14.78 -7.28
C ASN A 136 -9.24 -14.67 -8.76
N GLN A 137 -9.55 -13.47 -9.22
CA GLN A 137 -10.11 -13.28 -10.55
C GLN A 137 -9.58 -11.98 -11.18
N LEU A 138 -8.45 -11.53 -10.68
CA LEU A 138 -7.78 -10.32 -11.17
C LEU A 138 -8.59 -9.07 -10.81
N GLU A 139 -8.20 -7.94 -11.36
CA GLU A 139 -8.83 -6.66 -11.04
C GLU A 139 -10.31 -6.66 -11.45
N GLN A 140 -10.66 -7.45 -12.45
CA GLN A 140 -12.03 -7.53 -12.96
C GLN A 140 -13.02 -7.89 -11.85
N GLU A 141 -12.59 -8.71 -10.90
CA GLU A 141 -13.48 -9.17 -9.83
C GLU A 141 -13.98 -7.98 -9.00
N LEU A 142 -13.15 -6.96 -8.87
CA LEU A 142 -13.49 -5.78 -8.08
C LEU A 142 -14.73 -5.08 -8.63
N ALA A 143 -14.97 -5.23 -9.94
CA ALA A 143 -16.08 -4.58 -10.60
C ALA A 143 -17.42 -5.14 -10.10
N ASP A 144 -17.58 -6.46 -10.16
CA ASP A 144 -18.82 -7.08 -9.71
C ASP A 144 -18.90 -7.13 -8.18
N ASN A 145 -17.74 -7.06 -7.52
CA ASN A 145 -17.69 -7.01 -6.06
C ASN A 145 -18.38 -5.76 -5.53
N SER A 146 -18.33 -4.67 -6.31
CA SER A 146 -19.09 -3.47 -6.04
C SER A 146 -18.59 -2.76 -4.76
N TRP A 147 -17.33 -2.95 -4.43
CA TRP A 147 -16.74 -2.28 -3.27
C TRP A 147 -16.73 -0.77 -3.47
N LEU A 148 -16.86 -0.04 -2.38
CA LEU A 148 -17.01 1.41 -2.45
C LEU A 148 -15.66 2.11 -2.54
N THR A 149 -15.62 3.23 -3.25
CA THR A 149 -14.41 4.00 -3.41
C THR A 149 -14.58 5.41 -2.85
N ILE A 150 -13.61 5.85 -2.06
CA ILE A 150 -13.60 7.21 -1.53
C ILE A 150 -12.22 7.84 -1.73
N PRO A 151 -12.14 9.17 -1.80
CA PRO A 151 -10.88 9.90 -2.00
C PRO A 151 -9.84 9.56 -0.94
N ALA A 152 -8.59 9.54 -1.35
CA ALA A 152 -7.49 9.24 -0.45
C ALA A 152 -6.82 10.53 -0.02
N ASP A 153 -6.29 10.54 1.20
CA ASP A 153 -5.63 11.73 1.71
C ASP A 153 -4.35 11.39 2.44
N HIS A 154 -3.45 12.36 2.49
CA HIS A 154 -2.13 12.18 3.11
C HIS A 154 -2.25 11.98 4.62
N ALA A 155 -3.28 12.53 5.25
CA ALA A 155 -3.48 12.39 6.68
C ALA A 155 -4.20 11.10 7.00
N LEU A 156 -5.22 10.79 6.20
CA LEU A 156 -6.01 9.58 6.39
C LEU A 156 -5.17 8.30 6.23
N LEU A 157 -4.14 8.38 5.41
CA LEU A 157 -3.34 7.21 5.06
C LEU A 157 -2.49 6.72 6.24
N PHE A 158 -1.88 7.64 6.97
CA PHE A 158 -0.93 7.27 8.02
C PHE A 158 -1.33 7.77 9.41
N ASP A 159 -1.55 9.07 9.54
CA ASP A 159 -1.60 9.70 10.86
C ASP A 159 -2.88 9.37 11.63
N ILE A 160 -4.02 9.46 10.96
CA ILE A 160 -5.29 9.18 11.62
C ILE A 160 -5.41 7.69 11.96
N ASN A 161 -5.85 7.40 13.18
CA ASN A 161 -5.75 6.05 13.73
C ASN A 161 -7.03 5.21 13.56
N HIS A 162 -7.12 4.16 14.38
CA HIS A 162 -8.14 3.13 14.24
C HIS A 162 -9.57 3.68 14.32
N GLU A 163 -10.45 3.11 13.49
CA GLU A 163 -11.89 3.46 13.45
C GLU A 163 -12.15 4.86 12.88
N ASP A 164 -11.59 5.88 13.52
CA ASP A 164 -11.83 7.26 13.13
C ASP A 164 -11.45 7.48 11.68
N ARG A 165 -10.35 6.85 11.26
CA ARG A 165 -9.88 6.90 9.88
C ARG A 165 -10.95 6.40 8.91
N TRP A 166 -11.52 5.24 9.20
CA TRP A 166 -12.52 4.65 8.32
C TRP A 166 -13.78 5.51 8.33
N GLN A 167 -14.19 5.93 9.53
CA GLN A 167 -15.38 6.75 9.68
C GLN A 167 -15.26 8.01 8.80
N GLN A 168 -14.19 8.76 8.98
CA GLN A 168 -13.97 9.97 8.20
C GLN A 168 -14.04 9.69 6.70
N ALA A 169 -13.25 8.72 6.26
CA ALA A 169 -13.23 8.32 4.85
C ALA A 169 -14.62 7.92 4.35
N SER A 170 -15.33 7.12 5.13
CA SER A 170 -16.63 6.62 4.73
C SER A 170 -17.67 7.75 4.70
N ARG A 171 -17.47 8.76 5.51
CA ARG A 171 -18.38 9.91 5.56
C ARG A 171 -18.07 10.88 4.43
N SER A 172 -16.89 10.74 3.84
CA SER A 172 -16.44 11.65 2.79
C SER A 172 -17.17 11.41 1.48
N LEU A 173 -16.64 11.95 0.39
CA LEU A 173 -17.29 11.88 -0.91
C LEU A 173 -17.34 10.45 -1.42
N GLY A 174 -18.51 9.85 -1.37
CA GLY A 174 -18.71 8.53 -1.93
C GLY A 174 -20.00 8.45 -2.71
N PHE A 175 -20.49 7.24 -2.94
CA PHE A 175 -21.76 7.07 -3.63
C PHE A 175 -22.83 6.68 -2.64
N GLU A 176 -23.45 7.68 -2.02
CA GLU A 176 -24.48 7.49 -0.99
C GLU A 176 -23.92 6.71 0.19
N ALA A 177 -23.37 7.43 1.14
CA ALA A 177 -22.79 6.83 2.33
C ALA A 177 -22.81 7.82 3.48
N TRP A 178 -23.71 7.60 4.42
CA TRP A 178 -23.87 8.52 5.53
C TRP A 178 -23.89 7.77 6.86
N GLN A 179 -22.80 7.88 7.59
CA GLN A 179 -22.73 7.34 8.94
C GLN A 179 -22.94 8.45 9.96
N LEU A 180 -21.89 9.26 10.13
CA LEU A 180 -21.91 10.40 11.05
C LEU A 180 -22.13 9.93 12.49
N SER A 181 -21.88 8.65 12.73
CA SER A 181 -22.05 8.05 14.03
C SER A 181 -20.76 8.17 14.86
N THR A 182 -20.01 9.23 14.59
CA THR A 182 -18.72 9.42 15.21
C THR A 182 -18.84 9.69 16.71
N GLN A 183 -18.78 8.64 17.51
CA GLN A 183 -18.74 8.79 18.94
C GLN A 183 -17.32 9.19 19.36
N ALA A 184 -16.38 8.30 19.05
CA ALA A 184 -14.97 8.54 19.29
C ALA A 184 -14.14 7.40 18.72
N GLY A 185 -13.14 7.72 17.92
CA GLY A 185 -12.25 6.70 17.41
C GLY A 185 -11.51 6.03 18.54
N HIS A 186 -10.87 6.86 19.37
CA HIS A 186 -10.23 6.40 20.58
C HIS A 186 -10.18 7.54 21.58
N ALA A 187 -10.53 7.24 22.83
CA ALA A 187 -10.51 8.26 23.88
C ALA A 187 -9.37 7.98 24.84
N MET A 1 -17.14 4.77 -8.39
CA MET A 1 -17.42 5.90 -9.32
C MET A 1 -16.23 6.14 -10.25
N GLU A 2 -15.13 6.63 -9.71
CA GLU A 2 -13.95 6.90 -10.52
C GLU A 2 -13.18 5.62 -10.80
N SER A 3 -12.18 5.70 -11.67
CA SER A 3 -11.34 4.57 -11.97
C SER A 3 -10.37 4.28 -10.82
N LEU A 4 -9.67 3.17 -10.90
CA LEU A 4 -8.82 2.72 -9.82
C LEU A 4 -7.35 3.06 -10.09
N GLN A 5 -6.86 4.08 -9.40
CA GLN A 5 -5.45 4.46 -9.47
C GLN A 5 -4.92 4.70 -8.06
N ASN A 6 -5.33 5.81 -7.46
CA ASN A 6 -4.92 6.15 -6.10
C ASN A 6 -6.15 6.51 -5.29
N HIS A 7 -6.81 5.49 -4.76
CA HIS A 7 -8.07 5.64 -4.05
C HIS A 7 -8.15 4.65 -2.90
N PHE A 8 -9.28 4.65 -2.21
CA PHE A 8 -9.60 3.60 -1.26
C PHE A 8 -10.84 2.86 -1.74
N LEU A 9 -10.95 1.62 -1.35
CA LEU A 9 -12.12 0.81 -1.67
C LEU A 9 -12.82 0.40 -0.39
N ILE A 10 -14.07 0.82 -0.26
CA ILE A 10 -14.89 0.42 0.87
C ILE A 10 -15.62 -0.86 0.52
N ALA A 11 -15.23 -1.94 1.18
CA ALA A 11 -15.73 -3.26 0.84
C ALA A 11 -17.08 -3.56 1.46
N MET A 12 -18.00 -3.98 0.62
CA MET A 12 -19.32 -4.42 1.07
C MET A 12 -19.49 -5.90 0.78
N PRO A 13 -19.33 -6.76 1.79
CA PRO A 13 -19.36 -8.22 1.64
C PRO A 13 -20.78 -8.78 1.54
N SER A 14 -21.61 -8.12 0.76
CA SER A 14 -23.00 -8.56 0.57
C SER A 14 -23.08 -9.59 -0.55
N LEU A 15 -22.10 -9.58 -1.44
CA LEU A 15 -22.12 -10.45 -2.61
C LEU A 15 -20.95 -11.42 -2.56
N ASP A 16 -20.37 -11.60 -1.39
CA ASP A 16 -19.23 -12.49 -1.24
C ASP A 16 -19.38 -13.32 0.03
N ASP A 17 -18.40 -14.16 0.34
CA ASP A 17 -18.52 -15.07 1.47
C ASP A 17 -17.23 -15.15 2.29
N THR A 18 -16.14 -14.69 1.73
CA THR A 18 -14.83 -14.87 2.35
C THR A 18 -14.25 -13.55 2.83
N PHE A 19 -13.11 -13.63 3.51
CA PHE A 19 -12.42 -12.45 4.00
C PHE A 19 -10.93 -12.50 3.67
N PHE A 20 -10.53 -11.69 2.72
CA PHE A 20 -9.12 -11.54 2.38
C PHE A 20 -8.82 -10.06 2.18
N GLU A 21 -9.43 -9.48 1.17
CA GLU A 21 -9.31 -8.07 0.89
C GLU A 21 -10.61 -7.35 1.23
N ARG A 22 -11.41 -7.98 2.07
CA ARG A 22 -12.72 -7.45 2.44
C ARG A 22 -12.59 -6.44 3.58
N THR A 23 -11.94 -5.34 3.28
CA THR A 23 -11.75 -4.26 4.25
C THR A 23 -11.57 -2.94 3.46
N VAL A 24 -10.88 -1.97 4.04
CA VAL A 24 -10.56 -0.75 3.33
C VAL A 24 -9.22 -0.90 2.63
N ILE A 25 -9.24 -0.86 1.31
CA ILE A 25 -8.03 -1.08 0.55
C ILE A 25 -7.50 0.22 -0.04
N TYR A 26 -6.20 0.44 0.08
CA TYR A 26 -5.54 1.58 -0.53
C TYR A 26 -5.07 1.20 -1.93
N LEU A 27 -5.11 2.15 -2.85
CA LEU A 27 -4.59 1.93 -4.19
C LEU A 27 -3.44 2.88 -4.46
N CYS A 28 -2.41 2.40 -5.15
CA CYS A 28 -1.22 3.20 -5.38
C CYS A 28 -0.91 3.35 -6.86
N GLU A 29 -0.77 2.23 -7.56
CA GLU A 29 -0.36 2.28 -8.96
C GLU A 29 -1.35 1.58 -9.87
N HIS A 30 -1.02 1.61 -11.16
CA HIS A 30 -1.92 1.16 -12.21
C HIS A 30 -1.30 -0.02 -12.95
N ASP A 31 -2.00 -1.15 -12.96
CA ASP A 31 -1.59 -2.30 -13.76
C ASP A 31 -1.95 -2.02 -15.22
N GLU A 32 -1.53 -2.89 -16.13
CA GLU A 32 -1.69 -2.68 -17.57
C GLU A 32 -3.09 -2.16 -17.91
N LYS A 33 -4.11 -2.80 -17.38
CA LYS A 33 -5.46 -2.27 -17.43
C LYS A 33 -6.07 -2.27 -16.04
N GLY A 34 -5.26 -2.62 -15.05
CA GLY A 34 -5.78 -2.80 -13.71
C GLY A 34 -5.17 -1.84 -12.70
N ALA A 35 -4.95 -2.31 -11.47
CA ALA A 35 -4.40 -1.48 -10.42
C ALA A 35 -3.72 -2.32 -9.35
N MET A 36 -2.91 -1.67 -8.53
CA MET A 36 -2.22 -2.31 -7.42
C MET A 36 -2.59 -1.60 -6.12
N GLY A 37 -2.80 -2.36 -5.06
CA GLY A 37 -3.22 -1.75 -3.82
C GLY A 37 -2.72 -2.47 -2.57
N LEU A 38 -3.10 -1.96 -1.41
CA LEU A 38 -2.67 -2.50 -0.13
C LEU A 38 -3.83 -2.39 0.88
N VAL A 39 -4.19 -3.51 1.48
CA VAL A 39 -5.27 -3.52 2.47
C VAL A 39 -4.81 -2.92 3.80
N ILE A 40 -5.39 -1.78 4.17
CA ILE A 40 -4.94 -1.08 5.37
C ILE A 40 -5.75 -1.51 6.61
N ASN A 41 -5.98 -2.82 6.72
CA ASN A 41 -6.68 -3.39 7.87
C ASN A 41 -5.91 -3.09 9.17
N LYS A 42 -4.58 -3.00 9.03
CA LYS A 42 -3.69 -2.82 10.18
C LYS A 42 -3.82 -4.03 11.14
N PRO A 43 -3.64 -5.25 10.63
CA PRO A 43 -3.90 -6.48 11.40
C PRO A 43 -2.85 -6.75 12.46
N LEU A 44 -1.63 -7.07 12.03
CA LEU A 44 -0.55 -7.39 12.93
C LEU A 44 0.70 -6.61 12.57
N GLY A 45 1.68 -6.61 13.46
CA GLY A 45 2.93 -5.93 13.19
C GLY A 45 4.04 -6.92 12.90
N ILE A 46 4.48 -6.95 11.65
CA ILE A 46 5.54 -7.85 11.23
C ILE A 46 6.90 -7.27 11.61
N GLU A 47 7.63 -8.03 12.41
CA GLU A 47 8.87 -7.55 12.99
C GLU A 47 10.11 -8.05 12.23
N VAL A 48 11.27 -7.60 12.69
CA VAL A 48 12.53 -7.84 11.98
C VAL A 48 12.82 -9.33 11.79
N ASN A 49 12.57 -10.14 12.82
CA ASN A 49 12.87 -11.56 12.76
C ASN A 49 12.06 -12.24 11.67
N SER A 50 10.84 -11.75 11.45
CA SER A 50 9.96 -12.32 10.44
C SER A 50 10.56 -12.16 9.05
N LEU A 51 11.10 -10.97 8.77
CA LEU A 51 11.73 -10.69 7.50
C LEU A 51 12.98 -11.54 7.31
N LEU A 52 13.74 -11.71 8.38
CA LEU A 52 14.94 -12.53 8.35
C LEU A 52 14.59 -13.98 8.01
N GLU A 53 13.54 -14.50 8.63
CA GLU A 53 13.12 -15.87 8.39
C GLU A 53 12.67 -16.08 6.95
N GLN A 54 11.85 -15.17 6.43
CA GLN A 54 11.33 -15.30 5.07
C GLN A 54 12.41 -15.05 4.04
N MET A 55 13.41 -14.25 4.40
CA MET A 55 14.55 -14.02 3.53
C MET A 55 15.37 -15.30 3.39
N ASP A 56 15.59 -15.94 4.54
CA ASP A 56 16.26 -17.25 4.60
C ASP A 56 17.75 -17.14 4.22
N LEU A 57 18.61 -17.49 5.17
CA LEU A 57 20.04 -17.31 4.96
C LEU A 57 20.82 -18.61 5.25
N PRO A 58 20.79 -19.57 4.31
CA PRO A 58 21.60 -20.78 4.41
C PRO A 58 22.90 -20.71 3.61
N THR A 59 22.94 -19.81 2.65
CA THR A 59 24.06 -19.72 1.71
C THR A 59 25.08 -18.67 2.13
N GLU A 60 24.94 -18.18 3.36
CA GLU A 60 25.80 -17.11 3.87
C GLU A 60 25.53 -15.80 3.14
N GLN A 61 24.42 -15.78 2.40
CA GLN A 61 24.03 -14.62 1.61
C GLN A 61 23.75 -13.44 2.52
N VAL A 62 22.90 -13.64 3.52
CA VAL A 62 22.52 -12.58 4.42
C VAL A 62 23.47 -12.53 5.61
N SER A 63 24.60 -11.87 5.42
CA SER A 63 25.56 -11.68 6.50
C SER A 63 25.73 -10.19 6.78
N ALA A 64 24.91 -9.38 6.12
CA ALA A 64 24.95 -7.94 6.30
C ALA A 64 23.98 -7.50 7.39
N ASP A 65 22.90 -8.27 7.57
CA ASP A 65 21.84 -7.95 8.53
C ASP A 65 21.19 -6.61 8.19
N LEU A 66 20.01 -6.66 7.60
CA LEU A 66 19.34 -5.45 7.15
C LEU A 66 17.83 -5.52 7.37
N ALA A 67 17.19 -4.35 7.28
CA ALA A 67 15.73 -4.22 7.38
C ALA A 67 15.22 -4.45 8.80
N MET A 68 15.13 -3.37 9.56
CA MET A 68 14.50 -3.40 10.88
C MET A 68 13.01 -3.11 10.72
N GLY A 69 12.20 -4.16 10.81
CA GLY A 69 10.77 -4.01 10.57
C GLY A 69 10.01 -3.47 11.76
N SER A 70 9.38 -4.39 12.51
CA SER A 70 8.51 -4.06 13.64
C SER A 70 7.21 -3.36 13.19
N GLN A 71 7.33 -2.41 12.27
CA GLN A 71 6.16 -1.69 11.77
C GLN A 71 5.80 -2.15 10.36
N VAL A 72 6.10 -3.40 10.04
CA VAL A 72 5.79 -3.95 8.73
C VAL A 72 4.37 -4.51 8.71
N LEU A 73 3.62 -4.16 7.67
CA LEU A 73 2.26 -4.63 7.53
C LEU A 73 2.17 -5.79 6.55
N MET A 74 1.03 -6.45 6.54
CA MET A 74 0.78 -7.54 5.61
C MET A 74 -0.28 -7.13 4.60
N GLY A 75 0.13 -6.96 3.35
CA GLY A 75 -0.81 -6.55 2.32
C GLY A 75 -1.41 -7.74 1.61
N GLY A 76 -0.71 -8.87 1.67
CA GLY A 76 -1.19 -10.08 1.04
C GLY A 76 -0.23 -10.60 -0.01
N PRO A 77 0.71 -11.47 0.37
CA PRO A 77 1.70 -12.03 -0.55
C PRO A 77 1.07 -12.97 -1.57
N VAL A 78 1.03 -12.56 -2.82
CA VAL A 78 0.45 -13.38 -3.88
C VAL A 78 1.56 -14.10 -4.65
N SER A 79 2.75 -13.54 -4.59
CA SER A 79 3.92 -14.14 -5.22
C SER A 79 5.09 -14.13 -4.25
N GLN A 80 4.77 -14.09 -2.95
CA GLN A 80 5.78 -13.93 -1.91
C GLN A 80 6.51 -12.62 -2.12
N ASP A 81 5.73 -11.61 -2.48
CA ASP A 81 6.24 -10.30 -2.86
C ASP A 81 6.90 -9.59 -1.69
N ARG A 82 7.87 -8.75 -1.99
CA ARG A 82 8.55 -7.95 -0.97
C ARG A 82 7.68 -6.76 -0.58
N GLY A 83 6.69 -6.46 -1.43
CA GLY A 83 5.81 -5.35 -1.19
C GLY A 83 6.39 -4.04 -1.69
N PHE A 84 5.90 -2.94 -1.14
CA PHE A 84 6.38 -1.62 -1.54
C PHE A 84 6.48 -0.70 -0.33
N VAL A 85 7.50 0.16 -0.34
CA VAL A 85 7.78 1.01 0.81
C VAL A 85 7.25 2.42 0.57
N LEU A 86 6.31 2.84 1.40
CA LEU A 86 5.73 4.17 1.30
C LEU A 86 6.57 5.17 2.08
N HIS A 87 6.71 6.36 1.54
CA HIS A 87 7.49 7.42 2.16
C HIS A 87 6.63 8.65 2.34
N THR A 88 6.90 9.41 3.39
CA THR A 88 6.29 10.71 3.56
C THR A 88 6.91 11.68 2.54
N SER A 89 6.31 12.85 2.40
CA SER A 89 6.81 13.85 1.46
C SER A 89 8.28 14.17 1.74
N GLN A 90 9.13 13.63 0.88
CA GLN A 90 10.57 13.76 1.01
C GLN A 90 11.22 13.84 -0.35
N PRO A 91 11.86 14.98 -0.68
CA PRO A 91 12.58 15.15 -1.95
C PRO A 91 13.97 14.51 -1.90
N TYR A 92 14.26 13.84 -0.80
CA TYR A 92 15.59 13.29 -0.57
C TYR A 92 15.67 11.83 -1.02
N TRP A 93 16.82 11.22 -0.76
CA TRP A 93 17.09 9.81 -1.08
C TRP A 93 17.28 9.61 -2.59
N ALA A 94 17.95 8.52 -2.94
CA ALA A 94 18.29 8.23 -4.32
C ALA A 94 17.06 7.86 -5.14
N ASN A 95 16.11 7.16 -4.53
CA ASN A 95 14.91 6.73 -5.23
C ASN A 95 13.64 7.12 -4.49
N SER A 96 12.95 8.10 -5.03
CA SER A 96 11.64 8.49 -4.54
C SER A 96 10.72 8.78 -5.72
N THR A 97 9.53 8.22 -5.66
CA THR A 97 8.55 8.38 -6.73
C THR A 97 7.32 9.12 -6.19
N GLU A 98 6.99 10.24 -6.81
CA GLU A 98 5.88 11.05 -6.35
C GLU A 98 4.58 10.56 -6.96
N LEU A 99 3.52 10.54 -6.15
CA LEU A 99 2.21 10.09 -6.59
C LEU A 99 1.41 11.26 -7.17
N GLY A 100 2.11 12.18 -7.82
CA GLY A 100 1.48 13.38 -8.32
C GLY A 100 1.71 14.54 -7.37
N SER A 101 1.52 14.27 -6.09
CA SER A 101 1.80 15.24 -5.04
C SER A 101 1.56 14.58 -3.69
N GLY A 102 2.24 15.07 -2.66
CA GLY A 102 2.01 14.57 -1.32
C GLY A 102 3.02 13.52 -0.90
N LEU A 103 2.60 12.27 -0.88
CA LEU A 103 3.44 11.19 -0.39
C LEU A 103 4.36 10.66 -1.47
N MET A 104 5.30 9.81 -1.06
CA MET A 104 6.29 9.25 -1.97
C MET A 104 6.26 7.73 -1.91
N LEU A 105 6.71 7.10 -2.98
CA LEU A 105 6.81 5.64 -3.05
C LEU A 105 8.22 5.23 -3.43
N THR A 106 8.73 4.18 -2.81
CA THR A 106 10.07 3.69 -3.12
C THR A 106 10.12 2.16 -3.15
N THR A 107 10.59 1.61 -4.26
CA THR A 107 10.82 0.17 -4.38
C THR A 107 11.87 -0.14 -5.43
N SER A 108 12.90 -0.85 -5.00
CA SER A 108 13.98 -1.35 -5.85
C SER A 108 14.87 -2.29 -5.06
N ARG A 109 15.81 -1.72 -4.34
CA ARG A 109 16.71 -2.49 -3.47
C ARG A 109 17.44 -1.54 -2.52
N ASP A 110 17.71 -0.35 -3.05
CA ASP A 110 18.39 0.71 -2.32
C ASP A 110 17.75 0.96 -0.95
N VAL A 111 16.44 1.19 -0.93
CA VAL A 111 15.73 1.49 0.30
C VAL A 111 15.74 0.29 1.26
N LEU A 112 15.76 -0.92 0.71
CA LEU A 112 15.72 -2.12 1.53
C LEU A 112 16.98 -2.25 2.37
N THR A 113 18.13 -2.19 1.71
CA THR A 113 19.41 -2.29 2.39
C THR A 113 19.64 -1.06 3.28
N ALA A 114 18.98 0.04 2.94
CA ALA A 114 19.08 1.27 3.71
C ALA A 114 18.42 1.11 5.08
N ILE A 115 17.36 0.29 5.14
CA ILE A 115 16.68 0.03 6.40
C ILE A 115 17.62 -0.70 7.37
N GLY A 116 18.62 -1.38 6.81
CA GLY A 116 19.60 -2.07 7.62
C GLY A 116 20.58 -1.10 8.27
N SER A 117 20.59 0.13 7.81
CA SER A 117 21.45 1.16 8.37
C SER A 117 20.67 1.99 9.40
N LYS A 118 21.39 2.49 10.40
CA LYS A 118 20.75 3.25 11.48
C LYS A 118 20.51 4.69 11.05
N ARG A 119 21.29 5.17 10.07
CA ARG A 119 21.07 6.49 9.50
C ARG A 119 19.85 6.45 8.59
N SER A 120 18.70 6.81 9.13
CA SER A 120 17.45 6.75 8.41
C SER A 120 16.90 8.15 8.16
N PRO A 121 15.94 8.28 7.21
CA PRO A 121 15.27 9.54 6.93
C PRO A 121 14.15 9.84 7.94
N ASP A 122 13.16 10.60 7.52
CA ASP A 122 12.01 10.93 8.38
C ASP A 122 11.32 9.66 8.86
N LYS A 123 10.52 9.08 7.98
CA LYS A 123 9.86 7.82 8.26
C LYS A 123 9.49 7.13 6.95
N PHE A 124 9.04 5.90 7.07
CA PHE A 124 8.63 5.11 5.92
C PHE A 124 7.75 3.95 6.39
N LEU A 125 6.88 3.49 5.51
CA LEU A 125 6.02 2.36 5.82
C LEU A 125 6.41 1.16 4.96
N VAL A 126 6.34 -0.02 5.54
CA VAL A 126 6.73 -1.23 4.82
C VAL A 126 5.63 -2.28 4.95
N ALA A 127 5.30 -2.93 3.86
CA ALA A 127 4.30 -3.99 3.86
C ALA A 127 4.63 -5.02 2.81
N LEU A 128 4.50 -6.29 3.16
CA LEU A 128 4.78 -7.36 2.23
C LEU A 128 3.51 -7.84 1.56
N GLY A 129 3.59 -8.03 0.26
CA GLY A 129 2.42 -8.40 -0.51
C GLY A 129 1.55 -7.21 -0.84
N TYR A 130 0.44 -7.47 -1.52
CA TYR A 130 -0.48 -6.41 -1.93
C TYR A 130 -1.79 -7.00 -2.43
N ALA A 131 -2.73 -6.13 -2.78
CA ALA A 131 -4.02 -6.57 -3.27
C ALA A 131 -3.91 -7.06 -4.71
N GLY A 132 -3.98 -8.37 -4.88
CA GLY A 132 -3.83 -8.96 -6.20
C GLY A 132 -5.11 -8.91 -7.01
N TRP A 133 -5.52 -7.71 -7.39
CA TRP A 133 -6.70 -7.52 -8.23
C TRP A 133 -6.47 -8.08 -9.62
N SER A 134 -5.21 -8.09 -10.05
CA SER A 134 -4.81 -8.55 -11.37
C SER A 134 -5.41 -9.90 -11.73
N LYS A 135 -5.52 -10.78 -10.74
CA LYS A 135 -6.14 -12.09 -10.90
C LYS A 135 -7.53 -11.98 -11.55
N ASN A 136 -8.26 -10.93 -11.21
CA ASN A 136 -9.59 -10.72 -11.76
C ASN A 136 -9.53 -9.69 -12.88
N GLN A 137 -8.81 -8.60 -12.63
CA GLN A 137 -8.54 -7.57 -13.63
C GLN A 137 -9.82 -6.87 -14.06
N LEU A 138 -10.82 -6.87 -13.19
CA LEU A 138 -12.13 -6.31 -13.48
C LEU A 138 -12.32 -4.97 -12.77
N GLU A 139 -11.24 -4.22 -12.67
CA GLU A 139 -11.22 -2.99 -11.86
C GLU A 139 -12.38 -2.04 -12.20
N GLN A 140 -12.63 -1.83 -13.49
CA GLN A 140 -13.69 -0.91 -13.93
C GLN A 140 -15.02 -1.23 -13.26
N GLU A 141 -15.42 -2.49 -13.32
CA GLU A 141 -16.72 -2.89 -12.80
C GLU A 141 -16.71 -2.87 -11.29
N LEU A 142 -15.52 -3.10 -10.70
CA LEU A 142 -15.37 -3.09 -9.24
C LEU A 142 -15.88 -1.79 -8.63
N ALA A 143 -15.76 -0.69 -9.37
CA ALA A 143 -16.15 0.61 -8.86
C ALA A 143 -17.66 0.72 -8.74
N ASP A 144 -18.36 0.45 -9.84
CA ASP A 144 -19.82 0.56 -9.87
C ASP A 144 -20.51 -0.67 -9.25
N ASN A 145 -19.77 -1.77 -9.11
CA ASN A 145 -20.33 -3.04 -8.68
C ASN A 145 -21.13 -2.92 -7.38
N SER A 146 -20.48 -2.41 -6.33
CA SER A 146 -21.09 -2.30 -5.01
C SER A 146 -20.19 -1.50 -4.08
N TRP A 147 -18.88 -1.69 -4.24
CA TRP A 147 -17.90 -1.05 -3.38
C TRP A 147 -17.86 0.45 -3.63
N LEU A 148 -17.49 1.20 -2.60
CA LEU A 148 -17.44 2.64 -2.71
C LEU A 148 -16.02 3.10 -2.99
N THR A 149 -15.90 4.15 -3.78
CA THR A 149 -14.59 4.68 -4.16
C THR A 149 -14.40 6.08 -3.58
N ILE A 150 -13.31 6.25 -2.86
CA ILE A 150 -12.95 7.54 -2.28
C ILE A 150 -11.48 7.83 -2.52
N PRO A 151 -11.06 9.10 -2.46
CA PRO A 151 -9.66 9.48 -2.63
C PRO A 151 -8.80 8.97 -1.48
N ALA A 152 -7.55 8.64 -1.78
CA ALA A 152 -6.63 8.18 -0.74
C ALA A 152 -6.17 9.38 0.08
N ASP A 153 -5.98 9.17 1.37
CA ASP A 153 -5.62 10.26 2.26
C ASP A 153 -4.44 9.91 3.14
N HIS A 154 -3.62 10.91 3.42
CA HIS A 154 -2.43 10.76 4.24
C HIS A 154 -2.76 10.30 5.67
N ALA A 155 -3.75 10.94 6.30
CA ALA A 155 -4.06 10.66 7.69
C ALA A 155 -4.81 9.34 7.83
N LEU A 156 -5.69 9.08 6.87
CA LEU A 156 -6.45 7.83 6.85
C LEU A 156 -5.49 6.65 6.69
N LEU A 157 -4.38 6.90 5.99
CA LEU A 157 -3.38 5.88 5.74
C LEU A 157 -2.58 5.57 6.99
N PHE A 158 -1.96 6.60 7.54
CA PHE A 158 -1.07 6.43 8.68
C PHE A 158 -1.87 6.19 9.97
N ASP A 159 -2.61 7.20 10.40
CA ASP A 159 -3.23 7.15 11.72
C ASP A 159 -4.17 8.33 11.93
N ILE A 160 -5.44 8.11 11.66
CA ILE A 160 -6.49 9.05 12.04
C ILE A 160 -6.50 9.23 13.56
N ASN A 161 -6.54 8.12 14.27
CA ASN A 161 -6.51 8.09 15.72
C ASN A 161 -6.21 6.67 16.17
N HIS A 162 -7.05 5.74 15.74
CA HIS A 162 -6.79 4.32 15.91
C HIS A 162 -7.48 3.53 14.81
N GLU A 163 -8.79 3.30 14.94
CA GLU A 163 -9.52 2.49 13.97
C GLU A 163 -10.88 3.07 13.62
N ASP A 164 -11.00 4.39 13.68
CA ASP A 164 -12.21 5.07 13.20
C ASP A 164 -12.10 5.30 11.69
N ARG A 165 -11.19 4.54 11.09
CA ARG A 165 -10.90 4.64 9.66
C ARG A 165 -12.11 4.31 8.78
N TRP A 166 -13.01 3.46 9.27
CA TRP A 166 -14.18 3.08 8.48
C TRP A 166 -15.15 4.24 8.41
N GLN A 167 -15.37 4.86 9.57
CA GLN A 167 -16.18 6.08 9.67
C GLN A 167 -15.58 7.16 8.79
N GLN A 168 -14.29 7.41 9.00
CA GLN A 168 -13.54 8.42 8.25
C GLN A 168 -13.68 8.21 6.75
N ALA A 169 -13.47 6.98 6.31
CA ALA A 169 -13.55 6.63 4.91
C ALA A 169 -14.94 6.95 4.33
N SER A 170 -15.97 6.56 5.05
CA SER A 170 -17.35 6.74 4.59
C SER A 170 -17.72 8.22 4.56
N ARG A 171 -17.14 8.99 5.48
CA ARG A 171 -17.46 10.41 5.60
C ARG A 171 -16.66 11.24 4.59
N SER A 172 -15.40 10.91 4.43
CA SER A 172 -14.49 11.75 3.66
C SER A 172 -14.56 11.45 2.16
N LEU A 173 -15.65 11.84 1.54
CA LEU A 173 -15.76 11.77 0.08
C LEU A 173 -15.28 13.10 -0.50
N GLY A 174 -13.98 13.21 -0.65
CA GLY A 174 -13.38 14.46 -1.10
C GLY A 174 -13.46 14.68 -2.58
N PHE A 175 -13.41 13.59 -3.35
CA PHE A 175 -13.34 13.66 -4.81
C PHE A 175 -12.14 14.53 -5.21
N GLU A 176 -10.95 13.96 -5.08
CA GLU A 176 -9.72 14.73 -5.14
C GLU A 176 -8.75 14.16 -6.17
N ALA A 177 -8.17 15.05 -6.96
CA ALA A 177 -7.16 14.70 -7.95
C ALA A 177 -6.20 15.86 -8.14
N TRP A 178 -4.92 15.62 -7.90
CA TRP A 178 -3.93 16.67 -7.95
C TRP A 178 -3.22 16.70 -9.30
N GLN A 179 -3.32 17.82 -9.97
CA GLN A 179 -2.68 18.03 -11.26
C GLN A 179 -1.32 18.68 -11.08
N LEU A 180 -0.28 18.00 -11.53
CA LEU A 180 1.06 18.55 -11.49
C LEU A 180 1.62 18.65 -12.90
N SER A 181 1.65 19.86 -13.43
CA SER A 181 2.22 20.11 -14.73
C SER A 181 3.25 21.23 -14.63
N THR A 182 4.51 20.90 -14.80
CA THR A 182 5.57 21.89 -14.69
C THR A 182 6.67 21.62 -15.71
N GLN A 183 7.06 22.66 -16.42
CA GLN A 183 8.18 22.58 -17.34
C GLN A 183 9.46 22.96 -16.61
N ALA A 184 10.34 21.98 -16.43
CA ALA A 184 11.58 22.14 -15.66
C ALA A 184 11.24 22.45 -14.19
N GLY A 185 12.23 22.89 -13.43
CA GLY A 185 11.98 23.27 -12.05
C GLY A 185 12.96 22.64 -11.08
N HIS A 186 13.61 21.57 -11.51
CA HIS A 186 14.58 20.89 -10.64
C HIS A 186 15.92 20.76 -11.34
N ALA A 187 16.97 20.66 -10.54
CA ALA A 187 18.28 20.33 -11.05
C ALA A 187 18.70 18.98 -10.49
N MET A 1 -5.47 1.97 -18.67
CA MET A 1 -6.41 3.06 -18.96
C MET A 1 -7.77 2.75 -18.35
N GLU A 2 -8.36 3.76 -17.71
CA GLU A 2 -9.61 3.62 -16.97
C GLU A 2 -9.42 2.60 -15.84
N SER A 3 -8.80 3.08 -14.78
CA SER A 3 -8.46 2.24 -13.65
C SER A 3 -9.02 2.83 -12.37
N LEU A 4 -8.81 2.16 -11.25
CA LEU A 4 -9.31 2.64 -9.98
C LEU A 4 -8.49 3.82 -9.47
N GLN A 5 -7.23 3.90 -9.89
CA GLN A 5 -6.32 5.00 -9.52
C GLN A 5 -6.02 4.97 -8.02
N ASN A 6 -5.15 5.86 -7.54
CA ASN A 6 -4.82 5.89 -6.12
C ASN A 6 -6.00 6.43 -5.31
N HIS A 7 -6.39 5.67 -4.29
CA HIS A 7 -7.54 6.01 -3.45
C HIS A 7 -7.80 4.85 -2.48
N PHE A 8 -8.81 5.00 -1.64
CA PHE A 8 -9.18 3.94 -0.71
C PHE A 8 -10.42 3.21 -1.21
N LEU A 9 -10.52 1.94 -0.85
CA LEU A 9 -11.68 1.13 -1.16
C LEU A 9 -12.40 0.75 0.13
N ILE A 10 -13.69 1.04 0.17
CA ILE A 10 -14.52 0.62 1.28
C ILE A 10 -15.19 -0.70 0.93
N ALA A 11 -14.98 -1.70 1.78
CA ALA A 11 -15.47 -3.03 1.51
C ALA A 11 -16.37 -3.51 2.62
N MET A 12 -17.30 -4.39 2.27
CA MET A 12 -18.21 -4.99 3.23
C MET A 12 -18.21 -6.50 3.04
N PRO A 13 -18.35 -7.28 4.12
CA PRO A 13 -18.34 -8.74 4.06
C PRO A 13 -19.62 -9.33 3.44
N SER A 14 -20.06 -8.73 2.35
CA SER A 14 -21.25 -9.18 1.65
C SER A 14 -20.88 -9.78 0.30
N LEU A 15 -19.62 -9.63 -0.09
CA LEU A 15 -19.16 -10.16 -1.37
C LEU A 15 -18.66 -11.60 -1.22
N ASP A 16 -17.59 -11.78 -0.46
CA ASP A 16 -16.94 -13.07 -0.31
C ASP A 16 -16.56 -13.32 1.14
N ASP A 17 -16.21 -14.56 1.46
CA ASP A 17 -15.83 -14.93 2.82
C ASP A 17 -14.43 -14.46 3.17
N THR A 18 -13.77 -13.81 2.21
CA THR A 18 -12.44 -13.27 2.42
C THR A 18 -12.40 -12.35 3.64
N PHE A 19 -11.68 -12.79 4.66
CA PHE A 19 -11.48 -12.02 5.86
C PHE A 19 -10.21 -11.20 5.73
N PHE A 20 -9.35 -11.65 4.83
CA PHE A 20 -8.09 -11.00 4.57
C PHE A 20 -8.32 -9.57 4.07
N GLU A 21 -9.13 -9.44 3.03
CA GLU A 21 -9.41 -8.15 2.45
C GLU A 21 -10.91 -7.82 2.53
N ARG A 22 -11.32 -7.28 3.67
CA ARG A 22 -12.70 -6.84 3.86
C ARG A 22 -12.72 -5.52 4.62
N THR A 23 -11.56 -4.89 4.69
CA THR A 23 -11.43 -3.61 5.34
C THR A 23 -11.17 -2.52 4.29
N VAL A 24 -10.35 -1.53 4.62
CA VAL A 24 -10.02 -0.48 3.67
C VAL A 24 -8.75 -0.86 2.90
N ILE A 25 -8.84 -0.81 1.59
CA ILE A 25 -7.69 -1.13 0.74
C ILE A 25 -7.22 0.12 0.00
N TYR A 26 -5.91 0.35 0.02
CA TYR A 26 -5.32 1.51 -0.63
C TYR A 26 -4.64 1.11 -1.93
N LEU A 27 -5.04 1.72 -3.03
CA LEU A 27 -4.40 1.50 -4.31
C LEU A 27 -3.35 2.56 -4.54
N CYS A 28 -2.18 2.15 -5.03
CA CYS A 28 -1.05 3.06 -5.13
C CYS A 28 -0.56 3.24 -6.58
N GLU A 29 0.26 2.30 -7.06
CA GLU A 29 0.96 2.51 -8.31
C GLU A 29 0.24 1.86 -9.48
N HIS A 30 0.67 2.25 -10.67
CA HIS A 30 0.01 1.87 -11.91
C HIS A 30 0.95 1.09 -12.80
N ASP A 31 0.49 -0.03 -13.35
CA ASP A 31 1.26 -0.74 -14.35
C ASP A 31 0.36 -1.25 -15.48
N GLU A 32 0.24 -2.59 -15.60
CA GLU A 32 -0.20 -3.23 -16.85
C GLU A 32 -1.40 -2.54 -17.47
N LYS A 33 -2.50 -2.49 -16.74
CA LYS A 33 -3.70 -1.86 -17.22
C LYS A 33 -4.20 -0.82 -16.22
N GLY A 34 -3.53 -0.74 -15.09
CA GLY A 34 -4.14 -0.06 -13.95
C GLY A 34 -3.32 -0.12 -12.69
N ALA A 35 -3.98 -0.22 -11.55
CA ALA A 35 -3.31 -0.05 -10.26
C ALA A 35 -3.35 -1.32 -9.41
N MET A 36 -2.54 -1.33 -8.36
CA MET A 36 -2.51 -2.45 -7.41
C MET A 36 -2.94 -1.96 -6.03
N GLY A 37 -3.34 -2.88 -5.16
CA GLY A 37 -3.90 -2.49 -3.88
C GLY A 37 -3.22 -3.14 -2.69
N LEU A 38 -3.19 -2.40 -1.59
CA LEU A 38 -2.61 -2.87 -0.35
C LEU A 38 -3.65 -2.76 0.76
N VAL A 39 -3.91 -3.86 1.44
CA VAL A 39 -4.86 -3.86 2.56
C VAL A 39 -4.24 -3.19 3.79
N ILE A 40 -4.69 -1.98 4.08
CA ILE A 40 -4.10 -1.20 5.17
C ILE A 40 -4.79 -1.48 6.50
N ASN A 41 -5.07 -2.76 6.73
CA ASN A 41 -5.72 -3.21 7.96
C ASN A 41 -4.75 -3.16 9.14
N LYS A 42 -3.46 -3.36 8.85
CA LYS A 42 -2.42 -3.55 9.87
C LYS A 42 -2.75 -4.77 10.74
N PRO A 43 -2.79 -5.97 10.12
CA PRO A 43 -3.22 -7.19 10.81
C PRO A 43 -2.16 -7.73 11.76
N LEU A 44 -0.94 -7.87 11.26
CA LEU A 44 0.13 -8.47 12.01
C LEU A 44 1.40 -7.61 11.96
N GLY A 45 2.34 -7.92 12.82
CA GLY A 45 3.61 -7.22 12.81
C GLY A 45 4.77 -8.16 12.55
N ILE A 46 5.23 -8.18 11.31
CA ILE A 46 6.38 -9.00 10.94
C ILE A 46 7.67 -8.31 11.35
N GLU A 47 8.42 -8.97 12.21
CA GLU A 47 9.68 -8.45 12.71
C GLU A 47 10.76 -8.45 11.64
N VAL A 48 11.76 -7.61 11.85
CA VAL A 48 12.93 -7.55 10.97
C VAL A 48 13.71 -8.86 11.08
N ASN A 49 13.55 -9.54 12.21
CA ASN A 49 14.18 -10.84 12.43
C ASN A 49 13.69 -11.84 11.39
N SER A 50 12.46 -11.66 10.92
CA SER A 50 11.89 -12.53 9.92
C SER A 50 12.47 -12.18 8.55
N LEU A 51 12.80 -10.91 8.36
CA LEU A 51 13.43 -10.45 7.12
C LEU A 51 14.85 -11.02 7.03
N LEU A 52 15.57 -10.96 8.15
CA LEU A 52 16.91 -11.50 8.21
C LEU A 52 16.88 -13.03 8.08
N GLU A 53 15.76 -13.62 8.52
CA GLU A 53 15.55 -15.06 8.44
C GLU A 53 15.58 -15.54 6.99
N GLN A 54 14.81 -14.90 6.12
CA GLN A 54 14.79 -15.26 4.71
C GLN A 54 16.09 -14.86 4.01
N MET A 55 16.78 -13.87 4.57
CA MET A 55 18.09 -13.46 4.05
C MET A 55 19.12 -14.56 4.31
N ASP A 56 19.21 -14.97 5.57
CA ASP A 56 20.16 -16.00 6.02
C ASP A 56 21.61 -15.59 5.71
N LEU A 57 21.87 -14.30 5.84
CA LEU A 57 23.21 -13.78 5.62
C LEU A 57 23.45 -12.57 6.51
N PRO A 58 24.04 -12.79 7.69
CA PRO A 58 24.35 -11.72 8.64
C PRO A 58 25.56 -10.90 8.21
N THR A 59 26.25 -11.41 7.19
CA THR A 59 27.46 -10.79 6.68
C THR A 59 28.60 -10.89 7.70
N GLU A 60 29.50 -11.85 7.46
CA GLU A 60 30.58 -12.15 8.40
C GLU A 60 31.46 -10.92 8.66
N GLN A 61 31.85 -10.23 7.60
CA GLN A 61 32.69 -9.05 7.74
C GLN A 61 31.82 -7.80 7.80
N VAL A 62 32.14 -6.92 8.74
CA VAL A 62 31.42 -5.65 8.94
C VAL A 62 30.06 -5.88 9.59
N SER A 63 29.26 -6.77 9.00
CA SER A 63 27.91 -7.09 9.46
C SER A 63 26.98 -5.89 9.28
N ALA A 64 26.13 -5.96 8.28
CA ALA A 64 25.22 -4.88 7.97
C ALA A 64 23.79 -5.39 7.83
N ASP A 65 22.96 -5.07 8.82
CA ASP A 65 21.57 -5.46 8.79
C ASP A 65 20.78 -4.50 7.90
N LEU A 66 19.59 -4.90 7.52
CA LEU A 66 18.77 -4.08 6.64
C LEU A 66 17.39 -3.83 7.23
N ALA A 67 16.90 -2.61 7.02
CA ALA A 67 15.58 -2.18 7.48
C ALA A 67 15.49 -2.09 9.00
N MET A 68 14.38 -1.54 9.47
CA MET A 68 14.11 -1.40 10.89
C MET A 68 12.65 -1.78 11.13
N GLY A 69 12.10 -2.51 10.18
CA GLY A 69 10.69 -2.81 10.18
C GLY A 69 10.32 -3.97 11.08
N SER A 70 9.79 -3.64 12.25
CA SER A 70 9.24 -4.63 13.16
C SER A 70 7.73 -4.71 12.98
N GLN A 71 7.23 -3.94 12.03
CA GLN A 71 5.81 -3.84 11.76
C GLN A 71 5.54 -4.12 10.29
N VAL A 72 6.27 -5.07 9.73
CA VAL A 72 6.09 -5.43 8.32
C VAL A 72 4.73 -6.10 8.11
N LEU A 73 3.98 -5.62 7.14
CA LEU A 73 2.66 -6.15 6.87
C LEU A 73 2.70 -7.18 5.75
N MET A 74 1.83 -8.16 5.82
CA MET A 74 1.71 -9.14 4.77
C MET A 74 0.52 -8.80 3.88
N GLY A 75 0.81 -8.25 2.71
CA GLY A 75 -0.26 -7.89 1.78
C GLY A 75 -0.61 -9.06 0.87
N GLY A 76 0.37 -9.90 0.62
CA GLY A 76 0.15 -11.07 -0.21
C GLY A 76 1.42 -11.52 -0.89
N PRO A 77 2.07 -12.58 -0.40
CA PRO A 77 3.34 -13.07 -0.94
C PRO A 77 3.18 -13.76 -2.30
N VAL A 78 2.41 -13.14 -3.18
CA VAL A 78 2.21 -13.66 -4.52
C VAL A 78 3.02 -12.85 -5.52
N SER A 79 3.56 -13.52 -6.53
CA SER A 79 4.41 -12.87 -7.53
C SER A 79 5.69 -12.35 -6.87
N GLN A 80 6.34 -13.23 -6.10
CA GLN A 80 7.59 -12.91 -5.39
C GLN A 80 7.30 -12.13 -4.11
N ASP A 81 8.16 -12.32 -3.12
CA ASP A 81 8.03 -11.62 -1.84
C ASP A 81 8.64 -10.22 -1.93
N ARG A 82 8.34 -9.39 -0.93
CA ARG A 82 8.76 -7.98 -0.89
C ARG A 82 8.03 -7.17 -1.97
N GLY A 83 7.07 -6.37 -1.54
CA GLY A 83 6.31 -5.57 -2.49
C GLY A 83 6.87 -4.18 -2.64
N PHE A 84 6.18 -3.21 -2.05
CA PHE A 84 6.59 -1.81 -2.15
C PHE A 84 6.55 -1.15 -0.78
N VAL A 85 7.31 -0.07 -0.64
CA VAL A 85 7.42 0.62 0.64
C VAL A 85 6.80 2.01 0.57
N LEU A 86 5.90 2.30 1.49
CA LEU A 86 5.29 3.61 1.60
C LEU A 86 6.12 4.45 2.57
N HIS A 87 6.58 5.60 2.12
CA HIS A 87 7.46 6.42 2.91
C HIS A 87 7.00 7.87 2.88
N THR A 88 7.23 8.61 3.95
CA THR A 88 6.88 10.02 3.98
C THR A 88 7.72 10.79 2.95
N SER A 89 7.33 12.03 2.71
CA SER A 89 8.01 12.89 1.75
C SER A 89 9.49 13.00 2.09
N GLN A 90 10.34 12.69 1.13
CA GLN A 90 11.77 12.63 1.35
C GLN A 90 12.50 12.87 0.02
N PRO A 91 13.77 13.36 0.06
CA PRO A 91 14.63 13.49 -1.13
C PRO A 91 14.53 12.31 -2.13
N TYR A 92 15.12 12.52 -3.30
CA TYR A 92 14.96 11.63 -4.46
C TYR A 92 15.09 10.15 -4.15
N TRP A 93 14.29 9.38 -4.85
CA TRP A 93 14.28 7.93 -4.75
C TRP A 93 13.97 7.31 -6.11
N ALA A 94 13.77 5.99 -6.12
CA ALA A 94 13.53 5.26 -7.37
C ALA A 94 12.13 5.51 -7.91
N ASN A 95 11.13 5.38 -7.05
CA ASN A 95 9.75 5.54 -7.45
C ASN A 95 9.24 6.90 -7.01
N SER A 96 8.05 7.26 -7.46
CA SER A 96 7.45 8.55 -7.12
C SER A 96 5.93 8.49 -7.21
N THR A 97 5.27 9.10 -6.24
CA THR A 97 3.82 9.09 -6.19
C THR A 97 3.26 10.21 -7.07
N GLU A 98 2.77 9.86 -8.25
CA GLU A 98 2.20 10.84 -9.15
C GLU A 98 0.68 10.83 -9.04
N LEU A 99 0.06 11.93 -9.45
CA LEU A 99 -1.39 12.10 -9.38
C LEU A 99 -1.91 11.93 -7.96
N GLY A 100 -1.06 12.28 -6.99
CA GLY A 100 -1.42 12.20 -5.59
C GLY A 100 -0.71 13.25 -4.78
N SER A 101 -0.86 13.19 -3.47
CA SER A 101 -0.20 14.16 -2.59
C SER A 101 0.06 13.54 -1.22
N GLY A 102 1.16 13.95 -0.59
CA GLY A 102 1.43 13.54 0.78
C GLY A 102 2.70 12.73 0.92
N LEU A 103 2.65 11.47 0.48
CA LEU A 103 3.74 10.54 0.71
C LEU A 103 4.38 10.06 -0.58
N MET A 104 5.51 9.40 -0.46
CA MET A 104 6.26 8.90 -1.61
C MET A 104 6.51 7.41 -1.48
N LEU A 105 6.33 6.70 -2.57
CA LEU A 105 6.54 5.26 -2.60
C LEU A 105 7.92 4.93 -3.13
N THR A 106 8.53 3.89 -2.60
CA THR A 106 9.84 3.45 -3.05
C THR A 106 9.90 1.93 -3.12
N THR A 107 10.76 1.41 -3.98
CA THR A 107 10.95 -0.02 -4.16
C THR A 107 11.59 -0.66 -2.92
N SER A 108 11.23 -1.90 -2.65
CA SER A 108 11.71 -2.63 -1.47
C SER A 108 13.16 -3.10 -1.68
N ARG A 109 13.99 -2.23 -2.24
CA ARG A 109 15.38 -2.54 -2.49
C ARG A 109 16.23 -1.33 -2.15
N ASP A 110 16.00 -0.26 -2.89
CA ASP A 110 16.77 0.98 -2.77
C ASP A 110 16.61 1.58 -1.39
N VAL A 111 15.36 1.78 -0.96
CA VAL A 111 15.11 2.36 0.34
C VAL A 111 15.40 1.35 1.45
N LEU A 112 15.24 0.07 1.14
CA LEU A 112 15.44 -1.00 2.11
C LEU A 112 16.85 -0.94 2.69
N THR A 113 17.85 -0.92 1.81
CA THR A 113 19.25 -0.92 2.23
C THR A 113 19.60 0.42 2.87
N ALA A 114 18.83 1.46 2.55
CA ALA A 114 19.04 2.78 3.12
C ALA A 114 18.56 2.85 4.56
N ILE A 115 17.53 2.06 4.87
CA ILE A 115 16.96 2.02 6.21
C ILE A 115 17.92 1.30 7.15
N GLY A 116 18.72 0.39 6.59
CA GLY A 116 19.72 -0.31 7.36
C GLY A 116 20.86 0.61 7.77
N SER A 117 20.98 1.74 7.07
CA SER A 117 21.96 2.74 7.40
C SER A 117 21.34 3.78 8.34
N LYS A 118 20.25 4.41 7.87
CA LYS A 118 19.44 5.35 8.65
C LYS A 118 18.43 6.05 7.75
N ARG A 119 18.90 7.03 6.98
CA ARG A 119 18.07 7.77 6.01
C ARG A 119 16.87 8.42 6.72
N SER A 120 17.11 8.90 7.94
CA SER A 120 16.10 9.51 8.79
C SER A 120 14.81 8.68 8.83
N PRO A 121 14.73 7.69 9.73
CA PRO A 121 13.56 6.83 9.87
C PRO A 121 12.40 7.54 10.58
N ASP A 122 11.82 8.52 9.91
CA ASP A 122 10.65 9.23 10.42
C ASP A 122 9.47 8.28 10.54
N LYS A 123 8.86 7.96 9.41
CA LYS A 123 7.78 7.00 9.36
C LYS A 123 7.69 6.39 7.98
N PHE A 124 7.11 5.21 7.92
CA PHE A 124 7.01 4.45 6.69
C PHE A 124 6.25 3.15 6.94
N LEU A 125 5.91 2.45 5.87
CA LEU A 125 5.23 1.17 5.99
C LEU A 125 5.79 0.22 4.94
N VAL A 126 5.93 -1.04 5.30
CA VAL A 126 6.47 -2.05 4.40
C VAL A 126 5.51 -3.22 4.31
N ALA A 127 5.20 -3.64 3.08
CA ALA A 127 4.30 -4.76 2.89
C ALA A 127 4.91 -5.81 1.97
N LEU A 128 4.73 -7.06 2.34
CA LEU A 128 5.19 -8.17 1.52
C LEU A 128 4.13 -8.51 0.49
N GLY A 129 4.41 -8.17 -0.76
CA GLY A 129 3.47 -8.42 -1.85
C GLY A 129 2.28 -7.48 -1.80
N TYR A 130 1.21 -7.85 -2.49
CA TYR A 130 -0.01 -7.06 -2.52
C TYR A 130 -1.23 -7.96 -2.58
N ALA A 131 -2.40 -7.35 -2.71
CA ALA A 131 -3.67 -8.10 -2.65
C ALA A 131 -3.77 -9.14 -3.76
N GLY A 132 -4.60 -10.17 -3.53
CA GLY A 132 -4.71 -11.28 -4.48
C GLY A 132 -5.57 -10.93 -5.69
N TRP A 133 -5.51 -9.67 -6.08
CA TRP A 133 -6.28 -9.16 -7.19
C TRP A 133 -5.76 -9.69 -8.52
N SER A 134 -4.49 -10.06 -8.53
CA SER A 134 -3.79 -10.53 -9.72
C SER A 134 -4.58 -11.59 -10.48
N LYS A 135 -5.18 -12.51 -9.74
CA LYS A 135 -6.01 -13.57 -10.31
C LYS A 135 -7.13 -13.02 -11.20
N ASN A 136 -7.64 -11.84 -10.84
CA ASN A 136 -8.69 -11.20 -11.63
C ASN A 136 -8.11 -10.11 -12.51
N GLN A 137 -7.56 -9.08 -11.87
CA GLN A 137 -7.06 -7.87 -12.54
C GLN A 137 -8.18 -7.23 -13.37
N LEU A 138 -9.42 -7.52 -12.99
CA LEU A 138 -10.57 -7.00 -13.69
C LEU A 138 -11.08 -5.75 -13.00
N GLU A 139 -10.27 -4.69 -13.06
CA GLU A 139 -10.60 -3.41 -12.42
C GLU A 139 -12.01 -2.95 -12.78
N GLN A 140 -12.35 -3.14 -14.06
CA GLN A 140 -13.65 -2.71 -14.58
C GLN A 140 -14.78 -3.22 -13.70
N GLU A 141 -14.79 -4.53 -13.45
CA GLU A 141 -15.88 -5.14 -12.71
C GLU A 141 -15.78 -4.77 -11.24
N LEU A 142 -14.56 -4.59 -10.77
CA LEU A 142 -14.31 -4.32 -9.36
C LEU A 142 -14.87 -2.96 -8.98
N ALA A 143 -15.03 -2.09 -9.96
CA ALA A 143 -15.56 -0.76 -9.70
C ALA A 143 -17.06 -0.83 -9.47
N ASP A 144 -17.77 -1.42 -10.42
CA ASP A 144 -19.23 -1.48 -10.36
C ASP A 144 -19.75 -2.57 -9.42
N ASN A 145 -19.00 -3.65 -9.25
CA ASN A 145 -19.52 -4.88 -8.64
C ASN A 145 -20.15 -4.64 -7.26
N SER A 146 -19.39 -4.12 -6.31
CA SER A 146 -19.90 -3.92 -4.94
C SER A 146 -18.91 -3.16 -4.06
N TRP A 147 -18.01 -2.41 -4.68
CA TRP A 147 -17.00 -1.69 -3.92
C TRP A 147 -17.33 -0.21 -3.83
N LEU A 148 -16.87 0.43 -2.76
CA LEU A 148 -17.05 1.86 -2.57
C LEU A 148 -15.72 2.57 -2.76
N THR A 149 -15.76 3.76 -3.34
CA THR A 149 -14.55 4.48 -3.70
C THR A 149 -14.52 5.88 -3.12
N ILE A 150 -13.44 6.21 -2.42
CA ILE A 150 -13.22 7.55 -1.91
C ILE A 150 -11.75 7.93 -2.10
N PRO A 151 -11.46 9.24 -2.26
CA PRO A 151 -10.08 9.73 -2.39
C PRO A 151 -9.23 9.40 -1.16
N ALA A 152 -7.93 9.26 -1.36
CA ALA A 152 -7.02 8.87 -0.29
C ALA A 152 -6.48 10.08 0.45
N ASP A 153 -6.20 9.90 1.73
CA ASP A 153 -5.63 10.96 2.56
C ASP A 153 -4.41 10.45 3.32
N HIS A 154 -3.48 11.36 3.60
CA HIS A 154 -2.23 11.04 4.27
C HIS A 154 -2.44 10.56 5.70
N ALA A 155 -3.47 11.09 6.36
CA ALA A 155 -3.72 10.77 7.75
C ALA A 155 -4.55 9.49 7.86
N LEU A 156 -5.56 9.37 7.02
CA LEU A 156 -6.41 8.18 7.00
C LEU A 156 -5.59 6.91 6.72
N LEU A 157 -4.50 7.07 5.97
CA LEU A 157 -3.65 5.95 5.61
C LEU A 157 -2.87 5.43 6.82
N PHE A 158 -2.30 6.35 7.59
CA PHE A 158 -1.41 5.98 8.69
C PHE A 158 -2.00 6.30 10.06
N ASP A 159 -2.26 7.58 10.30
CA ASP A 159 -2.56 8.07 11.65
C ASP A 159 -3.98 7.75 12.08
N ILE A 160 -4.96 8.15 11.29
CA ILE A 160 -6.35 7.98 11.66
C ILE A 160 -6.81 6.55 11.36
N ASN A 161 -6.48 5.63 12.27
CA ASN A 161 -6.88 4.23 12.14
C ASN A 161 -7.41 3.71 13.49
N HIS A 162 -8.73 3.43 13.56
CA HIS A 162 -9.33 2.86 14.77
C HIS A 162 -10.85 2.65 14.62
N GLU A 163 -11.65 3.61 15.10
CA GLU A 163 -13.10 3.43 15.19
C GLU A 163 -13.85 4.36 14.24
N ASP A 164 -13.79 5.67 14.53
CA ASP A 164 -14.51 6.70 13.75
C ASP A 164 -13.94 6.84 12.34
N ARG A 165 -13.03 5.96 12.02
CA ARG A 165 -12.24 6.06 10.80
C ARG A 165 -13.06 5.69 9.58
N TRP A 166 -14.06 4.84 9.78
CA TRP A 166 -14.95 4.45 8.70
C TRP A 166 -15.80 5.65 8.31
N GLN A 167 -16.27 6.37 9.32
CA GLN A 167 -17.02 7.61 9.15
C GLN A 167 -16.13 8.65 8.46
N GLN A 168 -14.93 8.84 9.02
CA GLN A 168 -13.94 9.74 8.46
C GLN A 168 -13.73 9.48 6.98
N ALA A 169 -13.42 8.22 6.67
CA ALA A 169 -13.18 7.80 5.30
C ALA A 169 -14.40 8.05 4.40
N SER A 170 -15.59 7.83 4.94
CA SER A 170 -16.83 8.04 4.18
C SER A 170 -17.04 9.52 3.87
N ARG A 171 -16.59 10.39 4.76
CA ARG A 171 -16.65 11.83 4.54
C ARG A 171 -15.47 12.27 3.66
N SER A 172 -14.30 11.72 3.97
CA SER A 172 -13.07 11.96 3.22
C SER A 172 -12.59 13.41 3.35
N LEU A 173 -11.38 13.65 2.89
CA LEU A 173 -10.79 14.98 2.90
C LEU A 173 -9.61 15.01 1.94
N GLY A 174 -9.91 15.13 0.66
CA GLY A 174 -8.85 15.14 -0.34
C GLY A 174 -8.66 16.50 -0.96
N PHE A 175 -7.68 17.24 -0.47
CA PHE A 175 -7.41 18.57 -0.99
C PHE A 175 -6.30 18.53 -2.02
N GLU A 176 -6.50 19.25 -3.11
CA GLU A 176 -5.54 19.27 -4.21
C GLU A 176 -4.34 20.16 -3.90
N ALA A 177 -3.22 19.52 -3.56
CA ALA A 177 -1.95 20.22 -3.28
C ALA A 177 -2.11 21.25 -2.17
N TRP A 178 -1.99 20.78 -0.93
CA TRP A 178 -2.12 21.67 0.23
C TRP A 178 -0.79 22.34 0.54
N GLN A 179 0.27 21.53 0.61
CA GLN A 179 1.61 22.02 0.89
C GLN A 179 2.64 21.22 0.10
N LEU A 180 3.91 21.43 0.43
CA LEU A 180 5.03 20.68 -0.17
C LEU A 180 5.32 21.13 -1.60
N SER A 181 6.34 21.97 -1.74
CA SER A 181 6.81 22.39 -3.05
C SER A 181 8.19 21.79 -3.30
N THR A 182 8.47 21.42 -4.54
CA THR A 182 9.72 20.78 -4.87
C THR A 182 10.86 21.77 -5.01
N GLN A 183 11.57 22.00 -3.92
CA GLN A 183 12.76 22.83 -3.96
C GLN A 183 13.98 21.97 -3.70
N ALA A 184 14.50 21.38 -4.76
CA ALA A 184 15.68 20.54 -4.67
C ALA A 184 16.91 21.31 -5.10
N GLY A 185 17.72 21.72 -4.13
CA GLY A 185 18.89 22.51 -4.44
C GLY A 185 20.06 22.16 -3.55
N HIS A 186 21.23 22.04 -4.15
CA HIS A 186 22.45 21.76 -3.40
C HIS A 186 23.61 22.55 -3.99
N ALA A 187 24.18 23.42 -3.17
CA ALA A 187 25.27 24.29 -3.61
C ALA A 187 26.24 24.53 -2.46
N MET A 1 -15.42 -0.85 -16.09
CA MET A 1 -14.50 -1.09 -17.22
C MET A 1 -13.34 -0.09 -17.15
N GLU A 2 -13.52 0.90 -16.30
CA GLU A 2 -12.58 2.00 -16.13
C GLU A 2 -11.25 1.51 -15.55
N SER A 3 -10.19 2.24 -15.83
CA SER A 3 -8.86 1.88 -15.35
C SER A 3 -8.65 2.37 -13.92
N LEU A 4 -8.26 1.47 -13.04
CA LEU A 4 -7.95 1.83 -11.67
C LEU A 4 -6.48 2.17 -11.52
N GLN A 5 -6.12 2.80 -10.40
CA GLN A 5 -4.73 3.12 -10.12
C GLN A 5 -4.57 3.38 -8.63
N ASN A 6 -5.30 4.38 -8.14
CA ASN A 6 -5.23 4.77 -6.74
C ASN A 6 -6.63 4.68 -6.12
N HIS A 7 -6.84 5.41 -5.02
CA HIS A 7 -8.11 5.42 -4.25
C HIS A 7 -8.13 4.30 -3.22
N PHE A 8 -8.96 4.46 -2.21
CA PHE A 8 -9.20 3.39 -1.25
C PHE A 8 -10.37 2.54 -1.70
N LEU A 9 -10.31 1.26 -1.35
CA LEU A 9 -11.42 0.35 -1.57
C LEU A 9 -12.14 0.08 -0.25
N ILE A 10 -13.43 0.34 -0.24
CA ILE A 10 -14.24 0.09 0.94
C ILE A 10 -15.31 -0.94 0.60
N ALA A 11 -15.48 -1.93 1.47
CA ALA A 11 -16.43 -2.99 1.25
C ALA A 11 -17.13 -3.39 2.54
N MET A 12 -18.33 -3.92 2.41
CA MET A 12 -19.11 -4.34 3.57
C MET A 12 -18.92 -5.84 3.79
N PRO A 13 -18.88 -6.27 5.07
CA PRO A 13 -18.67 -7.67 5.43
C PRO A 13 -19.87 -8.56 5.09
N SER A 14 -19.87 -9.10 3.89
CA SER A 14 -20.95 -9.98 3.43
C SER A 14 -20.52 -10.84 2.24
N LEU A 15 -19.31 -10.63 1.74
CA LEU A 15 -18.90 -11.24 0.47
C LEU A 15 -18.00 -12.46 0.68
N ASP A 16 -17.03 -12.34 1.57
CA ASP A 16 -16.07 -13.40 1.83
C ASP A 16 -15.34 -13.11 3.12
N ASP A 17 -14.61 -11.99 3.10
CA ASP A 17 -14.09 -11.36 4.31
C ASP A 17 -13.03 -12.22 5.00
N THR A 18 -12.33 -13.04 4.23
CA THR A 18 -11.27 -13.87 4.79
C THR A 18 -10.10 -13.02 5.30
N PHE A 19 -9.65 -12.08 4.48
CA PHE A 19 -8.51 -11.23 4.82
C PHE A 19 -8.25 -10.24 3.68
N PHE A 20 -7.94 -10.78 2.51
CA PHE A 20 -7.70 -9.96 1.33
C PHE A 20 -9.01 -9.39 0.82
N GLU A 21 -10.08 -10.15 1.02
CA GLU A 21 -11.41 -9.72 0.65
C GLU A 21 -11.93 -8.71 1.68
N ARG A 22 -12.56 -7.64 1.18
CA ARG A 22 -13.13 -6.59 2.04
C ARG A 22 -11.98 -5.79 2.71
N THR A 23 -12.32 -4.99 3.71
CA THR A 23 -11.34 -4.19 4.45
C THR A 23 -10.95 -2.98 3.59
N VAL A 24 -10.10 -2.10 4.10
CA VAL A 24 -9.68 -0.94 3.34
C VAL A 24 -8.42 -1.27 2.55
N ILE A 25 -8.57 -1.30 1.24
CA ILE A 25 -7.48 -1.59 0.32
C ILE A 25 -7.06 -0.32 -0.41
N TYR A 26 -5.83 0.09 -0.22
CA TYR A 26 -5.32 1.28 -0.89
C TYR A 26 -4.65 0.89 -2.19
N LEU A 27 -5.23 1.33 -3.29
CA LEU A 27 -4.61 1.14 -4.60
C LEU A 27 -3.52 2.18 -4.77
N CYS A 28 -2.37 1.76 -5.26
CA CYS A 28 -1.21 2.63 -5.30
C CYS A 28 -0.85 3.01 -6.73
N GLU A 29 -0.54 2.00 -7.55
CA GLU A 29 -0.13 2.24 -8.93
C GLU A 29 -0.93 1.35 -9.87
N HIS A 30 -0.75 1.58 -11.16
CA HIS A 30 -1.54 0.87 -12.15
C HIS A 30 -0.64 0.17 -13.17
N ASP A 31 -1.11 -0.98 -13.64
CA ASP A 31 -0.45 -1.70 -14.70
C ASP A 31 -1.23 -1.48 -16.00
N GLU A 32 -0.60 -1.75 -17.13
CA GLU A 32 -1.25 -1.64 -18.44
C GLU A 32 -2.63 -2.33 -18.43
N LYS A 33 -2.71 -3.43 -17.67
CA LYS A 33 -3.96 -4.15 -17.48
C LYS A 33 -4.89 -3.44 -16.49
N GLY A 34 -4.38 -3.11 -15.32
CA GLY A 34 -5.24 -2.66 -14.24
C GLY A 34 -4.49 -1.91 -13.16
N ALA A 35 -4.52 -2.44 -11.94
CA ALA A 35 -3.89 -1.76 -10.81
C ALA A 35 -3.55 -2.72 -9.68
N MET A 36 -2.84 -2.22 -8.68
CA MET A 36 -2.43 -3.01 -7.52
C MET A 36 -2.71 -2.24 -6.23
N GLY A 37 -2.97 -2.96 -5.15
CA GLY A 37 -3.32 -2.31 -3.90
C GLY A 37 -2.78 -3.03 -2.69
N LEU A 38 -2.91 -2.39 -1.53
CA LEU A 38 -2.48 -2.95 -0.26
C LEU A 38 -3.57 -2.84 0.79
N VAL A 39 -3.71 -3.86 1.62
CA VAL A 39 -4.62 -3.79 2.76
C VAL A 39 -3.93 -3.07 3.91
N ILE A 40 -4.30 -1.82 4.14
CA ILE A 40 -3.55 -0.97 5.08
C ILE A 40 -4.37 -0.63 6.32
N ASN A 41 -5.46 -1.36 6.56
CA ASN A 41 -6.34 -1.06 7.67
C ASN A 41 -5.68 -1.42 9.01
N LYS A 42 -4.53 -2.11 8.93
CA LYS A 42 -3.78 -2.53 10.11
C LYS A 42 -4.56 -3.54 10.96
N PRO A 43 -4.85 -4.73 10.40
CA PRO A 43 -5.52 -5.80 11.14
C PRO A 43 -4.56 -6.59 12.01
N LEU A 44 -3.31 -6.65 11.57
CA LEU A 44 -2.28 -7.39 12.29
C LEU A 44 -1.00 -6.56 12.36
N GLY A 45 0.08 -7.19 12.78
CA GLY A 45 1.36 -6.53 12.82
C GLY A 45 2.49 -7.53 12.88
N ILE A 46 3.23 -7.67 11.80
CA ILE A 46 4.31 -8.63 11.71
C ILE A 46 5.53 -8.14 12.49
N GLU A 47 5.85 -8.85 13.55
CA GLU A 47 6.93 -8.48 14.44
C GLU A 47 8.25 -9.08 13.94
N VAL A 48 9.37 -8.54 14.43
CA VAL A 48 10.70 -8.85 13.88
C VAL A 48 11.01 -10.34 13.90
N ASN A 49 10.48 -11.05 14.89
CA ASN A 49 10.77 -12.46 15.08
C ASN A 49 10.32 -13.28 13.88
N SER A 50 9.23 -12.88 13.26
CA SER A 50 8.69 -13.60 12.11
C SER A 50 9.55 -13.36 10.87
N LEU A 51 10.15 -12.17 10.79
CA LEU A 51 11.01 -11.82 9.65
C LEU A 51 12.28 -12.66 9.66
N LEU A 52 12.99 -12.61 10.78
CA LEU A 52 14.25 -13.34 10.91
C LEU A 52 14.02 -14.84 10.86
N GLU A 53 12.85 -15.28 11.30
CA GLU A 53 12.53 -16.69 11.33
C GLU A 53 12.35 -17.25 9.92
N GLN A 54 11.64 -16.52 9.06
CA GLN A 54 11.37 -17.01 7.71
C GLN A 54 12.63 -17.03 6.86
N MET A 55 13.51 -16.06 7.06
CA MET A 55 14.79 -16.06 6.36
C MET A 55 15.70 -17.13 6.97
N ASP A 56 15.65 -17.24 8.31
CA ASP A 56 16.43 -18.21 9.09
C ASP A 56 17.93 -17.97 8.94
N LEU A 57 18.49 -18.33 7.80
CA LEU A 57 19.91 -18.11 7.53
C LEU A 57 20.18 -18.12 6.02
N PRO A 58 20.98 -17.16 5.54
CA PRO A 58 21.44 -17.18 4.16
C PRO A 58 22.62 -18.15 3.98
N THR A 59 23.60 -18.01 4.87
CA THR A 59 24.72 -18.94 4.94
C THR A 59 25.30 -18.89 6.36
N GLU A 60 24.75 -19.74 7.23
CA GLU A 60 25.11 -19.76 8.65
C GLU A 60 24.72 -18.44 9.33
N GLN A 61 25.10 -18.29 10.59
CA GLN A 61 24.75 -17.09 11.35
C GLN A 61 25.67 -15.94 10.97
N VAL A 62 25.35 -15.26 9.88
CA VAL A 62 26.11 -14.09 9.46
C VAL A 62 25.27 -12.82 9.57
N SER A 63 23.98 -12.99 9.80
CA SER A 63 23.05 -11.87 9.89
C SER A 63 21.89 -12.19 10.82
N ALA A 64 21.45 -11.20 11.58
CA ALA A 64 20.30 -11.37 12.46
C ALA A 64 19.03 -10.82 11.80
N ASP A 65 19.18 -9.69 11.14
CA ASP A 65 18.10 -9.06 10.39
C ASP A 65 18.68 -7.94 9.54
N LEU A 66 17.86 -7.35 8.67
CA LEU A 66 18.33 -6.24 7.86
C LEU A 66 17.36 -5.04 7.87
N ALA A 67 16.35 -5.08 8.74
CA ALA A 67 15.33 -4.02 8.76
C ALA A 67 14.38 -4.13 9.94
N MET A 68 14.68 -5.03 10.88
CA MET A 68 13.78 -5.28 12.01
C MET A 68 12.37 -5.61 11.55
N GLY A 69 11.37 -5.03 12.20
CA GLY A 69 9.99 -5.27 11.83
C GLY A 69 9.02 -4.64 12.80
N SER A 70 8.30 -5.48 13.54
CA SER A 70 7.31 -5.06 14.54
C SER A 70 6.08 -4.39 13.91
N GLN A 71 6.29 -3.49 12.96
CA GLN A 71 5.19 -2.78 12.31
C GLN A 71 5.13 -3.15 10.81
N VAL A 72 5.48 -4.38 10.51
CA VAL A 72 5.42 -4.85 9.13
C VAL A 72 4.01 -5.33 8.79
N LEU A 73 3.51 -4.93 7.63
CA LEU A 73 2.21 -5.37 7.17
C LEU A 73 2.35 -6.34 6.00
N MET A 74 1.29 -7.04 5.69
CA MET A 74 1.29 -8.00 4.60
C MET A 74 0.15 -7.72 3.65
N GLY A 75 0.49 -7.40 2.41
CA GLY A 75 -0.52 -7.17 1.40
C GLY A 75 -0.85 -8.46 0.67
N GLY A 76 0.16 -9.31 0.53
CA GLY A 76 -0.01 -10.59 -0.11
C GLY A 76 1.31 -11.31 -0.28
N PRO A 77 1.38 -12.60 0.06
CA PRO A 77 2.63 -13.38 -0.02
C PRO A 77 3.01 -13.75 -1.45
N VAL A 78 3.02 -12.76 -2.34
CA VAL A 78 3.34 -12.99 -3.74
C VAL A 78 4.72 -12.44 -4.10
N SER A 79 5.73 -13.32 -3.98
CA SER A 79 7.10 -13.04 -4.41
C SER A 79 7.85 -12.09 -3.46
N GLN A 80 7.26 -10.94 -3.14
CA GLN A 80 7.91 -9.92 -2.32
C GLN A 80 9.19 -9.41 -2.98
N ASP A 81 9.26 -9.54 -4.30
CA ASP A 81 10.45 -9.14 -5.04
C ASP A 81 10.39 -7.65 -5.37
N ARG A 82 9.23 -7.19 -5.80
CA ARG A 82 9.04 -5.78 -6.09
C ARG A 82 8.53 -5.07 -4.83
N GLY A 83 9.29 -5.19 -3.75
CA GLY A 83 8.92 -4.55 -2.50
C GLY A 83 8.89 -3.05 -2.62
N PHE A 84 7.84 -2.43 -2.11
CA PHE A 84 7.68 -0.98 -2.21
C PHE A 84 7.23 -0.40 -0.88
N VAL A 85 7.84 0.71 -0.50
CA VAL A 85 7.57 1.34 0.77
C VAL A 85 6.95 2.73 0.57
N LEU A 86 5.80 2.94 1.17
CA LEU A 86 5.15 4.24 1.15
C LEU A 86 5.69 5.09 2.30
N HIS A 87 6.16 6.29 1.98
CA HIS A 87 6.75 7.15 2.99
C HIS A 87 6.39 8.60 2.75
N THR A 88 6.77 9.45 3.69
CA THR A 88 6.53 10.87 3.58
C THR A 88 7.40 11.46 2.49
N SER A 89 6.89 12.48 1.80
CA SER A 89 7.63 13.15 0.75
C SER A 89 8.91 13.77 1.29
N GLN A 90 10.04 13.31 0.77
CA GLN A 90 11.34 13.79 1.20
C GLN A 90 11.95 14.67 0.12
N PRO A 91 12.72 15.68 0.52
CA PRO A 91 13.34 16.62 -0.42
C PRO A 91 14.57 16.05 -1.14
N TYR A 92 14.80 14.75 -0.98
CA TYR A 92 15.89 14.07 -1.68
C TYR A 92 15.74 12.56 -1.57
N TRP A 93 16.17 11.88 -2.63
CA TRP A 93 16.14 10.42 -2.74
C TRP A 93 16.45 10.02 -4.18
N ALA A 94 17.13 8.89 -4.35
CA ALA A 94 17.51 8.42 -5.69
C ALA A 94 16.31 8.26 -6.61
N ASN A 95 15.51 7.21 -6.38
CA ASN A 95 14.33 6.97 -7.19
C ASN A 95 13.09 6.90 -6.31
N SER A 96 12.07 7.66 -6.68
CA SER A 96 10.81 7.66 -5.96
C SER A 96 9.68 8.21 -6.82
N THR A 97 8.47 7.74 -6.56
CA THR A 97 7.29 8.18 -7.26
C THR A 97 6.40 9.00 -6.33
N GLU A 98 5.83 10.08 -6.82
CA GLU A 98 4.89 10.87 -6.04
C GLU A 98 3.82 11.46 -6.95
N LEU A 99 2.85 12.14 -6.35
CA LEU A 99 1.77 12.74 -7.11
C LEU A 99 2.00 14.22 -7.33
N GLY A 100 3.17 14.71 -6.93
CA GLY A 100 3.51 16.10 -7.12
C GLY A 100 3.48 16.90 -5.83
N SER A 101 2.50 16.59 -4.98
CA SER A 101 2.34 17.28 -3.72
C SER A 101 1.70 16.36 -2.69
N GLY A 102 2.10 15.10 -2.71
CA GLY A 102 1.55 14.12 -1.80
C GLY A 102 2.63 13.26 -1.18
N LEU A 103 2.27 12.04 -0.79
CA LEU A 103 3.24 11.10 -0.23
C LEU A 103 4.12 10.53 -1.33
N MET A 104 5.14 9.78 -0.95
CA MET A 104 6.12 9.30 -1.91
C MET A 104 6.30 7.79 -1.82
N LEU A 105 6.68 7.22 -2.95
CA LEU A 105 6.82 5.78 -3.11
C LEU A 105 8.26 5.43 -3.48
N THR A 106 8.78 4.36 -2.92
CA THR A 106 10.09 3.85 -3.31
C THR A 106 10.02 2.32 -3.44
N THR A 107 10.47 1.81 -4.57
CA THR A 107 10.38 0.38 -4.85
C THR A 107 11.75 -0.31 -4.85
N SER A 108 11.73 -1.62 -5.04
CA SER A 108 12.95 -2.45 -5.12
C SER A 108 13.56 -2.69 -3.74
N ARG A 109 14.47 -3.66 -3.66
CA ARG A 109 15.10 -4.02 -2.38
C ARG A 109 15.96 -2.88 -1.85
N ASP A 110 16.22 -1.90 -2.71
CA ASP A 110 17.05 -0.75 -2.34
C ASP A 110 16.41 0.02 -1.19
N VAL A 111 15.08 0.12 -1.19
CA VAL A 111 14.38 0.83 -0.12
C VAL A 111 14.36 -0.03 1.15
N LEU A 112 14.33 -1.35 0.97
CA LEU A 112 14.33 -2.27 2.10
C LEU A 112 15.64 -2.16 2.88
N THR A 113 16.76 -2.26 2.18
CA THR A 113 18.07 -2.13 2.82
C THR A 113 18.29 -0.72 3.32
N ALA A 114 17.57 0.25 2.74
CA ALA A 114 17.62 1.62 3.20
C ALA A 114 16.93 1.76 4.56
N ILE A 115 15.92 0.93 4.78
CA ILE A 115 15.23 0.91 6.08
C ILE A 115 16.19 0.45 7.17
N GLY A 116 17.09 -0.45 6.80
CA GLY A 116 18.06 -0.96 7.75
C GLY A 116 19.34 -0.16 7.79
N SER A 117 19.25 1.14 7.49
CA SER A 117 20.38 2.03 7.62
C SER A 117 20.28 2.82 8.92
N LYS A 118 21.35 3.52 9.28
CA LYS A 118 21.35 4.35 10.47
C LYS A 118 21.09 5.81 10.09
N ARG A 119 20.58 6.01 8.89
CA ARG A 119 20.18 7.32 8.41
C ARG A 119 18.94 7.15 7.54
N SER A 120 17.78 7.09 8.19
CA SER A 120 16.55 6.69 7.54
C SER A 120 15.54 7.83 7.47
N PRO A 121 14.49 7.68 6.64
CA PRO A 121 13.40 8.67 6.53
C PRO A 121 12.64 8.85 7.85
N ASP A 122 11.87 9.93 7.93
CA ASP A 122 11.09 10.25 9.13
C ASP A 122 10.19 9.09 9.53
N LYS A 123 9.21 8.80 8.68
CA LYS A 123 8.33 7.67 8.90
C LYS A 123 7.84 7.11 7.58
N PHE A 124 7.34 5.88 7.64
CA PHE A 124 6.92 5.15 6.46
C PHE A 124 6.12 3.91 6.85
N LEU A 125 5.55 3.24 5.87
CA LEU A 125 4.83 2.01 6.10
C LEU A 125 5.48 0.89 5.30
N VAL A 126 5.53 -0.30 5.88
CA VAL A 126 6.19 -1.43 5.23
C VAL A 126 5.18 -2.55 4.99
N ALA A 127 5.02 -2.94 3.73
CA ALA A 127 4.08 -3.99 3.37
C ALA A 127 4.77 -5.06 2.54
N LEU A 128 4.49 -6.31 2.88
CA LEU A 128 5.03 -7.44 2.14
C LEU A 128 4.11 -7.82 1.00
N GLY A 129 4.61 -7.64 -0.23
CA GLY A 129 3.86 -8.01 -1.40
C GLY A 129 2.74 -7.03 -1.70
N TYR A 130 1.65 -7.53 -2.24
CA TYR A 130 0.50 -6.70 -2.57
C TYR A 130 -0.76 -7.55 -2.69
N ALA A 131 -1.88 -6.89 -2.84
CA ALA A 131 -3.16 -7.58 -2.99
C ALA A 131 -3.19 -8.31 -4.33
N GLY A 132 -3.12 -9.64 -4.26
CA GLY A 132 -3.08 -10.46 -5.45
C GLY A 132 -4.41 -10.52 -6.17
N TRP A 133 -4.64 -9.56 -7.06
CA TRP A 133 -5.85 -9.56 -7.88
C TRP A 133 -5.90 -10.80 -8.76
N SER A 134 -4.73 -11.34 -9.07
CA SER A 134 -4.60 -12.57 -9.86
C SER A 134 -5.49 -13.68 -9.33
N LYS A 135 -5.66 -13.70 -8.02
CA LYS A 135 -6.59 -14.62 -7.35
C LYS A 135 -7.96 -14.61 -8.03
N ASN A 136 -8.51 -13.43 -8.26
CA ASN A 136 -9.85 -13.31 -8.84
C ASN A 136 -9.77 -13.15 -10.35
N GLN A 137 -8.67 -12.55 -10.82
CA GLN A 137 -8.43 -12.28 -12.23
C GLN A 137 -9.40 -11.25 -12.80
N LEU A 138 -8.95 -10.56 -13.84
CA LEU A 138 -9.75 -9.55 -14.54
C LEU A 138 -10.18 -8.45 -13.57
N GLU A 139 -9.24 -7.54 -13.28
CA GLU A 139 -9.45 -6.44 -12.35
C GLU A 139 -10.74 -5.66 -12.64
N GLN A 140 -11.16 -5.71 -13.90
CA GLN A 140 -12.39 -5.06 -14.35
C GLN A 140 -13.60 -5.42 -13.46
N GLU A 141 -13.56 -6.62 -12.89
CA GLU A 141 -14.67 -7.11 -12.06
C GLU A 141 -15.00 -6.17 -10.91
N LEU A 142 -13.97 -5.50 -10.40
CA LEU A 142 -14.12 -4.59 -9.27
C LEU A 142 -15.14 -3.50 -9.57
N ALA A 143 -15.19 -3.06 -10.82
CA ALA A 143 -16.08 -1.99 -11.22
C ALA A 143 -17.54 -2.39 -11.07
N ASP A 144 -17.89 -3.55 -11.62
CA ASP A 144 -19.28 -4.00 -11.60
C ASP A 144 -19.67 -4.55 -10.22
N ASN A 145 -18.68 -5.00 -9.46
CA ASN A 145 -18.94 -5.56 -8.14
C ASN A 145 -19.47 -4.49 -7.20
N SER A 146 -19.10 -3.24 -7.47
CA SER A 146 -19.69 -2.06 -6.83
C SER A 146 -19.01 -1.73 -5.49
N TRP A 147 -17.74 -2.10 -5.35
CA TRP A 147 -16.95 -1.68 -4.19
C TRP A 147 -16.89 -0.16 -4.13
N LEU A 148 -16.74 0.39 -2.94
CA LEU A 148 -16.68 1.83 -2.78
C LEU A 148 -15.25 2.32 -2.96
N THR A 149 -15.12 3.48 -3.57
CA THR A 149 -13.80 4.06 -3.83
C THR A 149 -13.78 5.53 -3.45
N ILE A 150 -12.80 5.91 -2.65
CA ILE A 150 -12.65 7.30 -2.23
C ILE A 150 -11.21 7.76 -2.42
N PRO A 151 -10.99 9.07 -2.59
CA PRO A 151 -9.64 9.64 -2.71
C PRO A 151 -8.79 9.39 -1.46
N ALA A 152 -7.49 9.25 -1.66
CA ALA A 152 -6.58 8.96 -0.57
C ALA A 152 -6.16 10.24 0.16
N ASP A 153 -5.97 10.11 1.47
CA ASP A 153 -5.52 11.23 2.30
C ASP A 153 -4.26 10.86 3.07
N HIS A 154 -3.43 11.86 3.34
CA HIS A 154 -2.16 11.66 4.03
C HIS A 154 -2.36 11.27 5.49
N ALA A 155 -3.38 11.86 6.13
CA ALA A 155 -3.60 11.62 7.55
C ALA A 155 -4.28 10.29 7.77
N LEU A 156 -5.30 10.01 6.97
CA LEU A 156 -6.03 8.76 7.05
C LEU A 156 -5.11 7.57 6.73
N LEU A 157 -4.11 7.84 5.90
CA LEU A 157 -3.18 6.81 5.45
C LEU A 157 -2.44 6.17 6.62
N PHE A 158 -1.72 6.98 7.40
CA PHE A 158 -0.83 6.43 8.42
C PHE A 158 -1.00 7.08 9.79
N ASP A 159 -1.81 8.11 9.90
CA ASP A 159 -1.98 8.81 11.18
C ASP A 159 -3.26 8.36 11.87
N ILE A 160 -4.35 8.37 11.12
CA ILE A 160 -5.65 7.95 11.65
C ILE A 160 -5.76 6.43 11.63
N ASN A 161 -5.41 5.81 12.75
CA ASN A 161 -5.51 4.36 12.87
C ASN A 161 -6.77 3.97 13.62
N HIS A 162 -6.77 2.79 14.24
CA HIS A 162 -7.93 2.27 14.98
C HIS A 162 -9.11 2.06 14.03
N GLU A 163 -10.31 1.92 14.59
CA GLU A 163 -11.49 1.71 13.76
C GLU A 163 -12.09 3.04 13.35
N ASP A 164 -11.71 4.09 14.07
CA ASP A 164 -12.22 5.44 13.84
C ASP A 164 -11.84 5.94 12.44
N ARG A 165 -10.82 5.31 11.86
CA ARG A 165 -10.39 5.67 10.51
C ARG A 165 -11.49 5.33 9.49
N TRP A 166 -12.30 4.34 9.81
CA TRP A 166 -13.41 3.96 8.95
C TRP A 166 -14.49 5.02 9.04
N GLN A 167 -14.63 5.61 10.23
CA GLN A 167 -15.59 6.69 10.47
C GLN A 167 -15.26 7.89 9.58
N GLN A 168 -14.00 8.34 9.66
CA GLN A 168 -13.54 9.44 8.82
C GLN A 168 -13.73 9.13 7.34
N ALA A 169 -13.37 7.91 6.95
CA ALA A 169 -13.54 7.46 5.57
C ALA A 169 -15.01 7.58 5.13
N SER A 170 -15.90 7.08 5.99
CA SER A 170 -17.32 7.10 5.72
C SER A 170 -17.88 8.53 5.69
N ARG A 171 -17.23 9.42 6.45
CA ARG A 171 -17.65 10.81 6.51
C ARG A 171 -17.49 11.45 5.13
N SER A 172 -16.32 11.22 4.53
CA SER A 172 -16.02 11.67 3.16
C SER A 172 -16.09 13.20 3.02
N LEU A 173 -14.93 13.82 2.88
CA LEU A 173 -14.87 15.27 2.70
C LEU A 173 -13.76 15.64 1.71
N GLY A 174 -14.16 15.97 0.49
CA GLY A 174 -13.19 16.38 -0.51
C GLY A 174 -13.47 15.74 -1.86
N PHE A 175 -13.01 16.37 -2.92
CA PHE A 175 -13.17 15.84 -4.27
C PHE A 175 -11.82 15.66 -4.94
N GLU A 176 -11.80 14.89 -6.02
CA GLU A 176 -10.56 14.61 -6.73
C GLU A 176 -10.58 15.20 -8.13
N ALA A 177 -9.60 14.81 -8.95
CA ALA A 177 -9.42 15.41 -10.27
C ALA A 177 -9.94 14.48 -11.37
N TRP A 178 -10.30 15.08 -12.50
CA TRP A 178 -10.79 14.33 -13.65
C TRP A 178 -9.68 14.19 -14.68
N GLN A 179 -9.24 12.96 -14.93
CA GLN A 179 -8.14 12.72 -15.85
C GLN A 179 -8.63 12.81 -17.30
N LEU A 180 -7.83 13.45 -18.14
CA LEU A 180 -8.17 13.60 -19.55
C LEU A 180 -7.05 13.10 -20.45
N SER A 181 -7.41 12.31 -21.44
CA SER A 181 -6.47 11.84 -22.44
C SER A 181 -7.19 11.72 -23.78
N THR A 182 -6.64 12.33 -24.82
CA THR A 182 -7.37 12.47 -26.07
C THR A 182 -6.71 11.68 -27.21
N GLN A 183 -6.86 10.36 -27.17
CA GLN A 183 -6.39 9.49 -28.24
C GLN A 183 -6.70 8.04 -27.90
N ALA A 184 -7.13 7.28 -28.91
CA ALA A 184 -7.44 5.86 -28.72
C ALA A 184 -6.73 5.02 -29.79
N GLY A 185 -6.37 3.80 -29.43
CA GLY A 185 -5.70 2.92 -30.37
C GLY A 185 -6.64 2.40 -31.44
N HIS A 186 -6.14 2.30 -32.67
CA HIS A 186 -6.95 1.84 -33.79
C HIS A 186 -7.13 0.33 -33.73
N ALA A 187 -8.28 -0.10 -33.23
CA ALA A 187 -8.60 -1.51 -33.12
C ALA A 187 -10.10 -1.71 -33.26
N MET A 1 -16.79 -0.90 -15.33
CA MET A 1 -16.29 0.31 -16.03
C MET A 1 -15.30 1.08 -15.15
N GLU A 2 -15.46 0.93 -13.84
CA GLU A 2 -14.69 1.68 -12.88
C GLU A 2 -13.25 1.16 -12.80
N SER A 3 -12.31 2.01 -13.20
CA SER A 3 -10.90 1.70 -13.09
C SER A 3 -10.27 2.62 -12.05
N LEU A 4 -9.90 2.04 -10.91
CA LEU A 4 -9.49 2.83 -9.76
C LEU A 4 -7.98 3.04 -9.70
N GLN A 5 -7.57 4.28 -9.42
CA GLN A 5 -6.18 4.60 -9.17
C GLN A 5 -6.06 5.53 -7.97
N ASN A 6 -5.05 5.26 -7.13
CA ASN A 6 -4.81 6.01 -5.89
C ASN A 6 -6.10 6.27 -5.12
N HIS A 7 -6.60 5.22 -4.49
CA HIS A 7 -7.88 5.26 -3.80
C HIS A 7 -7.91 4.21 -2.70
N PHE A 8 -8.77 4.40 -1.71
CA PHE A 8 -8.99 3.38 -0.70
C PHE A 8 -10.23 2.57 -1.04
N LEU A 9 -10.25 1.34 -0.58
CA LEU A 9 -11.40 0.46 -0.76
C LEU A 9 -12.06 0.18 0.58
N ILE A 10 -13.31 0.59 0.73
CA ILE A 10 -14.06 0.35 1.96
C ILE A 10 -14.99 -0.84 1.80
N ALA A 11 -14.89 -1.78 2.72
CA ALA A 11 -15.75 -2.96 2.71
C ALA A 11 -16.83 -2.86 3.78
N MET A 12 -18.07 -3.12 3.39
CA MET A 12 -19.18 -3.11 4.31
C MET A 12 -19.35 -4.49 4.95
N PRO A 13 -19.93 -4.55 6.17
CA PRO A 13 -20.14 -5.82 6.89
C PRO A 13 -21.20 -6.71 6.27
N SER A 14 -21.17 -6.82 4.94
CA SER A 14 -22.03 -7.73 4.22
C SER A 14 -21.19 -8.86 3.66
N LEU A 15 -19.88 -8.62 3.59
CA LEU A 15 -18.92 -9.60 3.11
C LEU A 15 -18.08 -10.12 4.27
N ASP A 16 -18.25 -9.50 5.43
CA ASP A 16 -17.44 -9.83 6.60
C ASP A 16 -17.92 -11.10 7.27
N ASP A 17 -17.56 -12.22 6.67
CA ASP A 17 -17.74 -13.53 7.29
C ASP A 17 -16.37 -14.16 7.47
N THR A 18 -15.38 -13.44 6.99
CA THR A 18 -13.98 -13.83 7.11
C THR A 18 -13.15 -12.56 7.33
N PHE A 19 -12.21 -12.61 8.26
CA PHE A 19 -11.47 -11.42 8.66
C PHE A 19 -10.37 -11.08 7.66
N PHE A 20 -10.79 -10.56 6.53
CA PHE A 20 -9.88 -10.14 5.48
C PHE A 20 -10.54 -9.07 4.62
N GLU A 21 -11.64 -9.43 3.98
CA GLU A 21 -12.38 -8.51 3.12
C GLU A 21 -13.36 -7.69 3.94
N ARG A 22 -12.85 -7.05 4.98
CA ARG A 22 -13.66 -6.21 5.86
C ARG A 22 -12.87 -4.98 6.29
N THR A 23 -11.84 -4.69 5.51
CA THR A 23 -10.93 -3.61 5.82
C THR A 23 -10.71 -2.72 4.59
N VAL A 24 -9.68 -1.89 4.65
CA VAL A 24 -9.38 -0.96 3.58
C VAL A 24 -8.22 -1.48 2.72
N ILE A 25 -8.35 -1.32 1.41
CA ILE A 25 -7.28 -1.65 0.48
C ILE A 25 -6.73 -0.36 -0.13
N TYR A 26 -5.41 -0.26 -0.26
CA TYR A 26 -4.78 0.92 -0.85
C TYR A 26 -4.43 0.65 -2.31
N LEU A 27 -5.04 1.41 -3.20
CA LEU A 27 -4.83 1.26 -4.63
C LEU A 27 -3.80 2.26 -5.14
N CYS A 28 -2.97 1.85 -6.09
CA CYS A 28 -1.98 2.73 -6.68
C CYS A 28 -2.22 2.93 -8.17
N GLU A 29 -1.72 2.01 -9.00
CA GLU A 29 -1.85 2.14 -10.44
C GLU A 29 -3.01 1.30 -10.95
N HIS A 30 -3.31 1.46 -12.24
CA HIS A 30 -4.39 0.70 -12.86
C HIS A 30 -4.08 0.47 -14.33
N ASP A 31 -4.35 -0.73 -14.80
CA ASP A 31 -4.18 -1.08 -16.19
C ASP A 31 -5.54 -1.37 -16.80
N GLU A 32 -6.32 -0.31 -16.99
CA GLU A 32 -7.69 -0.35 -17.53
C GLU A 32 -8.57 -1.35 -16.80
N LYS A 33 -8.46 -2.62 -17.16
CA LYS A 33 -9.21 -3.68 -16.49
C LYS A 33 -8.99 -3.68 -14.98
N GLY A 34 -7.73 -3.78 -14.57
CA GLY A 34 -7.43 -4.02 -13.18
C GLY A 34 -6.62 -2.93 -12.54
N ALA A 35 -6.51 -2.98 -11.23
CA ALA A 35 -5.72 -2.02 -10.47
C ALA A 35 -4.75 -2.77 -9.56
N MET A 36 -3.72 -2.10 -9.10
CA MET A 36 -2.74 -2.74 -8.22
C MET A 36 -2.69 -2.03 -6.88
N GLY A 37 -2.83 -2.81 -5.82
CA GLY A 37 -2.82 -2.27 -4.48
C GLY A 37 -2.76 -3.36 -3.44
N LEU A 38 -2.53 -3.01 -2.18
CA LEU A 38 -2.38 -3.99 -1.12
C LEU A 38 -3.41 -3.78 -0.02
N VAL A 39 -3.62 -4.82 0.79
CA VAL A 39 -4.59 -4.78 1.87
C VAL A 39 -3.89 -4.41 3.18
N ILE A 40 -4.40 -3.39 3.85
CA ILE A 40 -3.80 -2.93 5.10
C ILE A 40 -4.63 -3.39 6.31
N ASN A 41 -4.99 -4.67 6.30
CA ASN A 41 -5.80 -5.24 7.38
C ASN A 41 -4.96 -5.45 8.65
N LYS A 42 -4.35 -6.63 8.75
CA LYS A 42 -3.63 -7.06 9.95
C LYS A 42 -3.38 -8.56 9.88
N PRO A 43 -2.31 -8.98 9.19
CA PRO A 43 -1.98 -10.40 9.07
C PRO A 43 -1.06 -10.87 10.19
N LEU A 44 0.24 -10.92 9.90
CA LEU A 44 1.23 -11.28 10.89
C LEU A 44 2.44 -10.36 10.77
N GLY A 45 3.24 -10.27 11.82
CA GLY A 45 4.44 -9.46 11.78
C GLY A 45 5.58 -10.23 11.13
N ILE A 46 5.93 -9.85 9.91
CA ILE A 46 7.00 -10.51 9.19
C ILE A 46 8.35 -9.94 9.59
N GLU A 47 9.18 -10.77 10.21
CA GLU A 47 10.49 -10.36 10.65
C GLU A 47 11.53 -10.60 9.57
N VAL A 48 12.72 -10.07 9.81
CA VAL A 48 13.82 -10.13 8.85
C VAL A 48 14.15 -11.56 8.41
N ASN A 49 13.87 -12.53 9.28
CA ASN A 49 14.17 -13.92 8.98
C ASN A 49 13.47 -14.39 7.73
N SER A 50 12.17 -14.12 7.63
CA SER A 50 11.39 -14.60 6.51
C SER A 50 11.83 -13.96 5.20
N LEU A 51 12.34 -12.73 5.27
CA LEU A 51 12.91 -12.07 4.10
C LEU A 51 14.15 -12.83 3.63
N LEU A 52 15.04 -13.15 4.57
CA LEU A 52 16.28 -13.84 4.23
C LEU A 52 16.02 -15.31 3.89
N GLU A 53 14.95 -15.88 4.44
CA GLU A 53 14.54 -17.24 4.10
C GLU A 53 14.24 -17.35 2.60
N GLN A 54 13.44 -16.41 2.12
CA GLN A 54 13.01 -16.43 0.72
C GLN A 54 14.20 -16.12 -0.19
N MET A 55 14.87 -15.01 0.10
CA MET A 55 16.04 -14.57 -0.68
C MET A 55 17.10 -15.66 -0.67
N ASP A 56 17.47 -16.12 0.53
CA ASP A 56 18.47 -17.17 0.72
C ASP A 56 19.82 -16.72 0.15
N LEU A 57 20.64 -17.68 -0.30
CA LEU A 57 21.97 -17.39 -0.85
C LEU A 57 22.96 -16.94 0.22
N PRO A 58 24.24 -17.32 0.07
CA PRO A 58 25.31 -16.80 0.91
C PRO A 58 25.47 -15.30 0.69
N THR A 59 25.60 -14.55 1.78
CA THR A 59 25.62 -13.10 1.71
C THR A 59 26.94 -12.59 1.09
N GLU A 60 26.92 -12.41 -0.21
CA GLU A 60 28.06 -11.87 -0.93
C GLU A 60 28.18 -10.37 -0.64
N GLN A 61 29.39 -9.82 -0.75
CA GLN A 61 29.64 -8.44 -0.38
C GLN A 61 28.94 -7.46 -1.34
N VAL A 62 27.71 -7.10 -0.97
CA VAL A 62 26.93 -6.09 -1.66
C VAL A 62 25.57 -5.98 -0.97
N SER A 63 25.13 -4.76 -0.70
CA SER A 63 23.89 -4.56 0.04
C SER A 63 22.68 -4.81 -0.86
N ALA A 64 22.38 -6.09 -1.07
CA ALA A 64 21.20 -6.49 -1.80
C ALA A 64 20.14 -6.96 -0.82
N ASP A 65 20.57 -7.06 0.42
CA ASP A 65 19.73 -7.53 1.51
C ASP A 65 19.26 -6.38 2.37
N LEU A 66 18.72 -6.70 3.53
CA LEU A 66 18.31 -5.70 4.49
C LEU A 66 18.83 -6.06 5.88
N ALA A 67 19.46 -5.09 6.54
CA ALA A 67 20.07 -5.31 7.84
C ALA A 67 19.06 -5.82 8.85
N MET A 68 17.86 -5.22 8.83
CA MET A 68 16.78 -5.63 9.70
C MET A 68 15.45 -5.17 9.14
N GLY A 69 14.52 -6.10 9.03
CA GLY A 69 13.20 -5.80 8.55
C GLY A 69 12.14 -6.58 9.30
N SER A 70 12.02 -6.30 10.58
CA SER A 70 11.12 -7.01 11.44
C SER A 70 9.71 -6.40 11.43
N GLN A 71 9.59 -5.23 10.81
CA GLN A 71 8.30 -4.57 10.70
C GLN A 71 7.79 -4.63 9.27
N VAL A 72 7.52 -5.83 8.79
CA VAL A 72 7.00 -6.03 7.45
C VAL A 72 5.64 -6.73 7.51
N LEU A 73 4.72 -6.29 6.67
CA LEU A 73 3.41 -6.91 6.58
C LEU A 73 3.24 -7.62 5.24
N MET A 74 2.20 -8.43 5.13
CA MET A 74 1.91 -9.12 3.89
C MET A 74 0.77 -8.41 3.16
N GLY A 75 1.02 -8.03 1.91
CA GLY A 75 0.05 -7.27 1.14
C GLY A 75 -1.16 -8.09 0.74
N GLY A 76 -0.99 -9.39 0.59
CA GLY A 76 -2.09 -10.25 0.23
C GLY A 76 -1.66 -11.67 -0.07
N PRO A 77 -2.43 -12.39 -0.91
CA PRO A 77 -2.16 -13.78 -1.27
C PRO A 77 -0.79 -13.99 -1.92
N VAL A 78 -0.26 -12.94 -2.54
CA VAL A 78 1.08 -13.00 -3.11
C VAL A 78 2.06 -12.35 -2.15
N SER A 79 3.08 -13.10 -1.75
CA SER A 79 4.01 -12.64 -0.73
C SER A 79 5.18 -11.87 -1.33
N GLN A 80 6.22 -12.57 -1.77
CA GLN A 80 7.43 -11.91 -2.21
C GLN A 80 7.50 -11.86 -3.74
N ASP A 81 6.89 -10.84 -4.30
CA ASP A 81 7.00 -10.54 -5.72
C ASP A 81 6.74 -9.05 -5.92
N ARG A 82 7.75 -8.26 -5.56
CA ARG A 82 7.67 -6.79 -5.55
C ARG A 82 6.81 -6.28 -4.39
N GLY A 83 7.37 -5.35 -3.64
CA GLY A 83 6.64 -4.73 -2.55
C GLY A 83 6.95 -3.26 -2.45
N PHE A 84 5.96 -2.42 -2.72
CA PHE A 84 6.15 -0.98 -2.69
C PHE A 84 5.91 -0.43 -1.29
N VAL A 85 6.83 0.39 -0.83
CA VAL A 85 6.76 0.98 0.50
C VAL A 85 6.03 2.31 0.43
N LEU A 86 5.00 2.47 1.26
CA LEU A 86 4.26 3.72 1.30
C LEU A 86 4.98 4.70 2.21
N HIS A 87 5.16 5.91 1.72
CA HIS A 87 6.05 6.88 2.34
C HIS A 87 5.36 8.25 2.40
N THR A 88 5.58 8.99 3.48
CA THR A 88 5.08 10.34 3.58
C THR A 88 5.64 11.21 2.45
N SER A 89 4.86 12.20 2.05
CA SER A 89 5.21 13.08 0.95
C SER A 89 6.51 13.83 1.21
N GLN A 90 7.41 13.78 0.23
CA GLN A 90 8.66 14.52 0.28
C GLN A 90 8.87 15.21 -1.06
N PRO A 91 9.49 16.41 -1.06
CA PRO A 91 9.71 17.19 -2.27
C PRO A 91 10.53 16.44 -3.32
N TYR A 92 11.66 15.88 -2.92
CA TYR A 92 12.52 15.16 -3.84
C TYR A 92 13.04 13.89 -3.17
N TRP A 93 13.19 12.85 -3.98
CA TRP A 93 13.75 11.58 -3.52
C TRP A 93 14.18 10.77 -4.72
N ALA A 94 15.21 9.94 -4.55
CA ALA A 94 15.77 9.16 -5.65
C ALA A 94 14.73 8.22 -6.26
N ASN A 95 14.22 7.30 -5.46
CA ASN A 95 13.21 6.36 -5.93
C ASN A 95 11.83 6.77 -5.44
N SER A 96 11.12 7.50 -6.28
CA SER A 96 9.81 8.03 -5.93
C SER A 96 8.76 7.57 -6.93
N THR A 97 7.53 7.39 -6.46
CA THR A 97 6.44 6.99 -7.33
C THR A 97 5.10 7.53 -6.80
N GLU A 98 4.61 8.59 -7.43
CA GLU A 98 3.33 9.20 -7.08
C GLU A 98 3.01 10.27 -8.11
N LEU A 99 1.78 10.75 -8.10
CA LEU A 99 1.37 11.84 -8.98
C LEU A 99 1.96 13.14 -8.46
N GLY A 100 2.15 13.19 -7.15
CA GLY A 100 2.69 14.38 -6.52
C GLY A 100 1.59 15.22 -5.92
N SER A 101 0.68 14.57 -5.20
CA SER A 101 -0.46 15.27 -4.62
C SER A 101 -0.78 14.73 -3.23
N GLY A 102 -0.48 13.46 -2.98
CA GLY A 102 -0.84 12.86 -1.71
C GLY A 102 0.37 12.53 -0.85
N LEU A 103 1.12 11.53 -1.28
CA LEU A 103 2.28 11.06 -0.53
C LEU A 103 3.36 10.61 -1.50
N MET A 104 4.18 9.64 -1.10
CA MET A 104 5.17 9.07 -1.99
C MET A 104 5.26 7.57 -1.81
N LEU A 105 5.61 6.87 -2.88
CA LEU A 105 5.89 5.46 -2.80
C LEU A 105 7.38 5.24 -3.04
N THR A 106 7.99 4.37 -2.25
CA THR A 106 9.42 4.10 -2.38
C THR A 106 9.66 2.63 -2.72
N THR A 107 10.62 2.38 -3.59
CA THR A 107 10.92 1.03 -4.04
C THR A 107 12.41 0.82 -4.17
N SER A 108 12.79 -0.39 -4.58
CA SER A 108 14.18 -0.80 -4.77
C SER A 108 14.84 -1.15 -3.43
N ARG A 109 15.87 -1.99 -3.50
CA ARG A 109 16.57 -2.50 -2.31
C ARG A 109 17.16 -1.37 -1.46
N ASP A 110 17.37 -0.22 -2.10
CA ASP A 110 17.98 0.93 -1.44
C ASP A 110 17.21 1.34 -0.19
N VAL A 111 15.88 1.26 -0.25
CA VAL A 111 15.06 1.65 0.89
C VAL A 111 15.05 0.56 1.96
N LEU A 112 15.17 -0.69 1.53
CA LEU A 112 15.16 -1.82 2.45
C LEU A 112 16.38 -1.79 3.35
N THR A 113 17.55 -1.63 2.76
CA THR A 113 18.79 -1.58 3.51
C THR A 113 18.86 -0.30 4.36
N ALA A 114 18.11 0.72 3.93
CA ALA A 114 18.05 1.98 4.66
C ALA A 114 17.26 1.82 5.96
N ILE A 115 16.29 0.92 5.95
CA ILE A 115 15.47 0.65 7.13
C ILE A 115 16.36 0.18 8.28
N GLY A 116 17.31 -0.68 7.96
CA GLY A 116 18.22 -1.19 8.96
C GLY A 116 19.51 -0.39 9.01
N SER A 117 19.42 0.87 8.64
CA SER A 117 20.59 1.75 8.65
C SER A 117 20.28 3.03 9.41
N LYS A 118 19.22 3.73 8.99
CA LYS A 118 18.84 4.99 9.60
C LYS A 118 17.33 5.09 9.73
N ARG A 119 16.83 6.26 10.11
CA ARG A 119 15.40 6.44 10.32
C ARG A 119 14.80 7.32 9.24
N SER A 120 13.48 7.39 9.21
CA SER A 120 12.76 8.18 8.24
C SER A 120 12.44 9.56 8.79
N PRO A 121 12.25 10.56 7.90
CA PRO A 121 11.88 11.92 8.29
C PRO A 121 10.51 11.95 8.98
N ASP A 122 9.61 11.07 8.57
CA ASP A 122 8.28 11.02 9.17
C ASP A 122 7.87 9.57 9.45
N LYS A 123 7.22 8.94 8.48
CA LYS A 123 6.77 7.57 8.66
C LYS A 123 6.77 6.81 7.34
N PHE A 124 6.59 5.50 7.44
CA PHE A 124 6.48 4.63 6.27
C PHE A 124 6.06 3.25 6.73
N LEU A 125 5.47 2.47 5.83
CA LEU A 125 5.10 1.10 6.13
C LEU A 125 5.58 0.18 5.02
N VAL A 126 6.03 -1.01 5.41
CA VAL A 126 6.56 -1.96 4.45
C VAL A 126 5.68 -3.19 4.38
N ALA A 127 5.15 -3.45 3.19
CA ALA A 127 4.35 -4.64 2.95
C ALA A 127 4.86 -5.35 1.72
N LEU A 128 5.00 -6.66 1.81
CA LEU A 128 5.45 -7.43 0.66
C LEU A 128 4.25 -8.01 -0.08
N GLY A 129 4.25 -7.84 -1.39
CA GLY A 129 3.15 -8.32 -2.19
C GLY A 129 1.98 -7.36 -2.20
N TYR A 130 0.86 -7.82 -2.71
CA TYR A 130 -0.32 -6.99 -2.85
C TYR A 130 -1.56 -7.85 -2.92
N ALA A 131 -2.70 -7.22 -3.15
CA ALA A 131 -3.98 -7.92 -3.18
C ALA A 131 -4.03 -8.92 -4.34
N GLY A 132 -4.63 -10.07 -4.09
CA GLY A 132 -4.63 -11.14 -5.06
C GLY A 132 -5.88 -11.15 -5.91
N TRP A 133 -6.11 -10.07 -6.63
CA TRP A 133 -7.25 -9.98 -7.54
C TRP A 133 -7.12 -10.96 -8.69
N SER A 134 -5.88 -11.30 -9.03
CA SER A 134 -5.58 -12.29 -10.07
C SER A 134 -6.36 -13.58 -9.85
N LYS A 135 -6.48 -13.98 -8.60
CA LYS A 135 -7.27 -15.14 -8.20
C LYS A 135 -8.67 -15.10 -8.84
N ASN A 136 -9.38 -13.99 -8.64
CA ASN A 136 -10.72 -13.85 -9.21
C ASN A 136 -10.64 -13.56 -10.70
N GLN A 137 -9.68 -12.71 -11.07
CA GLN A 137 -9.45 -12.29 -12.46
C GLN A 137 -10.66 -11.52 -12.98
N LEU A 138 -11.52 -11.11 -12.06
CA LEU A 138 -12.67 -10.27 -12.35
C LEU A 138 -12.71 -9.16 -11.32
N GLU A 139 -11.55 -8.56 -11.10
CA GLU A 139 -11.31 -7.60 -10.02
C GLU A 139 -12.37 -6.49 -9.95
N GLN A 140 -12.81 -6.00 -11.09
CA GLN A 140 -13.75 -4.88 -11.16
C GLN A 140 -15.04 -5.17 -10.39
N GLU A 141 -15.38 -6.44 -10.28
CA GLU A 141 -16.60 -6.87 -9.61
C GLU A 141 -16.73 -6.27 -8.21
N LEU A 142 -15.59 -6.05 -7.52
CA LEU A 142 -15.60 -5.59 -6.15
C LEU A 142 -16.34 -4.25 -5.99
N ALA A 143 -16.20 -3.39 -7.01
CA ALA A 143 -16.77 -2.05 -6.95
C ALA A 143 -18.29 -2.10 -6.93
N ASP A 144 -18.85 -2.92 -7.81
CA ASP A 144 -20.29 -3.09 -7.86
C ASP A 144 -20.79 -3.96 -6.70
N ASN A 145 -19.95 -4.92 -6.32
CA ASN A 145 -20.31 -5.90 -5.31
C ASN A 145 -20.71 -5.26 -3.98
N SER A 146 -19.86 -4.39 -3.44
CA SER A 146 -20.12 -3.81 -2.12
C SER A 146 -19.10 -2.74 -1.75
N TRP A 147 -17.88 -2.82 -2.31
CA TRP A 147 -16.80 -1.93 -1.91
C TRP A 147 -17.03 -0.50 -2.41
N LEU A 148 -16.66 0.46 -1.58
CA LEU A 148 -16.75 1.86 -1.93
C LEU A 148 -15.34 2.46 -2.07
N THR A 149 -15.21 3.50 -2.89
CA THR A 149 -13.92 4.10 -3.14
C THR A 149 -13.83 5.52 -2.62
N ILE A 150 -12.78 5.78 -1.85
CA ILE A 150 -12.54 7.12 -1.30
C ILE A 150 -11.12 7.57 -1.64
N PRO A 151 -10.84 8.88 -1.56
CA PRO A 151 -9.50 9.43 -1.86
C PRO A 151 -8.48 9.01 -0.82
N ALA A 152 -7.22 8.93 -1.23
CA ALA A 152 -6.16 8.50 -0.34
C ALA A 152 -5.30 9.69 0.09
N ASP A 153 -4.85 9.66 1.35
CA ASP A 153 -4.00 10.72 1.88
C ASP A 153 -3.13 10.19 3.03
N HIS A 154 -1.97 10.81 3.19
CA HIS A 154 -0.99 10.40 4.18
C HIS A 154 -1.52 10.56 5.62
N ALA A 155 -2.33 11.58 5.85
CA ALA A 155 -2.81 11.89 7.19
C ALA A 155 -3.90 10.91 7.61
N LEU A 156 -4.72 10.48 6.66
CA LEU A 156 -5.79 9.57 6.94
C LEU A 156 -5.23 8.16 7.18
N LEU A 157 -4.11 7.86 6.54
CA LEU A 157 -3.46 6.57 6.65
C LEU A 157 -3.08 6.23 8.09
N PHE A 158 -2.27 7.07 8.74
CA PHE A 158 -1.77 6.75 10.08
C PHE A 158 -1.77 7.94 11.04
N ASP A 159 -1.80 9.16 10.51
CA ASP A 159 -1.78 10.34 11.36
C ASP A 159 -3.05 10.45 12.17
N ILE A 160 -4.19 10.33 11.50
CA ILE A 160 -5.46 10.20 12.19
C ILE A 160 -5.70 8.73 12.48
N ASN A 161 -5.42 8.33 13.71
CA ASN A 161 -5.49 6.92 14.09
C ASN A 161 -6.73 6.65 14.94
N HIS A 162 -7.44 7.73 15.25
CA HIS A 162 -8.62 7.62 16.10
C HIS A 162 -9.86 7.29 15.27
N GLU A 163 -10.13 5.98 15.17
CA GLU A 163 -11.42 5.39 14.71
C GLU A 163 -12.29 6.30 13.82
N ASP A 164 -12.79 7.38 14.41
CA ASP A 164 -13.69 8.35 13.76
C ASP A 164 -13.19 8.80 12.38
N ARG A 165 -11.91 8.56 12.09
CA ARG A 165 -11.38 8.80 10.75
C ARG A 165 -12.21 8.09 9.68
N TRP A 166 -12.75 6.92 10.04
CA TRP A 166 -13.57 6.15 9.12
C TRP A 166 -14.85 6.92 8.80
N GLN A 167 -15.31 7.68 9.78
CA GLN A 167 -16.50 8.50 9.63
C GLN A 167 -16.24 9.57 8.57
N GLN A 168 -15.12 10.26 8.72
CA GLN A 168 -14.69 11.25 7.74
C GLN A 168 -14.54 10.61 6.37
N ALA A 169 -13.76 9.54 6.33
CA ALA A 169 -13.46 8.82 5.09
C ALA A 169 -14.73 8.37 4.35
N SER A 170 -15.62 7.68 5.06
CA SER A 170 -16.82 7.12 4.45
C SER A 170 -17.77 8.24 4.00
N ARG A 171 -17.70 9.38 4.67
CA ARG A 171 -18.58 10.50 4.36
C ARG A 171 -18.07 11.28 3.16
N SER A 172 -16.78 11.59 3.15
CA SER A 172 -16.22 12.44 2.13
C SER A 172 -15.48 11.64 1.06
N LEU A 173 -16.25 11.09 0.13
CA LEU A 173 -15.66 10.39 -1.01
C LEU A 173 -15.22 11.39 -2.07
N GLY A 174 -14.36 10.96 -2.99
CA GLY A 174 -13.86 11.85 -4.00
C GLY A 174 -13.07 11.13 -5.07
N PHE A 175 -12.98 11.73 -6.25
CA PHE A 175 -12.27 11.15 -7.37
C PHE A 175 -11.39 12.20 -8.03
N GLU A 176 -10.22 12.44 -7.44
CA GLU A 176 -9.31 13.43 -7.97
C GLU A 176 -8.42 12.79 -9.04
N ALA A 177 -8.58 13.25 -10.27
CA ALA A 177 -7.81 12.70 -11.38
C ALA A 177 -6.84 13.74 -11.92
N TRP A 178 -5.55 13.41 -11.89
CA TRP A 178 -4.53 14.32 -12.35
C TRP A 178 -3.55 13.57 -13.25
N GLN A 179 -2.93 14.30 -14.17
CA GLN A 179 -2.03 13.68 -15.14
C GLN A 179 -0.60 13.64 -14.60
N LEU A 180 0.13 12.58 -14.94
CA LEU A 180 1.50 12.43 -14.51
C LEU A 180 2.44 13.17 -15.46
N SER A 181 3.38 13.91 -14.90
CA SER A 181 4.38 14.61 -15.69
C SER A 181 5.73 14.62 -14.99
N THR A 182 6.66 13.83 -15.50
CA THR A 182 8.01 13.80 -14.96
C THR A 182 8.84 14.93 -15.57
N GLN A 183 9.98 15.21 -14.97
CA GLN A 183 10.78 16.36 -15.38
C GLN A 183 12.15 15.93 -15.87
N ALA A 184 12.38 16.07 -17.17
CA ALA A 184 13.68 15.81 -17.80
C ALA A 184 14.06 14.32 -17.73
N GLY A 185 14.67 13.92 -16.62
CA GLY A 185 15.12 12.55 -16.48
C GLY A 185 16.01 12.39 -15.27
N HIS A 186 17.24 12.88 -15.38
CA HIS A 186 18.18 12.83 -14.27
C HIS A 186 19.14 14.02 -14.30
N ALA A 187 19.53 14.45 -15.49
CA ALA A 187 20.50 15.54 -15.65
C ALA A 187 20.63 15.92 -17.12
N MET A 1 -14.73 5.89 -17.42
CA MET A 1 -14.67 5.99 -15.94
C MET A 1 -13.29 5.63 -15.43
N GLU A 2 -12.60 6.60 -14.87
CA GLU A 2 -11.25 6.39 -14.40
C GLU A 2 -11.26 5.82 -13.00
N SER A 3 -11.15 4.52 -12.89
CA SER A 3 -11.16 3.85 -11.60
C SER A 3 -9.80 3.19 -11.36
N LEU A 4 -9.55 2.82 -10.10
CA LEU A 4 -8.26 2.30 -9.67
C LEU A 4 -7.13 3.25 -10.06
N GLN A 5 -6.80 4.17 -9.16
CA GLN A 5 -5.81 5.19 -9.45
C GLN A 5 -5.42 5.97 -8.19
N ASN A 6 -4.50 5.40 -7.43
CA ASN A 6 -3.94 6.05 -6.23
C ASN A 6 -5.02 6.63 -5.32
N HIS A 7 -5.70 5.75 -4.58
CA HIS A 7 -6.71 6.15 -3.60
C HIS A 7 -7.28 4.92 -2.90
N PHE A 8 -8.26 5.12 -2.03
CA PHE A 8 -8.77 4.03 -1.20
C PHE A 8 -9.99 3.37 -1.82
N LEU A 9 -10.35 2.21 -1.27
CA LEU A 9 -11.58 1.51 -1.61
C LEU A 9 -12.30 1.12 -0.33
N ILE A 10 -13.59 1.42 -0.25
CA ILE A 10 -14.41 0.93 0.83
C ILE A 10 -15.31 -0.17 0.31
N ALA A 11 -15.76 -1.04 1.19
CA ALA A 11 -16.51 -2.22 0.77
C ALA A 11 -17.71 -2.48 1.66
N MET A 12 -18.61 -3.31 1.18
CA MET A 12 -19.80 -3.69 1.93
C MET A 12 -19.56 -5.02 2.64
N PRO A 13 -20.20 -5.23 3.80
CA PRO A 13 -20.08 -6.48 4.56
C PRO A 13 -20.87 -7.63 3.93
N SER A 14 -20.75 -7.77 2.62
CA SER A 14 -21.43 -8.83 1.89
C SER A 14 -20.41 -9.67 1.12
N LEU A 15 -19.14 -9.27 1.21
CA LEU A 15 -18.05 -9.96 0.54
C LEU A 15 -17.90 -11.35 1.12
N ASP A 16 -18.45 -12.31 0.43
CA ASP A 16 -18.32 -13.71 0.81
C ASP A 16 -17.41 -14.46 -0.15
N ASP A 17 -16.95 -13.76 -1.19
CA ASP A 17 -16.13 -14.39 -2.22
C ASP A 17 -14.65 -14.29 -1.90
N THR A 18 -14.31 -13.41 -0.97
CA THR A 18 -12.92 -13.23 -0.57
C THR A 18 -12.84 -12.77 0.88
N PHE A 19 -11.75 -13.16 1.54
CA PHE A 19 -11.48 -12.73 2.91
C PHE A 19 -10.04 -12.27 3.03
N PHE A 20 -9.43 -12.01 1.89
CA PHE A 20 -8.02 -11.65 1.81
C PHE A 20 -7.81 -10.18 2.15
N GLU A 21 -8.33 -9.31 1.31
CA GLU A 21 -8.13 -7.87 1.47
C GLU A 21 -9.31 -7.21 2.20
N ARG A 22 -10.39 -6.95 1.46
CA ARG A 22 -11.62 -6.32 1.97
C ARG A 22 -11.36 -5.04 2.80
N THR A 23 -12.44 -4.53 3.39
CA THR A 23 -12.38 -3.39 4.29
C THR A 23 -11.90 -2.12 3.58
N VAL A 24 -10.59 -1.86 3.65
CA VAL A 24 -10.02 -0.65 3.08
C VAL A 24 -8.70 -0.97 2.39
N ILE A 25 -8.62 -0.63 1.11
CA ILE A 25 -7.42 -0.91 0.34
C ILE A 25 -6.87 0.39 -0.24
N TYR A 26 -5.56 0.58 -0.09
CA TYR A 26 -4.89 1.73 -0.68
C TYR A 26 -4.25 1.33 -2.00
N LEU A 27 -4.83 1.81 -3.09
CA LEU A 27 -4.29 1.54 -4.41
C LEU A 27 -3.21 2.54 -4.71
N CYS A 28 -2.03 2.05 -5.06
CA CYS A 28 -0.88 2.91 -5.26
C CYS A 28 -0.31 2.75 -6.67
N GLU A 29 0.23 1.57 -6.96
CA GLU A 29 0.90 1.34 -8.23
C GLU A 29 -0.07 0.86 -9.30
N HIS A 30 0.43 0.68 -10.51
CA HIS A 30 -0.38 0.21 -11.63
C HIS A 30 0.33 -0.94 -12.33
N ASP A 31 -0.38 -2.02 -12.63
CA ASP A 31 0.24 -3.14 -13.34
C ASP A 31 -0.71 -3.75 -14.37
N GLU A 32 -1.09 -5.03 -14.17
CA GLU A 32 -1.68 -5.87 -15.23
C GLU A 32 -2.64 -5.12 -16.13
N LYS A 33 -3.84 -4.88 -15.66
CA LYS A 33 -4.81 -4.13 -16.41
C LYS A 33 -5.25 -2.91 -15.62
N GLY A 34 -4.57 -2.67 -14.50
CA GLY A 34 -5.08 -1.69 -13.57
C GLY A 34 -4.10 -1.30 -12.49
N ALA A 35 -4.53 -1.38 -11.24
CA ALA A 35 -3.76 -0.87 -10.13
C ALA A 35 -3.39 -1.95 -9.13
N MET A 36 -2.42 -1.64 -8.28
CA MET A 36 -2.00 -2.54 -7.22
C MET A 36 -2.40 -1.94 -5.87
N GLY A 37 -2.93 -2.77 -4.98
CA GLY A 37 -3.47 -2.25 -3.73
C GLY A 37 -2.79 -2.82 -2.51
N LEU A 38 -2.76 -2.04 -1.44
CA LEU A 38 -2.24 -2.47 -0.16
C LEU A 38 -3.36 -2.46 0.88
N VAL A 39 -3.50 -3.56 1.61
CA VAL A 39 -4.56 -3.71 2.59
C VAL A 39 -4.18 -3.04 3.92
N ILE A 40 -4.95 -2.04 4.33
CA ILE A 40 -4.70 -1.37 5.60
C ILE A 40 -5.86 -1.65 6.57
N ASN A 41 -6.52 -2.78 6.37
CA ASN A 41 -7.63 -3.21 7.23
C ASN A 41 -7.20 -3.29 8.69
N LYS A 42 -6.04 -3.89 8.93
CA LYS A 42 -5.55 -4.05 10.29
C LYS A 42 -4.03 -3.85 10.30
N PRO A 43 -3.54 -2.95 11.16
CA PRO A 43 -2.10 -2.72 11.31
C PRO A 43 -1.43 -3.85 12.09
N LEU A 44 -0.81 -4.79 11.37
CA LEU A 44 -0.11 -5.89 11.99
C LEU A 44 1.25 -5.45 12.51
N GLY A 45 1.78 -6.21 13.46
CA GLY A 45 3.09 -5.93 14.00
C GLY A 45 4.06 -7.04 13.69
N ILE A 46 4.39 -7.19 12.41
CA ILE A 46 5.32 -8.23 11.98
C ILE A 46 6.73 -7.86 12.39
N GLU A 47 7.42 -8.83 12.95
CA GLU A 47 8.72 -8.59 13.52
C GLU A 47 9.83 -8.62 12.47
N VAL A 48 11.00 -8.14 12.87
CA VAL A 48 12.17 -8.11 12.01
C VAL A 48 12.58 -9.52 11.56
N ASN A 49 12.18 -10.54 12.35
CA ASN A 49 12.52 -11.93 12.04
C ASN A 49 12.05 -12.33 10.64
N SER A 50 10.89 -11.82 10.24
CA SER A 50 10.35 -12.14 8.92
C SER A 50 11.21 -11.55 7.82
N LEU A 51 11.79 -10.38 8.09
CA LEU A 51 12.70 -9.74 7.15
C LEU A 51 14.00 -10.53 7.08
N LEU A 52 14.40 -11.09 8.22
CA LEU A 52 15.58 -11.94 8.28
C LEU A 52 15.37 -13.19 7.43
N GLU A 53 14.16 -13.75 7.50
CA GLU A 53 13.81 -14.91 6.69
C GLU A 53 13.98 -14.61 5.21
N GLN A 54 13.45 -13.46 4.79
CA GLN A 54 13.50 -13.04 3.40
C GLN A 54 14.95 -12.73 2.97
N MET A 55 15.69 -12.10 3.86
CA MET A 55 17.06 -11.70 3.58
C MET A 55 18.02 -12.89 3.59
N ASP A 56 17.72 -13.91 4.38
CA ASP A 56 18.65 -15.03 4.60
C ASP A 56 18.80 -15.92 3.37
N LEU A 57 19.61 -15.47 2.44
CA LEU A 57 20.04 -16.26 1.29
C LEU A 57 21.48 -15.89 0.96
N PRO A 58 22.23 -16.81 0.34
CA PRO A 58 23.58 -16.52 -0.16
C PRO A 58 23.58 -15.38 -1.18
N THR A 59 22.41 -15.16 -1.78
CA THR A 59 22.18 -14.09 -2.75
C THR A 59 23.22 -14.07 -3.87
N GLU A 60 24.18 -13.16 -3.77
CA GLU A 60 25.21 -13.02 -4.79
C GLU A 60 26.50 -12.54 -4.15
N GLN A 61 26.55 -11.27 -3.79
CA GLN A 61 27.73 -10.70 -3.16
C GLN A 61 27.47 -10.53 -1.66
N VAL A 62 28.28 -9.71 -1.00
CA VAL A 62 28.17 -9.51 0.43
C VAL A 62 26.86 -8.82 0.82
N SER A 63 25.94 -9.61 1.34
CA SER A 63 24.68 -9.10 1.83
C SER A 63 24.66 -9.14 3.36
N ALA A 64 24.67 -7.98 3.98
CA ALA A 64 24.68 -7.88 5.43
C ALA A 64 23.27 -7.87 5.98
N ASP A 65 23.15 -7.97 7.30
CA ASP A 65 21.85 -7.95 7.97
C ASP A 65 21.19 -6.59 7.81
N LEU A 66 19.98 -6.60 7.29
CA LEU A 66 19.25 -5.36 7.03
C LEU A 66 17.86 -5.42 7.64
N ALA A 67 17.20 -4.25 7.69
CA ALA A 67 15.88 -4.10 8.29
C ALA A 67 15.95 -4.18 9.81
N MET A 68 15.32 -3.23 10.48
CA MET A 68 15.36 -3.17 11.94
C MET A 68 14.07 -2.58 12.48
N GLY A 69 13.46 -3.28 13.42
CA GLY A 69 12.24 -2.80 14.03
C GLY A 69 11.05 -3.65 13.69
N SER A 70 10.35 -4.13 14.71
CA SER A 70 9.16 -4.93 14.53
C SER A 70 7.93 -4.04 14.43
N GLN A 71 7.52 -3.74 13.20
CA GLN A 71 6.37 -2.89 12.95
C GLN A 71 5.91 -3.07 11.51
N VAL A 72 6.20 -4.23 10.95
CA VAL A 72 5.96 -4.48 9.54
C VAL A 72 4.51 -4.93 9.29
N LEU A 73 3.94 -4.49 8.19
CA LEU A 73 2.59 -4.85 7.80
C LEU A 73 2.62 -6.03 6.83
N MET A 74 1.46 -6.57 6.51
CA MET A 74 1.36 -7.67 5.57
C MET A 74 0.30 -7.37 4.52
N GLY A 75 0.74 -7.21 3.28
CA GLY A 75 -0.19 -6.93 2.19
C GLY A 75 -0.61 -8.20 1.48
N GLY A 76 0.29 -9.18 1.46
CA GLY A 76 0.00 -10.44 0.82
C GLY A 76 1.15 -10.95 -0.02
N PRO A 77 2.03 -11.78 0.55
CA PRO A 77 3.14 -12.37 -0.18
C PRO A 77 2.68 -13.51 -1.09
N VAL A 78 2.01 -13.14 -2.18
CA VAL A 78 1.48 -14.12 -3.12
C VAL A 78 2.58 -14.71 -4.00
N SER A 79 3.63 -13.93 -4.23
CA SER A 79 4.74 -14.36 -5.07
C SER A 79 5.99 -13.56 -4.72
N GLN A 80 7.15 -14.13 -4.99
CA GLN A 80 8.41 -13.44 -4.78
C GLN A 80 8.81 -12.71 -6.06
N ASP A 81 8.53 -11.42 -6.12
CA ASP A 81 8.86 -10.63 -7.30
C ASP A 81 9.35 -9.25 -6.89
N ARG A 82 8.51 -8.51 -6.20
CA ARG A 82 8.83 -7.14 -5.82
C ARG A 82 8.27 -6.80 -4.45
N GLY A 83 8.72 -5.68 -3.91
CA GLY A 83 8.24 -5.18 -2.65
C GLY A 83 8.32 -3.67 -2.60
N PHE A 84 7.43 -3.05 -1.85
CA PHE A 84 7.36 -1.60 -1.80
C PHE A 84 7.13 -1.08 -0.39
N VAL A 85 7.66 0.10 -0.13
CA VAL A 85 7.57 0.75 1.17
C VAL A 85 7.05 2.17 1.01
N LEU A 86 6.21 2.61 1.92
CA LEU A 86 5.63 3.94 1.83
C LEU A 86 6.45 4.95 2.62
N HIS A 87 6.87 6.00 1.95
CA HIS A 87 7.66 7.06 2.55
C HIS A 87 6.80 8.32 2.67
N THR A 88 7.05 9.12 3.71
CA THR A 88 6.38 10.40 3.84
C THR A 88 6.69 11.31 2.65
N SER A 89 5.80 12.25 2.37
CA SER A 89 5.99 13.19 1.27
C SER A 89 7.21 14.05 1.53
N GLN A 90 8.24 13.84 0.72
CA GLN A 90 9.51 14.53 0.88
C GLN A 90 10.33 14.36 -0.40
N PRO A 91 11.00 15.43 -0.85
CA PRO A 91 11.84 15.40 -2.07
C PRO A 91 13.03 14.47 -1.93
N TYR A 92 13.85 14.41 -2.98
CA TYR A 92 14.99 13.50 -3.06
C TYR A 92 14.48 12.04 -3.12
N TRP A 93 15.40 11.09 -2.99
CA TRP A 93 15.09 9.66 -3.00
C TRP A 93 14.87 9.16 -4.43
N ALA A 94 15.37 7.97 -4.73
CA ALA A 94 15.37 7.46 -6.10
C ALA A 94 13.97 7.07 -6.55
N ASN A 95 13.10 6.76 -5.59
CA ASN A 95 11.75 6.33 -5.92
C ASN A 95 10.74 7.36 -5.48
N SER A 96 9.77 7.60 -6.35
CA SER A 96 8.69 8.53 -6.06
C SER A 96 7.37 7.95 -6.55
N THR A 97 6.27 8.37 -5.93
CA THR A 97 4.95 7.91 -6.33
C THR A 97 4.36 8.89 -7.33
N GLU A 98 3.33 8.45 -8.05
CA GLU A 98 2.67 9.31 -9.01
C GLU A 98 1.62 10.17 -8.31
N LEU A 99 1.41 11.37 -8.87
CA LEU A 99 0.51 12.37 -8.31
C LEU A 99 0.98 12.90 -6.95
N GLY A 100 0.98 12.05 -5.94
CA GLY A 100 1.35 12.47 -4.61
C GLY A 100 0.15 12.59 -3.70
N SER A 101 -0.33 11.46 -3.19
CA SER A 101 -1.54 11.43 -2.37
C SER A 101 -1.25 11.70 -0.90
N GLY A 102 -0.25 12.53 -0.64
CA GLY A 102 0.09 12.85 0.72
C GLY A 102 1.41 12.25 1.15
N LEU A 103 1.83 11.22 0.44
CA LEU A 103 3.11 10.57 0.70
C LEU A 103 3.78 10.13 -0.60
N MET A 104 4.91 9.45 -0.46
CA MET A 104 5.68 8.99 -1.61
C MET A 104 5.90 7.48 -1.51
N LEU A 105 6.17 6.86 -2.64
CA LEU A 105 6.33 5.41 -2.68
C LEU A 105 7.76 5.04 -3.08
N THR A 106 8.27 3.98 -2.49
CA THR A 106 9.57 3.45 -2.87
C THR A 106 9.47 1.94 -3.11
N THR A 107 9.87 1.50 -4.29
CA THR A 107 9.74 0.10 -4.66
C THR A 107 11.12 -0.52 -4.92
N SER A 108 11.17 -1.84 -4.96
CA SER A 108 12.36 -2.60 -5.34
C SER A 108 13.42 -2.57 -4.24
N ARG A 109 14.62 -3.03 -4.58
CA ARG A 109 15.73 -3.19 -3.64
C ARG A 109 16.19 -1.85 -3.06
N ASP A 110 15.84 -0.76 -3.73
CA ASP A 110 16.30 0.57 -3.33
C ASP A 110 15.91 0.89 -1.89
N VAL A 111 14.68 0.56 -1.52
CA VAL A 111 14.20 0.84 -0.18
C VAL A 111 14.69 -0.21 0.82
N LEU A 112 14.75 -1.47 0.39
CA LEU A 112 15.18 -2.55 1.27
C LEU A 112 16.57 -2.29 1.84
N THR A 113 17.53 -2.06 0.93
CA THR A 113 18.90 -1.79 1.33
C THR A 113 18.98 -0.51 2.17
N ALA A 114 18.10 0.45 1.86
CA ALA A 114 18.06 1.70 2.61
C ALA A 114 17.64 1.46 4.06
N ILE A 115 16.72 0.53 4.26
CA ILE A 115 16.26 0.19 5.61
C ILE A 115 17.41 -0.41 6.41
N GLY A 116 18.22 -1.22 5.74
CA GLY A 116 19.39 -1.80 6.37
C GLY A 116 20.49 -0.78 6.60
N SER A 117 20.46 0.29 5.82
CA SER A 117 21.43 1.36 5.95
C SER A 117 21.09 2.22 7.17
N LYS A 118 19.80 2.25 7.52
CA LYS A 118 19.29 2.97 8.68
C LYS A 118 19.53 4.47 8.52
N ARG A 119 19.67 4.91 7.27
CA ARG A 119 19.85 6.33 6.94
C ARG A 119 18.72 7.17 7.52
N SER A 120 17.50 6.63 7.43
CA SER A 120 16.28 7.29 7.90
C SER A 120 16.17 8.73 7.41
N PRO A 121 15.56 8.93 6.23
CA PRO A 121 15.34 10.28 5.67
C PRO A 121 14.24 11.03 6.41
N ASP A 122 13.34 10.28 7.03
CA ASP A 122 12.22 10.83 7.78
C ASP A 122 11.51 9.70 8.52
N LYS A 123 10.60 9.03 7.81
CA LYS A 123 9.95 7.84 8.33
C LYS A 123 9.34 7.06 7.17
N PHE A 124 8.92 5.83 7.44
CA PHE A 124 8.38 4.95 6.41
C PHE A 124 7.74 3.72 7.04
N LEU A 125 6.83 3.09 6.33
CA LEU A 125 6.21 1.87 6.79
C LEU A 125 6.36 0.77 5.74
N VAL A 126 6.57 -0.45 6.20
CA VAL A 126 6.87 -1.57 5.31
C VAL A 126 5.72 -2.57 5.31
N ALA A 127 5.39 -3.09 4.13
CA ALA A 127 4.35 -4.11 4.02
C ALA A 127 4.87 -5.31 3.26
N LEU A 128 4.61 -6.50 3.78
CA LEU A 128 5.03 -7.73 3.13
C LEU A 128 4.02 -8.16 2.08
N GLY A 129 4.33 -7.86 0.83
CA GLY A 129 3.48 -8.30 -0.27
C GLY A 129 2.44 -7.27 -0.64
N TYR A 130 1.47 -7.70 -1.43
CA TYR A 130 0.43 -6.81 -1.94
C TYR A 130 -0.82 -7.61 -2.30
N ALA A 131 -1.89 -6.90 -2.65
CA ALA A 131 -3.13 -7.54 -3.02
C ALA A 131 -2.96 -8.36 -4.29
N GLY A 132 -3.41 -9.61 -4.26
CA GLY A 132 -3.18 -10.52 -5.38
C GLY A 132 -4.13 -10.32 -6.54
N TRP A 133 -4.42 -9.06 -6.87
CA TRP A 133 -5.32 -8.75 -7.98
C TRP A 133 -4.71 -9.19 -9.31
N SER A 134 -3.40 -9.12 -9.39
CA SER A 134 -2.67 -9.51 -10.59
C SER A 134 -3.00 -10.96 -10.96
N LYS A 135 -3.03 -11.80 -9.94
CA LYS A 135 -3.35 -13.21 -10.13
C LYS A 135 -4.83 -13.41 -10.42
N ASN A 136 -5.67 -12.67 -9.71
CA ASN A 136 -7.13 -12.77 -9.88
C ASN A 136 -7.53 -12.40 -11.31
N GLN A 137 -6.89 -11.34 -11.83
CA GLN A 137 -7.13 -10.87 -13.21
C GLN A 137 -8.49 -10.17 -13.32
N LEU A 138 -8.60 -9.26 -14.29
CA LEU A 138 -9.86 -8.55 -14.56
C LEU A 138 -10.18 -7.61 -13.40
N GLU A 139 -9.17 -6.85 -12.99
CA GLU A 139 -9.27 -5.92 -11.86
C GLU A 139 -10.45 -4.95 -12.02
N GLN A 140 -10.81 -4.65 -13.26
CA GLN A 140 -11.89 -3.72 -13.56
C GLN A 140 -13.20 -4.12 -12.88
N GLU A 141 -13.48 -5.43 -12.86
CA GLU A 141 -14.76 -5.94 -12.37
C GLU A 141 -15.00 -5.52 -10.92
N LEU A 142 -13.91 -5.40 -10.15
CA LEU A 142 -14.00 -5.12 -8.73
C LEU A 142 -14.77 -3.83 -8.46
N ALA A 143 -14.54 -2.82 -9.30
CA ALA A 143 -15.16 -1.51 -9.09
C ALA A 143 -16.67 -1.60 -9.20
N ASP A 144 -17.16 -2.13 -10.31
CA ASP A 144 -18.59 -2.20 -10.55
C ASP A 144 -19.24 -3.34 -9.77
N ASN A 145 -18.43 -4.26 -9.28
CA ASN A 145 -18.94 -5.44 -8.58
C ASN A 145 -19.67 -5.03 -7.30
N SER A 146 -18.98 -4.31 -6.41
CA SER A 146 -19.59 -3.88 -5.14
C SER A 146 -18.65 -3.02 -4.31
N TRP A 147 -17.63 -2.45 -4.96
CA TRP A 147 -16.66 -1.64 -4.24
C TRP A 147 -16.84 -0.17 -4.58
N LEU A 148 -16.53 0.69 -3.63
CA LEU A 148 -16.68 2.12 -3.84
C LEU A 148 -15.32 2.81 -3.80
N THR A 149 -15.16 3.82 -4.64
CA THR A 149 -13.89 4.51 -4.76
C THR A 149 -13.90 5.83 -4.02
N ILE A 150 -12.91 6.02 -3.15
CA ILE A 150 -12.79 7.25 -2.39
C ILE A 150 -11.36 7.78 -2.46
N PRO A 151 -11.19 9.11 -2.38
CA PRO A 151 -9.86 9.75 -2.47
C PRO A 151 -8.97 9.39 -1.29
N ALA A 152 -7.66 9.57 -1.48
CA ALA A 152 -6.69 9.29 -0.44
C ALA A 152 -6.44 10.52 0.42
N ASP A 153 -6.22 10.29 1.70
CA ASP A 153 -5.92 11.35 2.65
C ASP A 153 -4.72 10.98 3.50
N HIS A 154 -3.95 11.99 3.89
CA HIS A 154 -2.71 11.77 4.65
C HIS A 154 -3.00 11.18 6.03
N ALA A 155 -4.09 11.61 6.66
CA ALA A 155 -4.40 11.17 8.01
C ALA A 155 -5.13 9.83 7.99
N LEU A 156 -6.03 9.68 7.02
CA LEU A 156 -6.79 8.44 6.86
C LEU A 156 -5.85 7.28 6.50
N LEU A 157 -4.76 7.62 5.82
CA LEU A 157 -3.81 6.61 5.35
C LEU A 157 -2.96 6.09 6.50
N PHE A 158 -2.48 7.01 7.34
CA PHE A 158 -1.67 6.63 8.48
C PHE A 158 -2.54 6.20 9.66
N ASP A 159 -3.24 7.17 10.26
CA ASP A 159 -3.96 6.93 11.51
C ASP A 159 -4.74 8.17 11.92
N ILE A 160 -6.01 8.21 11.56
CA ILE A 160 -6.94 9.24 12.05
C ILE A 160 -6.93 9.27 13.58
N ASN A 161 -7.16 8.11 14.16
CA ASN A 161 -7.18 7.94 15.61
C ASN A 161 -6.74 6.53 15.93
N HIS A 162 -7.33 5.59 15.18
CA HIS A 162 -6.88 4.20 15.13
C HIS A 162 -7.75 3.41 14.17
N GLU A 163 -9.00 3.20 14.55
CA GLU A 163 -9.91 2.41 13.74
C GLU A 163 -11.20 3.18 13.47
N ASP A 164 -11.17 4.46 13.82
CA ASP A 164 -12.25 5.41 13.51
C ASP A 164 -12.13 5.85 12.05
N ARG A 165 -11.28 5.16 11.31
CA ARG A 165 -10.98 5.48 9.93
C ARG A 165 -12.17 5.21 9.02
N TRP A 166 -12.97 4.20 9.38
CA TRP A 166 -14.13 3.84 8.57
C TRP A 166 -15.19 4.93 8.67
N GLN A 167 -15.38 5.48 9.87
CA GLN A 167 -16.33 6.56 10.06
C GLN A 167 -15.94 7.75 9.21
N GLN A 168 -14.67 8.11 9.29
CA GLN A 168 -14.12 9.18 8.46
C GLN A 168 -14.35 8.90 6.98
N ALA A 169 -14.07 7.67 6.56
CA ALA A 169 -14.29 7.26 5.17
C ALA A 169 -15.77 7.39 4.78
N SER A 170 -16.66 7.02 5.71
CA SER A 170 -18.08 7.07 5.48
C SER A 170 -18.57 8.51 5.30
N ARG A 171 -17.91 9.46 5.96
CA ARG A 171 -18.25 10.86 5.81
C ARG A 171 -17.68 11.37 4.49
N SER A 172 -16.51 10.85 4.14
CA SER A 172 -15.86 11.13 2.85
C SER A 172 -15.32 12.56 2.78
N LEU A 173 -14.43 12.78 1.82
CA LEU A 173 -13.82 14.09 1.60
C LEU A 173 -13.65 14.33 0.10
N GLY A 174 -13.04 15.45 -0.25
CA GLY A 174 -12.81 15.75 -1.66
C GLY A 174 -11.37 16.12 -1.94
N PHE A 175 -10.64 15.20 -2.56
CA PHE A 175 -9.24 15.42 -2.87
C PHE A 175 -9.00 15.31 -4.37
N GLU A 176 -8.96 16.46 -5.03
CA GLU A 176 -8.76 16.49 -6.46
C GLU A 176 -7.37 17.05 -6.78
N ALA A 177 -6.51 16.21 -7.34
CA ALA A 177 -5.15 16.62 -7.68
C ALA A 177 -4.64 15.81 -8.86
N TRP A 178 -4.44 16.48 -9.99
CA TRP A 178 -4.01 15.78 -11.19
C TRP A 178 -3.05 16.64 -12.02
N GLN A 179 -2.25 15.96 -12.84
CA GLN A 179 -1.31 16.61 -13.74
C GLN A 179 -0.77 15.56 -14.70
N LEU A 180 -0.47 15.96 -15.93
CA LEU A 180 0.07 15.04 -16.93
C LEU A 180 1.56 14.78 -16.72
N SER A 181 1.92 14.32 -15.53
CA SER A 181 3.29 13.98 -15.20
C SER A 181 3.60 12.56 -15.69
N THR A 182 3.40 12.34 -16.98
CA THR A 182 3.57 11.02 -17.56
C THR A 182 5.05 10.73 -17.82
N GLN A 183 5.46 9.52 -17.50
CA GLN A 183 6.82 9.06 -17.77
C GLN A 183 6.83 7.57 -17.95
N ALA A 184 7.40 7.10 -19.05
CA ALA A 184 7.44 5.68 -19.35
C ALA A 184 8.65 5.02 -18.70
N GLY A 185 8.44 4.43 -17.54
CA GLY A 185 9.52 3.77 -16.83
C GLY A 185 9.68 2.34 -17.26
N HIS A 186 9.94 2.14 -18.54
CA HIS A 186 10.05 0.80 -19.10
C HIS A 186 11.50 0.47 -19.43
N ALA A 187 11.93 -0.68 -18.96
CA ALA A 187 13.27 -1.17 -19.26
C ALA A 187 13.28 -1.89 -20.60
N MET A 1 -16.73 7.58 -5.75
CA MET A 1 -16.05 8.09 -6.96
C MET A 1 -15.05 7.06 -7.44
N GLU A 2 -15.50 6.24 -8.37
CA GLU A 2 -14.79 5.02 -8.72
C GLU A 2 -13.65 5.29 -9.69
N SER A 3 -12.43 5.14 -9.18
CA SER A 3 -11.22 5.37 -9.95
C SER A 3 -10.41 4.09 -10.09
N LEU A 4 -10.30 3.35 -8.98
CA LEU A 4 -9.56 2.08 -8.92
C LEU A 4 -8.04 2.29 -8.97
N GLN A 5 -7.59 3.36 -9.61
CA GLN A 5 -6.16 3.67 -9.69
C GLN A 5 -5.65 4.10 -8.32
N ASN A 6 -6.49 4.84 -7.61
CA ASN A 6 -6.16 5.30 -6.26
C ASN A 6 -7.47 5.38 -5.46
N HIS A 7 -7.41 6.00 -4.28
CA HIS A 7 -8.57 6.13 -3.37
C HIS A 7 -8.71 4.88 -2.52
N PHE A 8 -9.58 4.93 -1.51
CA PHE A 8 -9.80 3.79 -0.65
C PHE A 8 -10.91 2.91 -1.18
N LEU A 9 -10.80 1.62 -0.89
CA LEU A 9 -11.83 0.65 -1.23
C LEU A 9 -12.68 0.36 -0.01
N ILE A 10 -13.97 0.67 -0.12
CA ILE A 10 -14.90 0.39 0.96
C ILE A 10 -15.63 -0.93 0.71
N ALA A 11 -15.73 -1.75 1.75
CA ALA A 11 -16.35 -3.06 1.62
C ALA A 11 -17.72 -3.09 2.27
N MET A 12 -18.58 -3.94 1.74
CA MET A 12 -19.91 -4.13 2.32
C MET A 12 -19.81 -4.96 3.60
N PRO A 13 -20.81 -4.84 4.50
CA PRO A 13 -20.82 -5.58 5.77
C PRO A 13 -20.90 -7.09 5.58
N SER A 14 -19.73 -7.72 5.60
CA SER A 14 -19.61 -9.18 5.54
C SER A 14 -20.05 -9.76 4.20
N LEU A 15 -19.10 -10.31 3.47
CA LEU A 15 -19.36 -11.00 2.22
C LEU A 15 -19.33 -12.50 2.46
N ASP A 16 -18.27 -12.94 3.14
CA ASP A 16 -18.13 -14.34 3.54
C ASP A 16 -17.74 -14.42 5.01
N ASP A 17 -17.29 -13.29 5.55
CA ASP A 17 -16.78 -13.20 6.93
C ASP A 17 -15.47 -13.96 7.06
N THR A 18 -14.61 -13.81 6.05
CA THR A 18 -13.29 -14.44 6.06
C THR A 18 -12.32 -13.65 6.96
N PHE A 19 -12.86 -12.62 7.63
CA PHE A 19 -12.13 -11.81 8.61
C PHE A 19 -11.17 -10.83 7.94
N PHE A 20 -10.46 -11.27 6.92
CA PHE A 20 -9.52 -10.40 6.20
C PHE A 20 -10.28 -9.38 5.36
N GLU A 21 -11.54 -9.70 5.09
CA GLU A 21 -12.43 -8.82 4.33
C GLU A 21 -13.06 -7.78 5.26
N ARG A 22 -14.06 -7.06 4.72
CA ARG A 22 -14.86 -6.13 5.52
C ARG A 22 -14.00 -4.98 6.03
N THR A 23 -12.98 -4.67 5.26
CA THR A 23 -12.02 -3.64 5.63
C THR A 23 -11.72 -2.73 4.43
N VAL A 24 -10.92 -1.71 4.70
CA VAL A 24 -10.56 -0.73 3.68
C VAL A 24 -9.25 -1.10 2.99
N ILE A 25 -9.25 -1.02 1.66
CA ILE A 25 -8.05 -1.24 0.88
C ILE A 25 -7.57 0.09 0.30
N TYR A 26 -6.25 0.28 0.22
CA TYR A 26 -5.69 1.51 -0.34
C TYR A 26 -5.13 1.25 -1.73
N LEU A 27 -5.74 1.85 -2.73
CA LEU A 27 -5.27 1.73 -4.10
C LEU A 27 -4.21 2.78 -4.37
N CYS A 28 -3.18 2.42 -5.14
CA CYS A 28 -2.04 3.32 -5.32
C CYS A 28 -1.52 3.36 -6.75
N GLU A 29 -1.12 2.21 -7.28
CA GLU A 29 -0.38 2.19 -8.55
C GLU A 29 -1.25 1.77 -9.73
N HIS A 30 -0.69 1.96 -10.92
CA HIS A 30 -1.39 1.71 -12.17
C HIS A 30 -0.42 1.15 -13.20
N ASP A 31 -0.52 -0.15 -13.50
CA ASP A 31 0.32 -0.79 -14.52
C ASP A 31 -0.06 -2.26 -14.69
N GLU A 32 0.56 -2.91 -15.68
CA GLU A 32 0.32 -4.32 -16.04
C GLU A 32 -1.15 -4.58 -16.38
N LYS A 33 -1.95 -4.93 -15.38
CA LYS A 33 -3.37 -5.15 -15.62
C LYS A 33 -4.11 -3.84 -15.71
N GLY A 34 -3.83 -2.95 -14.77
CA GLY A 34 -4.50 -1.68 -14.72
C GLY A 34 -4.18 -0.92 -13.46
N ALA A 35 -4.76 -1.34 -12.35
CA ALA A 35 -4.55 -0.68 -11.08
C ALA A 35 -4.34 -1.70 -9.97
N MET A 36 -3.73 -1.27 -8.88
CA MET A 36 -3.46 -2.16 -7.76
C MET A 36 -3.38 -1.39 -6.44
N GLY A 37 -3.52 -2.12 -5.34
CA GLY A 37 -3.51 -1.51 -4.02
C GLY A 37 -3.28 -2.54 -2.93
N LEU A 38 -3.18 -2.06 -1.69
CA LEU A 38 -2.86 -2.92 -0.56
C LEU A 38 -3.90 -2.77 0.55
N VAL A 39 -4.22 -3.88 1.21
CA VAL A 39 -5.19 -3.89 2.29
C VAL A 39 -4.58 -3.30 3.56
N ILE A 40 -5.10 -2.15 4.00
CA ILE A 40 -4.50 -1.42 5.11
C ILE A 40 -5.14 -1.78 6.45
N ASN A 41 -5.70 -2.98 6.54
CA ASN A 41 -6.39 -3.42 7.74
C ASN A 41 -5.44 -3.49 8.94
N LYS A 42 -4.21 -3.92 8.68
CA LYS A 42 -3.23 -4.16 9.74
C LYS A 42 -3.71 -5.26 10.69
N PRO A 43 -3.65 -6.52 10.22
CA PRO A 43 -3.98 -7.68 11.04
C PRO A 43 -2.72 -8.28 11.70
N LEU A 44 -1.89 -8.91 10.88
CA LEU A 44 -0.68 -9.57 11.37
C LEU A 44 0.50 -8.59 11.39
N GLY A 45 1.62 -9.04 11.93
CA GLY A 45 2.83 -8.24 11.93
C GLY A 45 4.05 -9.08 11.62
N ILE A 46 4.81 -8.68 10.62
CA ILE A 46 6.02 -9.39 10.24
C ILE A 46 7.24 -8.77 10.91
N GLU A 47 7.95 -9.57 11.67
CA GLU A 47 9.13 -9.10 12.41
C GLU A 47 10.39 -9.36 11.61
N VAL A 48 11.48 -8.75 12.07
CA VAL A 48 12.79 -8.95 11.46
C VAL A 48 13.20 -10.43 11.46
N ASN A 49 12.82 -11.13 12.53
CA ASN A 49 13.15 -12.54 12.67
C ASN A 49 12.55 -13.37 11.55
N SER A 50 11.35 -12.99 11.12
CA SER A 50 10.69 -13.68 10.03
C SER A 50 11.48 -13.50 8.75
N LEU A 51 11.89 -12.26 8.49
CA LEU A 51 12.60 -11.91 7.27
C LEU A 51 13.86 -12.77 7.10
N LEU A 52 14.67 -12.85 8.15
CA LEU A 52 15.94 -13.55 8.07
C LEU A 52 15.75 -15.06 7.98
N GLU A 53 14.69 -15.58 8.59
CA GLU A 53 14.41 -17.01 8.55
C GLU A 53 13.86 -17.43 7.19
N GLN A 54 13.02 -16.57 6.61
CA GLN A 54 12.44 -16.85 5.31
C GLN A 54 13.49 -16.76 4.21
N MET A 55 14.29 -15.71 4.30
CA MET A 55 15.33 -15.44 3.31
C MET A 55 16.48 -16.45 3.42
N ASP A 56 16.76 -16.89 4.65
CA ASP A 56 17.93 -17.73 4.94
C ASP A 56 19.19 -16.87 4.76
N LEU A 57 20.34 -17.48 4.53
CA LEU A 57 21.58 -16.72 4.39
C LEU A 57 21.71 -16.15 2.97
N PRO A 58 21.76 -14.82 2.84
CA PRO A 58 21.98 -14.16 1.56
C PRO A 58 23.41 -14.39 1.07
N THR A 59 23.54 -14.85 -0.16
CA THR A 59 24.83 -15.22 -0.70
C THR A 59 25.62 -14.01 -1.19
N GLU A 60 26.14 -13.23 -0.24
CA GLU A 60 27.12 -12.16 -0.48
C GLU A 60 26.52 -10.94 -1.19
N GLN A 61 25.98 -11.15 -2.38
CA GLN A 61 25.54 -10.06 -3.24
C GLN A 61 24.28 -9.36 -2.70
N VAL A 62 24.28 -8.04 -2.82
CA VAL A 62 23.14 -7.20 -2.45
C VAL A 62 23.06 -7.01 -0.93
N SER A 63 22.93 -8.10 -0.20
CA SER A 63 22.75 -8.03 1.24
C SER A 63 23.41 -9.21 1.93
N ALA A 64 23.81 -8.99 3.17
CA ALA A 64 24.37 -10.05 4.00
C ALA A 64 23.78 -9.97 5.40
N ASP A 65 22.83 -9.05 5.59
CA ASP A 65 22.22 -8.82 6.89
C ASP A 65 20.83 -8.23 6.70
N LEU A 66 19.84 -8.83 7.34
CA LEU A 66 18.46 -8.38 7.20
C LEU A 66 18.19 -7.18 8.09
N ALA A 67 17.43 -6.23 7.58
CA ALA A 67 17.10 -5.01 8.30
C ALA A 67 16.23 -5.31 9.51
N MET A 68 16.33 -4.47 10.53
CA MET A 68 15.61 -4.66 11.80
C MET A 68 14.13 -4.26 11.68
N GLY A 69 13.56 -4.46 10.49
CA GLY A 69 12.18 -4.07 10.26
C GLY A 69 11.20 -5.00 10.93
N SER A 70 10.73 -4.60 12.10
CA SER A 70 9.72 -5.36 12.81
C SER A 70 8.32 -4.84 12.48
N GLN A 71 8.26 -3.72 11.78
CA GLN A 71 6.99 -3.16 11.35
C GLN A 71 6.74 -3.49 9.88
N VAL A 72 6.60 -4.77 9.57
CA VAL A 72 6.33 -5.19 8.20
C VAL A 72 4.92 -5.76 8.09
N LEU A 73 4.24 -5.44 6.99
CA LEU A 73 2.91 -5.93 6.74
C LEU A 73 2.87 -6.75 5.46
N MET A 74 1.90 -7.65 5.39
CA MET A 74 1.68 -8.44 4.20
C MET A 74 0.31 -8.09 3.61
N GLY A 75 0.32 -7.39 2.48
CA GLY A 75 -0.92 -6.92 1.88
C GLY A 75 -1.54 -7.93 0.95
N GLY A 76 -0.79 -8.97 0.63
CA GLY A 76 -1.29 -10.01 -0.25
C GLY A 76 -0.25 -11.09 -0.51
N PRO A 77 -0.66 -12.36 -0.52
CA PRO A 77 0.25 -13.50 -0.69
C PRO A 77 0.72 -13.66 -2.15
N VAL A 78 0.36 -12.71 -3.00
CA VAL A 78 0.74 -12.77 -4.41
C VAL A 78 2.17 -12.27 -4.62
N SER A 79 2.70 -11.55 -3.63
CA SER A 79 4.05 -11.02 -3.73
C SER A 79 4.83 -11.38 -2.46
N GLN A 80 5.65 -12.42 -2.56
CA GLN A 80 6.47 -12.85 -1.43
C GLN A 80 7.78 -12.08 -1.40
N ASP A 81 8.06 -11.39 -2.49
CA ASP A 81 9.29 -10.60 -2.62
C ASP A 81 8.97 -9.28 -3.31
N ARG A 82 9.80 -8.27 -3.02
CA ARG A 82 9.65 -6.93 -3.59
C ARG A 82 8.32 -6.29 -3.20
N GLY A 83 8.25 -5.78 -1.97
CA GLY A 83 7.10 -5.02 -1.57
C GLY A 83 7.29 -3.54 -1.87
N PHE A 84 6.38 -2.71 -1.39
CA PHE A 84 6.47 -1.28 -1.62
C PHE A 84 6.36 -0.52 -0.29
N VAL A 85 7.36 0.31 -0.04
CA VAL A 85 7.42 1.10 1.17
C VAL A 85 6.83 2.48 0.94
N LEU A 86 5.72 2.76 1.61
CA LEU A 86 5.05 4.04 1.49
C LEU A 86 5.60 5.00 2.55
N HIS A 87 6.06 6.16 2.11
CA HIS A 87 6.63 7.15 3.02
C HIS A 87 6.33 8.55 2.50
N THR A 88 6.61 9.56 3.32
CA THR A 88 6.32 10.93 2.98
C THR A 88 7.18 11.42 1.81
N SER A 89 6.73 12.50 1.16
CA SER A 89 7.47 13.10 0.07
C SER A 89 8.71 13.82 0.60
N GLN A 90 9.87 13.24 0.32
CA GLN A 90 11.12 13.71 0.89
C GLN A 90 12.15 13.96 -0.21
N PRO A 91 13.16 14.79 0.08
CA PRO A 91 14.30 14.99 -0.80
C PRO A 91 15.42 13.99 -0.51
N TYR A 92 15.60 13.03 -1.40
CA TYR A 92 16.62 12.00 -1.24
C TYR A 92 17.17 11.57 -2.59
N TRP A 93 17.84 10.43 -2.61
CA TRP A 93 18.49 9.91 -3.82
C TRP A 93 17.53 9.81 -5.01
N ALA A 94 18.09 9.50 -6.18
CA ALA A 94 17.38 9.57 -7.45
C ALA A 94 16.16 8.67 -7.51
N ASN A 95 16.20 7.55 -6.81
CA ASN A 95 15.07 6.63 -6.79
C ASN A 95 13.92 7.20 -5.98
N SER A 96 13.03 7.88 -6.66
CA SER A 96 11.84 8.45 -6.04
C SER A 96 10.70 8.48 -7.04
N THR A 97 9.51 8.16 -6.58
CA THR A 97 8.33 8.28 -7.43
C THR A 97 7.13 8.75 -6.61
N GLU A 98 6.61 9.90 -6.99
CA GLU A 98 5.39 10.41 -6.40
C GLU A 98 4.25 10.29 -7.40
N LEU A 99 3.06 10.01 -6.92
CA LEU A 99 1.91 9.83 -7.78
C LEU A 99 1.26 11.16 -8.12
N GLY A 100 1.29 12.07 -7.17
CA GLY A 100 0.66 13.37 -7.32
C GLY A 100 -0.37 13.62 -6.25
N SER A 101 -0.24 14.76 -5.57
CA SER A 101 -1.15 15.16 -4.49
C SER A 101 -1.06 14.18 -3.31
N GLY A 102 0.04 13.44 -3.25
CA GLY A 102 0.21 12.45 -2.22
C GLY A 102 1.66 12.31 -1.79
N LEU A 103 2.00 11.15 -1.26
CA LEU A 103 3.35 10.91 -0.76
C LEU A 103 4.21 10.22 -1.82
N MET A 104 5.25 9.52 -1.39
CA MET A 104 6.19 8.90 -2.32
C MET A 104 6.31 7.41 -2.08
N LEU A 105 6.51 6.67 -3.17
CA LEU A 105 6.62 5.24 -3.12
C LEU A 105 8.06 4.82 -3.42
N THR A 106 8.51 3.78 -2.75
CA THR A 106 9.82 3.22 -3.03
C THR A 106 9.78 1.71 -2.79
N THR A 107 10.41 0.94 -3.68
CA THR A 107 10.37 -0.50 -3.59
C THR A 107 11.14 -0.98 -2.35
N SER A 108 10.69 -2.08 -1.78
CA SER A 108 11.21 -2.57 -0.50
C SER A 108 12.53 -3.33 -0.69
N ARG A 109 13.42 -2.79 -1.50
CA ARG A 109 14.75 -3.36 -1.67
C ARG A 109 15.79 -2.25 -1.60
N ASP A 110 15.74 -1.32 -2.56
CA ASP A 110 16.70 -0.22 -2.65
C ASP A 110 16.68 0.62 -1.37
N VAL A 111 15.49 1.01 -0.94
CA VAL A 111 15.36 1.83 0.27
C VAL A 111 15.46 0.96 1.52
N LEU A 112 15.01 -0.29 1.41
CA LEU A 112 14.94 -1.19 2.55
C LEU A 112 16.32 -1.40 3.17
N THR A 113 17.30 -1.73 2.33
CA THR A 113 18.65 -1.99 2.81
C THR A 113 19.28 -0.74 3.42
N ALA A 114 18.78 0.42 3.03
CA ALA A 114 19.29 1.68 3.57
C ALA A 114 18.71 1.95 4.95
N ILE A 115 17.45 1.54 5.15
CA ILE A 115 16.76 1.76 6.41
C ILE A 115 17.37 0.89 7.52
N GLY A 116 17.96 -0.22 7.12
CA GLY A 116 18.56 -1.13 8.09
C GLY A 116 19.83 -0.57 8.72
N SER A 117 20.31 0.55 8.19
CA SER A 117 21.49 1.19 8.71
C SER A 117 21.30 2.71 8.78
N LYS A 118 22.28 3.40 9.36
CA LYS A 118 22.27 4.86 9.47
C LYS A 118 21.13 5.34 10.38
N ARG A 119 19.91 5.42 9.83
CA ARG A 119 18.75 5.89 10.57
C ARG A 119 17.49 5.75 9.72
N SER A 120 16.37 5.47 10.36
CA SER A 120 15.10 5.37 9.67
C SER A 120 14.51 6.76 9.41
N PRO A 121 13.78 6.93 8.29
CA PRO A 121 13.15 8.21 7.93
C PRO A 121 12.09 8.67 8.94
N ASP A 122 11.50 9.85 8.68
CA ASP A 122 10.50 10.44 9.56
C ASP A 122 9.37 9.47 9.87
N LYS A 123 8.53 9.18 8.89
CA LYS A 123 7.49 8.18 9.05
C LYS A 123 7.32 7.39 7.75
N PHE A 124 6.88 6.16 7.88
CA PHE A 124 6.80 5.24 6.75
C PHE A 124 6.27 3.88 7.21
N LEU A 125 5.94 3.02 6.26
CA LEU A 125 5.53 1.67 6.59
C LEU A 125 6.09 0.69 5.55
N VAL A 126 6.47 -0.49 6.01
CA VAL A 126 7.01 -1.52 5.13
C VAL A 126 5.96 -2.60 4.89
N ALA A 127 5.52 -2.74 3.66
CA ALA A 127 4.51 -3.71 3.32
C ALA A 127 4.87 -4.45 2.04
N LEU A 128 4.63 -5.75 2.04
CA LEU A 128 4.90 -6.57 0.87
C LEU A 128 3.63 -7.27 0.42
N GLY A 129 3.49 -7.46 -0.89
CA GLY A 129 2.31 -8.08 -1.42
C GLY A 129 1.15 -7.11 -1.56
N TYR A 130 0.21 -7.43 -2.43
CA TYR A 130 -0.95 -6.59 -2.65
C TYR A 130 -2.16 -7.43 -2.99
N ALA A 131 -3.27 -6.77 -3.29
CA ALA A 131 -4.52 -7.46 -3.61
C ALA A 131 -4.36 -8.36 -4.82
N GLY A 132 -4.76 -9.61 -4.67
CA GLY A 132 -4.50 -10.61 -5.70
C GLY A 132 -5.52 -10.62 -6.81
N TRP A 133 -5.49 -9.60 -7.66
CA TRP A 133 -6.33 -9.59 -8.86
C TRP A 133 -5.80 -10.56 -9.89
N SER A 134 -4.48 -10.55 -10.05
CA SER A 134 -3.79 -11.45 -10.97
C SER A 134 -4.14 -12.91 -10.68
N LYS A 135 -4.25 -13.22 -9.40
CA LYS A 135 -4.61 -14.56 -8.95
C LYS A 135 -5.97 -15.00 -9.52
N ASN A 136 -6.97 -14.16 -9.34
CA ASN A 136 -8.35 -14.55 -9.64
C ASN A 136 -8.74 -14.20 -11.07
N GLN A 137 -8.90 -12.91 -11.36
CA GLN A 137 -9.43 -12.51 -12.66
C GLN A 137 -9.08 -11.05 -13.00
N LEU A 138 -9.97 -10.13 -12.71
CA LEU A 138 -9.81 -8.73 -13.11
C LEU A 138 -10.23 -7.78 -12.00
N GLU A 139 -9.66 -6.59 -12.01
CA GLU A 139 -9.96 -5.55 -11.04
C GLU A 139 -11.46 -5.18 -11.07
N GLN A 140 -12.02 -5.22 -12.27
CA GLN A 140 -13.41 -4.85 -12.51
C GLN A 140 -14.38 -5.54 -11.56
N GLU A 141 -14.11 -6.79 -11.25
CA GLU A 141 -15.07 -7.64 -10.54
C GLU A 141 -15.49 -7.06 -9.18
N LEU A 142 -14.58 -6.41 -8.46
CA LEU A 142 -14.91 -5.95 -7.12
C LEU A 142 -15.81 -4.71 -7.19
N ALA A 143 -15.70 -3.97 -8.28
CA ALA A 143 -16.45 -2.73 -8.45
C ALA A 143 -17.93 -3.03 -8.65
N ASP A 144 -18.22 -3.94 -9.58
CA ASP A 144 -19.61 -4.29 -9.85
C ASP A 144 -20.17 -5.20 -8.77
N ASN A 145 -19.28 -5.82 -8.01
CA ASN A 145 -19.72 -6.73 -6.95
C ASN A 145 -20.25 -5.97 -5.73
N SER A 146 -19.44 -5.08 -5.15
CA SER A 146 -19.81 -4.44 -3.88
C SER A 146 -18.96 -3.22 -3.52
N TRP A 147 -17.73 -3.13 -4.03
CA TRP A 147 -16.77 -2.16 -3.51
C TRP A 147 -16.93 -0.78 -4.12
N LEU A 148 -16.68 0.24 -3.30
CA LEU A 148 -16.72 1.64 -3.73
C LEU A 148 -15.39 2.31 -3.40
N THR A 149 -15.12 3.47 -4.02
CA THR A 149 -13.88 4.18 -3.78
C THR A 149 -14.10 5.64 -3.41
N ILE A 150 -13.36 6.11 -2.40
CA ILE A 150 -13.45 7.49 -1.93
C ILE A 150 -12.05 8.06 -1.71
N PRO A 151 -11.92 9.42 -1.67
CA PRO A 151 -10.61 10.10 -1.54
C PRO A 151 -9.78 9.61 -0.35
N ALA A 152 -8.47 9.48 -0.58
CA ALA A 152 -7.55 9.02 0.45
C ALA A 152 -6.65 10.15 0.92
N ASP A 153 -6.28 10.14 2.19
CA ASP A 153 -5.40 11.15 2.76
C ASP A 153 -4.13 10.50 3.33
N HIS A 154 -3.06 11.28 3.38
CA HIS A 154 -1.76 10.78 3.84
C HIS A 154 -1.77 10.42 5.33
N ALA A 155 -2.44 11.24 6.13
CA ALA A 155 -2.47 11.02 7.58
C ALA A 155 -3.58 10.05 7.93
N LEU A 156 -4.69 10.16 7.21
CA LEU A 156 -5.83 9.27 7.39
C LEU A 156 -5.39 7.81 7.17
N LEU A 157 -4.44 7.62 6.28
CA LEU A 157 -3.96 6.29 5.91
C LEU A 157 -3.35 5.58 7.11
N PHE A 158 -2.32 6.19 7.67
CA PHE A 158 -1.53 5.56 8.71
C PHE A 158 -1.95 5.97 10.12
N ASP A 159 -1.92 7.27 10.39
CA ASP A 159 -1.93 7.77 11.76
C ASP A 159 -3.30 7.77 12.42
N ILE A 160 -4.34 7.39 11.69
CA ILE A 160 -5.65 7.22 12.30
C ILE A 160 -5.75 5.81 12.88
N ASN A 161 -5.76 4.81 12.01
CA ASN A 161 -5.65 3.40 12.41
C ASN A 161 -6.89 2.93 13.20
N HIS A 162 -6.81 1.70 13.69
CA HIS A 162 -7.82 1.08 14.57
C HIS A 162 -9.24 1.05 13.97
N GLU A 163 -10.04 2.05 14.28
CA GLU A 163 -11.48 1.96 14.05
C GLU A 163 -12.01 3.14 13.25
N ASP A 164 -11.85 4.34 13.79
CA ASP A 164 -12.55 5.52 13.31
C ASP A 164 -12.08 5.93 11.92
N ARG A 165 -10.98 5.31 11.47
CA ARG A 165 -10.44 5.56 10.13
C ARG A 165 -11.50 5.26 9.06
N TRP A 166 -12.40 4.32 9.38
CA TRP A 166 -13.49 3.98 8.46
C TRP A 166 -14.42 5.16 8.29
N GLN A 167 -14.73 5.82 9.40
CA GLN A 167 -15.67 6.94 9.41
C GLN A 167 -15.14 8.10 8.59
N GLN A 168 -13.92 8.52 8.91
CA GLN A 168 -13.27 9.62 8.18
C GLN A 168 -13.28 9.36 6.68
N ALA A 169 -12.82 8.18 6.30
CA ALA A 169 -12.77 7.79 4.90
C ALA A 169 -14.17 7.78 4.27
N SER A 170 -15.10 7.08 4.90
CA SER A 170 -16.43 6.87 4.34
C SER A 170 -17.20 8.19 4.15
N ARG A 171 -16.97 9.16 5.02
CA ARG A 171 -17.68 10.43 4.95
C ARG A 171 -17.04 11.38 3.93
N SER A 172 -15.81 11.08 3.53
CA SER A 172 -15.13 11.91 2.56
C SER A 172 -15.39 11.37 1.14
N LEU A 173 -16.27 12.05 0.41
CA LEU A 173 -16.57 11.67 -0.96
C LEU A 173 -16.14 12.76 -1.92
N GLY A 174 -15.90 12.39 -3.17
CA GLY A 174 -15.52 13.36 -4.17
C GLY A 174 -14.07 13.20 -4.60
N PHE A 175 -13.58 14.20 -5.34
CA PHE A 175 -12.17 14.25 -5.77
C PHE A 175 -11.80 13.09 -6.68
N GLU A 176 -12.13 13.22 -7.96
CA GLU A 176 -11.75 12.22 -8.95
C GLU A 176 -10.23 12.22 -9.12
N ALA A 177 -9.69 13.41 -9.36
CA ALA A 177 -8.24 13.63 -9.46
C ALA A 177 -7.65 13.01 -10.73
N TRP A 178 -7.34 13.87 -11.69
CA TRP A 178 -6.66 13.45 -12.91
C TRP A 178 -5.32 14.15 -13.03
N GLN A 179 -4.37 13.50 -13.66
CA GLN A 179 -3.05 14.07 -13.85
C GLN A 179 -2.89 14.48 -15.31
N LEU A 180 -2.90 15.77 -15.55
CA LEU A 180 -2.77 16.31 -16.90
C LEU A 180 -1.49 15.81 -17.57
N SER A 181 -1.65 15.16 -18.71
CA SER A 181 -0.52 14.62 -19.45
C SER A 181 0.44 15.74 -19.86
N THR A 182 1.53 15.87 -19.12
CA THR A 182 2.48 16.95 -19.34
C THR A 182 3.64 16.47 -20.21
N GLN A 183 3.93 17.22 -21.26
CA GLN A 183 4.98 16.86 -22.20
C GLN A 183 6.36 17.20 -21.65
N ALA A 184 7.26 16.22 -21.73
CA ALA A 184 8.66 16.41 -21.34
C ALA A 184 9.55 15.52 -22.22
N GLY A 185 10.29 16.14 -23.12
CA GLY A 185 11.11 15.40 -24.05
C GLY A 185 12.40 16.11 -24.37
N HIS A 186 13.16 16.43 -23.32
CA HIS A 186 14.43 17.13 -23.48
C HIS A 186 15.40 16.31 -24.32
N ALA A 187 15.95 16.94 -25.35
CA ALA A 187 16.93 16.31 -26.20
C ALA A 187 18.34 16.61 -25.71
N MET A 1 -14.47 4.99 -16.45
CA MET A 1 -15.57 4.92 -15.47
C MET A 1 -15.22 5.68 -14.21
N GLU A 2 -14.14 5.27 -13.56
CA GLU A 2 -13.70 5.87 -12.32
C GLU A 2 -12.19 5.79 -12.23
N SER A 3 -11.57 6.83 -11.69
CA SER A 3 -10.14 6.82 -11.47
C SER A 3 -9.79 5.86 -10.36
N LEU A 4 -9.09 4.79 -10.70
CA LEU A 4 -8.83 3.71 -9.76
C LEU A 4 -7.35 3.66 -9.38
N GLN A 5 -6.60 4.66 -9.81
CA GLN A 5 -5.16 4.70 -9.59
C GLN A 5 -4.81 4.66 -8.11
N ASN A 6 -5.06 5.76 -7.40
CA ASN A 6 -4.70 5.86 -6.00
C ASN A 6 -5.86 6.38 -5.15
N HIS A 7 -6.38 5.51 -4.30
CA HIS A 7 -7.44 5.86 -3.35
C HIS A 7 -7.88 4.62 -2.58
N PHE A 8 -8.86 4.78 -1.69
CA PHE A 8 -9.31 3.66 -0.86
C PHE A 8 -10.46 2.91 -1.53
N LEU A 9 -10.59 1.63 -1.17
CA LEU A 9 -11.76 0.85 -1.50
C LEU A 9 -12.48 0.48 -0.21
N ILE A 10 -13.79 0.57 -0.21
CA ILE A 10 -14.58 0.22 0.96
C ILE A 10 -15.21 -1.16 0.77
N ALA A 11 -14.98 -2.04 1.73
CA ALA A 11 -15.61 -3.34 1.72
C ALA A 11 -17.09 -3.22 2.05
N MET A 12 -17.94 -3.82 1.22
CA MET A 12 -19.37 -3.79 1.44
C MET A 12 -19.72 -4.50 2.75
N PRO A 13 -20.76 -4.04 3.45
CA PRO A 13 -21.19 -4.64 4.72
C PRO A 13 -21.55 -6.11 4.55
N SER A 14 -20.59 -6.97 4.87
CA SER A 14 -20.72 -8.42 4.68
C SER A 14 -20.80 -8.76 3.18
N LEU A 15 -19.80 -9.46 2.68
CA LEU A 15 -19.75 -9.82 1.28
C LEU A 15 -19.88 -11.33 1.14
N ASP A 16 -21.09 -11.75 0.89
CA ASP A 16 -21.46 -13.17 0.87
C ASP A 16 -20.72 -13.96 -0.22
N ASP A 17 -20.47 -13.33 -1.35
CA ASP A 17 -19.96 -14.04 -2.52
C ASP A 17 -18.45 -14.28 -2.47
N THR A 18 -17.76 -13.62 -1.56
CA THR A 18 -16.30 -13.75 -1.49
C THR A 18 -15.77 -13.28 -0.14
N PHE A 19 -14.68 -13.88 0.30
CA PHE A 19 -14.01 -13.47 1.52
C PHE A 19 -12.51 -13.67 1.41
N PHE A 20 -11.89 -12.78 0.66
CA PHE A 20 -10.44 -12.73 0.57
C PHE A 20 -9.97 -11.36 1.03
N GLU A 21 -10.56 -10.33 0.42
CA GLU A 21 -10.27 -8.96 0.79
C GLU A 21 -11.35 -8.44 1.73
N ARG A 22 -10.98 -7.50 2.58
CA ARG A 22 -11.92 -6.86 3.49
C ARG A 22 -11.33 -5.56 3.99
N THR A 23 -12.01 -4.92 4.95
CA THR A 23 -11.60 -3.64 5.52
C THR A 23 -11.27 -2.59 4.43
N VAL A 24 -10.49 -1.59 4.77
CA VAL A 24 -10.13 -0.54 3.83
C VAL A 24 -8.82 -0.88 3.12
N ILE A 25 -8.86 -0.85 1.80
CA ILE A 25 -7.67 -1.13 0.98
C ILE A 25 -7.28 0.13 0.21
N TYR A 26 -6.00 0.49 0.26
CA TYR A 26 -5.53 1.67 -0.45
C TYR A 26 -4.78 1.27 -1.72
N LEU A 27 -5.32 1.66 -2.87
CA LEU A 27 -4.65 1.42 -4.14
C LEU A 27 -3.57 2.46 -4.35
N CYS A 28 -2.42 2.01 -4.83
CA CYS A 28 -1.26 2.87 -4.91
C CYS A 28 -0.84 3.15 -6.35
N GLU A 29 -0.66 2.09 -7.13
CA GLU A 29 -0.17 2.22 -8.49
C GLU A 29 -1.12 1.60 -9.49
N HIS A 30 -0.77 1.74 -10.75
CA HIS A 30 -1.61 1.23 -11.82
C HIS A 30 -0.78 0.99 -13.08
N ASP A 31 -1.15 -0.02 -13.83
CA ASP A 31 -0.54 -0.27 -15.13
C ASP A 31 -1.59 0.04 -16.20
N GLU A 32 -1.37 -0.46 -17.43
CA GLU A 32 -2.18 -0.11 -18.62
C GLU A 32 -3.61 0.30 -18.27
N LYS A 33 -4.45 -0.65 -17.89
CA LYS A 33 -5.81 -0.34 -17.49
C LYS A 33 -6.06 -0.83 -16.07
N GLY A 34 -5.02 -1.33 -15.43
CA GLY A 34 -5.18 -2.04 -14.17
C GLY A 34 -4.57 -1.31 -13.00
N ALA A 35 -4.97 -1.68 -11.79
CA ALA A 35 -4.45 -1.05 -10.59
C ALA A 35 -4.33 -2.06 -9.46
N MET A 36 -3.53 -1.74 -8.44
CA MET A 36 -3.36 -2.63 -7.30
C MET A 36 -3.08 -1.82 -6.04
N GLY A 37 -3.44 -2.38 -4.89
CA GLY A 37 -3.32 -1.65 -3.65
C GLY A 37 -2.76 -2.47 -2.51
N LEU A 38 -2.92 -1.95 -1.31
CA LEU A 38 -2.41 -2.60 -0.11
C LEU A 38 -3.44 -2.50 1.01
N VAL A 39 -3.60 -3.59 1.76
CA VAL A 39 -4.55 -3.62 2.87
C VAL A 39 -3.97 -2.91 4.09
N ILE A 40 -4.73 -1.99 4.66
CA ILE A 40 -4.25 -1.19 5.79
C ILE A 40 -5.15 -1.35 7.01
N ASN A 41 -5.32 -2.58 7.45
CA ASN A 41 -6.17 -2.88 8.61
C ASN A 41 -5.36 -2.88 9.91
N LYS A 42 -4.51 -3.90 10.07
CA LYS A 42 -3.77 -4.08 11.30
C LYS A 42 -2.30 -4.38 11.05
N PRO A 43 -1.40 -3.77 11.82
CA PRO A 43 0.02 -4.09 11.78
C PRO A 43 0.33 -5.36 12.57
N LEU A 44 0.16 -6.51 11.92
CA LEU A 44 0.38 -7.80 12.57
C LEU A 44 1.81 -7.91 13.10
N GLY A 45 2.77 -7.48 12.30
CA GLY A 45 4.15 -7.46 12.76
C GLY A 45 4.94 -8.66 12.27
N ILE A 46 5.34 -8.63 11.00
CA ILE A 46 6.25 -9.62 10.48
C ILE A 46 7.68 -9.13 10.67
N GLU A 47 8.43 -9.83 11.51
CA GLU A 47 9.75 -9.38 11.90
C GLU A 47 10.87 -10.08 11.12
N VAL A 48 12.10 -9.67 11.43
CA VAL A 48 13.30 -10.04 10.68
C VAL A 48 13.45 -11.55 10.51
N ASN A 49 12.97 -12.34 11.45
CA ASN A 49 13.09 -13.80 11.37
C ASN A 49 12.41 -14.32 10.10
N SER A 50 11.16 -13.93 9.92
CA SER A 50 10.39 -14.37 8.76
C SER A 50 10.90 -13.65 7.51
N LEU A 51 11.37 -12.43 7.71
CA LEU A 51 11.93 -11.64 6.63
C LEU A 51 13.17 -12.28 6.05
N LEU A 52 14.08 -12.74 6.92
CA LEU A 52 15.33 -13.33 6.46
C LEU A 52 15.09 -14.64 5.73
N GLU A 53 14.08 -15.37 6.16
CA GLU A 53 13.70 -16.62 5.49
C GLU A 53 13.35 -16.35 4.03
N GLN A 54 12.45 -15.40 3.81
CA GLN A 54 11.99 -15.07 2.46
C GLN A 54 12.98 -14.20 1.69
N MET A 55 13.82 -13.45 2.38
CA MET A 55 14.73 -12.51 1.70
C MET A 55 15.85 -13.26 0.99
N ASP A 56 16.32 -14.35 1.57
CA ASP A 56 17.40 -15.12 0.96
C ASP A 56 16.83 -16.01 -0.14
N LEU A 57 16.64 -15.43 -1.31
CA LEU A 57 16.13 -16.14 -2.46
C LEU A 57 17.28 -16.49 -3.40
N PRO A 58 17.46 -17.78 -3.70
CA PRO A 58 18.52 -18.25 -4.59
C PRO A 58 18.35 -17.73 -6.02
N THR A 59 18.83 -16.53 -6.27
CA THR A 59 18.74 -15.92 -7.59
C THR A 59 19.82 -14.84 -7.75
N GLU A 60 19.80 -13.85 -6.86
CA GLU A 60 20.77 -12.76 -6.92
C GLU A 60 20.70 -11.93 -5.64
N GLN A 61 21.79 -11.21 -5.37
CA GLN A 61 21.90 -10.34 -4.20
C GLN A 61 21.96 -11.15 -2.90
N VAL A 62 21.84 -10.45 -1.78
CA VAL A 62 21.90 -11.05 -0.44
C VAL A 62 23.31 -11.55 -0.15
N SER A 63 24.11 -10.68 0.45
CA SER A 63 25.49 -11.01 0.79
C SER A 63 25.70 -10.90 2.30
N ALA A 64 25.83 -12.05 2.96
CA ALA A 64 26.02 -12.12 4.40
C ALA A 64 24.86 -11.44 5.11
N ASP A 65 23.65 -11.90 4.82
CA ASP A 65 22.41 -11.34 5.36
C ASP A 65 22.25 -9.89 4.91
N LEU A 66 21.31 -9.18 5.52
CA LEU A 66 21.04 -7.78 5.16
C LEU A 66 20.36 -7.05 6.31
N ALA A 67 19.68 -5.95 5.97
CA ALA A 67 19.05 -5.08 6.95
C ALA A 67 17.91 -5.79 7.69
N MET A 68 17.65 -5.35 8.91
CA MET A 68 16.60 -5.93 9.72
C MET A 68 15.38 -5.01 9.79
N GLY A 69 14.20 -5.59 9.78
CA GLY A 69 12.98 -4.81 9.84
C GLY A 69 11.93 -5.46 10.72
N SER A 70 11.12 -4.64 11.36
CA SER A 70 10.10 -5.11 12.25
C SER A 70 8.72 -4.55 11.86
N GLN A 71 7.67 -5.29 12.24
CA GLN A 71 6.28 -4.84 12.05
C GLN A 71 5.92 -4.69 10.58
N VAL A 72 6.57 -5.47 9.73
CA VAL A 72 6.24 -5.49 8.31
C VAL A 72 4.85 -6.08 8.10
N LEU A 73 4.09 -5.50 7.18
CA LEU A 73 2.71 -5.90 6.96
C LEU A 73 2.61 -7.00 5.91
N MET A 74 1.52 -7.75 5.98
CA MET A 74 1.21 -8.78 5.03
C MET A 74 0.18 -8.27 4.03
N GLY A 75 0.65 -7.81 2.88
CA GLY A 75 -0.25 -7.20 1.90
C GLY A 75 -1.02 -8.23 1.11
N GLY A 76 -0.42 -9.41 0.93
CA GLY A 76 -1.05 -10.46 0.18
C GLY A 76 -0.03 -11.29 -0.58
N PRO A 77 0.01 -12.60 -0.36
CA PRO A 77 0.97 -13.50 -1.02
C PRO A 77 0.62 -13.77 -2.48
N VAL A 78 0.25 -12.72 -3.20
CA VAL A 78 -0.04 -12.82 -4.61
C VAL A 78 1.26 -12.81 -5.42
N SER A 79 2.33 -12.41 -4.76
CA SER A 79 3.65 -12.39 -5.36
C SER A 79 4.68 -12.64 -4.28
N GLN A 80 5.80 -13.22 -4.66
CA GLN A 80 6.87 -13.50 -3.72
C GLN A 80 7.69 -12.24 -3.47
N ASP A 81 8.54 -12.28 -2.43
CA ASP A 81 9.43 -11.18 -2.07
C ASP A 81 8.64 -10.07 -1.37
N ARG A 82 9.21 -8.87 -1.31
CA ARG A 82 8.56 -7.75 -0.64
C ARG A 82 8.16 -6.70 -1.65
N GLY A 83 7.22 -5.84 -1.27
CA GLY A 83 6.71 -4.85 -2.18
C GLY A 83 7.32 -3.48 -1.97
N PHE A 84 6.50 -2.46 -2.09
CA PHE A 84 6.93 -1.08 -2.00
C PHE A 84 6.73 -0.52 -0.59
N VAL A 85 7.29 0.66 -0.35
CA VAL A 85 7.21 1.29 0.96
C VAL A 85 6.61 2.69 0.86
N LEU A 86 5.59 2.94 1.67
CA LEU A 86 4.94 4.25 1.70
C LEU A 86 5.61 5.15 2.72
N HIS A 87 6.27 6.18 2.24
CA HIS A 87 7.05 7.08 3.08
C HIS A 87 6.47 8.49 3.04
N THR A 88 6.67 9.24 4.11
CA THR A 88 6.29 10.65 4.11
C THR A 88 7.34 11.45 3.33
N SER A 89 7.08 12.74 3.19
CA SER A 89 7.91 13.62 2.39
C SER A 89 9.32 13.76 2.96
N GLN A 90 10.32 13.50 2.13
CA GLN A 90 11.70 13.69 2.51
C GLN A 90 12.30 14.85 1.71
N PRO A 91 13.10 15.70 2.37
CA PRO A 91 13.85 16.74 1.67
C PRO A 91 15.01 16.14 0.87
N TYR A 92 14.65 15.59 -0.29
CA TYR A 92 15.57 14.86 -1.17
C TYR A 92 15.90 13.49 -0.58
N TRP A 93 16.15 12.53 -1.46
CA TRP A 93 16.35 11.14 -1.06
C TRP A 93 16.88 10.34 -2.25
N ALA A 94 17.40 9.15 -1.99
CA ALA A 94 17.94 8.28 -3.04
C ALA A 94 16.88 7.98 -4.09
N ASN A 95 15.77 7.38 -3.67
CA ASN A 95 14.67 7.08 -4.58
C ASN A 95 13.38 7.69 -4.06
N SER A 96 12.96 8.78 -4.68
CA SER A 96 11.74 9.45 -4.30
C SER A 96 10.72 9.40 -5.43
N THR A 97 9.49 9.06 -5.09
CA THR A 97 8.41 9.08 -6.05
C THR A 97 7.35 10.07 -5.61
N GLU A 98 7.33 11.23 -6.24
CA GLU A 98 6.39 12.28 -5.89
C GLU A 98 5.83 12.86 -7.19
N LEU A 99 4.58 13.28 -7.16
CA LEU A 99 3.91 13.77 -8.36
C LEU A 99 2.88 14.84 -8.04
N GLY A 100 2.89 15.32 -6.80
CA GLY A 100 1.89 16.29 -6.37
C GLY A 100 0.91 15.68 -5.40
N SER A 101 1.38 14.70 -4.63
CA SER A 101 0.54 14.01 -3.67
C SER A 101 0.96 14.37 -2.26
N GLY A 102 2.23 14.70 -2.08
CA GLY A 102 2.72 15.11 -0.78
C GLY A 102 3.52 14.01 -0.10
N LEU A 103 3.20 12.77 -0.44
CA LEU A 103 3.91 11.62 0.11
C LEU A 103 4.96 11.15 -0.88
N MET A 104 5.80 10.23 -0.45
CA MET A 104 6.81 9.67 -1.31
C MET A 104 6.78 8.14 -1.27
N LEU A 105 6.65 7.55 -2.43
CA LEU A 105 6.58 6.10 -2.53
C LEU A 105 7.97 5.57 -2.87
N THR A 106 8.47 4.65 -2.06
CA THR A 106 9.80 4.12 -2.28
C THR A 106 9.71 2.77 -3.00
N THR A 107 10.65 2.55 -3.92
CA THR A 107 10.63 1.37 -4.78
C THR A 107 10.99 0.09 -4.03
N SER A 108 10.59 -1.04 -4.61
CA SER A 108 10.71 -2.35 -3.97
C SER A 108 12.17 -2.80 -3.83
N ARG A 109 12.48 -3.41 -2.68
CA ARG A 109 13.79 -4.03 -2.41
C ARG A 109 14.91 -3.01 -2.16
N ASP A 110 15.02 -2.00 -3.03
CA ASP A 110 16.06 -0.99 -2.85
C ASP A 110 15.78 -0.15 -1.61
N VAL A 111 14.52 -0.09 -1.20
CA VAL A 111 14.16 0.58 0.03
C VAL A 111 14.68 -0.19 1.24
N LEU A 112 14.75 -1.51 1.13
CA LEU A 112 15.16 -2.35 2.25
C LEU A 112 16.59 -2.04 2.68
N THR A 113 17.50 -1.94 1.71
CA THR A 113 18.89 -1.62 2.00
C THR A 113 19.02 -0.21 2.59
N ALA A 114 18.02 0.63 2.32
CA ALA A 114 17.99 1.97 2.88
C ALA A 114 17.44 1.97 4.30
N ILE A 115 16.53 1.03 4.58
CA ILE A 115 15.93 0.88 5.91
C ILE A 115 17.01 0.47 6.91
N GLY A 116 18.04 -0.22 6.42
CA GLY A 116 19.16 -0.60 7.25
C GLY A 116 19.81 0.58 7.93
N SER A 117 19.78 1.72 7.24
CA SER A 117 20.29 2.94 7.80
C SER A 117 19.17 3.68 8.54
N LYS A 118 18.94 3.30 9.79
CA LYS A 118 17.87 3.86 10.58
C LYS A 118 18.21 5.27 11.04
N ARG A 119 17.89 6.25 10.20
CA ARG A 119 18.01 7.65 10.58
C ARG A 119 16.77 8.08 11.33
N SER A 120 15.67 7.36 11.09
CA SER A 120 14.39 7.61 11.74
C SER A 120 13.90 9.05 11.51
N PRO A 121 13.35 9.32 10.31
CA PRO A 121 12.84 10.65 9.97
C PRO A 121 11.49 10.96 10.63
N ASP A 122 10.48 10.15 10.33
CA ASP A 122 9.14 10.37 10.85
C ASP A 122 8.38 9.06 10.92
N LYS A 123 7.83 8.61 9.79
CA LYS A 123 7.15 7.34 9.73
C LYS A 123 7.03 6.84 8.30
N PHE A 124 6.80 5.55 8.16
CA PHE A 124 6.63 4.91 6.86
C PHE A 124 6.04 3.53 7.04
N LEU A 125 5.48 2.97 5.98
CA LEU A 125 4.86 1.65 6.05
C LEU A 125 5.59 0.67 5.14
N VAL A 126 5.73 -0.56 5.59
CA VAL A 126 6.44 -1.59 4.84
C VAL A 126 5.62 -2.87 4.81
N ALA A 127 5.53 -3.50 3.64
CA ALA A 127 4.77 -4.72 3.50
C ALA A 127 5.35 -5.62 2.42
N LEU A 128 5.05 -6.91 2.52
CA LEU A 128 5.40 -7.86 1.49
C LEU A 128 4.15 -8.25 0.70
N GLY A 129 4.28 -8.31 -0.61
CA GLY A 129 3.14 -8.57 -1.45
C GLY A 129 2.20 -7.37 -1.51
N TYR A 130 0.98 -7.60 -1.96
CA TYR A 130 -0.02 -6.53 -2.07
C TYR A 130 -1.38 -7.12 -2.38
N ALA A 131 -2.37 -6.25 -2.50
CA ALA A 131 -3.71 -6.65 -2.85
C ALA A 131 -3.85 -6.71 -4.36
N GLY A 132 -3.65 -7.90 -4.91
CA GLY A 132 -3.67 -8.06 -6.34
C GLY A 132 -4.71 -9.05 -6.80
N TRP A 133 -5.89 -8.55 -7.15
CA TRP A 133 -6.97 -9.37 -7.68
C TRP A 133 -6.52 -10.10 -8.95
N SER A 134 -5.59 -9.48 -9.66
CA SER A 134 -5.00 -10.04 -10.88
C SER A 134 -4.49 -11.47 -10.68
N LYS A 135 -4.05 -11.77 -9.48
CA LYS A 135 -3.54 -13.10 -9.15
C LYS A 135 -4.68 -14.13 -9.19
N ASN A 136 -5.89 -13.69 -8.85
CA ASN A 136 -7.06 -14.56 -8.92
C ASN A 136 -7.48 -14.72 -10.38
N GLN A 137 -8.02 -13.66 -10.93
CA GLN A 137 -8.37 -13.63 -12.35
C GLN A 137 -7.62 -12.48 -13.01
N LEU A 138 -7.99 -11.26 -12.64
CA LEU A 138 -7.38 -10.03 -13.17
C LEU A 138 -8.05 -8.81 -12.54
N GLU A 139 -7.49 -7.64 -12.78
CA GLU A 139 -8.06 -6.39 -12.31
C GLU A 139 -9.50 -6.22 -12.83
N GLN A 140 -9.77 -6.81 -13.98
CA GLN A 140 -11.08 -6.74 -14.63
C GLN A 140 -12.20 -7.18 -13.67
N GLU A 141 -11.91 -8.18 -12.84
CA GLU A 141 -12.90 -8.73 -11.92
C GLU A 141 -13.28 -7.72 -10.84
N LEU A 142 -12.33 -6.84 -10.48
CA LEU A 142 -12.57 -5.82 -9.48
C LEU A 142 -13.79 -4.98 -9.85
N ALA A 143 -13.99 -4.79 -11.16
CA ALA A 143 -15.10 -4.01 -11.65
C ALA A 143 -16.43 -4.61 -11.22
N ASP A 144 -16.62 -5.91 -11.47
CA ASP A 144 -17.85 -6.58 -11.09
C ASP A 144 -17.88 -6.89 -9.59
N ASN A 145 -16.70 -6.88 -8.97
CA ASN A 145 -16.57 -7.11 -7.53
C ASN A 145 -17.32 -6.01 -6.76
N SER A 146 -17.38 -4.82 -7.37
CA SER A 146 -18.32 -3.77 -6.98
C SER A 146 -17.96 -3.11 -5.64
N TRP A 147 -16.69 -3.13 -5.27
CA TRP A 147 -16.25 -2.41 -4.08
C TRP A 147 -16.44 -0.91 -4.25
N LEU A 148 -16.61 -0.22 -3.12
CA LEU A 148 -16.91 1.21 -3.15
C LEU A 148 -15.62 2.00 -3.29
N THR A 149 -15.68 3.09 -4.05
CA THR A 149 -14.51 3.89 -4.33
C THR A 149 -14.59 5.26 -3.65
N ILE A 150 -13.56 5.60 -2.88
CA ILE A 150 -13.48 6.88 -2.19
C ILE A 150 -12.07 7.46 -2.29
N PRO A 151 -11.95 8.80 -2.31
CA PRO A 151 -10.66 9.48 -2.32
C PRO A 151 -9.86 9.25 -1.04
N ALA A 152 -8.54 9.31 -1.14
CA ALA A 152 -7.67 9.03 -0.02
C ALA A 152 -6.91 10.26 0.43
N ASP A 153 -6.57 10.32 1.71
CA ASP A 153 -5.75 11.40 2.25
C ASP A 153 -4.50 10.83 2.93
N HIS A 154 -3.43 11.61 2.88
CA HIS A 154 -2.13 11.20 3.39
C HIS A 154 -2.13 11.08 4.92
N ALA A 155 -2.90 11.92 5.59
CA ALA A 155 -2.91 11.95 7.04
C ALA A 155 -3.87 10.91 7.59
N LEU A 156 -5.04 10.83 6.99
CA LEU A 156 -6.06 9.87 7.35
C LEU A 156 -5.51 8.44 7.29
N LEU A 157 -4.68 8.19 6.28
CA LEU A 157 -4.11 6.87 6.04
C LEU A 157 -3.20 6.45 7.20
N PHE A 158 -2.19 7.26 7.47
CA PHE A 158 -1.15 6.90 8.42
C PHE A 158 -1.53 7.21 9.88
N ASP A 159 -2.10 8.39 10.11
CA ASP A 159 -2.28 8.89 11.47
C ASP A 159 -3.52 8.32 12.14
N ILE A 160 -4.63 8.34 11.44
CA ILE A 160 -5.93 8.04 12.05
C ILE A 160 -6.30 6.57 11.87
N ASN A 161 -5.32 5.72 11.60
CA ASN A 161 -5.61 4.30 11.33
C ASN A 161 -5.72 3.50 12.63
N HIS A 162 -6.51 4.03 13.57
CA HIS A 162 -6.83 3.31 14.79
C HIS A 162 -8.08 2.48 14.58
N GLU A 163 -9.11 3.13 14.03
CA GLU A 163 -10.37 2.46 13.67
C GLU A 163 -11.31 3.46 13.00
N ASP A 164 -11.32 4.68 13.53
CA ASP A 164 -12.24 5.73 13.07
C ASP A 164 -11.93 6.15 11.63
N ARG A 165 -10.78 5.70 11.11
CA ARG A 165 -10.41 5.97 9.73
C ARG A 165 -11.44 5.40 8.75
N TRP A 166 -12.23 4.44 9.21
CA TRP A 166 -13.30 3.88 8.39
C TRP A 166 -14.43 4.90 8.29
N GLN A 167 -14.82 5.42 9.44
CA GLN A 167 -15.91 6.39 9.54
C GLN A 167 -15.57 7.65 8.76
N GLN A 168 -14.40 8.20 9.04
CA GLN A 168 -13.93 9.41 8.38
C GLN A 168 -13.84 9.25 6.87
N ALA A 169 -13.18 8.19 6.43
CA ALA A 169 -13.08 7.88 5.01
C ALA A 169 -14.46 7.72 4.37
N SER A 170 -15.41 7.18 5.13
CA SER A 170 -16.78 7.02 4.66
C SER A 170 -17.42 8.38 4.38
N ARG A 171 -16.98 9.39 5.11
CA ARG A 171 -17.40 10.76 4.86
C ARG A 171 -16.60 11.35 3.70
N SER A 172 -15.27 11.27 3.83
CA SER A 172 -14.36 11.84 2.84
C SER A 172 -14.55 13.35 2.74
N LEU A 173 -14.27 13.91 1.55
CA LEU A 173 -14.47 15.32 1.25
C LEU A 173 -13.41 16.22 1.89
N GLY A 174 -12.74 17.00 1.06
CA GLY A 174 -11.73 17.92 1.51
C GLY A 174 -11.73 19.20 0.71
N PHE A 175 -10.58 19.86 0.62
CA PHE A 175 -10.47 21.10 -0.11
C PHE A 175 -9.07 21.30 -0.67
N GLU A 176 -8.96 21.76 -1.90
CA GLU A 176 -7.68 22.00 -2.52
C GLU A 176 -7.23 23.43 -2.26
N ALA A 177 -6.49 23.62 -1.18
CA ALA A 177 -5.97 24.94 -0.84
C ALA A 177 -4.53 25.08 -1.31
N TRP A 178 -4.35 25.21 -2.62
CA TRP A 178 -3.03 25.35 -3.20
C TRP A 178 -3.00 26.46 -4.26
N GLN A 179 -2.44 27.59 -3.88
CA GLN A 179 -2.31 28.73 -4.77
C GLN A 179 -1.13 29.58 -4.31
N LEU A 180 0.06 29.23 -4.79
CA LEU A 180 1.28 29.92 -4.37
C LEU A 180 1.90 30.70 -5.53
N SER A 181 1.73 30.18 -6.73
CA SER A 181 2.30 30.80 -7.91
C SER A 181 1.26 30.87 -9.01
N THR A 182 1.54 31.64 -10.05
CA THR A 182 0.61 31.82 -11.15
C THR A 182 1.31 31.58 -12.48
N GLN A 183 0.54 31.27 -13.51
CA GLN A 183 1.09 30.98 -14.83
C GLN A 183 0.59 32.02 -15.83
N ALA A 184 1.50 32.88 -16.28
CA ALA A 184 1.15 33.95 -17.20
C ALA A 184 1.91 33.81 -18.52
N GLY A 185 1.62 34.69 -19.45
CA GLY A 185 2.28 34.65 -20.74
C GLY A 185 1.35 34.16 -21.84
N HIS A 186 0.57 35.06 -22.40
CA HIS A 186 -0.43 34.70 -23.41
C HIS A 186 -0.03 35.19 -24.80
N ALA A 187 1.26 35.38 -25.01
CA ALA A 187 1.77 35.81 -26.31
C ALA A 187 3.08 35.12 -26.62
N MET A 1 -12.84 2.46 -19.77
CA MET A 1 -12.09 1.71 -18.74
C MET A 1 -11.81 2.59 -17.53
N GLU A 2 -11.33 1.99 -16.46
CA GLU A 2 -11.01 2.73 -15.25
C GLU A 2 -9.68 2.26 -14.69
N SER A 3 -8.94 3.16 -14.09
CA SER A 3 -7.68 2.83 -13.47
C SER A 3 -7.73 3.18 -11.98
N LEU A 4 -7.62 2.17 -11.13
CA LEU A 4 -7.63 2.39 -9.70
C LEU A 4 -6.35 3.07 -9.23
N GLN A 5 -6.42 4.39 -9.14
CA GLN A 5 -5.28 5.20 -8.70
C GLN A 5 -5.14 5.18 -7.18
N ASN A 6 -4.19 5.95 -6.67
CA ASN A 6 -3.90 6.01 -5.25
C ASN A 6 -5.07 6.57 -4.44
N HIS A 7 -5.84 5.66 -3.86
CA HIS A 7 -6.95 6.00 -2.98
C HIS A 7 -7.42 4.75 -2.27
N PHE A 8 -8.40 4.88 -1.39
CA PHE A 8 -8.84 3.74 -0.60
C PHE A 8 -10.07 3.07 -1.20
N LEU A 9 -10.20 1.78 -0.92
CA LEU A 9 -11.38 1.02 -1.28
C LEU A 9 -12.11 0.62 0.00
N ILE A 10 -13.40 0.93 0.06
CA ILE A 10 -14.21 0.61 1.23
C ILE A 10 -15.24 -0.46 0.87
N ALA A 11 -15.44 -1.40 1.77
CA ALA A 11 -16.40 -2.46 1.55
C ALA A 11 -17.43 -2.50 2.68
N MET A 12 -18.57 -1.87 2.44
CA MET A 12 -19.67 -1.87 3.41
C MET A 12 -20.24 -3.29 3.55
N PRO A 13 -20.68 -3.94 2.45
CA PRO A 13 -21.12 -5.33 2.51
C PRO A 13 -19.94 -6.29 2.49
N SER A 14 -20.20 -7.58 2.63
CA SER A 14 -19.14 -8.56 2.63
C SER A 14 -19.10 -9.32 1.30
N LEU A 15 -18.06 -9.09 0.52
CA LEU A 15 -17.78 -9.91 -0.63
C LEU A 15 -16.83 -11.02 -0.20
N ASP A 16 -15.54 -10.67 -0.11
CA ASP A 16 -14.47 -11.56 0.37
C ASP A 16 -14.46 -12.97 -0.28
N ASP A 17 -13.40 -13.73 -0.02
CA ASP A 17 -13.29 -15.08 -0.55
C ASP A 17 -12.76 -16.05 0.50
N THR A 18 -12.19 -15.52 1.58
CA THR A 18 -11.52 -16.36 2.57
C THR A 18 -11.18 -15.57 3.86
N PHE A 19 -12.07 -14.68 4.24
CA PHE A 19 -11.92 -13.88 5.47
C PHE A 19 -10.66 -13.01 5.40
N PHE A 20 -10.46 -12.37 4.27
CA PHE A 20 -9.27 -11.55 4.07
C PHE A 20 -9.62 -10.14 3.60
N GLU A 21 -10.64 -10.05 2.74
CA GLU A 21 -11.02 -8.78 2.13
C GLU A 21 -11.85 -7.91 3.09
N ARG A 22 -12.49 -6.90 2.50
CA ARG A 22 -13.40 -5.98 3.20
C ARG A 22 -12.61 -4.92 3.98
N THR A 23 -13.34 -4.06 4.69
CA THR A 23 -12.77 -2.96 5.45
C THR A 23 -12.26 -1.86 4.51
N VAL A 24 -10.94 -1.69 4.43
CA VAL A 24 -10.33 -0.61 3.65
C VAL A 24 -9.05 -1.10 2.99
N ILE A 25 -8.91 -0.84 1.70
CA ILE A 25 -7.74 -1.25 0.95
C ILE A 25 -7.07 -0.03 0.31
N TYR A 26 -5.75 0.04 0.37
CA TYR A 26 -5.00 1.14 -0.21
C TYR A 26 -4.43 0.75 -1.56
N LEU A 27 -4.62 1.61 -2.55
CA LEU A 27 -4.18 1.34 -3.90
C LEU A 27 -2.94 2.16 -4.26
N CYS A 28 -2.10 1.59 -5.09
CA CYS A 28 -0.96 2.32 -5.64
C CYS A 28 -1.26 2.76 -7.07
N GLU A 29 -1.47 1.78 -7.95
CA GLU A 29 -1.88 2.05 -9.31
C GLU A 29 -2.40 0.76 -9.94
N HIS A 30 -2.60 0.80 -11.25
CA HIS A 30 -3.21 -0.32 -11.95
C HIS A 30 -2.16 -1.17 -12.67
N ASP A 31 -2.40 -2.47 -12.73
CA ASP A 31 -1.53 -3.37 -13.50
C ASP A 31 -2.10 -3.52 -14.91
N GLU A 32 -2.48 -2.38 -15.47
CA GLU A 32 -3.11 -2.29 -16.79
C GLU A 32 -4.47 -2.99 -16.80
N LYS A 33 -4.47 -4.32 -16.83
CA LYS A 33 -5.69 -5.09 -16.81
C LYS A 33 -6.05 -5.51 -15.39
N GLY A 34 -5.14 -5.22 -14.46
CA GLY A 34 -5.41 -5.48 -13.06
C GLY A 34 -5.08 -4.27 -12.22
N ALA A 35 -4.89 -4.46 -10.92
CA ALA A 35 -4.54 -3.36 -10.03
C ALA A 35 -3.58 -3.82 -8.94
N MET A 36 -2.91 -2.89 -8.31
CA MET A 36 -2.00 -3.20 -7.20
C MET A 36 -2.39 -2.43 -5.96
N GLY A 37 -2.93 -3.15 -5.00
CA GLY A 37 -3.35 -2.57 -3.74
C GLY A 37 -3.24 -3.56 -2.61
N LEU A 38 -3.18 -3.06 -1.39
CA LEU A 38 -3.03 -3.90 -0.22
C LEU A 38 -4.07 -3.56 0.85
N VAL A 39 -4.55 -4.58 1.54
CA VAL A 39 -5.52 -4.40 2.61
C VAL A 39 -4.83 -3.82 3.85
N ILE A 40 -5.23 -2.62 4.24
CA ILE A 40 -4.56 -1.93 5.35
C ILE A 40 -5.19 -2.27 6.69
N ASN A 41 -6.02 -3.30 6.72
CA ASN A 41 -6.57 -3.80 7.97
C ASN A 41 -6.47 -5.32 8.02
N LYS A 42 -5.29 -5.79 8.37
CA LYS A 42 -5.04 -7.21 8.56
C LYS A 42 -3.64 -7.37 9.15
N PRO A 43 -3.52 -7.28 10.47
CA PRO A 43 -2.23 -7.28 11.14
C PRO A 43 -1.59 -8.67 11.25
N LEU A 44 -0.79 -9.01 10.25
CA LEU A 44 0.05 -10.20 10.31
C LEU A 44 1.39 -9.82 10.92
N GLY A 45 1.88 -10.64 11.83
CA GLY A 45 3.12 -10.32 12.53
C GLY A 45 4.34 -10.81 11.79
N ILE A 46 4.92 -9.94 10.95
CA ILE A 46 6.15 -10.26 10.26
C ILE A 46 7.25 -9.29 10.67
N GLU A 47 8.38 -9.81 11.13
CA GLU A 47 9.51 -8.97 11.48
C GLU A 47 10.60 -9.06 10.42
N VAL A 48 11.55 -8.14 10.50
CA VAL A 48 12.70 -8.11 9.59
C VAL A 48 13.46 -9.42 9.61
N ASN A 49 13.35 -10.16 10.72
CA ASN A 49 14.05 -11.42 10.89
C ASN A 49 13.67 -12.41 9.79
N SER A 50 12.40 -12.43 9.43
CA SER A 50 11.93 -13.29 8.37
C SER A 50 12.56 -12.88 7.03
N LEU A 51 12.67 -11.57 6.83
CA LEU A 51 13.19 -11.03 5.58
C LEU A 51 14.70 -11.22 5.48
N LEU A 52 15.41 -11.01 6.58
CA LEU A 52 16.87 -11.10 6.57
C LEU A 52 17.32 -12.56 6.38
N GLU A 53 16.57 -13.50 6.93
CA GLU A 53 16.86 -14.92 6.72
C GLU A 53 16.60 -15.29 5.27
N GLN A 54 15.61 -14.66 4.68
CA GLN A 54 15.28 -14.87 3.28
C GLN A 54 16.33 -14.24 2.37
N MET A 55 16.75 -13.04 2.72
CA MET A 55 17.76 -12.32 1.94
C MET A 55 19.10 -13.04 1.99
N ASP A 56 19.60 -13.30 3.19
CA ASP A 56 20.91 -13.91 3.35
C ASP A 56 20.98 -14.69 4.66
N LEU A 57 21.10 -16.00 4.54
CA LEU A 57 21.16 -16.87 5.71
C LEU A 57 22.39 -16.56 6.55
N PRO A 58 22.21 -16.44 7.88
CA PRO A 58 23.30 -16.14 8.81
C PRO A 58 24.33 -17.26 8.87
N THR A 59 25.22 -17.29 7.90
CA THR A 59 26.33 -18.23 7.88
C THR A 59 27.66 -17.48 7.86
N GLU A 60 27.57 -16.17 7.69
CA GLU A 60 28.74 -15.31 7.65
C GLU A 60 28.51 -14.11 8.57
N GLN A 61 29.59 -13.47 8.99
CA GLN A 61 29.51 -12.36 9.95
C GLN A 61 28.90 -11.11 9.34
N VAL A 62 28.61 -11.14 8.05
CA VAL A 62 27.97 -10.01 7.38
C VAL A 62 26.52 -10.34 7.05
N SER A 63 26.04 -11.45 7.58
CA SER A 63 24.70 -11.90 7.30
C SER A 63 23.71 -11.38 8.35
N ALA A 64 22.58 -10.86 7.86
CA ALA A 64 21.45 -10.45 8.69
C ALA A 64 21.74 -9.18 9.49
N ASP A 65 20.75 -8.75 10.26
CA ASP A 65 20.86 -7.56 11.12
C ASP A 65 21.09 -6.27 10.32
N LEU A 66 20.83 -6.34 9.03
CA LEU A 66 21.01 -5.17 8.15
C LEU A 66 20.05 -4.04 8.53
N ALA A 67 18.88 -4.41 9.04
CA ALA A 67 17.89 -3.43 9.46
C ALA A 67 17.02 -3.99 10.58
N MET A 68 16.32 -3.10 11.27
CA MET A 68 15.40 -3.49 12.34
C MET A 68 13.99 -3.05 12.00
N GLY A 69 13.07 -4.00 11.96
CA GLY A 69 11.69 -3.69 11.63
C GLY A 69 10.74 -4.78 12.09
N SER A 70 10.15 -4.57 13.27
CA SER A 70 9.21 -5.53 13.83
C SER A 70 7.79 -5.28 13.31
N GLN A 71 7.67 -4.33 12.39
CA GLN A 71 6.36 -3.96 11.87
C GLN A 71 6.33 -4.14 10.35
N VAL A 72 6.22 -5.38 9.92
CA VAL A 72 6.10 -5.72 8.52
C VAL A 72 4.84 -6.55 8.32
N LEU A 73 4.06 -6.22 7.30
CA LEU A 73 2.84 -6.94 7.01
C LEU A 73 2.88 -7.49 5.59
N MET A 74 1.81 -8.13 5.18
CA MET A 74 1.70 -8.61 3.81
C MET A 74 0.43 -8.06 3.19
N GLY A 75 0.50 -7.72 1.91
CA GLY A 75 -0.66 -7.18 1.24
C GLY A 75 -1.62 -8.27 0.82
N GLY A 76 -1.12 -9.50 0.82
CA GLY A 76 -1.90 -10.63 0.40
C GLY A 76 -1.08 -11.90 0.36
N PRO A 77 -1.51 -12.91 -0.41
CA PRO A 77 -0.83 -14.21 -0.46
C PRO A 77 0.35 -14.23 -1.44
N VAL A 78 0.73 -13.07 -1.94
CA VAL A 78 1.82 -12.98 -2.91
C VAL A 78 2.95 -12.10 -2.40
N SER A 79 3.76 -12.65 -1.52
CA SER A 79 4.91 -11.93 -0.97
C SER A 79 6.09 -12.01 -1.94
N GLN A 80 6.01 -11.25 -3.02
CA GLN A 80 6.99 -11.31 -4.09
C GLN A 80 7.96 -10.14 -4.03
N ASP A 81 9.20 -10.42 -3.57
CA ASP A 81 10.30 -9.45 -3.59
C ASP A 81 9.91 -8.16 -2.86
N ARG A 82 9.19 -8.34 -1.74
CA ARG A 82 8.66 -7.22 -0.94
C ARG A 82 7.55 -6.50 -1.70
N GLY A 83 7.91 -5.84 -2.79
CA GLY A 83 6.94 -5.09 -3.55
C GLY A 83 7.17 -3.60 -3.45
N PHE A 84 6.18 -2.89 -2.91
CA PHE A 84 6.25 -1.45 -2.80
C PHE A 84 6.27 -1.00 -1.34
N VAL A 85 7.23 -0.14 -1.01
CA VAL A 85 7.38 0.36 0.34
C VAL A 85 7.01 1.83 0.41
N LEU A 86 6.15 2.18 1.36
CA LEU A 86 5.62 3.54 1.46
C LEU A 86 6.29 4.33 2.58
N HIS A 87 6.98 5.39 2.19
CA HIS A 87 7.61 6.29 3.14
C HIS A 87 7.04 7.69 3.00
N THR A 88 7.43 8.59 3.89
CA THR A 88 6.92 9.95 3.89
C THR A 88 7.51 10.77 2.74
N SER A 89 6.95 11.96 2.53
CA SER A 89 7.49 12.90 1.57
C SER A 89 8.93 13.23 1.90
N GLN A 90 9.82 12.93 0.98
CA GLN A 90 11.25 13.10 1.22
C GLN A 90 11.83 14.10 0.22
N PRO A 91 12.64 15.06 0.72
CA PRO A 91 13.26 16.10 -0.10
C PRO A 91 13.90 15.55 -1.37
N TYR A 92 14.84 14.63 -1.20
CA TYR A 92 15.49 14.00 -2.34
C TYR A 92 15.69 12.52 -2.08
N TRP A 93 15.80 11.77 -3.16
CA TRP A 93 15.98 10.32 -3.10
C TRP A 93 16.07 9.78 -4.53
N ALA A 94 16.25 8.47 -4.66
CA ALA A 94 16.32 7.84 -5.97
C ALA A 94 14.97 7.89 -6.67
N ASN A 95 13.90 7.90 -5.89
CA ASN A 95 12.56 7.98 -6.43
C ASN A 95 11.68 8.84 -5.53
N SER A 96 11.29 9.98 -6.06
CA SER A 96 10.34 10.85 -5.37
C SER A 96 9.00 10.81 -6.08
N THR A 97 8.00 10.31 -5.39
CA THR A 97 6.71 10.06 -5.99
C THR A 97 5.75 11.24 -5.82
N GLU A 98 5.23 11.70 -6.93
CA GLU A 98 4.17 12.70 -6.93
C GLU A 98 2.81 12.01 -6.92
N LEU A 99 1.75 12.80 -7.05
CA LEU A 99 0.37 12.30 -7.05
C LEU A 99 -0.10 11.99 -5.63
N GLY A 100 0.77 11.41 -4.82
CA GLY A 100 0.46 11.15 -3.43
C GLY A 100 1.12 12.15 -2.50
N SER A 101 0.49 13.30 -2.32
CA SER A 101 1.07 14.36 -1.50
C SER A 101 1.19 13.92 -0.04
N GLY A 102 2.41 13.83 0.44
CA GLY A 102 2.65 13.47 1.83
C GLY A 102 3.43 12.18 1.97
N LEU A 103 3.47 11.39 0.91
CA LEU A 103 4.19 10.14 0.94
C LEU A 103 4.90 9.90 -0.38
N MET A 104 5.81 8.93 -0.38
CA MET A 104 6.54 8.58 -1.58
C MET A 104 6.72 7.07 -1.65
N LEU A 105 6.72 6.57 -2.87
CA LEU A 105 6.72 5.14 -3.12
C LEU A 105 8.07 4.70 -3.69
N THR A 106 8.58 3.57 -3.23
CA THR A 106 9.79 3.01 -3.77
C THR A 106 9.69 1.48 -3.77
N THR A 107 10.10 0.85 -4.85
CA THR A 107 9.86 -0.57 -5.05
C THR A 107 11.13 -1.42 -4.93
N SER A 108 10.97 -2.56 -4.26
CA SER A 108 11.98 -3.62 -4.19
C SER A 108 13.26 -3.20 -3.45
N ARG A 109 14.11 -2.42 -4.12
CA ARG A 109 15.45 -2.12 -3.61
C ARG A 109 15.64 -0.63 -3.39
N ASP A 110 16.77 -0.29 -2.78
CA ASP A 110 17.16 1.11 -2.50
C ASP A 110 16.33 1.67 -1.35
N VAL A 111 15.04 1.42 -1.39
CA VAL A 111 14.14 1.81 -0.31
C VAL A 111 14.49 1.06 0.98
N LEU A 112 15.00 -0.17 0.82
CA LEU A 112 15.37 -1.00 1.95
C LEU A 112 16.58 -0.41 2.68
N THR A 113 17.55 0.09 1.94
CA THR A 113 18.75 0.64 2.57
C THR A 113 18.43 1.95 3.29
N ALA A 114 17.33 2.59 2.88
CA ALA A 114 16.84 3.77 3.58
C ALA A 114 16.37 3.39 4.98
N ILE A 115 15.75 2.24 5.09
CA ILE A 115 15.28 1.73 6.36
C ILE A 115 16.48 1.36 7.24
N GLY A 116 17.49 0.78 6.61
CA GLY A 116 18.69 0.36 7.31
C GLY A 116 19.61 1.51 7.65
N SER A 117 19.16 2.74 7.37
CA SER A 117 19.92 3.93 7.74
C SER A 117 20.04 3.99 9.26
N LYS A 118 18.97 3.56 9.94
CA LYS A 118 18.94 3.43 11.40
C LYS A 118 17.57 2.96 11.87
N ARG A 119 16.58 3.83 11.76
CA ARG A 119 15.22 3.50 12.19
C ARG A 119 14.19 4.26 11.35
N SER A 120 14.58 4.57 10.11
CA SER A 120 13.78 5.39 9.19
C SER A 120 13.70 6.85 9.66
N PRO A 121 13.60 7.81 8.72
CA PRO A 121 13.53 9.24 9.03
C PRO A 121 12.26 9.60 9.80
N ASP A 122 11.11 9.53 9.12
CA ASP A 122 9.83 9.80 9.76
C ASP A 122 9.14 8.47 10.07
N LYS A 123 8.49 7.92 9.06
CA LYS A 123 7.84 6.64 9.17
C LYS A 123 8.16 5.76 7.97
N PHE A 124 8.11 4.46 8.17
CA PHE A 124 8.25 3.51 7.09
C PHE A 124 7.26 2.38 7.27
N LEU A 125 6.57 2.03 6.21
CA LEU A 125 5.64 0.91 6.26
C LEU A 125 6.03 -0.07 5.18
N VAL A 126 5.96 -1.36 5.49
CA VAL A 126 6.37 -2.39 4.55
C VAL A 126 5.32 -3.48 4.48
N ALA A 127 4.80 -3.72 3.29
CA ALA A 127 3.87 -4.80 3.08
C ALA A 127 4.37 -5.69 1.96
N LEU A 128 4.32 -6.99 2.19
CA LEU A 128 4.79 -7.95 1.21
C LEU A 128 3.70 -8.22 0.17
N GLY A 129 3.94 -7.75 -1.04
CA GLY A 129 3.05 -8.04 -2.15
C GLY A 129 1.79 -7.19 -2.16
N TYR A 130 0.70 -7.79 -2.60
CA TYR A 130 -0.56 -7.08 -2.74
C TYR A 130 -1.74 -8.04 -2.55
N ALA A 131 -2.95 -7.50 -2.61
CA ALA A 131 -4.16 -8.26 -2.35
C ALA A 131 -4.33 -9.41 -3.35
N GLY A 132 -5.12 -10.40 -2.98
CA GLY A 132 -5.26 -11.58 -3.80
C GLY A 132 -6.31 -11.43 -4.89
N TRP A 133 -6.32 -10.26 -5.54
CA TRP A 133 -7.26 -10.01 -6.62
C TRP A 133 -6.86 -10.78 -7.87
N SER A 134 -5.55 -11.01 -8.01
CA SER A 134 -5.01 -11.79 -9.11
C SER A 134 -5.71 -13.14 -9.24
N LYS A 135 -6.11 -13.67 -8.09
CA LYS A 135 -6.90 -14.90 -8.02
C LYS A 135 -8.10 -14.89 -8.98
N ASN A 136 -8.72 -13.73 -9.14
CA ASN A 136 -9.90 -13.63 -10.01
C ASN A 136 -9.60 -12.82 -11.26
N GLN A 137 -8.70 -11.84 -11.14
CA GLN A 137 -8.21 -11.05 -12.27
C GLN A 137 -9.26 -10.03 -12.74
N LEU A 138 -8.82 -9.08 -13.58
CA LEU A 138 -9.70 -8.11 -14.26
C LEU A 138 -10.04 -6.92 -13.35
N GLU A 139 -9.31 -5.82 -13.56
CA GLU A 139 -9.49 -4.56 -12.83
C GLU A 139 -10.96 -4.13 -12.80
N GLN A 140 -11.56 -4.07 -13.98
CA GLN A 140 -12.89 -3.50 -14.17
C GLN A 140 -13.96 -4.21 -13.35
N GLU A 141 -13.74 -5.49 -13.05
CA GLU A 141 -14.75 -6.29 -12.35
C GLU A 141 -15.10 -5.69 -11.00
N LEU A 142 -14.11 -5.06 -10.36
CA LEU A 142 -14.28 -4.49 -9.03
C LEU A 142 -15.30 -3.34 -9.06
N ALA A 143 -15.39 -2.69 -10.21
CA ALA A 143 -16.27 -1.54 -10.36
C ALA A 143 -17.74 -1.95 -10.29
N ASP A 144 -18.13 -2.92 -11.12
CA ASP A 144 -19.51 -3.40 -11.14
C ASP A 144 -19.78 -4.30 -9.94
N ASN A 145 -18.71 -4.76 -9.31
CA ASN A 145 -18.78 -5.51 -8.06
C ASN A 145 -19.37 -4.63 -6.95
N SER A 146 -19.20 -3.32 -7.12
CA SER A 146 -19.84 -2.31 -6.28
C SER A 146 -19.03 -2.00 -5.01
N TRP A 147 -17.71 -2.18 -5.09
CA TRP A 147 -16.83 -1.69 -4.03
C TRP A 147 -16.83 -0.17 -4.03
N LEU A 148 -16.55 0.43 -2.89
CA LEU A 148 -16.58 1.87 -2.76
C LEU A 148 -15.19 2.44 -2.94
N THR A 149 -15.12 3.60 -3.57
CA THR A 149 -13.84 4.26 -3.84
C THR A 149 -13.85 5.68 -3.27
N ILE A 150 -12.87 5.97 -2.43
CA ILE A 150 -12.77 7.29 -1.81
C ILE A 150 -11.32 7.76 -1.77
N PRO A 151 -11.09 9.08 -1.79
CA PRO A 151 -9.74 9.67 -1.77
C PRO A 151 -8.97 9.35 -0.49
N ALA A 152 -7.66 9.32 -0.60
CA ALA A 152 -6.79 8.99 0.53
C ALA A 152 -6.19 10.26 1.14
N ASP A 153 -6.02 10.26 2.46
CA ASP A 153 -5.44 11.40 3.15
C ASP A 153 -4.48 10.93 4.25
N HIS A 154 -3.61 11.84 4.67
CA HIS A 154 -2.60 11.57 5.70
C HIS A 154 -3.27 11.20 7.01
N ALA A 155 -4.36 11.90 7.30
CA ALA A 155 -5.08 11.70 8.55
C ALA A 155 -5.70 10.32 8.59
N LEU A 156 -6.11 9.82 7.44
CA LEU A 156 -6.75 8.51 7.35
C LEU A 156 -5.74 7.40 7.54
N LEU A 157 -4.52 7.64 7.06
CA LEU A 157 -3.48 6.63 7.08
C LEU A 157 -2.84 6.47 8.47
N PHE A 158 -2.48 7.59 9.10
CA PHE A 158 -1.72 7.52 10.34
C PHE A 158 -2.29 8.40 11.47
N ASP A 159 -2.85 9.55 11.12
CA ASP A 159 -3.25 10.52 12.15
C ASP A 159 -4.46 10.03 12.95
N ILE A 160 -5.55 9.74 12.26
CA ILE A 160 -6.78 9.29 12.90
C ILE A 160 -6.83 7.76 12.88
N ASN A 161 -5.64 7.16 12.89
CA ASN A 161 -5.53 5.71 12.89
C ASN A 161 -5.86 5.15 14.26
N HIS A 162 -7.15 5.08 14.56
CA HIS A 162 -7.62 4.50 15.80
C HIS A 162 -9.03 3.96 15.62
N GLU A 163 -9.99 4.84 15.33
CA GLU A 163 -11.38 4.42 15.21
C GLU A 163 -12.11 5.12 14.06
N ASP A 164 -12.10 6.45 14.04
CA ASP A 164 -13.00 7.23 13.18
C ASP A 164 -12.49 7.31 11.74
N ARG A 165 -11.35 6.68 11.46
CA ARG A 165 -10.75 6.76 10.13
C ARG A 165 -11.68 6.18 9.06
N TRP A 166 -12.59 5.30 9.47
CA TRP A 166 -13.57 4.74 8.55
C TRP A 166 -14.59 5.81 8.17
N GLN A 167 -15.15 6.49 9.17
CA GLN A 167 -16.16 7.52 8.95
C GLN A 167 -15.56 8.69 8.18
N GLN A 168 -14.38 9.12 8.64
CA GLN A 168 -13.65 10.19 7.98
C GLN A 168 -13.46 9.90 6.50
N ALA A 169 -12.95 8.73 6.20
CA ALA A 169 -12.76 8.28 4.82
C ALA A 169 -14.08 8.28 4.06
N SER A 170 -15.14 7.78 4.68
CA SER A 170 -16.45 7.70 4.05
C SER A 170 -17.01 9.10 3.75
N ARG A 171 -16.61 10.08 4.55
CA ARG A 171 -17.06 11.46 4.37
C ARG A 171 -16.33 12.10 3.20
N SER A 172 -15.19 11.55 2.83
CA SER A 172 -14.39 12.07 1.74
C SER A 172 -14.95 11.61 0.40
N LEU A 173 -15.64 12.50 -0.29
CA LEU A 173 -16.28 12.16 -1.55
C LEU A 173 -15.28 12.30 -2.69
N GLY A 174 -14.64 13.46 -2.77
CA GLY A 174 -13.67 13.70 -3.81
C GLY A 174 -13.20 15.13 -3.83
N PHE A 175 -12.04 15.36 -4.43
CA PHE A 175 -11.48 16.70 -4.52
C PHE A 175 -10.81 16.88 -5.87
N GLU A 176 -11.59 17.38 -6.84
CA GLU A 176 -11.10 17.68 -8.18
C GLU A 176 -10.68 16.41 -8.94
N ALA A 177 -10.34 16.60 -10.20
CA ALA A 177 -9.86 15.52 -11.04
C ALA A 177 -8.67 16.00 -11.87
N TRP A 178 -7.51 15.42 -11.63
CA TRP A 178 -6.29 15.89 -12.25
C TRP A 178 -5.50 14.73 -12.84
N GLN A 179 -5.11 14.86 -14.10
CA GLN A 179 -4.26 13.86 -14.75
C GLN A 179 -3.45 14.50 -15.87
N LEU A 180 -2.27 13.95 -16.12
CA LEU A 180 -1.40 14.44 -17.18
C LEU A 180 -1.34 13.43 -18.32
N SER A 181 -0.75 13.84 -19.43
CA SER A 181 -0.62 12.97 -20.60
C SER A 181 0.80 12.41 -20.66
N THR A 182 0.95 11.15 -20.28
CA THR A 182 2.25 10.49 -20.24
C THR A 182 2.82 10.31 -21.65
N GLN A 183 4.10 10.60 -21.80
CA GLN A 183 4.78 10.49 -23.09
C GLN A 183 5.67 9.26 -23.09
N ALA A 184 5.97 8.76 -24.28
CA ALA A 184 6.84 7.60 -24.43
C ALA A 184 8.17 7.99 -25.07
N GLY A 185 9.26 7.83 -24.31
CA GLY A 185 10.56 8.16 -24.83
C GLY A 185 11.66 7.94 -23.80
N HIS A 186 12.76 7.36 -24.25
CA HIS A 186 13.92 7.12 -23.39
C HIS A 186 15.21 7.33 -24.19
N ALA A 187 16.04 8.26 -23.73
CA ALA A 187 17.31 8.51 -24.40
C ALA A 187 18.42 8.58 -23.37
N MET A 1 -18.61 5.75 -13.79
CA MET A 1 -17.32 6.02 -13.13
C MET A 1 -16.40 4.82 -13.24
N GLU A 2 -15.48 4.85 -14.20
CA GLU A 2 -14.57 3.73 -14.41
C GLU A 2 -13.21 3.99 -13.77
N SER A 3 -13.05 5.17 -13.20
CA SER A 3 -11.80 5.54 -12.55
C SER A 3 -11.60 4.80 -11.23
N LEU A 4 -11.18 3.54 -11.34
CA LEU A 4 -10.87 2.72 -10.18
C LEU A 4 -9.39 2.87 -9.83
N GLN A 5 -8.79 3.91 -10.38
CA GLN A 5 -7.39 4.21 -10.16
C GLN A 5 -7.20 4.91 -8.82
N ASN A 6 -6.29 4.38 -8.00
CA ASN A 6 -6.00 4.93 -6.68
C ASN A 6 -7.26 4.86 -5.80
N HIS A 7 -7.39 5.77 -4.83
CA HIS A 7 -8.55 5.83 -3.94
C HIS A 7 -8.50 4.73 -2.87
N PHE A 8 -9.37 4.85 -1.87
CA PHE A 8 -9.57 3.77 -0.93
C PHE A 8 -10.82 2.99 -1.31
N LEU A 9 -10.82 1.72 -0.97
CA LEU A 9 -11.97 0.87 -1.21
C LEU A 9 -12.69 0.59 0.10
N ILE A 10 -13.96 0.98 0.17
CA ILE A 10 -14.76 0.68 1.35
C ILE A 10 -15.53 -0.62 1.14
N ALA A 11 -15.35 -1.56 2.05
CA ALA A 11 -16.04 -2.84 1.98
C ALA A 11 -16.89 -3.05 3.22
N MET A 12 -18.12 -3.48 3.00
CA MET A 12 -19.04 -3.79 4.08
C MET A 12 -19.22 -5.30 4.19
N PRO A 13 -19.74 -5.81 5.32
CA PRO A 13 -20.06 -7.24 5.48
C PRO A 13 -21.27 -7.65 4.63
N SER A 14 -21.30 -7.18 3.40
CA SER A 14 -22.38 -7.47 2.48
C SER A 14 -21.92 -8.47 1.42
N LEU A 15 -20.76 -8.21 0.83
CA LEU A 15 -20.21 -9.07 -0.19
C LEU A 15 -19.50 -10.28 0.41
N ASP A 16 -20.29 -11.18 0.98
CA ASP A 16 -19.76 -12.39 1.56
C ASP A 16 -19.51 -13.43 0.47
N ASP A 17 -19.80 -13.01 -0.76
CA ASP A 17 -19.55 -13.82 -1.94
C ASP A 17 -18.08 -13.75 -2.34
N THR A 18 -17.40 -12.75 -1.80
CA THR A 18 -16.01 -12.54 -2.09
C THR A 18 -15.18 -12.73 -0.82
N PHE A 19 -14.42 -13.80 -0.77
CA PHE A 19 -13.64 -14.13 0.42
C PHE A 19 -12.27 -13.46 0.39
N PHE A 20 -12.13 -12.40 1.16
CA PHE A 20 -10.86 -11.72 1.33
C PHE A 20 -10.90 -10.85 2.58
N GLU A 21 -10.98 -9.54 2.43
CA GLU A 21 -11.09 -8.64 3.55
C GLU A 21 -12.32 -7.75 3.43
N ARG A 22 -13.00 -7.56 4.54
CA ARG A 22 -14.14 -6.65 4.60
C ARG A 22 -13.70 -5.36 5.27
N THR A 23 -12.79 -4.64 4.61
CA THR A 23 -12.20 -3.45 5.19
C THR A 23 -11.69 -2.54 4.07
N VAL A 24 -10.88 -1.55 4.43
CA VAL A 24 -10.41 -0.55 3.48
C VAL A 24 -9.08 -0.98 2.85
N ILE A 25 -9.06 -1.00 1.53
CA ILE A 25 -7.86 -1.28 0.77
C ILE A 25 -7.41 -0.02 0.03
N TYR A 26 -6.11 0.26 0.09
CA TYR A 26 -5.55 1.42 -0.59
C TYR A 26 -4.94 1.02 -1.93
N LEU A 27 -5.39 1.64 -3.00
CA LEU A 27 -4.85 1.39 -4.33
C LEU A 27 -3.90 2.49 -4.72
N CYS A 28 -2.84 2.13 -5.43
CA CYS A 28 -1.87 3.11 -5.87
C CYS A 28 -2.18 3.58 -7.28
N GLU A 29 -2.37 2.63 -8.18
CA GLU A 29 -2.68 2.96 -9.57
C GLU A 29 -3.68 1.96 -10.14
N HIS A 30 -3.90 2.03 -11.44
CA HIS A 30 -4.74 1.07 -12.14
C HIS A 30 -4.55 1.27 -13.63
N ASP A 31 -3.74 0.43 -14.26
CA ASP A 31 -3.43 0.56 -15.68
C ASP A 31 -3.30 -0.81 -16.32
N GLU A 32 -3.85 -0.94 -17.52
CA GLU A 32 -3.93 -2.25 -18.18
C GLU A 32 -4.76 -3.19 -17.30
N LYS A 33 -4.29 -4.42 -17.14
CA LYS A 33 -4.91 -5.35 -16.20
C LYS A 33 -4.23 -5.25 -14.85
N GLY A 34 -3.23 -4.40 -14.78
CA GLY A 34 -2.43 -4.27 -13.59
C GLY A 34 -3.00 -3.26 -12.62
N ALA A 35 -3.13 -3.67 -11.37
CA ALA A 35 -3.54 -2.78 -10.30
C ALA A 35 -2.99 -3.30 -8.99
N MET A 36 -2.23 -2.45 -8.30
CA MET A 36 -1.66 -2.83 -7.03
C MET A 36 -2.32 -2.08 -5.89
N GLY A 37 -2.51 -2.78 -4.79
CA GLY A 37 -3.16 -2.21 -3.63
C GLY A 37 -2.75 -2.94 -2.36
N LEU A 38 -2.91 -2.26 -1.25
CA LEU A 38 -2.51 -2.82 0.04
C LEU A 38 -3.64 -2.65 1.05
N VAL A 39 -3.93 -3.71 1.78
CA VAL A 39 -4.92 -3.66 2.84
C VAL A 39 -4.36 -2.90 4.04
N ILE A 40 -4.95 -1.75 4.35
CA ILE A 40 -4.41 -0.87 5.38
C ILE A 40 -5.00 -1.18 6.75
N ASN A 41 -5.13 -2.46 7.04
CA ASN A 41 -5.60 -2.91 8.34
C ASN A 41 -4.41 -3.35 9.20
N LYS A 42 -4.17 -4.66 9.25
CA LYS A 42 -3.05 -5.24 10.00
C LYS A 42 -3.09 -6.77 9.93
N PRO A 43 -2.29 -7.37 9.02
CA PRO A 43 -2.18 -8.81 8.92
C PRO A 43 -1.31 -9.39 10.03
N LEU A 44 0.00 -9.47 9.79
CA LEU A 44 0.93 -9.94 10.79
C LEU A 44 2.16 -9.05 10.80
N GLY A 45 3.02 -9.25 11.79
CA GLY A 45 4.23 -8.47 11.90
C GLY A 45 5.45 -9.26 11.48
N ILE A 46 5.88 -9.06 10.24
CA ILE A 46 7.05 -9.73 9.71
C ILE A 46 8.30 -8.95 10.09
N GLU A 47 9.26 -9.66 10.67
CA GLU A 47 10.48 -9.02 11.16
C GLU A 47 11.72 -9.59 10.50
N VAL A 48 12.87 -9.35 11.15
CA VAL A 48 14.20 -9.67 10.63
C VAL A 48 14.33 -11.13 10.18
N ASN A 49 13.52 -12.01 10.74
CA ASN A 49 13.58 -13.44 10.45
C ASN A 49 13.47 -13.70 8.94
N SER A 50 12.48 -13.09 8.33
CA SER A 50 12.20 -13.31 6.91
C SER A 50 13.29 -12.67 6.05
N LEU A 51 13.85 -11.57 6.52
CA LEU A 51 14.89 -10.85 5.79
C LEU A 51 16.13 -11.72 5.61
N LEU A 52 16.53 -12.40 6.67
CA LEU A 52 17.68 -13.29 6.61
C LEU A 52 17.37 -14.54 5.79
N GLU A 53 16.11 -14.96 5.79
CA GLU A 53 15.69 -16.08 4.95
C GLU A 53 15.81 -15.73 3.47
N GLN A 54 15.39 -14.53 3.12
CA GLN A 54 15.47 -14.05 1.75
C GLN A 54 16.91 -13.67 1.38
N MET A 55 17.69 -13.37 2.40
CA MET A 55 19.10 -13.10 2.22
C MET A 55 19.84 -14.42 1.89
N ASP A 56 19.56 -15.45 2.67
CA ASP A 56 20.19 -16.75 2.49
C ASP A 56 19.76 -17.36 1.16
N LEU A 57 18.47 -17.33 0.89
CA LEU A 57 17.95 -17.74 -0.41
C LEU A 57 17.52 -16.49 -1.18
N PRO A 58 18.42 -15.99 -2.05
CA PRO A 58 18.23 -14.70 -2.71
C PRO A 58 17.29 -14.77 -3.91
N THR A 59 17.27 -13.68 -4.68
CA THR A 59 16.39 -13.58 -5.83
C THR A 59 17.08 -14.16 -7.08
N GLU A 60 17.46 -13.30 -8.01
CA GLU A 60 18.17 -13.74 -9.20
C GLU A 60 19.67 -13.51 -9.00
N GLN A 61 20.00 -12.47 -8.25
CA GLN A 61 21.38 -12.20 -7.88
C GLN A 61 21.57 -12.46 -6.40
N VAL A 62 22.82 -12.64 -5.99
CA VAL A 62 23.12 -12.98 -4.60
C VAL A 62 22.93 -11.78 -3.68
N SER A 63 22.40 -12.02 -2.49
CA SER A 63 22.15 -10.96 -1.53
C SER A 63 23.44 -10.50 -0.87
N ALA A 64 23.38 -9.36 -0.19
CA ALA A 64 24.50 -8.84 0.56
C ALA A 64 24.04 -8.49 1.97
N ASP A 65 24.88 -7.78 2.71
CA ASP A 65 24.53 -7.36 4.06
C ASP A 65 23.32 -6.42 4.03
N LEU A 66 22.22 -6.87 4.62
CA LEU A 66 21.02 -6.06 4.72
C LEU A 66 20.78 -5.65 6.17
N ALA A 67 19.69 -4.94 6.40
CA ALA A 67 19.36 -4.48 7.73
C ALA A 67 18.19 -5.26 8.30
N MET A 68 18.01 -5.18 9.61
CA MET A 68 16.90 -5.86 10.28
C MET A 68 15.57 -5.20 9.91
N GLY A 69 14.90 -5.77 8.94
CA GLY A 69 13.64 -5.21 8.47
C GLY A 69 12.46 -5.66 9.31
N SER A 70 12.20 -4.93 10.38
CA SER A 70 11.05 -5.19 11.20
C SER A 70 9.87 -4.33 10.75
N GLN A 71 8.66 -4.75 11.11
CA GLN A 71 7.43 -4.04 10.76
C GLN A 71 7.13 -4.18 9.27
N VAL A 72 7.40 -5.38 8.75
CA VAL A 72 7.04 -5.71 7.39
C VAL A 72 5.66 -6.38 7.39
N LEU A 73 4.80 -5.99 6.47
CA LEU A 73 3.46 -6.54 6.41
C LEU A 73 3.24 -7.35 5.14
N MET A 74 2.31 -8.29 5.24
CA MET A 74 1.95 -9.15 4.12
C MET A 74 0.82 -8.53 3.31
N GLY A 75 1.15 -8.11 2.09
CA GLY A 75 0.14 -7.49 1.23
C GLY A 75 -0.54 -8.48 0.33
N GLY A 76 0.20 -9.51 -0.06
CA GLY A 76 -0.36 -10.54 -0.92
C GLY A 76 0.72 -11.28 -1.67
N PRO A 77 1.17 -12.43 -1.14
CA PRO A 77 2.25 -13.22 -1.74
C PRO A 77 1.80 -14.03 -2.95
N VAL A 78 1.04 -13.38 -3.83
CA VAL A 78 0.65 -13.98 -5.10
C VAL A 78 1.79 -13.83 -6.09
N SER A 79 2.68 -12.90 -5.76
CA SER A 79 3.87 -12.65 -6.54
C SER A 79 4.93 -12.06 -5.63
N GLN A 80 6.10 -12.70 -5.59
CA GLN A 80 7.19 -12.25 -4.74
C GLN A 80 8.03 -11.20 -5.46
N ASP A 81 7.43 -10.56 -6.44
CA ASP A 81 8.09 -9.52 -7.22
C ASP A 81 8.17 -8.22 -6.41
N ARG A 82 8.96 -8.27 -5.34
CA ARG A 82 9.17 -7.12 -4.47
C ARG A 82 7.84 -6.59 -3.93
N GLY A 83 7.69 -5.28 -4.00
CA GLY A 83 6.50 -4.63 -3.49
C GLY A 83 6.76 -3.16 -3.23
N PHE A 84 5.70 -2.39 -3.07
CA PHE A 84 5.83 -0.95 -2.86
C PHE A 84 5.98 -0.64 -1.38
N VAL A 85 7.04 0.09 -1.04
CA VAL A 85 7.28 0.52 0.33
C VAL A 85 6.80 1.96 0.51
N LEU A 86 5.83 2.15 1.38
CA LEU A 86 5.19 3.45 1.53
C LEU A 86 5.94 4.33 2.51
N HIS A 87 6.01 5.62 2.19
CA HIS A 87 6.63 6.63 3.05
C HIS A 87 5.80 7.90 2.99
N THR A 88 6.06 8.84 3.89
CA THR A 88 5.45 10.15 3.80
C THR A 88 5.96 10.90 2.58
N SER A 89 5.24 11.95 2.19
CA SER A 89 5.56 12.75 1.04
C SER A 89 7.01 13.25 1.08
N GLN A 90 7.66 13.21 -0.08
CA GLN A 90 9.05 13.59 -0.20
C GLN A 90 9.22 14.69 -1.24
N PRO A 91 10.03 15.70 -0.96
CA PRO A 91 10.34 16.78 -1.92
C PRO A 91 11.02 16.23 -3.16
N TYR A 92 11.86 15.22 -2.95
CA TYR A 92 12.50 14.50 -4.03
C TYR A 92 13.04 13.17 -3.52
N TRP A 93 13.26 12.25 -4.44
CA TRP A 93 13.72 10.91 -4.11
C TRP A 93 14.03 10.16 -5.41
N ALA A 94 14.65 8.99 -5.29
CA ALA A 94 14.95 8.16 -6.46
C ALA A 94 13.68 7.76 -7.20
N ASN A 95 12.61 7.59 -6.44
CA ASN A 95 11.31 7.25 -7.00
C ASN A 95 10.22 7.95 -6.21
N SER A 96 9.35 8.66 -6.91
CA SER A 96 8.27 9.38 -6.26
C SER A 96 6.96 9.24 -7.04
N THR A 97 5.86 9.14 -6.32
CA THR A 97 4.56 8.97 -6.92
C THR A 97 3.92 10.32 -7.23
N GLU A 98 3.76 10.61 -8.50
CA GLU A 98 3.13 11.85 -8.94
C GLU A 98 1.61 11.75 -8.83
N LEU A 99 0.93 12.81 -9.28
CA LEU A 99 -0.53 12.92 -9.22
C LEU A 99 -1.02 13.17 -7.80
N GLY A 100 -0.43 12.49 -6.84
CA GLY A 100 -0.81 12.65 -5.46
C GLY A 100 -0.62 11.38 -4.67
N SER A 101 -1.60 10.48 -4.77
CA SER A 101 -1.57 9.16 -4.12
C SER A 101 -1.72 9.26 -2.60
N GLY A 102 -1.18 10.31 -2.00
CA GLY A 102 -1.29 10.51 -0.58
C GLY A 102 0.05 10.35 0.10
N LEU A 103 0.77 9.31 -0.29
CA LEU A 103 2.10 9.04 0.25
C LEU A 103 3.10 8.90 -0.89
N MET A 104 4.29 8.41 -0.56
CA MET A 104 5.32 8.18 -1.56
C MET A 104 5.74 6.73 -1.55
N LEU A 105 5.94 6.18 -2.74
CA LEU A 105 6.24 4.79 -2.92
C LEU A 105 7.71 4.59 -3.29
N THR A 106 8.31 3.53 -2.77
CA THR A 106 9.69 3.19 -3.09
C THR A 106 9.82 1.70 -3.39
N THR A 107 10.79 1.34 -4.22
CA THR A 107 10.98 -0.04 -4.64
C THR A 107 12.43 -0.46 -4.45
N SER A 108 12.71 -1.72 -4.81
CA SER A 108 14.04 -2.31 -4.70
C SER A 108 14.44 -2.52 -3.23
N ARG A 109 15.70 -2.90 -3.02
CA ARG A 109 16.20 -3.17 -1.67
C ARG A 109 16.96 -1.96 -1.12
N ASP A 110 17.08 -0.92 -1.94
CA ASP A 110 17.77 0.30 -1.53
C ASP A 110 17.09 0.94 -0.33
N VAL A 111 15.77 0.85 -0.30
CA VAL A 111 15.00 1.41 0.80
C VAL A 111 15.20 0.59 2.07
N LEU A 112 15.42 -0.71 1.92
CA LEU A 112 15.57 -1.61 3.07
C LEU A 112 16.78 -1.23 3.91
N THR A 113 17.94 -1.16 3.28
CA THR A 113 19.17 -0.83 4.00
C THR A 113 19.15 0.62 4.49
N ALA A 114 18.33 1.46 3.84
CA ALA A 114 18.17 2.83 4.25
C ALA A 114 17.38 2.91 5.56
N ILE A 115 16.41 2.01 5.71
CA ILE A 115 15.59 1.95 6.91
C ILE A 115 16.41 1.41 8.09
N GLY A 116 17.43 0.62 7.75
CA GLY A 116 18.31 0.06 8.76
C GLY A 116 19.33 1.04 9.27
N SER A 117 19.28 2.26 8.75
CA SER A 117 20.14 3.33 9.22
C SER A 117 19.51 3.96 10.47
N LYS A 118 20.32 4.55 11.33
CA LYS A 118 19.82 5.07 12.60
C LYS A 118 19.21 6.45 12.43
N ARG A 119 18.30 6.57 11.47
CA ARG A 119 17.50 7.77 11.29
C ARG A 119 16.33 7.47 10.38
N SER A 120 15.20 7.11 10.98
CA SER A 120 14.02 6.74 10.23
C SER A 120 13.05 7.91 10.13
N PRO A 121 12.27 7.99 9.03
CA PRO A 121 11.23 9.00 8.87
C PRO A 121 10.09 8.79 9.87
N ASP A 122 9.19 9.76 9.95
CA ASP A 122 8.09 9.73 10.90
C ASP A 122 7.28 8.45 10.79
N LYS A 123 6.69 8.21 9.63
CA LYS A 123 5.84 7.05 9.44
C LYS A 123 6.00 6.48 8.05
N PHE A 124 5.87 5.18 7.96
CA PHE A 124 6.07 4.44 6.73
C PHE A 124 5.65 2.99 6.94
N LEU A 125 5.64 2.22 5.86
CA LEU A 125 5.30 0.81 5.96
C LEU A 125 6.07 0.01 4.92
N VAL A 126 6.49 -1.19 5.29
CA VAL A 126 7.21 -2.07 4.38
C VAL A 126 6.36 -3.30 4.13
N ALA A 127 6.13 -3.63 2.87
CA ALA A 127 5.29 -4.77 2.54
C ALA A 127 5.95 -5.66 1.50
N LEU A 128 5.46 -6.89 1.42
CA LEU A 128 5.85 -7.80 0.38
C LEU A 128 4.61 -8.31 -0.34
N GLY A 129 4.65 -8.27 -1.66
CA GLY A 129 3.48 -8.65 -2.44
C GLY A 129 2.41 -7.57 -2.43
N TYR A 130 1.25 -7.90 -2.97
CA TYR A 130 0.15 -6.95 -3.07
C TYR A 130 -1.16 -7.70 -3.33
N ALA A 131 -2.27 -6.97 -3.25
CA ALA A 131 -3.59 -7.56 -3.49
C ALA A 131 -3.67 -8.17 -4.88
N GLY A 132 -3.72 -9.49 -4.93
CA GLY A 132 -3.69 -10.19 -6.20
C GLY A 132 -5.04 -10.29 -6.87
N TRP A 133 -5.62 -9.14 -7.21
CA TRP A 133 -6.88 -9.11 -7.94
C TRP A 133 -6.67 -9.66 -9.34
N SER A 134 -5.49 -9.41 -9.88
CA SER A 134 -5.13 -9.86 -11.21
C SER A 134 -5.10 -11.38 -11.31
N LYS A 135 -4.63 -12.01 -10.24
CA LYS A 135 -4.47 -13.46 -10.19
C LYS A 135 -5.80 -14.19 -10.45
N ASN A 136 -6.89 -13.62 -9.95
CA ASN A 136 -8.21 -14.22 -10.14
C ASN A 136 -9.01 -13.44 -11.18
N GLN A 137 -8.43 -12.33 -11.62
CA GLN A 137 -9.05 -11.43 -12.59
C GLN A 137 -10.42 -10.96 -12.12
N LEU A 138 -10.42 -10.12 -11.10
CA LEU A 138 -11.64 -9.49 -10.63
C LEU A 138 -11.41 -8.01 -10.40
N GLU A 139 -10.29 -7.53 -10.91
CA GLU A 139 -9.80 -6.18 -10.62
C GLU A 139 -10.87 -5.15 -10.98
N GLN A 140 -11.27 -5.16 -12.24
CA GLN A 140 -12.25 -4.20 -12.73
C GLN A 140 -13.64 -4.58 -12.24
N GLU A 141 -13.80 -5.88 -11.97
CA GLU A 141 -15.09 -6.42 -11.54
C GLU A 141 -15.43 -5.85 -10.17
N LEU A 142 -14.38 -5.56 -9.40
CA LEU A 142 -14.53 -5.09 -8.04
C LEU A 142 -15.32 -3.79 -7.97
N ALA A 143 -15.23 -2.98 -9.02
CA ALA A 143 -15.89 -1.68 -9.04
C ALA A 143 -17.41 -1.84 -9.11
N ASP A 144 -17.88 -2.58 -10.10
CA ASP A 144 -19.31 -2.81 -10.26
C ASP A 144 -19.85 -3.86 -9.28
N ASN A 145 -18.94 -4.55 -8.62
CA ASN A 145 -19.32 -5.61 -7.69
C ASN A 145 -20.14 -5.07 -6.52
N SER A 146 -19.59 -4.09 -5.79
CA SER A 146 -20.24 -3.57 -4.58
C SER A 146 -19.35 -2.60 -3.80
N TRP A 147 -18.06 -2.56 -4.12
CA TRP A 147 -17.12 -1.74 -3.37
C TRP A 147 -17.32 -0.25 -3.66
N LEU A 148 -17.03 0.59 -2.67
CA LEU A 148 -17.16 2.03 -2.82
C LEU A 148 -15.79 2.69 -2.83
N THR A 149 -15.66 3.79 -3.54
CA THR A 149 -14.39 4.50 -3.65
C THR A 149 -14.44 5.84 -2.92
N ILE A 150 -13.36 6.16 -2.22
CA ILE A 150 -13.23 7.43 -1.53
C ILE A 150 -11.84 8.02 -1.75
N PRO A 151 -11.70 9.35 -1.60
CA PRO A 151 -10.42 10.06 -1.78
C PRO A 151 -9.34 9.56 -0.82
N ALA A 152 -8.10 9.53 -1.29
CA ALA A 152 -6.97 9.09 -0.49
C ALA A 152 -6.14 10.27 0.00
N ASP A 153 -5.62 10.16 1.23
CA ASP A 153 -4.80 11.21 1.83
C ASP A 153 -3.80 10.60 2.81
N HIS A 154 -2.73 11.34 3.11
CA HIS A 154 -1.66 10.86 3.98
C HIS A 154 -2.13 10.70 5.43
N ALA A 155 -3.10 11.50 5.85
CA ALA A 155 -3.61 11.42 7.21
C ALA A 155 -4.57 10.25 7.35
N LEU A 156 -5.44 10.12 6.35
CA LEU A 156 -6.40 9.02 6.31
C LEU A 156 -5.69 7.68 6.12
N LEU A 157 -4.53 7.71 5.46
CA LEU A 157 -3.78 6.49 5.17
C LEU A 157 -3.44 5.74 6.47
N PHE A 158 -2.70 6.39 7.36
CA PHE A 158 -2.27 5.74 8.61
C PHE A 158 -2.04 6.73 9.75
N ASP A 159 -2.16 8.03 9.49
CA ASP A 159 -1.95 9.02 10.54
C ASP A 159 -3.09 8.95 11.53
N ILE A 160 -4.30 9.05 11.00
CA ILE A 160 -5.49 8.87 11.81
C ILE A 160 -5.77 7.38 11.95
N ASN A 161 -5.96 6.92 13.17
CA ASN A 161 -6.09 5.50 13.42
C ASN A 161 -7.49 5.17 13.96
N HIS A 162 -7.72 3.90 14.29
CA HIS A 162 -8.98 3.43 14.86
C HIS A 162 -10.13 3.55 13.86
N GLU A 163 -11.34 3.40 14.34
CA GLU A 163 -12.53 3.49 13.50
C GLU A 163 -12.89 4.93 13.19
N ASP A 164 -12.26 5.86 13.89
CA ASP A 164 -12.40 7.29 13.60
C ASP A 164 -11.91 7.58 12.20
N ARG A 165 -10.84 6.89 11.81
CA ARG A 165 -10.30 6.97 10.45
C ARG A 165 -11.37 6.59 9.44
N TRP A 166 -12.13 5.53 9.76
CA TRP A 166 -13.18 5.06 8.89
C TRP A 166 -14.32 6.08 8.82
N GLN A 167 -14.66 6.65 9.98
CA GLN A 167 -15.74 7.62 10.07
C GLN A 167 -15.44 8.84 9.20
N GLN A 168 -14.24 9.40 9.38
CA GLN A 168 -13.80 10.55 8.59
C GLN A 168 -13.77 10.23 7.11
N ALA A 169 -13.14 9.13 6.75
CA ALA A 169 -13.06 8.68 5.35
C ALA A 169 -14.46 8.45 4.78
N SER A 170 -15.35 7.90 5.59
CA SER A 170 -16.72 7.60 5.16
C SER A 170 -17.48 8.87 4.81
N ARG A 171 -17.11 9.99 5.43
CA ARG A 171 -17.72 11.27 5.12
C ARG A 171 -17.45 11.68 3.67
N SER A 172 -16.37 11.13 3.10
CA SER A 172 -15.98 11.41 1.72
C SER A 172 -15.66 12.90 1.55
N LEU A 173 -15.28 13.54 2.65
CA LEU A 173 -14.98 14.96 2.64
C LEU A 173 -13.59 15.19 2.03
N GLY A 174 -13.58 15.45 0.73
CA GLY A 174 -12.34 15.69 0.03
C GLY A 174 -12.58 15.91 -1.45
N PHE A 175 -12.31 14.89 -2.25
CA PHE A 175 -12.53 14.99 -3.69
C PHE A 175 -12.92 13.63 -4.26
N GLU A 176 -14.17 13.54 -4.71
CA GLU A 176 -14.70 12.34 -5.33
C GLU A 176 -16.07 12.66 -5.92
N ALA A 177 -17.01 12.95 -5.03
CA ALA A 177 -18.33 13.48 -5.39
C ALA A 177 -19.15 12.50 -6.24
N TRP A 178 -19.83 11.58 -5.58
CA TRP A 178 -20.80 10.74 -6.23
C TRP A 178 -22.14 10.79 -5.50
N GLN A 179 -23.17 10.23 -6.11
CA GLN A 179 -24.48 10.18 -5.47
C GLN A 179 -24.97 8.74 -5.40
N LEU A 180 -24.67 8.10 -4.29
CA LEU A 180 -25.08 6.73 -4.07
C LEU A 180 -24.99 6.37 -2.59
N SER A 181 -25.83 5.45 -2.16
CA SER A 181 -25.81 4.97 -0.79
C SER A 181 -26.25 3.51 -0.77
N THR A 182 -25.31 2.61 -0.48
CA THR A 182 -25.60 1.19 -0.43
C THR A 182 -26.34 0.84 0.85
N GLN A 183 -27.64 0.73 0.76
CA GLN A 183 -28.47 0.46 1.92
C GLN A 183 -28.89 -1.01 1.94
N ALA A 184 -28.13 -1.82 2.68
CA ALA A 184 -28.40 -3.25 2.82
C ALA A 184 -28.20 -4.00 1.52
N GLY A 185 -27.03 -4.59 1.35
CA GLY A 185 -26.76 -5.39 0.17
C GLY A 185 -26.45 -6.82 0.54
N HIS A 186 -27.44 -7.54 1.04
CA HIS A 186 -27.23 -8.91 1.52
C HIS A 186 -28.39 -9.82 1.13
N ALA A 187 -29.59 -9.23 1.01
CA ALA A 187 -30.82 -9.97 0.74
C ALA A 187 -31.18 -10.89 1.91
N MET A 1 -19.00 0.23 -9.37
CA MET A 1 -18.82 1.69 -9.40
C MET A 1 -18.80 2.17 -10.84
N GLU A 2 -17.60 2.31 -11.41
CA GLU A 2 -17.42 2.64 -12.82
C GLU A 2 -16.03 2.21 -13.26
N SER A 3 -15.03 2.97 -12.83
CA SER A 3 -13.65 2.68 -13.18
C SER A 3 -12.79 2.59 -11.93
N LEU A 4 -11.73 1.80 -11.99
CA LEU A 4 -10.86 1.61 -10.84
C LEU A 4 -9.59 2.43 -11.00
N GLN A 5 -9.61 3.62 -10.42
CA GLN A 5 -8.44 4.50 -10.43
C GLN A 5 -7.76 4.45 -9.06
N ASN A 6 -6.57 5.02 -8.96
CA ASN A 6 -5.83 5.06 -7.69
C ASN A 6 -6.70 5.64 -6.57
N HIS A 7 -7.12 4.78 -5.65
CA HIS A 7 -8.02 5.17 -4.55
C HIS A 7 -7.86 4.19 -3.40
N PHE A 8 -8.71 4.34 -2.39
CA PHE A 8 -8.84 3.31 -1.36
C PHE A 8 -10.03 2.43 -1.69
N LEU A 9 -9.98 1.19 -1.24
CA LEU A 9 -11.09 0.27 -1.36
C LEU A 9 -11.69 -0.03 0.00
N ILE A 10 -12.95 0.34 0.17
CA ILE A 10 -13.68 0.06 1.38
C ILE A 10 -14.63 -1.11 1.15
N ALA A 11 -14.78 -1.97 2.15
CA ALA A 11 -15.62 -3.15 2.00
C ALA A 11 -16.66 -3.22 3.10
N MET A 12 -17.89 -2.84 2.76
CA MET A 12 -18.99 -2.94 3.70
C MET A 12 -19.55 -4.37 3.74
N PRO A 13 -19.87 -4.97 2.55
CA PRO A 13 -20.29 -6.36 2.49
C PRO A 13 -19.11 -7.32 2.26
N SER A 14 -19.04 -8.36 3.06
CA SER A 14 -17.98 -9.36 2.90
C SER A 14 -18.38 -10.37 1.83
N LEU A 15 -17.63 -10.39 0.74
CA LEU A 15 -17.94 -11.27 -0.39
C LEU A 15 -17.40 -12.68 -0.12
N ASP A 16 -16.34 -12.77 0.66
CA ASP A 16 -15.69 -14.04 0.94
C ASP A 16 -15.31 -14.13 2.41
N ASP A 17 -14.64 -15.21 2.78
CA ASP A 17 -14.26 -15.46 4.17
C ASP A 17 -12.76 -15.63 4.25
N THR A 18 -12.07 -15.17 3.21
CA THR A 18 -10.64 -15.42 3.05
C THR A 18 -9.79 -14.51 3.94
N PHE A 19 -10.42 -13.50 4.56
CA PHE A 19 -9.78 -12.61 5.54
C PHE A 19 -8.79 -11.65 4.85
N PHE A 20 -8.58 -11.84 3.56
CA PHE A 20 -7.71 -10.94 2.80
C PHE A 20 -8.46 -9.67 2.41
N GLU A 21 -9.78 -9.76 2.38
CA GLU A 21 -10.62 -8.61 2.05
C GLU A 21 -10.92 -7.79 3.30
N ARG A 22 -11.92 -6.91 3.21
CA ARG A 22 -12.28 -6.00 4.30
C ARG A 22 -11.17 -5.00 4.58
N THR A 23 -11.39 -4.17 5.60
CA THR A 23 -10.45 -3.11 5.97
C THR A 23 -10.31 -2.10 4.83
N VAL A 24 -9.16 -1.45 4.72
CA VAL A 24 -8.93 -0.45 3.68
C VAL A 24 -7.75 -0.85 2.82
N ILE A 25 -7.98 -0.92 1.52
CA ILE A 25 -6.93 -1.27 0.57
C ILE A 25 -6.52 -0.05 -0.23
N TYR A 26 -5.22 0.15 -0.39
CA TYR A 26 -4.70 1.29 -1.15
C TYR A 26 -4.16 0.83 -2.49
N LEU A 27 -4.67 1.42 -3.56
CA LEU A 27 -4.23 1.10 -4.90
C LEU A 27 -3.47 2.29 -5.48
N CYS A 28 -2.34 2.02 -6.14
CA CYS A 28 -1.52 3.11 -6.66
C CYS A 28 -1.10 2.81 -8.10
N GLU A 29 -0.68 1.59 -8.36
CA GLU A 29 -0.27 1.21 -9.71
C GLU A 29 -1.49 0.79 -10.50
N HIS A 30 -1.35 0.71 -11.80
CA HIS A 30 -2.50 0.45 -12.66
C HIS A 30 -2.09 0.03 -14.07
N ASP A 31 -2.76 -1.01 -14.57
CA ASP A 31 -2.58 -1.44 -15.95
C ASP A 31 -3.87 -2.07 -16.51
N GLU A 32 -3.84 -3.39 -16.64
CA GLU A 32 -4.83 -4.15 -17.43
C GLU A 32 -6.28 -3.75 -17.12
N LYS A 33 -6.78 -4.17 -15.97
CA LYS A 33 -8.18 -3.96 -15.63
C LYS A 33 -8.36 -2.74 -14.73
N GLY A 34 -7.30 -1.98 -14.52
CA GLY A 34 -7.40 -0.87 -13.59
C GLY A 34 -6.20 -0.77 -12.69
N ALA A 35 -6.43 -0.72 -11.38
CA ALA A 35 -5.37 -0.42 -10.43
C ALA A 35 -5.07 -1.60 -9.52
N MET A 36 -3.90 -1.56 -8.89
CA MET A 36 -3.44 -2.65 -8.02
C MET A 36 -2.88 -2.06 -6.72
N GLY A 37 -3.07 -2.79 -5.62
CA GLY A 37 -2.58 -2.33 -4.34
C GLY A 37 -2.68 -3.40 -3.28
N LEU A 38 -2.53 -3.02 -2.02
CA LEU A 38 -2.59 -3.96 -0.92
C LEU A 38 -3.38 -3.39 0.26
N VAL A 39 -3.66 -4.25 1.24
CA VAL A 39 -4.36 -3.82 2.45
C VAL A 39 -3.39 -3.08 3.36
N ILE A 40 -3.78 -1.90 3.80
CA ILE A 40 -2.87 -1.06 4.60
C ILE A 40 -2.97 -1.36 6.09
N ASN A 41 -3.73 -2.39 6.45
CA ASN A 41 -3.88 -2.77 7.85
C ASN A 41 -4.24 -4.25 7.98
N LYS A 42 -3.21 -5.08 8.06
CA LYS A 42 -3.37 -6.50 8.38
C LYS A 42 -2.24 -6.94 9.31
N PRO A 43 -2.46 -6.87 10.63
CA PRO A 43 -1.43 -7.11 11.64
C PRO A 43 -1.20 -8.59 11.91
N LEU A 44 -0.02 -9.08 11.55
CA LEU A 44 0.37 -10.44 11.85
C LEU A 44 1.73 -10.45 12.55
N GLY A 45 2.64 -9.61 12.07
CA GLY A 45 3.94 -9.48 12.71
C GLY A 45 5.04 -10.17 11.93
N ILE A 46 5.48 -9.55 10.85
CA ILE A 46 6.59 -10.09 10.07
C ILE A 46 7.88 -9.38 10.46
N GLU A 47 8.89 -10.14 10.81
CA GLU A 47 10.17 -9.58 11.21
C GLU A 47 11.30 -10.09 10.31
N VAL A 48 12.52 -9.61 10.58
CA VAL A 48 13.68 -9.90 9.73
C VAL A 48 13.92 -11.40 9.56
N ASN A 49 13.48 -12.17 10.55
CA ASN A 49 13.60 -13.63 10.50
C ASN A 49 12.99 -14.17 9.21
N SER A 50 11.77 -13.76 8.94
CA SER A 50 11.04 -14.22 7.78
C SER A 50 11.63 -13.64 6.49
N LEU A 51 12.14 -12.41 6.58
CA LEU A 51 12.77 -11.75 5.44
C LEU A 51 13.99 -12.54 4.97
N LEU A 52 14.87 -12.88 5.91
CA LEU A 52 16.10 -13.57 5.57
C LEU A 52 15.83 -14.99 5.07
N GLU A 53 14.75 -15.60 5.57
CA GLU A 53 14.38 -16.95 5.16
C GLU A 53 13.85 -16.98 3.74
N GLN A 54 13.07 -15.96 3.36
CA GLN A 54 12.53 -15.89 2.00
C GLN A 54 13.63 -15.61 1.00
N MET A 55 14.56 -14.74 1.38
CA MET A 55 15.69 -14.39 0.53
C MET A 55 16.72 -15.53 0.49
N ASP A 56 16.66 -16.42 1.48
CA ASP A 56 17.62 -17.52 1.60
C ASP A 56 17.31 -18.64 0.60
N LEU A 57 16.96 -18.24 -0.61
CA LEU A 57 16.63 -19.16 -1.69
C LEU A 57 17.30 -18.64 -2.96
N PRO A 58 17.10 -19.30 -4.12
CA PRO A 58 17.58 -18.78 -5.42
C PRO A 58 16.84 -17.51 -5.84
N THR A 59 16.67 -16.58 -4.90
CA THR A 59 15.97 -15.34 -5.17
C THR A 59 16.95 -14.25 -5.61
N GLU A 60 17.49 -13.50 -4.65
CA GLU A 60 18.41 -12.40 -4.95
C GLU A 60 18.74 -11.63 -3.66
N GLN A 61 19.65 -10.65 -3.78
CA GLN A 61 20.04 -9.79 -2.67
C GLN A 61 20.83 -10.54 -1.61
N VAL A 62 22.15 -10.48 -1.73
CA VAL A 62 23.04 -11.13 -0.77
C VAL A 62 23.76 -10.09 0.09
N SER A 63 24.17 -8.99 -0.53
CA SER A 63 24.89 -7.93 0.16
C SER A 63 23.93 -7.06 0.98
N ALA A 64 23.51 -7.59 2.13
CA ALA A 64 22.63 -6.87 3.03
C ALA A 64 22.48 -7.61 4.35
N ASP A 65 21.89 -6.96 5.34
CA ASP A 65 21.61 -7.59 6.62
C ASP A 65 20.13 -7.95 6.69
N LEU A 66 19.49 -7.96 5.52
CA LEU A 66 18.05 -8.15 5.38
C LEU A 66 17.26 -7.14 6.19
N ALA A 67 17.91 -6.01 6.49
CA ALA A 67 17.29 -4.86 7.15
C ALA A 67 16.90 -5.17 8.60
N MET A 68 16.46 -4.14 9.29
CA MET A 68 16.01 -4.26 10.67
C MET A 68 14.49 -4.23 10.70
N GLY A 69 13.88 -4.87 9.70
CA GLY A 69 12.44 -4.83 9.55
C GLY A 69 11.73 -5.76 10.53
N SER A 70 11.68 -5.36 11.79
CA SER A 70 10.94 -6.08 12.80
C SER A 70 9.48 -5.64 12.79
N GLN A 71 9.10 -4.90 11.76
CA GLN A 71 7.76 -4.37 11.64
C GLN A 71 7.33 -4.37 10.18
N VAL A 72 6.88 -5.52 9.71
CA VAL A 72 6.44 -5.68 8.34
C VAL A 72 5.02 -6.25 8.29
N LEU A 73 4.21 -5.73 7.38
CA LEU A 73 2.85 -6.22 7.19
C LEU A 73 2.77 -7.08 5.94
N MET A 74 1.70 -7.85 5.82
CA MET A 74 1.52 -8.73 4.67
C MET A 74 0.42 -8.22 3.77
N GLY A 75 0.78 -7.83 2.55
CA GLY A 75 -0.20 -7.41 1.58
C GLY A 75 -0.77 -8.60 0.82
N GLY A 76 0.12 -9.54 0.50
CA GLY A 76 -0.32 -10.75 -0.17
C GLY A 76 0.76 -11.34 -1.07
N PRO A 77 1.49 -12.37 -0.60
CA PRO A 77 2.50 -13.07 -1.39
C PRO A 77 1.86 -14.06 -2.37
N VAL A 78 0.81 -13.61 -3.03
CA VAL A 78 -0.01 -14.48 -3.88
C VAL A 78 0.68 -14.84 -5.19
N SER A 79 1.54 -13.96 -5.69
CA SER A 79 2.16 -14.19 -6.98
C SER A 79 3.60 -13.67 -7.00
N GLN A 80 3.76 -12.36 -7.11
CA GLN A 80 5.09 -11.76 -7.15
C GLN A 80 5.34 -10.95 -5.88
N ASP A 81 6.52 -11.11 -5.31
CA ASP A 81 6.90 -10.38 -4.11
C ASP A 81 7.27 -8.94 -4.47
N ARG A 82 6.35 -8.03 -4.24
CA ARG A 82 6.59 -6.62 -4.53
C ARG A 82 6.24 -5.78 -3.32
N GLY A 83 7.20 -5.61 -2.42
CA GLY A 83 6.98 -4.84 -1.22
C GLY A 83 7.32 -3.38 -1.39
N PHE A 84 6.33 -2.57 -1.74
CA PHE A 84 6.53 -1.13 -1.84
C PHE A 84 6.22 -0.46 -0.51
N VAL A 85 7.08 0.46 -0.10
CA VAL A 85 6.99 1.07 1.21
C VAL A 85 6.20 2.38 1.13
N LEU A 86 5.21 2.51 2.01
CA LEU A 86 4.44 3.74 2.12
C LEU A 86 5.10 4.65 3.15
N HIS A 87 5.66 5.75 2.68
CA HIS A 87 6.47 6.62 3.50
C HIS A 87 5.95 8.06 3.43
N THR A 88 6.23 8.85 4.45
CA THR A 88 5.92 10.27 4.42
C THR A 88 6.66 10.95 3.28
N SER A 89 6.05 11.99 2.72
CA SER A 89 6.66 12.76 1.66
C SER A 89 7.86 13.53 2.17
N GLN A 90 9.04 13.12 1.73
CA GLN A 90 10.29 13.70 2.18
C GLN A 90 11.10 14.20 1.00
N PRO A 91 11.88 15.28 1.22
CA PRO A 91 12.72 15.88 0.17
C PRO A 91 14.06 15.19 0.01
N TYR A 92 14.19 13.99 0.56
CA TYR A 92 15.43 13.23 0.46
C TYR A 92 15.20 11.93 -0.29
N TRP A 93 16.28 11.20 -0.55
CA TRP A 93 16.26 9.95 -1.30
C TRP A 93 15.99 10.21 -2.79
N ALA A 94 16.18 9.19 -3.63
CA ALA A 94 16.07 9.36 -5.07
C ALA A 94 14.73 8.88 -5.61
N ASN A 95 14.18 7.82 -5.04
CA ASN A 95 12.95 7.23 -5.54
C ASN A 95 11.75 7.69 -4.72
N SER A 96 10.78 8.28 -5.41
CA SER A 96 9.54 8.71 -4.77
C SER A 96 8.38 8.59 -5.75
N THR A 97 7.21 8.28 -5.25
CA THR A 97 6.02 8.11 -6.10
C THR A 97 4.75 8.47 -5.34
N GLU A 98 3.92 9.30 -5.96
CA GLU A 98 2.64 9.70 -5.40
C GLU A 98 1.80 10.37 -6.48
N LEU A 99 0.47 10.28 -6.34
CA LEU A 99 -0.44 10.93 -7.27
C LEU A 99 -0.32 12.45 -7.11
N GLY A 100 -0.37 12.91 -5.88
CA GLY A 100 -0.21 14.33 -5.61
C GLY A 100 -0.80 14.75 -4.29
N SER A 101 -0.09 15.65 -3.60
CA SER A 101 -0.57 16.24 -2.35
C SER A 101 -0.73 15.18 -1.25
N GLY A 102 -0.06 14.05 -1.41
CA GLY A 102 -0.18 12.98 -0.45
C GLY A 102 1.13 12.68 0.25
N LEU A 103 1.55 11.43 0.17
CA LEU A 103 2.77 10.98 0.82
C LEU A 103 3.80 10.64 -0.25
N MET A 104 4.70 9.72 0.05
CA MET A 104 5.62 9.23 -0.96
C MET A 104 5.85 7.74 -0.82
N LEU A 105 5.62 7.05 -1.90
CA LEU A 105 5.82 5.61 -1.94
C LEU A 105 7.16 5.32 -2.56
N THR A 106 7.84 4.31 -2.04
CA THR A 106 9.12 3.92 -2.57
C THR A 106 9.11 2.45 -2.96
N THR A 107 9.44 2.19 -4.22
CA THR A 107 9.45 0.84 -4.74
C THR A 107 10.90 0.32 -4.81
N SER A 108 11.05 -0.97 -5.12
CA SER A 108 12.35 -1.62 -5.25
C SER A 108 12.99 -1.82 -3.87
N ARG A 109 14.10 -2.53 -3.83
CA ARG A 109 14.77 -2.85 -2.58
C ARG A 109 15.69 -1.71 -2.14
N ASP A 110 15.70 -0.66 -2.95
CA ASP A 110 16.47 0.54 -2.65
C ASP A 110 16.12 1.09 -1.28
N VAL A 111 14.82 1.17 -1.01
CA VAL A 111 14.37 1.67 0.27
C VAL A 111 14.53 0.61 1.36
N LEU A 112 14.34 -0.66 0.98
CA LEU A 112 14.45 -1.76 1.92
C LEU A 112 15.82 -1.80 2.58
N THR A 113 16.88 -1.77 1.77
CA THR A 113 18.23 -1.84 2.30
C THR A 113 18.58 -0.57 3.09
N ALA A 114 17.89 0.51 2.77
CA ALA A 114 18.07 1.77 3.48
C ALA A 114 17.38 1.73 4.83
N ILE A 115 16.30 0.97 4.93
CA ILE A 115 15.58 0.81 6.18
C ILE A 115 16.40 -0.01 7.17
N GLY A 116 17.27 -0.85 6.63
CA GLY A 116 18.11 -1.68 7.48
C GLY A 116 19.48 -1.06 7.71
N SER A 117 19.66 0.15 7.23
CA SER A 117 20.91 0.86 7.39
C SER A 117 20.65 2.24 7.99
N LYS A 118 21.70 2.86 8.51
CA LYS A 118 21.65 4.22 9.02
C LYS A 118 20.73 4.32 10.24
N ARG A 119 19.47 4.65 9.99
CA ARG A 119 18.47 4.89 11.05
C ARG A 119 17.15 5.33 10.41
N SER A 120 16.05 4.91 11.00
CA SER A 120 14.72 5.33 10.53
C SER A 120 14.51 6.82 10.79
N PRO A 121 14.42 7.63 9.71
CA PRO A 121 14.35 9.08 9.83
C PRO A 121 13.03 9.60 10.40
N ASP A 122 11.92 9.25 9.76
CA ASP A 122 10.63 9.82 10.12
C ASP A 122 9.63 8.73 10.52
N LYS A 123 8.78 8.31 9.59
CA LYS A 123 7.86 7.22 9.84
C LYS A 123 7.33 6.68 8.51
N PHE A 124 6.88 5.43 8.54
CA PHE A 124 6.44 4.72 7.35
C PHE A 124 5.90 3.35 7.71
N LEU A 125 5.29 2.67 6.74
CA LEU A 125 4.84 1.30 6.93
C LEU A 125 5.29 0.45 5.75
N VAL A 126 5.63 -0.79 6.03
CA VAL A 126 6.13 -1.70 5.00
C VAL A 126 5.22 -2.92 4.88
N ALA A 127 4.81 -3.23 3.66
CA ALA A 127 3.99 -4.39 3.40
C ALA A 127 4.51 -5.14 2.18
N LEU A 128 4.60 -6.45 2.27
CA LEU A 128 5.10 -7.27 1.17
C LEU A 128 3.97 -7.91 0.39
N GLY A 129 4.11 -7.94 -0.92
CA GLY A 129 3.10 -8.54 -1.78
C GLY A 129 2.00 -7.57 -2.15
N TYR A 130 0.87 -8.08 -2.61
CA TYR A 130 -0.26 -7.26 -3.00
C TYR A 130 -1.55 -8.07 -2.97
N ALA A 131 -2.65 -7.43 -3.34
CA ALA A 131 -3.97 -8.04 -3.27
C ALA A 131 -4.07 -9.27 -4.17
N GLY A 132 -4.92 -10.21 -3.76
CA GLY A 132 -4.99 -11.51 -4.43
C GLY A 132 -5.77 -11.50 -5.73
N TRP A 133 -6.38 -10.38 -6.09
CA TRP A 133 -7.17 -10.31 -7.32
C TRP A 133 -6.27 -10.45 -8.53
N SER A 134 -5.14 -9.75 -8.46
CA SER A 134 -4.19 -9.66 -9.55
C SER A 134 -3.60 -11.01 -9.92
N LYS A 135 -3.54 -11.91 -8.95
CA LYS A 135 -3.08 -13.29 -9.20
C LYS A 135 -3.83 -13.90 -10.37
N ASN A 136 -5.09 -13.51 -10.53
CA ASN A 136 -5.86 -13.90 -11.70
C ASN A 136 -6.08 -12.68 -12.60
N GLN A 137 -7.08 -11.88 -12.24
CA GLN A 137 -7.46 -10.66 -12.95
C GLN A 137 -8.90 -10.29 -12.55
N LEU A 138 -9.05 -9.49 -11.50
CA LEU A 138 -10.37 -9.28 -10.91
C LEU A 138 -10.64 -7.78 -10.69
N GLU A 139 -9.64 -6.96 -10.97
CA GLU A 139 -9.67 -5.55 -10.62
C GLU A 139 -10.96 -4.85 -11.07
N GLN A 140 -11.25 -4.92 -12.35
CA GLN A 140 -12.38 -4.21 -12.92
C GLN A 140 -13.69 -4.67 -12.29
N GLU A 141 -13.84 -5.98 -12.14
CA GLU A 141 -15.11 -6.55 -11.71
C GLU A 141 -15.37 -6.29 -10.24
N LEU A 142 -14.33 -6.16 -9.42
CA LEU A 142 -14.53 -5.99 -7.99
C LEU A 142 -15.14 -4.62 -7.69
N ALA A 143 -14.98 -3.69 -8.62
CA ALA A 143 -15.47 -2.33 -8.43
C ALA A 143 -16.99 -2.28 -8.43
N ASP A 144 -17.62 -2.93 -9.40
CA ASP A 144 -19.07 -2.97 -9.48
C ASP A 144 -19.65 -3.97 -8.49
N ASN A 145 -18.86 -4.96 -8.13
CA ASN A 145 -19.34 -6.07 -7.31
C ASN A 145 -19.68 -5.63 -5.88
N SER A 146 -18.75 -4.99 -5.19
CA SER A 146 -18.97 -4.66 -3.78
C SER A 146 -18.16 -3.47 -3.31
N TRP A 147 -16.90 -3.39 -3.73
CA TRP A 147 -15.94 -2.45 -3.14
C TRP A 147 -16.31 -0.99 -3.43
N LEU A 148 -15.99 -0.13 -2.48
CA LEU A 148 -16.20 1.31 -2.62
C LEU A 148 -14.86 2.01 -2.79
N THR A 149 -14.84 3.06 -3.59
CA THR A 149 -13.60 3.79 -3.86
C THR A 149 -13.66 5.21 -3.31
N ILE A 150 -12.68 5.56 -2.49
CA ILE A 150 -12.57 6.91 -1.95
C ILE A 150 -11.19 7.50 -2.26
N PRO A 151 -11.09 8.84 -2.29
CA PRO A 151 -9.82 9.54 -2.56
C PRO A 151 -8.77 9.26 -1.49
N ALA A 152 -7.52 9.17 -1.92
CA ALA A 152 -6.42 8.91 -1.01
C ALA A 152 -5.93 10.19 -0.34
N ASP A 153 -5.46 10.07 0.90
CA ASP A 153 -4.91 11.21 1.63
C ASP A 153 -3.72 10.79 2.48
N HIS A 154 -2.78 11.71 2.63
CA HIS A 154 -1.55 11.46 3.38
C HIS A 154 -1.78 11.34 4.88
N ALA A 155 -2.78 12.01 5.42
CA ALA A 155 -3.06 11.95 6.85
C ALA A 155 -3.90 10.74 7.17
N LEU A 156 -4.90 10.49 6.33
CA LEU A 156 -5.78 9.34 6.47
C LEU A 156 -4.99 8.04 6.36
N LEU A 157 -3.90 8.09 5.60
CA LEU A 157 -3.06 6.92 5.35
C LEU A 157 -2.52 6.33 6.65
N PHE A 158 -1.80 7.14 7.42
CA PHE A 158 -1.10 6.62 8.59
C PHE A 158 -1.04 7.61 9.75
N ASP A 159 -1.27 8.89 9.48
CA ASP A 159 -1.05 9.91 10.49
C ASP A 159 -2.16 9.90 11.54
N ILE A 160 -3.38 9.61 11.08
CA ILE A 160 -4.51 9.50 11.98
C ILE A 160 -4.66 8.05 12.45
N ASN A 161 -4.54 7.82 13.75
CA ASN A 161 -4.69 6.48 14.30
C ASN A 161 -6.17 6.23 14.66
N HIS A 162 -6.47 5.05 15.18
CA HIS A 162 -7.82 4.65 15.57
C HIS A 162 -8.68 4.30 14.35
N GLU A 163 -9.92 3.97 14.62
CA GLU A 163 -10.88 3.61 13.58
C GLU A 163 -11.59 4.86 13.08
N ASP A 164 -11.09 6.01 13.51
CA ASP A 164 -11.65 7.31 13.13
C ASP A 164 -11.62 7.47 11.61
N ARG A 165 -10.65 6.81 10.99
CA ARG A 165 -10.48 6.84 9.53
C ARG A 165 -11.76 6.45 8.82
N TRP A 166 -12.45 5.45 9.35
CA TRP A 166 -13.65 4.93 8.72
C TRP A 166 -14.76 5.97 8.79
N GLN A 167 -14.86 6.63 9.94
CA GLN A 167 -15.78 7.74 10.13
C GLN A 167 -15.51 8.85 9.13
N GLN A 168 -14.25 9.26 9.04
CA GLN A 168 -13.83 10.28 8.09
C GLN A 168 -14.23 9.89 6.67
N ALA A 169 -13.95 8.65 6.30
CA ALA A 169 -14.30 8.13 4.99
C ALA A 169 -15.79 8.24 4.70
N SER A 170 -16.62 7.77 5.64
CA SER A 170 -18.06 7.78 5.47
C SER A 170 -18.61 9.21 5.35
N ARG A 171 -18.12 10.09 6.21
CA ARG A 171 -18.59 11.47 6.22
C ARG A 171 -18.03 12.24 5.01
N SER A 172 -16.71 12.35 4.97
CA SER A 172 -15.98 13.10 3.94
C SER A 172 -16.58 14.49 3.68
N LEU A 173 -17.43 14.59 2.67
CA LEU A 173 -18.01 15.87 2.27
C LEU A 173 -19.36 16.09 2.97
N GLY A 174 -19.94 14.99 3.44
CA GLY A 174 -21.25 15.06 4.07
C GLY A 174 -22.24 14.14 3.37
N PHE A 175 -21.75 12.98 2.96
CA PHE A 175 -22.60 12.02 2.25
C PHE A 175 -23.33 11.10 3.22
N GLU A 176 -22.87 11.10 4.48
CA GLU A 176 -23.45 10.25 5.50
C GLU A 176 -23.32 10.93 6.87
N ALA A 177 -24.20 10.57 7.79
CA ALA A 177 -24.20 11.17 9.13
C ALA A 177 -22.94 10.78 9.91
N TRP A 178 -22.45 11.72 10.69
CA TRP A 178 -21.22 11.51 11.47
C TRP A 178 -21.56 11.11 12.92
N GLN A 179 -22.71 10.47 13.10
CA GLN A 179 -23.18 10.08 14.42
C GLN A 179 -22.57 8.73 14.85
N LEU A 180 -21.41 8.40 14.30
CA LEU A 180 -20.78 7.12 14.57
C LEU A 180 -20.30 7.06 16.02
N SER A 181 -21.14 6.48 16.87
CA SER A 181 -20.80 6.28 18.26
C SER A 181 -20.09 4.95 18.44
N THR A 182 -18.84 5.02 18.91
CA THR A 182 -18.03 3.83 19.11
C THR A 182 -18.60 2.93 20.20
N GLN A 183 -18.71 1.65 19.90
CA GLN A 183 -19.19 0.66 20.85
C GLN A 183 -18.18 -0.46 21.01
N ALA A 184 -17.63 -0.60 22.20
CA ALA A 184 -16.68 -1.66 22.48
C ALA A 184 -17.07 -2.38 23.76
N GLY A 185 -17.85 -3.43 23.62
CA GLY A 185 -18.30 -4.18 24.76
C GLY A 185 -19.57 -4.95 24.45
N HIS A 186 -19.71 -6.13 25.04
CA HIS A 186 -20.86 -6.97 24.79
C HIS A 186 -21.95 -6.72 25.83
N ALA A 187 -23.16 -6.53 25.36
CA ALA A 187 -24.29 -6.27 26.25
C ALA A 187 -25.47 -7.16 25.86
#